data_7R4R
#
_entry.id   7R4R
#
_cell.length_a   1.00
_cell.length_b   1.00
_cell.length_c   1.00
_cell.angle_alpha   90.00
_cell.angle_beta   90.00
_cell.angle_gamma   90.00
#
_symmetry.space_group_name_H-M   'P 1'
#
loop_
_entity.id
_entity.type
_entity.pdbx_description
1 polymer 'Spike glycoprotein'
2 polymer 'Camel-derived nanobody 1.10'
3 branched 2-acetamido-2-deoxy-beta-D-glucopyranose-(1-4)-2-acetamido-2-deoxy-beta-D-glucopyranose
4 non-polymer 2-acetamido-2-deoxy-beta-D-glucopyranose
#
loop_
_entity_poly.entity_id
_entity_poly.type
_entity_poly.pdbx_seq_one_letter_code
_entity_poly.pdbx_strand_id
1 'polypeptide(L)'
;MFVFLVLLPLVSSQCVNLTTRTQLPPAYTNSFTRGVYYPDKVFRSSVLHSTQDLFLPFFSNVTWFHAIHVSGTNGTKRFD
NPVLPFNDGVYFASTEKSNIIRGWIFGTTLDSKTQSLLIVNNATNVVIKVCEFQFCNDPFLGVYYHKNNKSWMESEFRVY
SSANNCTFEYVSQPFLMDLEGKQGNFKNLREFVFKNIDGYFKIYSKHTPINLVRDLPQGFSALEPLVDLPIGINITRFQT
LLALHRSYLTPGDSSSGWTAGAAAYYVGYLQPRTFLLKYNENGTITDAVDCALDPLSETKCTLKSFTVEKGIYQTSNFRV
QPTESIVRFPNITNLCPFGEVFNATRFASVYAWNRKRISNCVADYSVLYNSASFSTFKCYGVSPTKLNDLCFTNVYADSF
VIRGDEVRQIAPGQTGKIADYNYKLPDDFTGCVIAWNSNNLDSKVGGNYNYLYRLFRKSNLKPFERDISTEIYQAGSTPC
NGVEGFNCYFPLQSYGFQPTNGVGYQPYRVVVLSFELLHAPATVCGPKKSTNLVKNKCVNFNFNGLTGTGVLTESNKKFL
PFQQFGRDIADTTDAVRDPQTLEILDITPCSFGGVSVITPGTNTSNQVAVLYQDVNCTEVPVAIHADQLTPTWRVYSTGS
NVFQTRAGCLIGAEHVNNSYECDIPIGAGICASYQTQTNSPGSASSVASQSIIAYTMSLGAENSVAYSNNSIAIPTNFTI
SVTTEILPVSMTKTSVDCTMYICGDSTECSNLLLQYGSFCTQLNRALTGIAVEQDKNTQEVFAQVKQIYKTPPIKDFGGF
NFSQILPDPSKPSKRSFIEDLLFNKVTLADAGFIKQYGDCLGDIAARDLICAQKFNGLTVLPPLLTDEMIAQYTSALLAG
TITSGWTFGAGAALQIPFAMQMAYRFNGIGVTQNVLYENQKLIANQFNSAIGKIQDSLSSTPSALGKLQDVVNQNAQALN
TLVKQLSSNFGAISSVLNDILSRLDPPEAEVQIDRLITGRLQSLQTYVTQQLIRAAEIRASANLAATKMSECVLGQSKRV
DFCGKGYHLMSFPQSAPHGVVFLHVTYVPAQEKNFTTAPAICHDGKAHFPREGVFVSNGTHWFVTQRNFYEPQIITTDNT
FVSGNCDVVIGIVNNTVYDPLQPELDSFKEELDKYFKNHTSPDVDLGDISGINASVVNIQKEIDRLNEVAKNLNESLIDL
QELGKYEQGSGSGYIPEAPRDGQAYVRKDGEWVLLSTFLGTENLYFQGDYKDDDDKGSHHHHHH
;
A,B,C
2 'polypeptide(L)'
;QVQLVESGGGSVQAGGSLRLSCAASGYTYSTCRKGWYRQAPGKERELVASITADGATYYLDSVKGRLTISQDNAKNTVYL
QMNSLKPEDTAVYYCAASVKDFTCTFNSWGQGTQVTVSSALVPR
;
D
#
# COMPACT_ATOMS: atom_id res chain seq x y z
N GLN A 14 -69.75 3.25 8.03
CA GLN A 14 -68.98 2.86 6.85
C GLN A 14 -68.23 1.52 6.93
N CYS A 15 -67.39 1.34 7.95
CA CYS A 15 -66.79 0.07 8.28
C CYS A 15 -67.63 -0.64 9.33
N VAL A 16 -67.69 -1.95 9.25
CA VAL A 16 -68.23 -2.78 10.32
C VAL A 16 -67.40 -4.06 10.35
N ASN A 17 -66.58 -4.21 11.39
CA ASN A 17 -65.80 -5.42 11.58
C ASN A 17 -66.57 -6.50 12.33
N LEU A 18 -66.99 -7.51 11.56
CA LEU A 18 -67.88 -8.60 11.88
C LEU A 18 -67.28 -9.53 12.93
N THR A 19 -68.17 -10.15 13.72
CA THR A 19 -67.79 -11.25 14.60
C THR A 19 -68.02 -12.58 13.86
N THR A 20 -67.88 -13.73 14.54
CA THR A 20 -67.52 -15.02 13.92
C THR A 20 -66.15 -14.97 13.27
N ARG A 21 -65.13 -14.74 14.08
CA ARG A 21 -63.75 -14.97 13.70
C ARG A 21 -63.00 -15.62 14.87
N THR A 22 -62.53 -16.85 14.67
CA THR A 22 -61.75 -17.59 15.66
C THR A 22 -60.55 -16.76 16.10
N GLN A 23 -60.16 -16.97 17.35
CA GLN A 23 -58.85 -16.54 17.84
C GLN A 23 -57.95 -17.75 17.95
N LEU A 24 -56.78 -17.67 17.32
CA LEU A 24 -55.88 -18.81 17.21
C LEU A 24 -54.48 -18.37 17.60
N PRO A 25 -53.71 -19.22 18.27
CA PRO A 25 -52.28 -18.93 18.44
C PRO A 25 -51.54 -19.02 17.12
N PRO A 26 -50.51 -18.21 16.93
CA PRO A 26 -49.80 -18.22 15.65
C PRO A 26 -49.20 -19.59 15.34
N ALA A 27 -49.39 -20.03 14.10
CA ALA A 27 -48.71 -21.19 13.57
C ALA A 27 -47.50 -20.77 12.75
N TYR A 28 -46.52 -21.66 12.62
CA TYR A 28 -45.18 -21.39 12.13
C TYR A 28 -44.72 -22.46 11.16
N THR A 29 -43.72 -22.09 10.36
CA THR A 29 -43.14 -22.93 9.31
C THR A 29 -41.63 -22.94 9.52
N ASN A 30 -40.90 -23.47 8.55
CA ASN A 30 -39.47 -23.22 8.44
C ASN A 30 -39.11 -22.78 7.03
N SER A 31 -38.31 -21.72 6.94
CA SER A 31 -37.84 -21.19 5.66
C SER A 31 -36.65 -21.99 5.19
N PHE A 32 -36.89 -23.01 4.38
CA PHE A 32 -35.79 -23.76 3.75
C PHE A 32 -35.66 -23.32 2.31
N THR A 33 -34.51 -22.70 2.05
CA THR A 33 -34.08 -22.23 0.72
C THR A 33 -35.13 -21.39 0.00
N ARG A 34 -35.64 -20.34 0.65
CA ARG A 34 -36.31 -19.24 -0.03
C ARG A 34 -35.85 -17.88 0.50
N GLY A 35 -36.34 -16.83 -0.15
CA GLY A 35 -35.86 -15.49 0.11
C GLY A 35 -34.69 -15.16 -0.79
N VAL A 36 -34.91 -15.20 -2.10
CA VAL A 36 -33.89 -14.86 -3.09
C VAL A 36 -34.50 -13.89 -4.10
N TYR A 37 -33.71 -12.95 -4.63
CA TYR A 37 -34.31 -11.91 -5.44
C TYR A 37 -33.20 -11.42 -6.38
N TYR A 38 -33.54 -10.74 -7.47
CA TYR A 38 -32.55 -10.24 -8.42
C TYR A 38 -32.24 -8.76 -8.16
N PRO A 39 -31.05 -8.41 -7.67
CA PRO A 39 -30.82 -7.05 -7.14
C PRO A 39 -30.66 -5.91 -8.15
N ASP A 40 -30.09 -6.17 -9.33
CA ASP A 40 -29.64 -5.32 -10.37
C ASP A 40 -30.40 -5.74 -11.57
N LYS A 41 -29.62 -5.29 -12.70
CA LYS A 41 -30.52 -5.77 -13.75
C LYS A 41 -29.28 -6.62 -14.70
N VAL A 42 -28.03 -6.75 -14.21
CA VAL A 42 -26.80 -6.92 -15.00
C VAL A 42 -27.03 -8.23 -15.69
N PHE A 43 -26.41 -8.53 -16.81
CA PHE A 43 -25.97 -9.92 -16.88
C PHE A 43 -25.05 -10.27 -15.74
N ARG A 44 -25.19 -11.52 -15.36
CA ARG A 44 -24.26 -12.38 -14.68
C ARG A 44 -24.48 -13.83 -15.02
N SER A 45 -23.60 -14.39 -15.87
CA SER A 45 -23.83 -15.72 -16.40
C SER A 45 -22.76 -16.71 -15.93
N SER A 46 -23.21 -17.76 -15.23
CA SER A 46 -22.36 -18.84 -14.73
C SER A 46 -21.20 -18.32 -13.88
N VAL A 47 -21.58 -17.61 -12.80
CA VAL A 47 -20.63 -16.88 -11.97
C VAL A 47 -20.95 -17.11 -10.50
N LEU A 48 -19.90 -17.17 -9.69
CA LEU A 48 -20.00 -17.08 -8.24
C LEU A 48 -19.58 -15.67 -7.84
N HIS A 49 -20.54 -14.91 -7.32
CA HIS A 49 -20.34 -13.54 -6.90
C HIS A 49 -20.80 -13.32 -5.48
N SER A 50 -19.95 -12.66 -4.70
CA SER A 50 -20.15 -12.53 -3.26
C SER A 50 -20.70 -11.14 -2.95
N THR A 51 -21.67 -11.08 -2.05
CA THR A 51 -22.46 -9.86 -1.89
C THR A 51 -23.43 -9.91 -0.73
N GLN A 52 -23.72 -8.71 -0.14
CA GLN A 52 -24.78 -8.82 0.85
C GLN A 52 -25.99 -7.93 0.47
N ASP A 53 -27.10 -8.30 1.09
CA ASP A 53 -28.33 -7.54 0.97
C ASP A 53 -29.28 -7.99 2.07
N LEU A 54 -30.29 -7.16 2.35
CA LEU A 54 -31.27 -7.46 3.38
C LEU A 54 -32.20 -8.56 2.87
N PHE A 55 -32.14 -9.72 3.52
CA PHE A 55 -32.76 -10.96 3.08
C PHE A 55 -33.37 -11.67 4.28
N LEU A 56 -34.15 -12.75 4.09
CA LEU A 56 -34.19 -13.67 5.22
C LEU A 56 -32.99 -14.59 5.12
N PRO A 57 -32.62 -15.26 6.19
CA PRO A 57 -31.84 -16.49 6.06
C PRO A 57 -32.72 -17.60 5.51
N PHE A 58 -32.09 -18.54 4.80
CA PHE A 58 -32.72 -19.83 4.62
C PHE A 58 -32.57 -20.69 5.87
N PHE A 59 -33.33 -21.77 5.89
CA PHE A 59 -33.38 -22.73 7.00
C PHE A 59 -33.72 -21.99 8.30
N SER A 60 -34.38 -20.85 8.17
CA SER A 60 -34.95 -20.12 9.29
C SER A 60 -36.33 -20.68 9.60
N ASN A 61 -37.07 -19.97 10.43
CA ASN A 61 -38.27 -20.53 11.05
C ASN A 61 -39.35 -19.46 11.13
N VAL A 62 -40.44 -19.67 10.38
CA VAL A 62 -41.34 -18.61 9.92
C VAL A 62 -42.74 -18.82 10.46
N THR A 63 -43.47 -17.74 10.66
CA THR A 63 -44.90 -17.92 10.87
C THR A 63 -45.66 -18.32 9.61
N TRP A 64 -46.80 -18.97 9.88
CA TRP A 64 -47.83 -19.54 9.02
C TRP A 64 -49.08 -18.71 9.31
N PHE A 65 -49.80 -18.26 8.29
CA PHE A 65 -51.18 -17.78 8.48
C PHE A 65 -52.14 -18.56 7.60
N HIS A 66 -53.37 -18.77 8.08
CA HIS A 66 -54.42 -19.56 7.47
C HIS A 66 -55.67 -18.70 7.39
N ALA A 67 -56.37 -18.79 6.27
CA ALA A 67 -57.73 -18.23 6.14
C ALA A 67 -58.59 -19.35 5.58
N ILE A 68 -59.18 -20.14 6.48
CA ILE A 68 -59.87 -21.38 6.14
C ILE A 68 -61.36 -21.16 6.35
N HIS A 69 -62.18 -21.79 5.51
CA HIS A 69 -63.63 -21.71 5.56
C HIS A 69 -64.20 -22.35 6.82
N VAL A 70 -63.91 -23.63 7.06
CA VAL A 70 -64.37 -24.44 8.19
C VAL A 70 -65.86 -24.76 8.12
N THR A 76 -66.72 -19.50 11.96
CA THR A 76 -65.42 -18.87 12.16
C THR A 76 -64.80 -18.33 10.89
N LYS A 77 -64.33 -19.26 10.06
CA LYS A 77 -63.65 -19.01 8.79
C LYS A 77 -62.22 -18.51 8.96
N ARG A 78 -61.75 -18.50 10.22
CA ARG A 78 -60.40 -18.07 10.65
C ARG A 78 -60.02 -16.93 9.64
N PHE A 79 -60.92 -15.95 9.51
CA PHE A 79 -60.70 -14.79 8.64
C PHE A 79 -59.76 -13.80 9.34
N ASP A 80 -58.49 -13.85 8.97
CA ASP A 80 -57.43 -13.14 9.67
C ASP A 80 -57.07 -11.88 8.94
N ASN A 81 -57.24 -10.77 9.61
CA ASN A 81 -56.90 -9.50 9.01
C ASN A 81 -56.15 -8.60 9.99
N PRO A 82 -55.15 -9.09 10.73
CA PRO A 82 -54.33 -8.19 11.51
C PRO A 82 -53.47 -7.32 10.61
N VAL A 83 -53.11 -6.15 11.13
CA VAL A 83 -52.27 -5.15 10.49
C VAL A 83 -50.83 -5.38 10.94
N LEU A 84 -49.96 -5.71 9.99
CA LEU A 84 -48.61 -6.30 9.91
C LEU A 84 -47.54 -5.30 9.46
N PRO A 85 -46.38 -5.28 10.12
CA PRO A 85 -45.50 -4.11 10.05
C PRO A 85 -44.78 -4.01 8.72
N PHE A 86 -44.00 -2.93 8.62
CA PHE A 86 -43.19 -2.63 7.45
C PHE A 86 -41.78 -2.34 7.98
N ASN A 87 -41.35 -3.18 8.92
CA ASN A 87 -40.11 -2.96 9.66
C ASN A 87 -38.95 -2.62 8.74
N ASP A 88 -38.65 -3.54 7.83
CA ASP A 88 -37.43 -3.53 7.04
C ASP A 88 -37.68 -4.04 5.63
N GLY A 89 -38.93 -4.20 5.24
CA GLY A 89 -39.31 -5.07 4.14
C GLY A 89 -40.10 -6.26 4.66
N VAL A 90 -40.54 -7.08 3.72
CA VAL A 90 -41.38 -8.25 3.90
C VAL A 90 -41.07 -9.30 2.84
N TYR A 91 -40.83 -10.53 3.29
CA TYR A 91 -40.75 -11.66 2.37
C TYR A 91 -42.10 -12.34 2.50
N PHE A 92 -42.89 -12.30 1.46
CA PHE A 92 -44.29 -12.70 1.51
C PHE A 92 -44.47 -13.92 0.62
N ALA A 93 -44.91 -15.03 1.22
CA ALA A 93 -45.33 -16.21 0.48
C ALA A 93 -46.83 -16.37 0.59
N SER A 94 -47.50 -16.49 -0.55
CA SER A 94 -48.96 -16.53 -0.57
C SER A 94 -49.44 -17.70 -1.40
N THR A 95 -50.31 -18.51 -0.80
CA THR A 95 -50.99 -19.59 -1.50
C THR A 95 -52.45 -19.22 -1.69
N GLU A 96 -52.91 -19.29 -2.93
CA GLU A 96 -54.27 -18.91 -3.30
C GLU A 96 -54.98 -20.04 -4.00
N LYS A 97 -56.31 -19.92 -4.10
CA LYS A 97 -57.09 -20.93 -4.79
C LYS A 97 -58.11 -20.32 -5.76
N SER A 98 -58.58 -19.11 -5.51
CA SER A 98 -59.63 -18.51 -6.30
C SER A 98 -59.39 -17.03 -6.59
N ASN A 99 -58.18 -16.60 -6.60
CA ASN A 99 -57.80 -15.23 -6.74
C ASN A 99 -58.49 -14.42 -5.63
N ILE A 100 -58.09 -14.71 -4.39
CA ILE A 100 -58.83 -14.24 -3.23
C ILE A 100 -58.19 -12.98 -2.67
N ILE A 101 -56.89 -13.02 -2.39
CA ILE A 101 -56.13 -11.80 -2.19
C ILE A 101 -55.94 -11.10 -3.53
N ARG A 102 -56.19 -9.80 -3.55
CA ARG A 102 -56.05 -9.01 -4.75
C ARG A 102 -54.98 -7.93 -4.63
N GLY A 103 -54.51 -7.66 -3.42
CA GLY A 103 -53.39 -6.76 -3.25
C GLY A 103 -53.23 -6.39 -1.79
N TRP A 104 -52.38 -5.41 -1.52
CA TRP A 104 -52.03 -5.08 -0.15
C TRP A 104 -51.94 -3.57 0.03
N ILE A 105 -51.94 -3.15 1.28
CA ILE A 105 -52.25 -1.78 1.69
C ILE A 105 -51.28 -1.33 2.76
N PHE A 106 -50.43 -0.35 2.46
CA PHE A 106 -49.27 -0.03 3.28
C PHE A 106 -49.39 1.39 3.82
N GLY A 107 -49.01 1.55 5.07
CA GLY A 107 -49.10 2.83 5.76
C GLY A 107 -48.76 2.67 7.22
N THR A 108 -48.90 3.75 7.97
CA THR A 108 -48.66 3.76 9.41
C THR A 108 -49.93 3.97 10.23
N THR A 109 -50.74 4.94 9.85
CA THR A 109 -51.98 5.36 10.49
C THR A 109 -53.20 4.74 9.86
N LEU A 110 -53.13 4.39 8.56
CA LEU A 110 -54.28 3.90 7.81
C LEU A 110 -55.52 4.69 8.18
N ASP A 111 -55.31 5.96 8.53
CA ASP A 111 -56.37 6.90 8.83
C ASP A 111 -56.16 8.24 8.15
N SER A 112 -55.56 8.21 6.96
CA SER A 112 -55.39 9.38 6.13
C SER A 112 -54.40 10.38 6.71
N LYS A 113 -53.86 10.15 7.90
CA LYS A 113 -53.02 11.14 8.57
C LYS A 113 -51.63 11.10 7.93
N THR A 114 -51.29 9.97 7.32
CA THR A 114 -50.04 9.76 6.60
C THR A 114 -50.38 9.14 5.25
N GLN A 115 -49.71 9.61 4.19
CA GLN A 115 -49.85 8.93 2.90
C GLN A 115 -49.73 7.42 3.08
N SER A 116 -50.73 6.72 2.54
CA SER A 116 -50.75 5.27 2.49
C SER A 116 -51.15 4.86 1.08
N LEU A 117 -50.70 3.69 0.67
CA LEU A 117 -51.04 3.15 -0.63
C LEU A 117 -51.85 1.89 -0.48
N LEU A 118 -52.67 1.59 -1.48
CA LEU A 118 -53.28 0.30 -1.72
C LEU A 118 -52.82 -0.21 -3.08
N ILE A 119 -52.18 -1.38 -3.05
CA ILE A 119 -51.94 -2.18 -4.23
C ILE A 119 -53.04 -3.23 -4.20
N VAL A 120 -53.86 -3.31 -5.25
CA VAL A 120 -55.00 -4.20 -5.11
C VAL A 120 -55.40 -4.62 -6.53
N ASN A 121 -56.10 -5.75 -6.65
CA ASN A 121 -56.51 -6.30 -7.94
C ASN A 121 -58.02 -6.55 -7.90
N ASN A 122 -58.79 -5.48 -8.14
CA ASN A 122 -60.24 -5.56 -8.15
C ASN A 122 -60.69 -6.24 -9.44
N ALA A 123 -61.97 -6.63 -9.52
CA ALA A 123 -62.53 -7.71 -10.32
C ALA A 123 -62.38 -7.55 -11.84
N THR A 124 -61.71 -6.50 -12.31
CA THR A 124 -61.45 -6.28 -13.73
C THR A 124 -60.00 -5.93 -13.98
N ASN A 125 -59.30 -5.42 -12.97
CA ASN A 125 -58.08 -4.67 -13.17
C ASN A 125 -57.17 -4.82 -11.96
N VAL A 126 -55.89 -4.49 -12.19
CA VAL A 126 -54.97 -4.17 -11.12
C VAL A 126 -55.09 -2.67 -10.82
N VAL A 127 -55.63 -2.36 -9.66
CA VAL A 127 -55.74 -1.00 -9.15
C VAL A 127 -54.67 -0.68 -8.13
N ILE A 128 -54.14 0.53 -8.22
CA ILE A 128 -53.31 1.18 -7.21
C ILE A 128 -53.68 2.66 -7.23
N LYS A 129 -54.24 3.16 -6.13
CA LYS A 129 -54.50 4.58 -5.96
C LYS A 129 -53.82 4.97 -4.65
N VAL A 130 -52.94 5.98 -4.68
CA VAL A 130 -52.35 6.41 -3.42
C VAL A 130 -53.11 7.70 -3.13
N CYS A 131 -53.72 7.76 -1.96
CA CYS A 131 -54.22 9.00 -1.40
C CYS A 131 -54.25 8.78 0.10
N GLU A 132 -54.45 9.85 0.86
CA GLU A 132 -54.50 9.66 2.31
C GLU A 132 -55.90 9.16 2.68
N PHE A 133 -56.11 7.83 2.62
CA PHE A 133 -57.47 7.33 2.80
C PHE A 133 -57.58 6.81 4.23
N GLN A 134 -58.55 7.37 4.94
CA GLN A 134 -58.78 6.90 6.30
C GLN A 134 -59.41 5.52 6.18
N PHE A 135 -58.56 4.59 5.83
CA PHE A 135 -58.94 3.19 5.74
C PHE A 135 -59.41 2.72 7.11
N CYS A 136 -60.21 1.67 7.13
CA CYS A 136 -60.64 1.08 8.38
C CYS A 136 -59.59 0.14 8.98
N ASN A 137 -59.91 -0.41 10.16
CA ASN A 137 -58.96 -1.26 10.88
C ASN A 137 -58.73 -2.60 10.18
N ASP A 138 -59.80 -3.34 9.91
CA ASP A 138 -59.72 -4.65 9.25
C ASP A 138 -60.73 -4.68 8.11
N PRO A 139 -60.59 -3.80 7.13
CA PRO A 139 -61.65 -3.60 6.16
C PRO A 139 -61.57 -4.56 4.98
N PHE A 140 -62.65 -4.54 4.21
CA PHE A 140 -62.83 -5.39 3.05
C PHE A 140 -64.18 -5.13 2.38
N LEU A 141 -64.31 -5.68 1.19
CA LEU A 141 -65.55 -5.67 0.41
C LEU A 141 -65.93 -7.08 0.02
N GLY A 142 -67.23 -7.30 -0.15
CA GLY A 142 -67.78 -8.63 -0.32
C GLY A 142 -68.65 -8.77 -1.55
N VAL A 143 -68.24 -9.66 -2.46
CA VAL A 143 -69.04 -10.00 -3.63
C VAL A 143 -70.35 -10.63 -3.18
N TYR A 144 -71.42 -10.31 -3.91
CA TYR A 144 -72.73 -10.91 -3.67
C TYR A 144 -73.02 -12.05 -4.65
N TYR A 145 -73.02 -13.27 -4.14
CA TYR A 145 -73.45 -14.52 -4.77
C TYR A 145 -74.94 -14.73 -4.95
N HIS A 146 -75.26 -15.51 -5.98
CA HIS A 146 -76.61 -15.89 -6.36
C HIS A 146 -76.71 -17.41 -6.37
N LYS A 147 -77.70 -17.95 -5.64
CA LYS A 147 -77.90 -19.39 -5.66
C LYS A 147 -78.96 -19.84 -6.65
N ASN A 148 -80.03 -19.05 -6.81
CA ASN A 148 -81.04 -19.26 -7.84
C ASN A 148 -80.39 -19.54 -9.20
N ASN A 149 -79.48 -18.67 -9.63
CA ASN A 149 -78.59 -18.82 -10.78
C ASN A 149 -77.17 -18.47 -10.37
N LYS A 150 -76.28 -19.47 -10.36
CA LYS A 150 -74.92 -19.25 -9.89
C LYS A 150 -74.23 -18.10 -10.60
N SER A 151 -73.81 -17.07 -9.87
CA SER A 151 -73.10 -15.91 -10.36
C SER A 151 -72.67 -15.03 -9.20
N TRP A 152 -71.51 -14.42 -9.34
CA TRP A 152 -70.95 -13.50 -8.36
C TRP A 152 -70.47 -12.24 -9.08
N MET A 153 -70.78 -11.07 -8.50
CA MET A 153 -70.06 -9.86 -8.88
C MET A 153 -69.86 -9.05 -7.57
N GLU A 154 -68.78 -8.25 -7.52
CA GLU A 154 -68.52 -7.34 -6.43
C GLU A 154 -69.75 -6.45 -6.18
N SER A 155 -70.20 -6.42 -4.92
CA SER A 155 -71.34 -5.62 -4.53
C SER A 155 -71.04 -4.54 -3.48
N GLU A 156 -70.01 -4.73 -2.66
CA GLU A 156 -69.69 -3.79 -1.60
C GLU A 156 -68.34 -3.15 -1.88
N PHE A 157 -68.08 -2.02 -1.24
CA PHE A 157 -66.76 -1.40 -1.30
C PHE A 157 -66.60 -0.62 0.01
N ARG A 158 -66.07 -1.31 1.03
CA ARG A 158 -65.94 -0.78 2.40
C ARG A 158 -64.49 -0.91 2.85
N VAL A 159 -63.63 0.03 2.47
CA VAL A 159 -62.31 0.18 3.06
C VAL A 159 -62.02 1.62 3.47
N TYR A 160 -62.36 2.58 2.63
CA TYR A 160 -61.72 3.87 2.72
C TYR A 160 -62.73 4.95 3.10
N SER A 161 -62.25 6.19 3.31
CA SER A 161 -63.15 7.35 3.47
C SER A 161 -62.84 8.66 2.72
N SER A 162 -61.57 9.08 2.62
CA SER A 162 -61.11 10.39 2.17
C SER A 162 -59.90 10.32 1.24
N ALA A 163 -59.86 11.24 0.27
CA ALA A 163 -58.78 11.29 -0.71
C ALA A 163 -58.43 12.74 -1.04
N ASN A 164 -57.42 13.28 -0.35
CA ASN A 164 -57.14 14.72 -0.35
C ASN A 164 -55.74 15.03 -0.85
N ASN A 165 -54.72 14.40 -0.26
CA ASN A 165 -53.39 14.24 -0.85
C ASN A 165 -53.30 12.93 -1.63
N CYS A 166 -52.97 13.01 -2.92
CA CYS A 166 -52.68 11.89 -3.80
C CYS A 166 -51.48 12.23 -4.68
N THR A 167 -50.56 11.26 -4.84
CA THR A 167 -49.27 11.38 -5.54
C THR A 167 -49.18 10.47 -6.77
N PHE A 168 -49.28 9.16 -6.55
CA PHE A 168 -49.09 8.11 -7.53
C PHE A 168 -50.42 7.70 -8.17
N GLU A 169 -50.33 7.04 -9.32
CA GLU A 169 -51.44 6.45 -10.05
C GLU A 169 -50.94 5.42 -11.06
N TYR A 170 -51.77 4.43 -11.32
CA TYR A 170 -51.47 3.29 -12.17
C TYR A 170 -52.74 2.53 -12.41
N VAL A 171 -52.91 2.14 -13.66
CA VAL A 171 -54.11 1.53 -14.11
C VAL A 171 -53.73 0.20 -14.72
N SER A 172 -54.65 -0.74 -14.71
CA SER A 172 -54.26 -1.92 -15.45
C SER A 172 -55.18 -2.12 -16.64
N GLN A 173 -54.72 -2.94 -17.56
CA GLN A 173 -55.54 -3.27 -18.70
C GLN A 173 -56.77 -4.02 -18.22
N PRO A 174 -57.98 -3.53 -18.50
CA PRO A 174 -59.17 -4.18 -17.96
C PRO A 174 -59.38 -5.60 -18.47
N PHE A 175 -59.51 -6.53 -17.52
CA PHE A 175 -59.72 -7.94 -17.80
C PHE A 175 -60.94 -8.40 -17.02
N LEU A 176 -61.14 -9.73 -16.97
CA LEU A 176 -62.33 -10.33 -16.38
C LEU A 176 -61.94 -11.48 -15.45
N MET A 177 -62.39 -11.48 -14.15
CA MET A 177 -62.03 -12.71 -13.49
C MET A 177 -63.21 -13.51 -13.01
N ASP A 178 -62.97 -14.83 -12.96
CA ASP A 178 -64.03 -15.82 -12.81
C ASP A 178 -64.77 -15.61 -11.50
N LEU A 179 -64.02 -15.40 -10.42
CA LEU A 179 -64.56 -15.23 -9.08
C LEU A 179 -65.23 -16.50 -8.59
N GLU A 180 -65.05 -17.62 -9.29
CA GLU A 180 -65.51 -18.93 -8.84
C GLU A 180 -64.55 -19.54 -7.82
N GLY A 181 -65.12 -20.19 -6.81
CA GLY A 181 -64.33 -20.87 -5.80
C GLY A 181 -64.17 -22.35 -6.10
N LYS A 182 -62.96 -22.75 -6.47
CA LYS A 182 -62.68 -24.14 -6.77
C LYS A 182 -62.51 -24.95 -5.49
N GLN A 183 -62.82 -26.24 -5.59
CA GLN A 183 -62.49 -27.23 -4.56
C GLN A 183 -61.16 -27.89 -4.86
N GLY A 184 -60.60 -28.56 -3.86
CA GLY A 184 -59.45 -29.44 -3.86
C GLY A 184 -58.25 -28.82 -3.19
N ASN A 185 -57.07 -29.19 -3.67
CA ASN A 185 -55.80 -28.76 -3.12
C ASN A 185 -55.43 -27.36 -3.59
N PHE A 186 -54.46 -26.77 -2.91
CA PHE A 186 -53.85 -25.53 -3.39
C PHE A 186 -52.92 -25.80 -4.56
N LYS A 187 -52.92 -24.91 -5.56
CA LYS A 187 -51.93 -25.48 -6.47
C LYS A 187 -51.42 -24.03 -7.10
N ASN A 188 -51.21 -23.02 -6.25
CA ASN A 188 -50.90 -21.61 -6.53
C ASN A 188 -49.86 -21.08 -5.55
N LEU A 189 -48.61 -21.00 -5.99
CA LEU A 189 -47.56 -20.45 -5.15
C LEU A 189 -47.31 -19.02 -5.60
N ARG A 190 -47.52 -18.08 -4.68
CA ARG A 190 -47.34 -16.66 -4.96
C ARG A 190 -46.37 -16.11 -3.92
N GLU A 191 -45.11 -15.92 -4.33
CA GLU A 191 -44.05 -15.42 -3.46
C GLU A 191 -43.85 -13.94 -3.74
N PHE A 192 -43.93 -13.11 -2.71
CA PHE A 192 -43.72 -11.68 -2.86
C PHE A 192 -42.71 -11.17 -1.84
N VAL A 193 -41.89 -10.19 -2.24
CA VAL A 193 -41.08 -9.43 -1.31
C VAL A 193 -41.30 -7.94 -1.59
N PHE A 194 -41.74 -7.23 -0.56
CA PHE A 194 -41.98 -5.79 -0.61
C PHE A 194 -41.06 -5.10 0.38
N LYS A 195 -40.39 -4.01 -0.02
CA LYS A 195 -39.87 -2.98 0.87
C LYS A 195 -40.22 -1.59 0.38
N ASN A 196 -40.00 -0.60 1.26
CA ASN A 196 -39.75 0.79 0.85
C ASN A 196 -38.57 1.36 1.63
N ILE A 197 -37.35 1.09 1.17
CA ILE A 197 -36.12 1.34 1.88
C ILE A 197 -35.47 2.44 1.02
N ASP A 198 -34.55 3.23 1.58
CA ASP A 198 -33.80 4.32 0.89
C ASP A 198 -34.69 5.06 -0.10
N GLY A 199 -35.95 5.24 0.27
CA GLY A 199 -36.97 5.76 -0.61
C GLY A 199 -37.33 4.88 -1.77
N TYR A 200 -36.60 3.79 -2.00
CA TYR A 200 -36.89 2.87 -3.09
C TYR A 200 -38.00 1.92 -2.66
N PHE A 201 -39.16 2.05 -3.30
CA PHE A 201 -40.31 1.20 -3.04
C PHE A 201 -40.07 -0.06 -3.86
N LYS A 202 -39.66 -1.12 -3.19
CA LYS A 202 -38.73 -2.03 -3.84
C LYS A 202 -39.30 -3.44 -3.69
N ILE A 203 -39.90 -3.89 -4.80
CA ILE A 203 -41.14 -4.67 -4.87
C ILE A 203 -40.84 -5.91 -5.69
N TYR A 204 -40.70 -7.06 -5.04
CA TYR A 204 -40.23 -8.24 -5.75
C TYR A 204 -41.29 -9.34 -5.71
N SER A 205 -41.66 -9.88 -6.87
CA SER A 205 -42.77 -10.84 -6.90
C SER A 205 -42.77 -11.69 -8.17
N LYS A 206 -43.18 -12.93 -7.97
CA LYS A 206 -43.72 -13.84 -8.99
C LYS A 206 -44.47 -15.02 -8.39
N HIS A 207 -44.99 -15.82 -9.30
CA HIS A 207 -46.00 -16.84 -9.04
C HIS A 207 -45.79 -17.95 -10.04
N THR A 208 -46.29 -19.09 -9.66
CA THR A 208 -45.87 -20.45 -9.96
C THR A 208 -46.83 -21.55 -9.59
N PRO A 209 -47.15 -22.45 -10.55
CA PRO A 209 -48.24 -23.40 -10.36
C PRO A 209 -47.79 -24.65 -9.61
N ILE A 210 -48.67 -25.17 -8.75
CA ILE A 210 -48.32 -26.24 -7.83
C ILE A 210 -49.38 -27.34 -7.91
N ASN A 211 -49.06 -28.50 -7.33
CA ASN A 211 -50.03 -29.57 -7.14
C ASN A 211 -50.00 -30.17 -5.73
N LEU A 212 -49.59 -29.36 -4.76
CA LEU A 212 -49.66 -29.70 -3.35
C LEU A 212 -51.04 -29.32 -2.81
N VAL A 213 -51.18 -29.42 -1.49
CA VAL A 213 -52.34 -28.88 -0.77
C VAL A 213 -51.88 -27.84 0.25
N ARG A 214 -51.03 -28.24 1.19
CA ARG A 214 -50.54 -27.31 2.21
C ARG A 214 -49.28 -27.88 2.87
N ASP A 215 -48.14 -27.31 2.49
CA ASP A 215 -46.79 -27.74 2.86
C ASP A 215 -45.86 -26.66 2.32
N LEU A 216 -44.61 -26.70 2.76
CA LEU A 216 -43.62 -25.84 2.11
C LEU A 216 -42.75 -26.59 1.13
N PRO A 217 -42.74 -26.19 -0.13
CA PRO A 217 -41.90 -26.86 -1.12
C PRO A 217 -40.44 -26.48 -0.96
N GLN A 218 -39.56 -27.41 -1.36
CA GLN A 218 -38.14 -27.10 -1.56
C GLN A 218 -37.93 -26.67 -3.02
N GLY A 219 -36.68 -26.49 -3.44
CA GLY A 219 -36.36 -25.95 -4.76
C GLY A 219 -35.79 -24.55 -4.69
N PHE A 220 -35.54 -23.94 -5.85
CA PHE A 220 -35.48 -22.48 -5.98
C PHE A 220 -36.75 -21.80 -6.42
N SER A 221 -36.78 -20.51 -6.12
CA SER A 221 -36.88 -19.46 -7.14
C SER A 221 -36.60 -18.09 -6.53
N ALA A 222 -35.75 -17.30 -7.18
CA ALA A 222 -35.56 -15.91 -6.79
C ALA A 222 -36.74 -15.07 -7.27
N LEU A 223 -37.15 -14.11 -6.45
CA LEU A 223 -38.22 -13.21 -6.84
C LEU A 223 -37.73 -12.15 -7.83
N GLU A 224 -38.56 -11.88 -8.92
CA GLU A 224 -38.25 -10.73 -9.79
C GLU A 224 -38.63 -9.41 -9.16
N PRO A 225 -38.07 -8.30 -9.64
CA PRO A 225 -38.66 -7.01 -9.31
C PRO A 225 -39.97 -6.77 -10.04
N LEU A 226 -40.79 -5.91 -9.44
CA LEU A 226 -41.89 -5.24 -10.11
C LEU A 226 -41.66 -3.76 -10.35
N VAL A 227 -41.25 -3.02 -9.32
CA VAL A 227 -41.10 -1.57 -9.42
C VAL A 227 -40.11 -1.12 -8.35
N ASP A 228 -39.37 -0.06 -8.62
CA ASP A 228 -38.42 0.52 -7.67
C ASP A 228 -38.64 2.04 -7.67
N LEU A 229 -39.56 2.50 -6.81
CA LEU A 229 -39.87 3.92 -6.72
C LEU A 229 -38.98 4.58 -5.68
N PRO A 230 -38.09 5.51 -6.06
CA PRO A 230 -37.34 6.29 -5.06
C PRO A 230 -38.15 7.42 -4.43
N ILE A 231 -38.96 7.12 -3.46
CA ILE A 231 -40.08 7.85 -3.08
C ILE A 231 -39.68 8.60 -1.82
N GLY A 232 -39.19 7.76 -0.80
CA GLY A 232 -38.68 8.18 0.52
C GLY A 232 -39.71 8.56 1.55
N ILE A 233 -40.40 7.61 2.16
CA ILE A 233 -41.68 7.92 2.71
C ILE A 233 -41.42 7.30 4.10
N ASN A 234 -42.25 7.50 5.15
CA ASN A 234 -42.21 6.53 6.26
C ASN A 234 -43.54 5.78 6.28
N ILE A 235 -43.48 4.47 6.05
CA ILE A 235 -44.52 3.50 6.32
C ILE A 235 -43.95 2.46 7.27
N THR A 236 -44.76 2.07 8.26
CA THR A 236 -44.30 1.15 9.29
C THR A 236 -45.09 -0.14 9.35
N ARG A 237 -46.30 -0.20 8.81
CA ARG A 237 -47.16 -1.37 8.81
C ARG A 237 -47.56 -1.61 7.39
N PHE A 238 -48.25 -2.73 7.17
CA PHE A 238 -49.00 -2.94 5.93
C PHE A 238 -49.94 -4.12 6.15
N GLN A 239 -50.86 -4.33 5.22
CA GLN A 239 -51.87 -5.38 5.25
C GLN A 239 -52.41 -5.64 3.84
N THR A 240 -53.17 -6.72 3.72
CA THR A 240 -53.69 -7.19 2.45
C THR A 240 -55.06 -6.57 2.15
N LEU A 241 -55.47 -6.67 0.90
CA LEU A 241 -56.80 -6.28 0.44
C LEU A 241 -57.37 -7.34 -0.49
N LEU A 242 -58.43 -8.01 -0.06
CA LEU A 242 -59.01 -9.20 -0.68
C LEU A 242 -60.53 -9.13 -0.70
N ALA A 243 -61.10 -9.63 -1.79
CA ALA A 243 -62.54 -9.68 -2.02
C ALA A 243 -63.08 -11.10 -1.84
N LEU A 244 -64.37 -11.20 -1.52
CA LEU A 244 -65.04 -12.42 -1.07
C LEU A 244 -66.55 -12.37 -1.32
N HIS A 245 -67.21 -13.53 -1.10
CA HIS A 245 -68.38 -13.88 -1.88
C HIS A 245 -69.55 -14.07 -0.89
N ARG A 246 -70.76 -13.73 -1.30
CA ARG A 246 -71.92 -13.60 -0.40
C ARG A 246 -73.30 -13.72 -0.93
N SER A 247 -74.01 -14.55 -0.14
CA SER A 247 -75.35 -15.09 -0.33
C SER A 247 -76.52 -14.16 0.01
N GLY A 252 -77.69 -16.83 5.84
CA GLY A 252 -76.67 -16.13 5.08
C GLY A 252 -76.96 -14.64 4.97
N ASP A 253 -76.26 -13.86 5.80
CA ASP A 253 -76.46 -12.43 5.87
C ASP A 253 -75.14 -11.68 5.65
N SER A 254 -75.19 -10.36 5.79
CA SER A 254 -73.96 -9.57 5.78
C SER A 254 -72.96 -10.04 6.81
N SER A 255 -73.42 -10.51 7.98
CA SER A 255 -72.52 -10.99 9.03
C SER A 255 -72.49 -12.51 9.13
N SER A 256 -73.18 -13.23 8.25
CA SER A 256 -73.10 -14.69 8.27
C SER A 256 -72.89 -15.36 6.91
N GLY A 257 -73.33 -14.75 5.81
CA GLY A 257 -73.49 -15.47 4.57
C GLY A 257 -72.36 -15.35 3.59
N TRP A 258 -71.12 -15.25 4.06
CA TRP A 258 -69.88 -14.98 3.34
C TRP A 258 -68.82 -16.00 3.73
N THR A 259 -67.71 -15.96 3.00
CA THR A 259 -66.62 -16.89 3.23
C THR A 259 -65.26 -16.18 3.29
N ALA A 260 -64.34 -16.80 4.02
CA ALA A 260 -62.95 -16.36 4.06
C ALA A 260 -62.24 -16.69 2.75
N GLY A 261 -62.58 -17.84 2.15
CA GLY A 261 -61.93 -18.28 0.93
C GLY A 261 -60.68 -19.08 1.21
N ALA A 262 -60.60 -20.28 0.65
CA ALA A 262 -59.42 -21.11 0.86
C ALA A 262 -58.17 -20.46 0.29
N ALA A 263 -57.30 -19.98 1.16
CA ALA A 263 -56.05 -19.27 0.93
C ALA A 263 -55.20 -19.31 2.20
N ALA A 264 -53.89 -19.37 1.99
CA ALA A 264 -52.93 -19.14 3.04
C ALA A 264 -51.74 -18.37 2.47
N TYR A 265 -51.13 -17.57 3.33
CA TYR A 265 -50.16 -16.52 3.02
C TYR A 265 -49.18 -16.36 4.17
N TYR A 266 -47.87 -16.44 3.89
CA TYR A 266 -46.98 -16.51 5.04
C TYR A 266 -45.86 -15.52 4.73
N VAL A 267 -45.31 -14.86 5.75
CA VAL A 267 -44.61 -13.59 5.61
C VAL A 267 -43.36 -13.57 6.49
N GLY A 268 -42.32 -12.88 6.02
CA GLY A 268 -41.06 -12.82 6.74
C GLY A 268 -40.48 -11.41 6.78
N TYR A 269 -39.53 -11.21 7.70
CA TYR A 269 -38.87 -9.93 7.91
C TYR A 269 -37.37 -10.10 7.65
N LEU A 270 -36.83 -9.24 6.80
CA LEU A 270 -35.56 -9.48 6.13
C LEU A 270 -34.39 -9.05 7.01
N GLN A 271 -33.24 -9.68 6.78
CA GLN A 271 -32.04 -9.51 7.60
C GLN A 271 -30.83 -9.27 6.70
N PRO A 272 -29.80 -8.58 7.21
CA PRO A 272 -28.60 -8.37 6.40
C PRO A 272 -27.75 -9.62 6.30
N ARG A 273 -27.84 -10.29 5.15
CA ARG A 273 -27.14 -11.55 4.93
C ARG A 273 -26.29 -11.45 3.68
N THR A 274 -25.11 -12.04 3.74
CA THR A 274 -24.16 -12.05 2.64
C THR A 274 -24.22 -13.42 1.99
N PHE A 275 -24.53 -13.46 0.69
CA PHE A 275 -24.71 -14.72 -0.02
C PHE A 275 -23.71 -14.87 -1.14
N LEU A 276 -23.41 -16.12 -1.49
CA LEU A 276 -22.69 -16.45 -2.70
C LEU A 276 -23.70 -16.59 -3.83
N LEU A 277 -23.40 -15.94 -4.95
CA LEU A 277 -24.37 -15.77 -6.03
C LEU A 277 -24.01 -16.60 -7.25
N LYS A 278 -24.72 -17.73 -7.41
CA LYS A 278 -25.15 -18.31 -8.69
C LYS A 278 -26.19 -17.60 -9.52
N TYR A 279 -25.84 -17.67 -10.76
CA TYR A 279 -26.56 -17.48 -11.99
C TYR A 279 -26.23 -18.68 -12.89
N ASN A 280 -26.93 -18.82 -14.00
CA ASN A 280 -26.75 -19.93 -14.93
C ASN A 280 -25.72 -19.72 -16.03
N GLU A 281 -25.75 -20.66 -17.00
CA GLU A 281 -25.29 -20.47 -18.37
C GLU A 281 -26.02 -19.27 -19.02
N ASN A 282 -27.22 -18.90 -18.55
CA ASN A 282 -27.76 -17.53 -18.62
C ASN A 282 -27.50 -16.77 -17.32
N GLY A 283 -28.11 -15.60 -17.18
CA GLY A 283 -28.01 -14.76 -16.01
C GLY A 283 -29.13 -15.00 -15.02
N THR A 284 -29.55 -16.24 -14.83
CA THR A 284 -30.61 -16.56 -13.87
C THR A 284 -30.02 -17.28 -12.67
N ILE A 285 -30.48 -16.87 -11.48
CA ILE A 285 -29.88 -17.33 -10.22
C ILE A 285 -30.15 -18.82 -10.06
N THR A 286 -29.07 -19.59 -9.87
CA THR A 286 -29.14 -21.06 -9.88
C THR A 286 -28.80 -21.69 -8.55
N ASP A 287 -28.28 -20.92 -7.62
CA ASP A 287 -27.90 -21.36 -6.30
C ASP A 287 -27.54 -20.14 -5.46
N ALA A 288 -27.66 -20.29 -4.15
CA ALA A 288 -27.32 -19.30 -3.13
C ALA A 288 -27.25 -19.97 -1.78
N VAL A 289 -26.60 -19.29 -0.85
CA VAL A 289 -26.35 -19.81 0.49
C VAL A 289 -26.61 -18.71 1.50
N ASP A 290 -26.35 -18.99 2.77
CA ASP A 290 -26.55 -18.20 3.98
C ASP A 290 -25.25 -18.10 4.78
N CYS A 291 -24.48 -17.05 4.51
CA CYS A 291 -23.20 -16.87 5.19
C CYS A 291 -23.38 -16.50 6.66
N ALA A 292 -24.47 -15.83 7.02
CA ALA A 292 -24.75 -15.44 8.39
C ALA A 292 -25.45 -16.55 9.18
N LEU A 293 -25.67 -17.70 8.56
CA LEU A 293 -26.31 -18.84 9.22
C LEU A 293 -25.29 -19.79 9.84
N ASP A 294 -24.32 -20.37 8.93
CA ASP A 294 -23.74 -21.70 9.04
C ASP A 294 -22.24 -21.55 8.84
N PRO A 295 -21.43 -22.28 9.60
CA PRO A 295 -19.98 -22.23 9.32
C PRO A 295 -19.66 -22.69 7.91
N LEU A 296 -20.39 -23.66 7.37
CA LEU A 296 -20.03 -24.16 6.05
C LEU A 296 -20.49 -23.23 4.93
N SER A 297 -21.63 -22.56 5.06
CA SER A 297 -21.93 -21.52 4.08
C SER A 297 -20.85 -20.44 4.10
N GLU A 298 -20.28 -20.18 5.28
CA GLU A 298 -19.28 -19.12 5.35
C GLU A 298 -17.99 -19.60 4.70
N THR A 299 -17.68 -20.91 4.82
CA THR A 299 -16.43 -21.35 4.20
C THR A 299 -16.64 -21.25 2.71
N LYS A 300 -17.86 -21.55 2.26
CA LYS A 300 -18.18 -21.46 0.84
C LYS A 300 -18.02 -20.04 0.34
N CYS A 301 -18.40 -19.07 1.17
CA CYS A 301 -18.04 -17.68 0.88
C CYS A 301 -16.53 -17.53 0.72
N THR A 302 -15.76 -18.10 1.66
CA THR A 302 -14.31 -17.97 1.58
C THR A 302 -13.73 -18.62 0.33
N LEU A 303 -14.17 -19.84 -0.01
CA LEU A 303 -13.86 -20.50 -1.27
C LEU A 303 -14.26 -19.69 -2.49
N LYS A 304 -15.45 -18.83 -2.37
CA LYS A 304 -16.02 -18.54 -3.68
C LYS A 304 -16.42 -19.43 -4.56
N SER A 305 -16.59 -20.67 -4.09
CA SER A 305 -16.83 -21.80 -5.00
C SER A 305 -18.11 -22.43 -4.39
N PHE A 306 -19.01 -23.07 -5.18
CA PHE A 306 -20.02 -23.86 -4.44
C PHE A 306 -19.29 -24.86 -3.60
N THR A 307 -18.26 -25.42 -4.23
CA THR A 307 -17.88 -26.81 -4.17
C THR A 307 -16.67 -26.92 -3.29
N VAL A 308 -16.65 -27.95 -2.45
CA VAL A 308 -15.73 -28.03 -1.34
C VAL A 308 -14.81 -29.22 -1.51
N GLU A 309 -13.51 -28.97 -1.42
CA GLU A 309 -12.53 -30.04 -1.40
C GLU A 309 -12.32 -30.52 0.04
N LYS A 310 -11.84 -31.75 0.15
CA LYS A 310 -11.39 -32.24 1.45
C LYS A 310 -10.23 -31.36 1.93
N GLY A 311 -10.20 -31.09 3.23
CA GLY A 311 -9.15 -30.29 3.83
C GLY A 311 -9.64 -29.68 5.12
N ILE A 312 -8.96 -28.63 5.61
CA ILE A 312 -9.67 -27.87 6.63
C ILE A 312 -9.42 -26.44 6.06
N TYR A 313 -10.33 -25.51 6.33
CA TYR A 313 -10.27 -24.17 5.74
C TYR A 313 -10.52 -23.10 6.79
N GLN A 314 -9.57 -22.16 6.90
CA GLN A 314 -9.65 -21.06 7.85
C GLN A 314 -10.55 -19.97 7.29
N THR A 315 -11.67 -19.71 7.96
CA THR A 315 -12.65 -18.74 7.50
C THR A 315 -12.50 -17.38 8.18
N SER A 316 -12.58 -17.36 9.51
CA SER A 316 -12.62 -16.13 10.28
C SER A 316 -11.94 -16.39 11.62
N ASN A 317 -11.97 -15.40 12.52
CA ASN A 317 -11.33 -15.51 13.82
C ASN A 317 -12.33 -15.27 14.90
N PHE A 318 -12.50 -16.22 15.86
CA PHE A 318 -13.57 -15.79 16.75
C PHE A 318 -13.14 -14.83 17.84
N ARG A 319 -14.16 -14.38 18.59
CA ARG A 319 -14.46 -12.99 18.89
C ARG A 319 -15.50 -12.95 20.00
N VAL A 320 -15.01 -12.45 21.15
CA VAL A 320 -15.57 -12.79 22.45
C VAL A 320 -16.30 -11.57 22.96
N GLN A 321 -17.54 -11.78 23.35
CA GLN A 321 -18.47 -10.70 23.34
C GLN A 321 -18.20 -9.79 24.52
N PRO A 322 -18.36 -8.49 24.32
CA PRO A 322 -18.23 -7.55 25.43
C PRO A 322 -19.36 -7.74 26.42
N THR A 323 -19.08 -7.39 27.67
CA THR A 323 -20.05 -7.57 28.73
C THR A 323 -20.00 -6.37 29.67
N GLU A 324 -21.11 -6.18 30.39
CA GLU A 324 -21.13 -5.44 31.65
C GLU A 324 -20.24 -4.19 31.60
N SER A 325 -20.39 -3.41 30.52
CA SER A 325 -19.57 -2.22 30.36
C SER A 325 -19.51 -1.42 31.66
N ILE A 326 -18.30 -1.20 32.14
CA ILE A 326 -18.07 -0.70 33.49
C ILE A 326 -17.19 0.54 33.43
N VAL A 327 -17.54 1.54 34.24
CA VAL A 327 -16.67 2.68 34.52
C VAL A 327 -16.65 2.84 36.04
N ARG A 328 -15.46 2.72 36.64
CA ARG A 328 -15.34 2.63 38.10
C ARG A 328 -14.32 3.63 38.64
N PHE A 329 -14.80 4.83 38.92
CA PHE A 329 -14.02 5.87 39.58
C PHE A 329 -13.49 5.35 40.92
N PRO A 330 -12.53 6.04 41.56
CA PRO A 330 -11.95 5.51 42.80
C PRO A 330 -12.78 5.87 44.02
N ASN A 331 -12.25 5.57 45.20
CA ASN A 331 -12.92 5.98 46.43
C ASN A 331 -13.00 7.51 46.49
N ILE A 332 -14.18 8.04 46.79
CA ILE A 332 -14.40 9.49 46.81
C ILE A 332 -14.13 10.01 48.22
N THR A 333 -13.39 11.11 48.31
CA THR A 333 -12.85 11.56 49.59
C THR A 333 -13.36 12.92 50.07
N ASN A 334 -13.16 13.97 49.28
CA ASN A 334 -13.25 15.35 49.76
C ASN A 334 -13.96 16.22 48.72
N LEU A 335 -15.21 16.57 48.99
CA LEU A 335 -16.04 17.33 48.06
C LEU A 335 -16.36 18.72 48.62
N CYS A 336 -16.94 19.54 47.76
CA CYS A 336 -17.20 20.93 48.11
C CYS A 336 -18.15 21.00 49.31
N PRO A 337 -17.91 21.94 50.25
CA PRO A 337 -18.93 22.23 51.28
C PRO A 337 -19.91 23.29 50.79
N PHE A 338 -20.76 22.89 49.83
CA PHE A 338 -21.65 23.86 49.20
C PHE A 338 -22.59 24.52 50.21
N GLY A 339 -22.87 23.83 51.32
CA GLY A 339 -23.69 24.45 52.35
C GLY A 339 -23.09 25.70 52.93
N GLU A 340 -21.75 25.79 52.94
CA GLU A 340 -21.08 26.98 53.43
C GLU A 340 -21.42 28.21 52.60
N VAL A 341 -21.86 28.03 51.36
CA VAL A 341 -22.22 29.17 50.53
C VAL A 341 -23.47 29.86 51.05
N PHE A 342 -24.50 29.08 51.39
CA PHE A 342 -25.72 29.66 51.95
C PHE A 342 -25.57 29.89 53.45
N ASN A 343 -24.94 28.94 54.15
CA ASN A 343 -24.84 29.01 55.61
C ASN A 343 -23.97 30.14 56.10
N ALA A 344 -23.22 30.80 55.22
CA ALA A 344 -22.35 31.89 55.64
C ALA A 344 -23.12 32.91 56.46
N THR A 345 -22.62 33.19 57.67
CA THR A 345 -23.35 34.05 58.60
C THR A 345 -23.53 35.45 58.05
N ARG A 346 -22.47 36.03 57.48
CA ARG A 346 -22.48 37.41 57.04
C ARG A 346 -22.62 37.49 55.52
N PHE A 347 -23.63 38.24 55.07
CA PHE A 347 -23.80 38.57 53.67
C PHE A 347 -23.86 40.09 53.51
N ALA A 348 -23.32 40.57 52.40
CA ALA A 348 -23.31 42.00 52.14
C ALA A 348 -24.72 42.47 51.76
N SER A 349 -24.92 43.79 51.83
CA SER A 349 -26.19 44.35 51.47
C SER A 349 -26.47 44.14 49.99
N VAL A 350 -27.72 44.31 49.59
CA VAL A 350 -28.11 44.00 48.22
C VAL A 350 -27.41 44.94 47.25
N TYR A 351 -27.37 46.24 47.55
CA TYR A 351 -26.67 47.17 46.68
C TYR A 351 -25.20 46.80 46.56
N ALA A 352 -24.62 46.26 47.63
CA ALA A 352 -23.25 45.75 47.64
C ALA A 352 -23.26 44.23 47.71
N TRP A 353 -24.17 43.61 46.97
CA TRP A 353 -24.38 42.17 47.01
C TRP A 353 -23.06 41.42 47.18
N ASN A 354 -23.00 40.55 48.17
CA ASN A 354 -21.77 39.81 48.44
C ASN A 354 -21.47 38.87 47.28
N ARG A 355 -20.21 38.86 46.86
CA ARG A 355 -19.75 37.97 45.81
C ARG A 355 -18.77 36.96 46.39
N LYS A 356 -18.93 35.70 45.98
CA LYS A 356 -18.05 34.62 46.41
C LYS A 356 -17.57 33.86 45.19
N ARG A 357 -16.44 33.18 45.35
CA ARG A 357 -15.90 32.26 44.36
C ARG A 357 -15.82 30.87 44.96
N ILE A 358 -16.26 29.87 44.21
CA ILE A 358 -16.31 28.49 44.66
C ILE A 358 -15.46 27.65 43.71
N SER A 359 -14.50 26.93 44.26
CA SER A 359 -13.60 26.11 43.45
C SER A 359 -12.75 25.25 44.37
N ASN A 360 -11.92 24.40 43.75
CA ASN A 360 -10.94 23.57 44.45
C ASN A 360 -11.61 22.59 45.40
N CYS A 361 -12.56 21.81 44.88
CA CYS A 361 -13.24 20.77 45.65
C CYS A 361 -14.04 19.92 44.66
N VAL A 362 -14.96 19.09 45.15
CA VAL A 362 -15.88 18.34 44.29
C VAL A 362 -17.30 18.81 44.57
N ALA A 363 -18.03 19.15 43.52
CA ALA A 363 -19.37 19.70 43.64
C ALA A 363 -20.39 18.66 43.19
N ASP A 364 -21.26 18.24 44.10
CA ASP A 364 -22.34 17.30 43.82
C ASP A 364 -23.64 18.08 43.85
N TYR A 365 -24.14 18.43 42.66
CA TYR A 365 -25.32 19.29 42.55
C TYR A 365 -26.63 18.52 42.60
N SER A 366 -26.59 17.19 42.66
CA SER A 366 -27.84 16.46 42.90
C SER A 366 -28.47 16.90 44.20
N VAL A 367 -27.65 17.30 45.18
CA VAL A 367 -28.18 17.93 46.39
C VAL A 367 -28.73 19.31 46.08
N LEU A 368 -28.13 20.02 45.11
CA LEU A 368 -28.71 21.28 44.68
C LEU A 368 -30.13 21.09 44.18
N TYR A 369 -30.36 19.99 43.44
CA TYR A 369 -31.72 19.63 43.08
C TYR A 369 -32.48 19.06 44.27
N ASN A 370 -31.90 18.06 44.95
CA ASN A 370 -32.51 17.45 46.12
C ASN A 370 -31.81 18.01 47.35
N SER A 371 -32.23 19.21 47.76
CA SER A 371 -31.63 19.90 48.89
C SER A 371 -32.42 19.74 50.18
N ALA A 372 -33.74 19.65 50.09
CA ALA A 372 -34.62 19.45 51.23
C ALA A 372 -34.77 20.72 52.06
N SER A 373 -33.98 21.75 51.75
CA SER A 373 -34.14 23.07 52.34
C SER A 373 -34.41 24.14 51.30
N PHE A 374 -34.14 23.86 50.03
CA PHE A 374 -34.34 24.80 48.94
C PHE A 374 -35.17 24.13 47.85
N SER A 375 -36.25 24.78 47.44
CA SER A 375 -37.07 24.31 46.34
C SER A 375 -36.80 25.08 45.06
N THR A 376 -35.75 25.89 45.03
CA THR A 376 -35.44 26.75 43.89
C THR A 376 -34.10 26.33 43.32
N PHE A 377 -34.14 25.62 42.19
CA PHE A 377 -32.94 25.11 41.52
C PHE A 377 -33.25 25.07 40.02
N LYS A 378 -32.95 26.18 39.34
CA LYS A 378 -33.19 26.33 37.92
C LYS A 378 -32.03 27.11 37.34
N CYS A 379 -31.25 26.47 36.48
CA CYS A 379 -29.99 27.04 36.01
C CYS A 379 -30.17 27.68 34.64
N TYR A 380 -29.56 28.86 34.48
CA TYR A 380 -29.70 29.67 33.28
C TYR A 380 -28.34 29.87 32.64
N GLY A 381 -28.29 29.75 31.32
CA GLY A 381 -27.06 29.69 30.57
C GLY A 381 -26.57 28.28 30.33
N VAL A 382 -26.87 27.36 31.26
CA VAL A 382 -26.49 25.96 31.14
C VAL A 382 -27.64 25.11 31.69
N SER A 383 -27.54 23.80 31.48
CA SER A 383 -28.56 22.90 31.97
C SER A 383 -28.46 22.74 33.48
N PRO A 384 -29.53 22.99 34.24
CA PRO A 384 -29.51 22.58 35.66
C PRO A 384 -29.34 21.09 35.81
N THR A 385 -29.80 20.31 34.84
CA THR A 385 -29.68 18.85 34.87
C THR A 385 -28.26 18.47 34.49
N LYS A 386 -28.04 17.18 34.20
CA LYS A 386 -26.75 16.66 33.78
C LYS A 386 -25.63 17.12 34.71
N LEU A 387 -25.98 17.51 35.93
CA LEU A 387 -25.04 18.19 36.81
C LEU A 387 -24.05 17.24 37.46
N ASN A 388 -24.43 15.98 37.67
CA ASN A 388 -23.50 14.99 38.16
C ASN A 388 -22.53 14.52 37.08
N ASP A 389 -22.89 14.70 35.81
CA ASP A 389 -22.05 14.33 34.69
C ASP A 389 -21.42 15.54 34.01
N LEU A 390 -21.69 16.74 34.49
CA LEU A 390 -21.14 17.98 33.94
C LEU A 390 -20.15 18.58 34.94
N CYS A 391 -18.97 18.95 34.44
CA CYS A 391 -17.95 19.61 35.25
C CYS A 391 -17.77 21.04 34.77
N PHE A 392 -17.61 21.95 35.73
CA PHE A 392 -17.48 23.37 35.45
C PHE A 392 -16.14 23.87 35.97
N THR A 393 -15.69 24.99 35.40
CA THR A 393 -14.37 25.51 35.76
C THR A 393 -14.41 26.28 37.08
N ASN A 394 -15.34 27.22 37.20
CA ASN A 394 -15.47 27.99 38.43
C ASN A 394 -16.93 28.35 38.63
N VAL A 395 -17.29 28.60 39.88
CA VAL A 395 -18.64 29.01 40.27
C VAL A 395 -18.51 30.14 41.26
N TYR A 396 -19.39 31.14 41.14
CA TYR A 396 -19.35 32.32 42.00
C TYR A 396 -20.72 32.56 42.61
N ALA A 397 -20.75 32.78 43.92
CA ALA A 397 -21.98 33.02 44.65
C ALA A 397 -22.14 34.52 44.89
N ASP A 398 -23.21 35.10 44.34
CA ASP A 398 -23.57 36.48 44.59
C ASP A 398 -24.64 36.49 45.67
N SER A 399 -24.25 36.80 46.90
CA SER A 399 -25.13 36.71 48.06
C SER A 399 -25.60 38.11 48.47
N PHE A 400 -26.87 38.19 48.84
CA PHE A 400 -27.50 39.44 49.28
C PHE A 400 -28.82 39.05 49.96
N VAL A 401 -29.63 40.05 50.27
CA VAL A 401 -30.93 39.85 50.90
C VAL A 401 -32.01 40.41 50.00
N ILE A 402 -33.03 39.62 49.73
CA ILE A 402 -34.20 40.03 48.97
C ILE A 402 -35.44 39.58 49.71
N ARG A 403 -36.61 39.95 49.18
CA ARG A 403 -37.88 39.70 49.83
C ARG A 403 -38.65 38.58 49.13
N GLY A 404 -39.72 38.14 49.80
CA GLY A 404 -40.54 37.08 49.26
C GLY A 404 -41.21 37.46 47.94
N ASP A 405 -41.56 38.74 47.80
CA ASP A 405 -41.95 39.23 46.48
C ASP A 405 -40.74 39.34 45.56
N GLU A 406 -39.56 39.54 46.14
CA GLU A 406 -38.34 39.68 45.36
C GLU A 406 -37.55 38.38 45.26
N VAL A 407 -38.01 37.30 45.88
CA VAL A 407 -37.43 36.00 45.54
C VAL A 407 -37.91 35.56 44.18
N ARG A 408 -39.09 36.00 43.77
CA ARG A 408 -39.59 35.78 42.41
C ARG A 408 -39.11 36.87 41.46
N GLN A 409 -39.17 38.14 41.89
CA GLN A 409 -38.84 39.26 41.02
C GLN A 409 -37.35 39.36 40.71
N ILE A 410 -36.51 38.57 41.36
CA ILE A 410 -35.05 38.70 41.24
C ILE A 410 -34.60 37.64 40.24
N ALA A 411 -34.37 38.06 39.00
CA ALA A 411 -33.88 37.18 37.94
C ALA A 411 -33.54 38.00 36.71
N PRO A 412 -32.64 37.53 35.86
CA PRO A 412 -32.35 38.26 34.61
C PRO A 412 -33.61 38.42 33.77
N GLY A 413 -33.75 39.60 33.17
CA GLY A 413 -34.95 39.92 32.42
C GLY A 413 -36.16 40.20 33.29
N GLN A 414 -36.02 40.16 34.61
CA GLN A 414 -37.11 40.41 35.53
C GLN A 414 -36.96 41.80 36.13
N THR A 415 -38.00 42.22 36.86
CA THR A 415 -38.04 43.55 37.45
C THR A 415 -38.16 43.44 38.96
N GLY A 416 -37.39 44.26 39.66
CA GLY A 416 -37.43 44.29 41.10
C GLY A 416 -36.38 45.26 41.60
N LYS A 417 -36.66 45.82 42.77
CA LYS A 417 -35.71 46.75 43.38
C LYS A 417 -34.32 46.11 43.48
N ILE A 418 -34.27 44.90 44.03
CA ILE A 418 -33.03 44.13 44.03
C ILE A 418 -32.52 43.94 42.61
N ALA A 419 -33.42 43.49 41.71
CA ALA A 419 -33.01 43.18 40.35
C ALA A 419 -32.57 44.43 39.59
N ASP A 420 -33.24 45.56 39.83
CA ASP A 420 -33.04 46.74 39.00
C ASP A 420 -31.92 47.64 39.52
N TYR A 421 -31.99 48.04 40.79
CA TYR A 421 -31.12 49.10 41.30
C TYR A 421 -30.02 48.62 42.23
N ASN A 422 -30.13 47.41 42.79
CA ASN A 422 -29.21 46.94 43.80
C ASN A 422 -28.27 45.85 43.31
N TYR A 423 -28.75 44.95 42.44
CA TYR A 423 -27.95 43.83 41.96
C TYR A 423 -28.30 43.58 40.50
N LYS A 424 -27.45 44.08 39.60
CA LYS A 424 -27.53 43.74 38.19
C LYS A 424 -26.45 42.72 37.85
N LEU A 425 -26.76 41.84 36.93
CA LEU A 425 -25.96 40.66 36.67
C LEU A 425 -25.15 40.80 35.38
N PRO A 426 -24.04 40.08 35.26
CA PRO A 426 -23.28 40.11 34.00
C PRO A 426 -24.12 39.66 32.83
N ASP A 427 -23.84 40.25 31.66
CA ASP A 427 -24.65 39.98 30.47
C ASP A 427 -24.58 38.51 30.07
N ASP A 428 -23.39 37.92 30.13
CA ASP A 428 -23.16 36.56 29.64
C ASP A 428 -22.93 35.58 30.78
N PHE A 429 -23.66 35.76 31.88
CA PHE A 429 -23.50 34.89 33.04
C PHE A 429 -24.25 33.57 32.83
N THR A 430 -23.68 32.51 33.40
CA THR A 430 -24.35 31.22 33.51
C THR A 430 -24.51 30.93 34.99
N GLY A 431 -25.75 30.66 35.41
CA GLY A 431 -26.02 30.54 36.82
C GLY A 431 -27.28 29.76 37.13
N CYS A 432 -27.74 29.92 38.37
CA CYS A 432 -28.88 29.17 38.89
C CYS A 432 -29.58 30.03 39.94
N VAL A 433 -30.83 29.67 40.24
CA VAL A 433 -31.69 30.47 41.11
C VAL A 433 -31.87 29.75 42.44
N ILE A 434 -31.66 30.48 43.54
CA ILE A 434 -32.01 30.02 44.88
C ILE A 434 -32.75 31.15 45.57
N ALA A 435 -33.56 30.79 46.57
CA ALA A 435 -34.22 31.79 47.41
C ALA A 435 -35.02 31.08 48.50
N TRP A 436 -35.20 31.77 49.62
CA TRP A 436 -35.97 31.23 50.74
C TRP A 436 -36.18 32.31 51.79
N ASN A 437 -37.16 32.08 52.67
CA ASN A 437 -37.57 33.07 53.65
C ASN A 437 -36.60 33.16 54.82
N SER A 438 -36.35 34.38 55.28
CA SER A 438 -35.52 34.62 56.45
C SER A 438 -36.09 35.76 57.29
N ASN A 439 -37.41 35.74 57.53
CA ASN A 439 -38.04 36.85 58.23
C ASN A 439 -37.39 37.09 59.59
N ASN A 440 -37.52 36.11 60.51
CA ASN A 440 -37.08 36.32 61.87
C ASN A 440 -35.57 36.42 62.00
N LEU A 441 -34.82 35.99 60.99
CA LEU A 441 -33.37 35.97 61.05
C LEU A 441 -32.72 37.14 60.32
N ASP A 442 -33.47 37.86 59.49
CA ASP A 442 -32.95 39.00 58.76
C ASP A 442 -33.71 40.29 59.03
N SER A 443 -34.76 40.26 59.83
CA SER A 443 -35.65 41.40 60.04
C SER A 443 -35.55 41.87 61.49
N LYS A 444 -35.53 43.18 61.68
CA LYS A 444 -35.14 43.81 62.94
C LYS A 444 -36.34 44.48 63.60
N VAL A 445 -36.58 44.14 64.87
CA VAL A 445 -37.56 44.87 65.66
C VAL A 445 -37.06 46.30 65.86
N GLY A 446 -37.97 47.26 65.71
CA GLY A 446 -37.60 48.66 65.75
C GLY A 446 -37.12 49.22 64.42
N GLY A 447 -37.07 48.40 63.38
CA GLY A 447 -36.66 48.86 62.06
C GLY A 447 -35.23 48.49 61.72
N ASN A 448 -35.06 47.65 60.71
CA ASN A 448 -33.72 47.20 60.27
C ASN A 448 -33.07 48.33 59.49
N TYR A 449 -32.43 49.24 60.22
CA TYR A 449 -31.64 50.30 59.61
C TYR A 449 -30.18 49.93 59.46
N ASN A 450 -29.77 48.80 60.03
CA ASN A 450 -28.56 48.12 59.57
C ASN A 450 -28.72 47.65 58.14
N TYR A 451 -29.96 47.46 57.69
CA TYR A 451 -30.24 47.06 56.32
C TYR A 451 -30.33 48.31 55.43
N LEU A 452 -29.54 48.32 54.36
CA LEU A 452 -29.62 49.36 53.35
C LEU A 452 -29.66 48.70 51.98
N TYR A 453 -30.38 49.34 51.07
CA TYR A 453 -30.56 48.80 49.72
C TYR A 453 -30.71 49.96 48.75
N ARG A 454 -30.15 49.78 47.56
CA ARG A 454 -30.07 50.86 46.59
C ARG A 454 -31.43 51.16 45.98
N LEU A 455 -31.77 52.44 45.90
CA LEU A 455 -32.92 52.92 45.13
C LEU A 455 -32.50 53.65 43.87
N PHE A 456 -31.38 54.35 43.90
CA PHE A 456 -30.90 55.15 42.78
C PHE A 456 -29.41 54.93 42.58
N ARG A 457 -28.96 55.09 41.34
CA ARG A 457 -27.54 55.18 41.04
C ARG A 457 -27.36 55.89 39.71
N LYS A 458 -26.24 56.62 39.61
CA LYS A 458 -25.95 57.32 38.37
C LYS A 458 -25.72 56.33 37.23
N SER A 459 -24.99 55.25 37.50
CA SER A 459 -24.67 54.25 36.50
C SER A 459 -25.05 52.86 37.04
N ASN A 460 -25.28 51.94 36.10
CA ASN A 460 -25.60 50.57 36.45
C ASN A 460 -24.33 49.81 36.82
N LEU A 461 -24.46 48.51 37.03
CA LEU A 461 -23.34 47.66 37.41
C LEU A 461 -22.80 46.97 36.16
N LYS A 462 -21.53 47.22 35.85
CA LYS A 462 -20.88 46.53 34.75
C LYS A 462 -20.67 45.07 35.13
N PRO A 463 -20.41 44.21 34.15
CA PRO A 463 -20.25 42.78 34.47
C PRO A 463 -19.11 42.57 35.45
N PHE A 464 -19.39 41.81 36.51
CA PHE A 464 -18.41 41.52 37.57
C PHE A 464 -17.80 42.82 38.10
N GLU A 465 -18.66 43.77 38.45
CA GLU A 465 -18.23 45.07 38.95
C GLU A 465 -18.63 45.22 40.40
N ARG A 466 -17.70 45.71 41.22
CA ARG A 466 -17.92 45.91 42.65
C ARG A 466 -17.66 47.38 42.97
N ASP A 467 -18.67 48.07 43.51
CA ASP A 467 -18.54 49.46 43.91
C ASP A 467 -18.76 49.57 45.41
N ILE A 468 -17.79 50.18 46.10
CA ILE A 468 -17.87 50.39 47.54
C ILE A 468 -17.98 51.86 47.91
N SER A 469 -17.87 52.76 46.94
CA SER A 469 -18.00 54.19 47.23
C SER A 469 -19.40 54.49 47.78
N THR A 470 -19.44 55.36 48.79
CA THR A 470 -20.70 55.75 49.42
C THR A 470 -20.95 57.25 49.33
N GLU A 471 -20.20 57.98 48.49
CA GLU A 471 -20.42 59.41 48.35
C GLU A 471 -21.81 59.68 47.79
N ILE A 472 -22.43 60.76 48.28
CA ILE A 472 -23.77 61.11 47.82
C ILE A 472 -23.70 61.63 46.40
N TYR A 473 -24.53 61.06 45.52
CA TYR A 473 -24.61 61.55 44.15
C TYR A 473 -25.23 62.93 44.10
N GLN A 474 -24.73 63.76 43.20
CA GLN A 474 -25.24 65.13 43.02
C GLN A 474 -26.25 65.14 41.88
N ALA A 475 -27.41 65.74 42.14
CA ALA A 475 -28.49 65.81 41.15
C ALA A 475 -28.99 67.23 40.95
N GLY A 476 -28.16 68.24 41.26
CA GLY A 476 -28.55 69.62 41.08
C GLY A 476 -27.35 70.48 40.79
N SER A 477 -27.62 71.70 40.34
CA SER A 477 -26.54 72.63 40.00
C SER A 477 -25.68 72.93 41.22
N THR A 478 -26.30 73.17 42.36
CA THR A 478 -25.56 73.46 43.58
C THR A 478 -25.02 72.17 44.17
N PRO A 479 -23.70 72.00 44.30
CA PRO A 479 -23.17 70.78 44.92
C PRO A 479 -23.62 70.65 46.37
N CYS A 480 -23.81 69.40 46.80
CA CYS A 480 -24.12 69.15 48.20
C CYS A 480 -22.97 69.58 49.10
N ASN A 481 -21.73 69.36 48.65
CA ASN A 481 -20.54 69.82 49.38
C ASN A 481 -20.54 69.28 50.81
N GLY A 482 -20.80 67.99 50.96
CA GLY A 482 -20.83 67.38 52.27
C GLY A 482 -21.88 67.95 53.19
N VAL A 483 -23.04 68.34 52.64
CA VAL A 483 -24.13 68.89 53.41
C VAL A 483 -25.43 68.25 52.95
N GLU A 484 -26.27 67.87 53.89
CA GLU A 484 -27.55 67.23 53.61
C GLU A 484 -28.66 68.27 53.56
N GLY A 485 -29.80 67.87 53.01
CA GLY A 485 -30.95 68.74 52.93
C GLY A 485 -31.64 68.69 51.58
N PHE A 486 -31.74 69.84 50.92
CA PHE A 486 -32.46 69.95 49.66
C PHE A 486 -31.62 69.37 48.53
N ASN A 487 -32.25 68.54 47.69
CA ASN A 487 -31.62 67.96 46.50
C ASN A 487 -30.37 67.16 46.84
N CYS A 488 -30.36 66.51 48.01
CA CYS A 488 -29.26 65.64 48.41
C CYS A 488 -29.85 64.52 49.25
N TYR A 489 -30.10 63.38 48.63
CA TYR A 489 -30.69 62.22 49.29
C TYR A 489 -29.82 61.00 49.06
N PHE A 490 -29.82 60.11 50.04
CA PHE A 490 -29.08 58.86 49.91
C PHE A 490 -29.75 57.99 48.84
N PRO A 491 -28.99 57.47 47.87
CA PRO A 491 -29.61 56.62 46.84
C PRO A 491 -30.19 55.34 47.41
N LEU A 492 -29.85 54.98 48.64
CA LEU A 492 -30.23 53.71 49.24
C LEU A 492 -31.05 53.96 50.50
N GLN A 493 -31.88 52.97 50.85
CA GLN A 493 -32.83 53.10 51.93
C GLN A 493 -32.81 51.84 52.80
N SER A 494 -33.28 51.99 54.03
CA SER A 494 -33.53 50.87 54.93
C SER A 494 -35.03 50.57 54.97
N TYR A 495 -35.37 49.28 55.00
CA TYR A 495 -36.77 48.90 55.05
C TYR A 495 -37.40 49.31 56.37
N GLY A 496 -36.63 49.27 57.44
CA GLY A 496 -37.22 49.08 58.75
C GLY A 496 -37.75 47.66 58.89
N PHE A 497 -37.04 46.69 58.31
CA PHE A 497 -37.48 45.30 58.36
C PHE A 497 -37.65 44.85 59.80
N GLN A 498 -38.74 44.12 60.07
CA GLN A 498 -39.04 43.60 61.40
C GLN A 498 -39.41 42.13 61.31
N PRO A 499 -39.20 41.36 62.39
CA PRO A 499 -39.47 39.91 62.31
C PRO A 499 -40.91 39.59 62.00
N THR A 500 -41.83 40.54 62.18
CA THR A 500 -43.24 40.36 61.87
C THR A 500 -43.58 40.73 60.42
N ASN A 501 -42.58 40.75 59.54
CA ASN A 501 -42.81 41.15 58.16
C ASN A 501 -43.68 40.13 57.42
N GLY A 502 -44.43 40.63 56.43
CA GLY A 502 -45.10 39.76 55.49
C GLY A 502 -44.16 39.30 54.40
N VAL A 503 -44.62 38.28 53.65
CA VAL A 503 -43.75 37.63 52.68
C VAL A 503 -43.18 38.66 51.71
N GLY A 504 -44.02 39.57 51.21
CA GLY A 504 -43.54 40.60 50.32
C GLY A 504 -42.59 41.56 51.00
N TYR A 505 -42.94 42.00 52.21
CA TYR A 505 -42.07 42.84 53.01
C TYR A 505 -41.09 42.04 53.86
N GLN A 506 -41.14 40.71 53.76
CA GLN A 506 -40.20 39.89 54.50
C GLN A 506 -38.81 39.99 53.89
N PRO A 507 -37.75 40.00 54.70
CA PRO A 507 -36.44 39.62 54.17
C PRO A 507 -36.42 38.15 53.83
N TYR A 508 -35.82 37.82 52.69
CA TYR A 508 -35.66 36.45 52.25
C TYR A 508 -34.18 36.21 52.00
N ARG A 509 -33.59 35.29 52.76
CA ARG A 509 -32.17 34.97 52.58
C ARG A 509 -32.03 34.26 51.25
N VAL A 510 -31.31 34.87 50.31
CA VAL A 510 -31.22 34.39 48.94
C VAL A 510 -29.78 34.49 48.48
N VAL A 511 -29.22 33.37 48.04
CA VAL A 511 -27.85 33.30 47.54
C VAL A 511 -27.91 32.70 46.14
N VAL A 512 -27.43 33.45 45.15
CA VAL A 512 -27.46 33.04 43.76
C VAL A 512 -26.06 32.65 43.33
N LEU A 513 -25.91 31.45 42.77
CA LEU A 513 -24.64 30.92 42.34
C LEU A 513 -24.51 31.08 40.83
N SER A 514 -23.49 31.81 40.39
CA SER A 514 -23.22 32.01 38.98
C SER A 514 -22.14 31.03 38.54
N PHE A 515 -22.46 30.23 37.52
CA PHE A 515 -21.54 29.23 37.00
C PHE A 515 -20.57 29.90 36.02
N GLU A 516 -19.28 29.68 36.22
CA GLU A 516 -18.23 30.25 35.38
C GLU A 516 -17.54 29.10 34.65
N LEU A 517 -17.67 29.09 33.33
CA LEU A 517 -17.07 28.05 32.50
C LEU A 517 -16.43 28.70 31.28
N LEU A 518 -15.20 28.29 30.97
CA LEU A 518 -14.47 28.85 29.84
C LEU A 518 -13.61 27.78 29.19
N PRO A 521 -9.05 28.30 34.25
CA PRO A 521 -8.48 27.01 34.63
C PRO A 521 -9.40 26.20 35.55
N ALA A 522 -10.08 25.20 34.99
CA ALA A 522 -10.98 24.38 35.78
C ALA A 522 -10.22 23.63 36.86
N THR A 523 -10.76 23.64 38.07
CA THR A 523 -10.18 22.94 39.21
C THR A 523 -11.13 21.99 39.90
N VAL A 524 -12.43 22.26 39.87
CA VAL A 524 -13.44 21.49 40.61
C VAL A 524 -14.38 20.85 39.61
N CYS A 525 -14.52 19.53 39.70
CA CYS A 525 -15.52 18.77 38.97
C CYS A 525 -16.47 18.13 39.98
N GLY A 526 -17.50 17.46 39.48
CA GLY A 526 -18.46 16.80 40.34
C GLY A 526 -18.13 15.33 40.54
N PRO A 527 -18.79 14.69 41.53
CA PRO A 527 -18.61 13.26 41.75
C PRO A 527 -19.69 12.41 41.09
N LYS A 528 -15.83 9.96 40.89
CA LYS A 528 -17.24 9.99 40.54
C LYS A 528 -17.91 8.63 40.72
N LYS A 529 -18.26 7.97 39.62
CA LYS A 529 -19.16 6.82 39.63
C LYS A 529 -18.37 5.52 39.55
N SER A 530 -18.89 4.48 40.21
CA SER A 530 -18.32 3.15 40.12
C SER A 530 -19.43 2.12 40.25
N THR A 531 -19.05 0.85 40.14
CA THR A 531 -20.01 -0.25 40.04
C THR A 531 -19.49 -1.40 40.90
N ASN A 532 -20.05 -2.59 40.69
CA ASN A 532 -19.63 -3.79 41.39
C ASN A 532 -18.53 -4.50 40.60
N LEU A 533 -17.96 -5.53 41.22
CA LEU A 533 -16.85 -6.29 40.64
C LEU A 533 -17.36 -7.61 40.09
N VAL A 534 -16.93 -7.94 38.88
CA VAL A 534 -17.18 -9.24 38.27
C VAL A 534 -15.90 -9.71 37.60
N LYS A 535 -15.76 -11.03 37.48
CA LYS A 535 -14.58 -11.64 36.89
C LYS A 535 -14.95 -12.47 35.66
N ASN A 536 -13.94 -12.69 34.81
CA ASN A 536 -14.05 -13.59 33.67
C ASN A 536 -15.00 -13.04 32.60
N LYS A 537 -14.84 -11.76 32.26
CA LYS A 537 -15.64 -11.14 31.20
C LYS A 537 -14.79 -10.10 30.48
N CYS A 538 -14.77 -10.16 29.15
CA CYS A 538 -14.15 -9.10 28.36
C CYS A 538 -15.08 -7.89 28.37
N VAL A 539 -14.62 -6.80 28.97
CA VAL A 539 -15.47 -5.66 29.27
C VAL A 539 -14.68 -4.37 29.07
N ASN A 540 -15.40 -3.30 28.74
CA ASN A 540 -14.82 -1.96 28.69
C ASN A 540 -14.81 -1.40 30.11
N PHE A 541 -13.64 -0.98 30.57
CA PHE A 541 -13.44 -0.54 31.94
C PHE A 541 -12.90 0.88 31.95
N ASN A 542 -13.39 1.69 32.89
CA ASN A 542 -12.83 3.02 33.15
C ASN A 542 -12.65 3.16 34.66
N PHE A 543 -11.41 3.01 35.11
CA PHE A 543 -11.09 2.96 36.53
C PHE A 543 -10.39 4.25 36.93
N ASN A 544 -11.08 5.06 37.74
CA ASN A 544 -10.60 6.38 38.16
C ASN A 544 -10.00 7.16 36.98
N GLY A 545 -10.77 7.22 35.90
CA GLY A 545 -10.36 7.92 34.70
C GLY A 545 -9.49 7.11 33.77
N LEU A 546 -8.97 5.97 34.21
CA LEU A 546 -8.18 5.09 33.37
C LEU A 546 -9.12 4.12 32.66
N THR A 547 -9.25 4.28 31.35
CA THR A 547 -10.21 3.51 30.57
C THR A 547 -9.50 2.55 29.63
N GLY A 548 -10.09 1.37 29.49
CA GLY A 548 -9.61 0.36 28.55
C GLY A 548 -10.70 -0.68 28.36
N THR A 549 -10.44 -1.60 27.44
CA THR A 549 -11.38 -2.68 27.14
C THR A 549 -10.65 -4.01 27.07
N GLY A 550 -11.30 -5.04 27.59
CA GLY A 550 -10.71 -6.35 27.69
C GLY A 550 -11.30 -7.09 28.87
N VAL A 551 -10.77 -8.28 29.12
CA VAL A 551 -11.19 -9.10 30.25
C VAL A 551 -10.13 -8.98 31.34
N LEU A 552 -10.57 -8.56 32.51
CA LEU A 552 -9.69 -8.31 33.66
C LEU A 552 -10.03 -9.28 34.78
N THR A 553 -9.00 -9.87 35.37
CA THR A 553 -9.14 -10.77 36.51
C THR A 553 -8.21 -10.30 37.62
N GLU A 554 -8.15 -11.07 38.71
CA GLU A 554 -7.27 -10.74 39.82
C GLU A 554 -5.83 -11.06 39.49
N SER A 555 -4.92 -10.25 40.01
CA SER A 555 -3.48 -10.53 39.97
C SER A 555 -2.92 -10.55 41.39
N ASN A 556 -1.94 -11.43 41.58
CA ASN A 556 -1.22 -11.49 42.85
C ASN A 556 -0.05 -10.52 42.90
N LYS A 557 0.18 -9.77 41.83
CA LYS A 557 1.34 -8.89 41.76
C LYS A 557 1.19 -7.72 42.73
N LYS A 558 2.32 -7.14 43.12
CA LYS A 558 2.36 -6.03 44.07
C LYS A 558 3.02 -4.84 43.38
N PHE A 559 2.23 -3.78 43.16
CA PHE A 559 2.80 -2.60 42.53
C PHE A 559 3.47 -1.74 43.59
N LEU A 560 4.43 -0.93 43.16
CA LEU A 560 5.01 0.02 44.09
C LEU A 560 3.92 0.95 44.59
N PRO A 561 4.03 1.44 45.83
CA PRO A 561 2.88 2.16 46.40
C PRO A 561 2.42 3.30 45.54
N PHE A 562 3.33 3.95 44.83
CA PHE A 562 2.92 4.95 43.87
C PHE A 562 2.46 4.33 42.57
N GLN A 563 2.79 3.07 42.28
CA GLN A 563 2.65 2.46 40.95
C GLN A 563 1.26 1.85 40.72
N GLN A 564 0.61 2.23 39.61
CA GLN A 564 -0.81 1.97 39.37
C GLN A 564 -1.09 0.80 38.43
N PHE A 565 -0.57 0.83 37.21
CA PHE A 565 -1.02 -0.10 36.16
C PHE A 565 0.15 -0.65 35.38
N GLY A 566 0.00 -1.88 34.91
CA GLY A 566 1.13 -2.58 34.32
C GLY A 566 0.97 -3.13 32.93
N ARG A 567 2.00 -2.93 32.11
CA ARG A 567 2.06 -3.50 30.78
C ARG A 567 3.30 -4.37 30.69
N ASP A 568 3.12 -5.61 30.26
CA ASP A 568 4.25 -6.44 29.88
C ASP A 568 4.94 -5.84 28.67
N ILE A 569 6.03 -6.48 28.23
CA ILE A 569 6.70 -6.06 27.01
C ILE A 569 5.63 -6.03 25.92
N ALA A 570 5.83 -5.19 24.91
CA ALA A 570 4.86 -4.89 23.87
C ALA A 570 3.85 -3.84 24.33
N ASP A 571 4.03 -3.27 25.52
CA ASP A 571 3.15 -2.23 26.02
C ASP A 571 1.71 -2.70 26.14
N THR A 572 1.52 -3.97 26.50
CA THR A 572 0.19 -4.54 26.70
C THR A 572 -0.10 -4.62 28.18
N THR A 573 -1.15 -3.92 28.63
CA THR A 573 -1.48 -3.88 30.05
C THR A 573 -1.76 -5.28 30.58
N ASP A 574 -1.24 -5.58 31.76
CA ASP A 574 -1.39 -6.89 32.39
C ASP A 574 -2.07 -6.85 33.74
N ALA A 575 -1.90 -5.79 34.53
CA ALA A 575 -2.59 -5.67 35.80
C ALA A 575 -2.64 -4.21 36.20
N VAL A 576 -3.58 -3.88 37.08
CA VAL A 576 -3.76 -2.51 37.55
C VAL A 576 -4.06 -2.52 39.05
N ARG A 577 -3.79 -1.38 39.68
CA ARG A 577 -4.05 -1.18 41.09
C ARG A 577 -5.43 -0.54 41.25
N ASP A 578 -6.25 -1.11 42.11
CA ASP A 578 -7.69 -0.83 42.09
C ASP A 578 -7.96 0.64 42.38
N PRO A 579 -8.86 1.29 41.65
CA PRO A 579 -9.17 2.70 41.97
C PRO A 579 -9.81 2.86 43.33
N GLN A 580 -10.75 1.97 43.69
CA GLN A 580 -11.40 2.06 45.00
C GLN A 580 -10.46 1.61 46.11
N THR A 581 -9.75 0.50 45.89
CA THR A 581 -9.04 -0.20 46.93
C THR A 581 -7.55 -0.26 46.71
N LEU A 582 -7.07 0.11 45.53
CA LEU A 582 -5.65 0.08 45.19
C LEU A 582 -5.04 -1.30 45.38
N GLU A 583 -5.88 -2.33 45.32
CA GLU A 583 -5.43 -3.70 45.19
C GLU A 583 -5.14 -4.02 43.73
N ILE A 584 -4.45 -5.13 43.53
CA ILE A 584 -3.87 -5.45 42.24
C ILE A 584 -4.79 -6.44 41.52
N LEU A 585 -5.22 -6.05 40.31
CA LEU A 585 -6.16 -6.83 39.52
C LEU A 585 -5.59 -7.07 38.14
N ASP A 586 -5.62 -8.33 37.70
CA ASP A 586 -4.97 -8.73 36.46
C ASP A 586 -5.78 -8.26 35.25
N ILE A 587 -5.09 -7.60 34.33
CA ILE A 587 -5.65 -7.26 33.02
C ILE A 587 -5.31 -8.40 32.07
N THR A 588 -6.34 -8.96 31.43
CA THR A 588 -6.17 -10.14 30.60
C THR A 588 -6.71 -9.87 29.21
N PRO A 589 -6.24 -10.62 28.21
CA PRO A 589 -6.62 -10.31 26.83
C PRO A 589 -8.07 -10.64 26.56
N CYS A 590 -8.77 -9.71 25.91
CA CYS A 590 -10.12 -9.99 25.47
C CYS A 590 -10.08 -11.29 24.68
N SER A 591 -10.71 -12.33 25.20
CA SER A 591 -10.61 -13.64 24.57
C SER A 591 -10.99 -13.53 23.10
N PHE A 592 -10.51 -14.51 22.34
CA PHE A 592 -10.64 -14.56 20.89
C PHE A 592 -10.35 -15.99 20.44
N GLY A 593 -10.28 -16.15 19.13
CA GLY A 593 -9.80 -17.39 18.56
C GLY A 593 -9.93 -17.35 17.05
N GLY A 594 -9.36 -18.37 16.42
CA GLY A 594 -9.56 -18.57 15.00
C GLY A 594 -10.87 -19.28 14.71
N VAL A 595 -11.26 -19.23 13.44
CA VAL A 595 -12.42 -19.95 12.92
C VAL A 595 -12.00 -20.68 11.66
N SER A 596 -11.84 -21.99 11.77
CA SER A 596 -11.55 -22.85 10.63
C SER A 596 -12.62 -23.93 10.55
N VAL A 597 -13.05 -24.22 9.32
CA VAL A 597 -14.10 -25.19 9.07
C VAL A 597 -13.49 -26.37 8.33
N ILE A 598 -13.86 -27.57 8.75
CA ILE A 598 -13.18 -28.80 8.37
C ILE A 598 -14.16 -29.68 7.59
N THR A 599 -13.78 -30.14 6.40
CA THR A 599 -14.64 -30.86 5.48
C THR A 599 -13.94 -32.20 4.92
N PRO A 600 -14.60 -33.24 4.69
CA PRO A 600 -14.15 -34.11 3.61
C PRO A 600 -14.44 -33.77 2.13
N GLY A 601 -14.82 -32.56 1.85
CA GLY A 601 -15.27 -32.18 0.56
C GLY A 601 -16.76 -32.42 0.46
N THR A 602 -17.48 -31.60 -0.30
CA THR A 602 -18.84 -32.01 -0.64
C THR A 602 -18.94 -33.47 -0.98
N ASN A 603 -18.31 -33.94 -2.06
CA ASN A 603 -19.13 -34.86 -2.78
C ASN A 603 -19.17 -36.19 -2.01
N THR A 604 -18.24 -36.35 -1.05
CA THR A 604 -18.31 -37.38 0.00
C THR A 604 -19.53 -37.17 0.88
N SER A 605 -19.76 -35.94 1.31
CA SER A 605 -20.83 -35.62 2.25
C SER A 605 -20.98 -34.12 2.38
N ASN A 606 -22.14 -33.71 2.90
CA ASN A 606 -22.47 -32.40 3.41
C ASN A 606 -22.14 -32.29 4.89
N GLN A 607 -21.48 -33.32 5.43
CA GLN A 607 -21.06 -33.34 6.82
C GLN A 607 -19.75 -32.56 7.00
N VAL A 608 -19.58 -32.04 8.21
CA VAL A 608 -18.56 -31.13 8.69
C VAL A 608 -18.34 -31.11 10.19
N ALA A 609 -17.03 -31.13 10.51
CA ALA A 609 -16.45 -30.96 11.82
C ALA A 609 -16.09 -29.48 12.00
N VAL A 610 -16.17 -29.01 13.24
CA VAL A 610 -15.93 -27.60 13.54
C VAL A 610 -15.01 -27.47 14.73
N LEU A 611 -14.08 -26.53 14.64
CA LEU A 611 -13.05 -26.24 15.63
C LEU A 611 -13.14 -24.86 16.25
N TYR A 612 -13.27 -24.84 17.59
CA TYR A 612 -13.00 -23.65 18.39
C TYR A 612 -11.51 -23.67 18.70
N GLN A 613 -10.87 -22.53 18.52
CA GLN A 613 -9.47 -22.41 18.12
C GLN A 613 -8.63 -21.90 19.29
N ASP A 614 -7.87 -22.78 19.93
CA ASP A 614 -7.13 -22.38 21.13
C ASP A 614 -8.06 -21.81 22.19
N VAL A 615 -9.33 -22.17 22.13
CA VAL A 615 -10.44 -21.61 22.90
C VAL A 615 -11.14 -22.72 23.66
N ASN A 616 -11.57 -22.41 24.87
CA ASN A 616 -12.45 -23.31 25.58
C ASN A 616 -13.83 -23.33 24.91
N CYS A 617 -14.34 -24.51 24.65
CA CYS A 617 -15.70 -24.64 24.13
C CYS A 617 -16.75 -24.43 25.21
N THR A 618 -16.33 -24.04 26.41
CA THR A 618 -17.26 -23.48 27.38
C THR A 618 -17.85 -22.14 26.91
N GLU A 619 -17.17 -21.47 25.99
CA GLU A 619 -17.52 -20.12 25.55
C GLU A 619 -18.30 -20.19 24.25
N VAL A 620 -19.46 -20.84 24.27
CA VAL A 620 -20.29 -20.99 23.08
C VAL A 620 -21.71 -20.52 23.37
N ASN A 641 -17.10 -37.83 21.86
CA ASN A 641 -17.78 -36.81 21.05
C ASN A 641 -17.11 -35.44 21.12
N VAL A 642 -17.20 -34.78 22.27
CA VAL A 642 -16.56 -33.49 22.47
C VAL A 642 -15.14 -33.71 22.98
N PHE A 643 -14.20 -32.89 22.50
CA PHE A 643 -12.82 -32.94 22.96
C PHE A 643 -12.22 -31.55 22.89
N GLN A 644 -11.41 -31.20 23.89
CA GLN A 644 -10.59 -30.01 23.83
C GLN A 644 -9.12 -30.40 23.72
N THR A 645 -8.43 -29.74 22.79
CA THR A 645 -7.12 -30.18 22.31
C THR A 645 -6.13 -29.03 22.45
N ARG A 646 -4.93 -29.25 21.88
CA ARG A 646 -4.03 -28.12 21.64
C ARG A 646 -4.63 -27.11 20.69
N ALA A 647 -4.98 -27.53 19.47
CA ALA A 647 -5.45 -26.64 18.43
C ALA A 647 -6.81 -26.02 18.76
N GLY A 648 -7.38 -26.37 19.92
CA GLY A 648 -8.63 -25.76 20.35
C GLY A 648 -9.56 -26.82 20.91
N CYS A 649 -10.85 -26.71 20.60
CA CYS A 649 -11.82 -27.70 21.08
C CYS A 649 -12.63 -28.23 19.91
N LEU A 650 -12.40 -29.50 19.60
CA LEU A 650 -13.19 -30.28 18.61
C LEU A 650 -14.33 -31.13 19.15
N ILE A 651 -15.46 -31.02 18.48
CA ILE A 651 -16.72 -31.58 18.95
C ILE A 651 -17.29 -32.44 17.87
N GLY A 652 -18.04 -33.45 18.26
CA GLY A 652 -18.71 -34.34 17.38
C GLY A 652 -17.84 -35.38 16.74
N ALA A 653 -16.51 -35.24 16.81
CA ALA A 653 -15.58 -36.22 16.27
C ALA A 653 -14.86 -36.89 17.43
N GLU A 654 -14.87 -38.21 17.43
CA GLU A 654 -14.28 -38.99 18.53
C GLU A 654 -12.76 -38.94 18.51
N HIS A 655 -12.16 -38.44 19.59
CA HIS A 655 -10.75 -38.70 19.85
C HIS A 655 -10.67 -40.16 20.23
N VAL A 656 -9.71 -40.87 19.64
CA VAL A 656 -9.76 -42.31 19.63
C VAL A 656 -8.55 -42.78 20.42
N ASN A 657 -8.41 -44.09 20.55
CA ASN A 657 -7.14 -44.65 20.99
C ASN A 657 -6.20 -44.95 19.84
N ASN A 658 -6.72 -45.19 18.65
CA ASN A 658 -5.94 -45.75 17.56
C ASN A 658 -5.06 -44.66 16.95
N SER A 659 -4.37 -45.02 15.88
CA SER A 659 -3.54 -44.15 15.04
C SER A 659 -3.33 -44.81 13.70
N TYR A 660 -3.84 -44.18 12.64
CA TYR A 660 -3.67 -44.59 11.25
C TYR A 660 -3.05 -43.46 10.46
N GLU A 661 -2.76 -43.73 9.18
CA GLU A 661 -2.11 -42.75 8.34
C GLU A 661 -2.95 -41.48 8.25
N CYS A 662 -2.29 -40.33 8.25
CA CYS A 662 -2.99 -39.05 8.28
C CYS A 662 -3.86 -38.91 7.04
N ASP A 663 -5.09 -38.46 7.25
CA ASP A 663 -6.00 -38.11 6.16
C ASP A 663 -6.41 -36.65 6.22
N ILE A 664 -6.86 -36.17 7.38
CA ILE A 664 -7.33 -34.80 7.54
C ILE A 664 -6.44 -34.11 8.57
N PRO A 665 -5.32 -33.51 8.18
CA PRO A 665 -4.38 -32.96 9.15
C PRO A 665 -5.01 -31.90 10.04
N ILE A 666 -4.93 -32.09 11.35
CA ILE A 666 -5.42 -31.13 12.33
C ILE A 666 -4.28 -30.33 12.95
N GLY A 667 -3.22 -31.02 13.37
CA GLY A 667 -2.11 -30.37 14.06
C GLY A 667 -1.64 -31.22 15.22
N ALA A 668 -0.39 -31.01 15.63
CA ALA A 668 0.23 -31.81 16.68
C ALA A 668 0.21 -33.29 16.32
N GLY A 669 0.18 -33.60 15.02
CA GLY A 669 0.14 -34.95 14.53
C GLY A 669 -1.22 -35.54 14.44
N ILE A 670 -2.21 -34.75 14.49
CA ILE A 670 -3.53 -35.26 14.85
C ILE A 670 -4.38 -35.05 13.62
N CYS A 671 -4.97 -36.12 13.10
CA CYS A 671 -5.65 -36.08 11.80
C CYS A 671 -7.06 -36.64 12.00
N ALA A 672 -7.81 -36.79 10.90
CA ALA A 672 -9.17 -37.30 10.98
C ALA A 672 -9.58 -38.07 9.73
N SER A 673 -10.50 -39.01 9.89
CA SER A 673 -11.04 -39.90 8.87
C SER A 673 -12.17 -40.73 9.48
N TYR A 674 -12.85 -41.48 8.62
CA TYR A 674 -13.91 -42.40 9.01
C TYR A 674 -13.41 -43.45 9.98
N SER A 691 -19.75 -39.58 11.16
CA SER A 691 -19.02 -40.78 10.74
C SER A 691 -17.50 -40.64 10.75
N ILE A 692 -17.01 -39.45 10.38
CA ILE A 692 -15.59 -39.17 10.32
C ILE A 692 -15.18 -38.51 11.65
N ILE A 693 -14.09 -39.00 12.22
CA ILE A 693 -13.68 -38.80 13.59
C ILE A 693 -12.20 -38.45 13.65
N ALA A 694 -11.79 -37.84 14.75
CA ALA A 694 -10.46 -37.27 14.90
C ALA A 694 -9.56 -38.25 15.62
N TYR A 695 -8.35 -38.43 15.08
CA TYR A 695 -7.43 -39.45 15.53
C TYR A 695 -6.01 -38.97 15.27
N THR A 696 -5.03 -39.76 15.71
CA THR A 696 -3.63 -39.40 15.60
C THR A 696 -2.99 -40.04 14.36
N MET A 697 -2.36 -39.20 13.55
CA MET A 697 -1.46 -39.64 12.49
C MET A 697 -0.65 -40.85 12.93
N SER A 698 -0.64 -41.89 12.08
CA SER A 698 0.22 -43.05 12.29
C SER A 698 1.50 -42.87 11.48
N LEU A 699 2.62 -43.04 12.16
CA LEU A 699 3.92 -42.73 11.57
C LEU A 699 4.29 -43.67 10.44
N GLY A 700 3.72 -44.87 10.42
CA GLY A 700 4.05 -45.87 9.42
C GLY A 700 3.83 -47.26 9.96
N ALA A 701 4.75 -48.17 9.62
CA ALA A 701 4.62 -49.59 9.93
C ALA A 701 5.74 -50.01 10.87
N GLU A 702 5.41 -50.82 11.88
CA GLU A 702 6.39 -51.32 12.83
C GLU A 702 6.99 -52.61 12.29
N ASN A 703 8.31 -52.75 12.41
CA ASN A 703 9.05 -53.81 11.73
C ASN A 703 10.45 -53.87 12.31
N SER A 704 10.89 -55.07 12.66
CA SER A 704 12.19 -55.28 13.26
C SER A 704 13.09 -56.02 12.27
N VAL A 705 14.28 -55.49 12.05
CA VAL A 705 15.30 -56.16 11.27
C VAL A 705 15.91 -57.26 12.13
N ALA A 706 15.98 -58.47 11.60
CA ALA A 706 16.51 -59.61 12.33
C ALA A 706 18.02 -59.41 12.45
N TYR A 707 18.40 -58.46 13.30
CA TYR A 707 19.81 -58.15 13.46
C TYR A 707 20.57 -59.37 13.94
N SER A 708 21.76 -59.56 13.37
CA SER A 708 22.71 -60.52 13.88
C SER A 708 24.11 -59.99 13.59
N ASN A 709 25.08 -60.44 14.38
CA ASN A 709 26.49 -60.19 14.09
C ASN A 709 27.05 -61.17 13.07
N ASN A 710 26.31 -62.22 12.73
CA ASN A 710 26.86 -63.35 12.02
C ASN A 710 25.93 -63.83 10.90
N SER A 711 25.00 -62.97 10.46
CA SER A 711 24.06 -63.38 9.43
C SER A 711 23.67 -62.17 8.59
N ILE A 712 23.37 -62.47 7.36
CA ILE A 712 22.88 -61.69 6.23
C ILE A 712 21.81 -62.27 5.40
N ALA A 713 20.95 -61.39 4.90
CA ALA A 713 19.96 -61.80 3.94
C ALA A 713 20.06 -60.94 2.69
N ILE A 714 20.02 -61.60 1.53
CA ILE A 714 20.18 -60.93 0.25
C ILE A 714 19.03 -61.36 -0.66
N PRO A 715 18.39 -60.44 -1.40
CA PRO A 715 17.33 -60.87 -2.30
C PRO A 715 17.71 -61.62 -3.55
N THR A 716 16.86 -62.61 -3.85
CA THR A 716 17.02 -63.45 -5.02
C THR A 716 16.21 -62.98 -6.21
N ASN A 717 15.45 -61.89 -6.06
CA ASN A 717 14.65 -61.35 -7.15
C ASN A 717 14.75 -59.83 -7.12
N PHE A 718 14.02 -59.20 -8.02
CA PHE A 718 13.96 -57.74 -8.10
C PHE A 718 12.74 -57.37 -8.90
N THR A 719 12.53 -56.06 -9.14
CA THR A 719 11.46 -55.72 -10.05
C THR A 719 12.16 -54.75 -11.00
N ILE A 720 11.44 -54.20 -11.96
CA ILE A 720 11.84 -52.94 -12.58
C ILE A 720 10.77 -51.90 -12.22
N SER A 721 11.06 -51.13 -11.17
CA SER A 721 10.15 -50.08 -10.71
C SER A 721 10.34 -48.82 -11.56
N VAL A 722 9.24 -48.18 -11.91
CA VAL A 722 9.27 -46.92 -12.65
C VAL A 722 8.46 -45.86 -11.90
N THR A 723 9.00 -44.60 -11.81
CA THR A 723 8.33 -43.72 -10.92
C THR A 723 8.32 -42.40 -11.70
N THR A 724 7.46 -41.45 -11.33
CA THR A 724 7.39 -40.13 -11.96
C THR A 724 7.68 -39.07 -10.91
N GLU A 725 8.70 -38.24 -11.17
CA GLU A 725 9.15 -37.20 -10.25
C GLU A 725 8.84 -35.84 -10.88
N ILE A 726 8.09 -34.96 -10.20
CA ILE A 726 7.10 -34.25 -10.99
C ILE A 726 7.86 -32.90 -10.77
N LEU A 727 8.17 -32.00 -11.79
CA LEU A 727 8.80 -30.83 -11.16
C LEU A 727 8.25 -29.54 -11.87
N PRO A 728 8.21 -28.38 -11.19
CA PRO A 728 7.79 -27.10 -11.83
C PRO A 728 8.93 -26.49 -12.63
N VAL A 729 8.58 -25.96 -13.81
CA VAL A 729 9.57 -25.65 -14.83
C VAL A 729 9.47 -24.22 -15.33
N SER A 730 8.30 -23.62 -15.22
CA SER A 730 8.03 -22.38 -15.93
C SER A 730 6.87 -21.62 -15.29
N MET A 731 6.68 -20.38 -15.72
CA MET A 731 5.59 -19.55 -15.20
C MET A 731 5.06 -18.73 -16.38
N THR A 732 3.81 -18.29 -16.27
CA THR A 732 3.23 -17.44 -17.31
C THR A 732 4.05 -16.17 -17.47
N LYS A 733 4.44 -15.86 -18.70
CA LYS A 733 5.09 -14.59 -19.01
C LYS A 733 4.01 -13.57 -19.36
N THR A 734 3.87 -12.57 -18.51
CA THR A 734 2.81 -11.58 -18.67
C THR A 734 3.25 -10.49 -19.65
N SER A 735 2.28 -9.70 -20.08
CA SER A 735 2.53 -8.35 -20.58
C SER A 735 1.51 -7.43 -19.94
N VAL A 736 1.97 -6.24 -19.56
CA VAL A 736 1.17 -5.32 -18.76
C VAL A 736 1.17 -3.96 -19.44
N ASP A 737 -0.02 -3.43 -19.68
CA ASP A 737 -0.30 -2.04 -20.05
C ASP A 737 -0.53 -1.29 -18.74
N CYS A 738 0.56 -0.99 -18.06
CA CYS A 738 0.49 -0.58 -16.67
C CYS A 738 -0.44 0.60 -16.51
N THR A 739 -0.10 1.72 -17.14
CA THR A 739 -0.80 2.97 -16.89
C THR A 739 -2.27 2.87 -17.01
N MET A 740 -2.71 2.32 -18.13
CA MET A 740 -4.12 2.33 -18.44
C MET A 740 -4.89 1.53 -17.41
N TYR A 741 -4.29 0.45 -16.89
CA TYR A 741 -4.81 -0.12 -15.66
C TYR A 741 -4.78 0.89 -14.54
N ILE A 742 -3.65 1.57 -14.38
CA ILE A 742 -3.45 2.45 -13.23
C ILE A 742 -4.53 3.53 -13.21
N CYS A 743 -4.92 4.07 -14.37
CA CYS A 743 -6.18 4.80 -14.40
C CYS A 743 -7.08 4.52 -15.61
N GLY A 744 -6.53 4.29 -16.81
CA GLY A 744 -7.39 4.08 -17.95
C GLY A 744 -7.93 5.27 -18.74
N ASP A 745 -7.07 5.88 -19.57
CA ASP A 745 -7.49 6.89 -20.55
C ASP A 745 -7.84 8.22 -19.90
N SER A 746 -6.89 8.75 -19.13
CA SER A 746 -6.98 10.11 -18.58
C SER A 746 -5.61 10.76 -18.70
N THR A 747 -5.47 11.71 -19.63
CA THR A 747 -4.23 12.46 -19.73
C THR A 747 -3.93 13.21 -18.44
N GLU A 748 -4.97 13.74 -17.80
CA GLU A 748 -4.87 14.35 -16.47
C GLU A 748 -4.14 13.40 -15.53
N CYS A 749 -4.57 12.14 -15.50
CA CYS A 749 -3.82 11.14 -14.75
C CYS A 749 -2.36 11.21 -15.11
N SER A 750 -2.04 11.08 -16.40
CA SER A 750 -0.64 10.91 -16.77
C SER A 750 0.19 12.05 -16.22
N ASN A 751 -0.37 13.26 -16.20
CA ASN A 751 0.27 14.32 -15.42
C ASN A 751 0.47 13.90 -13.97
N LEU A 752 -0.59 13.42 -13.32
CA LEU A 752 -0.48 13.08 -11.91
C LEU A 752 0.55 11.97 -11.66
N LEU A 753 0.69 11.05 -12.60
CA LEU A 753 1.62 9.93 -12.46
C LEU A 753 3.06 10.33 -12.74
N LEU A 754 3.33 11.00 -13.86
CA LEU A 754 4.69 11.53 -14.05
C LEU A 754 5.00 12.53 -12.97
N GLN A 755 3.97 13.02 -12.25
CA GLN A 755 4.13 14.00 -11.19
C GLN A 755 4.14 13.22 -9.87
N TYR A 756 3.99 11.88 -9.96
CA TYR A 756 4.21 10.91 -8.88
C TYR A 756 5.53 10.19 -9.04
N GLY A 757 6.01 10.02 -10.27
CA GLY A 757 7.28 9.35 -10.50
C GLY A 757 7.19 8.34 -11.61
N SER A 758 7.98 7.28 -11.49
CA SER A 758 8.06 6.23 -12.51
C SER A 758 8.03 4.85 -11.87
N PHE A 759 7.17 4.65 -10.88
CA PHE A 759 7.10 3.36 -10.21
C PHE A 759 6.61 2.28 -11.16
N CYS A 760 5.60 2.59 -11.97
CA CYS A 760 5.17 1.66 -12.99
C CYS A 760 6.35 1.24 -13.88
N THR A 761 7.29 2.16 -14.10
CA THR A 761 8.47 1.82 -14.90
C THR A 761 9.33 0.76 -14.20
N GLN A 762 9.62 0.97 -12.91
CA GLN A 762 10.36 -0.07 -12.18
C GLN A 762 9.63 -1.40 -12.24
N LEU A 763 8.30 -1.36 -12.16
CA LEU A 763 7.54 -2.60 -12.25
C LEU A 763 7.69 -3.25 -13.62
N ASN A 764 7.71 -2.45 -14.69
CA ASN A 764 7.89 -3.07 -15.99
C ASN A 764 9.25 -3.73 -16.09
N ARG A 765 10.28 -3.12 -15.48
CA ARG A 765 11.63 -3.66 -15.63
C ARG A 765 11.63 -4.99 -14.87
N ALA A 766 10.91 -5.03 -13.72
CA ALA A 766 10.79 -6.25 -12.92
C ALA A 766 10.16 -7.36 -13.73
N LEU A 767 9.09 -7.06 -14.43
CA LEU A 767 8.39 -8.04 -15.28
C LEU A 767 9.03 -8.38 -16.60
N THR A 768 9.86 -7.51 -17.12
CA THR A 768 10.74 -7.96 -18.17
C THR A 768 11.84 -8.89 -17.63
N GLY A 769 12.34 -8.61 -16.43
CA GLY A 769 13.35 -9.48 -15.83
C GLY A 769 12.82 -10.86 -15.54
N ILE A 770 11.63 -10.94 -14.95
CA ILE A 770 10.90 -12.22 -14.93
C ILE A 770 10.86 -12.89 -16.30
N ALA A 771 10.38 -12.18 -17.31
CA ALA A 771 10.17 -12.81 -18.60
C ALA A 771 11.46 -13.39 -19.15
N VAL A 772 12.55 -12.63 -19.08
CA VAL A 772 13.83 -13.14 -19.58
C VAL A 772 14.31 -14.29 -18.69
N GLU A 773 14.07 -14.18 -17.38
CA GLU A 773 14.56 -15.23 -16.51
C GLU A 773 13.95 -16.55 -16.88
N GLN A 774 12.73 -16.55 -17.32
CA GLN A 774 12.07 -17.86 -17.58
C GLN A 774 12.12 -18.25 -19.07
N ASP A 775 12.34 -17.29 -19.98
CA ASP A 775 12.91 -17.71 -21.27
C ASP A 775 14.21 -18.47 -21.03
N LYS A 776 15.10 -17.90 -20.19
CA LYS A 776 16.38 -18.52 -19.88
C LYS A 776 16.20 -19.84 -19.13
N ASN A 777 15.29 -19.87 -18.16
CA ASN A 777 14.98 -21.11 -17.47
C ASN A 777 14.59 -22.22 -18.41
N THR A 778 13.64 -21.95 -19.29
CA THR A 778 13.25 -22.97 -20.25
C THR A 778 14.44 -23.34 -21.13
N GLN A 779 15.28 -22.35 -21.45
CA GLN A 779 16.33 -22.56 -22.42
C GLN A 779 17.42 -23.48 -21.87
N GLU A 780 17.83 -23.25 -20.61
CA GLU A 780 18.69 -24.21 -19.93
C GLU A 780 17.99 -25.52 -19.63
N VAL A 781 16.66 -25.51 -19.49
CA VAL A 781 15.93 -26.74 -19.22
C VAL A 781 15.99 -27.67 -20.42
N PHE A 782 15.94 -27.13 -21.63
CA PHE A 782 15.74 -27.97 -22.81
C PHE A 782 16.74 -27.74 -23.93
N ALA A 783 17.33 -26.56 -24.06
CA ALA A 783 18.45 -26.41 -24.98
C ALA A 783 19.73 -26.99 -24.42
N GLN A 784 19.69 -28.26 -24.02
CA GLN A 784 20.81 -28.89 -23.36
C GLN A 784 21.67 -29.65 -24.37
N VAL A 785 21.14 -29.85 -25.57
CA VAL A 785 21.82 -30.55 -26.65
C VAL A 785 21.85 -29.63 -27.86
N LYS A 786 22.99 -29.61 -28.56
CA LYS A 786 23.17 -28.77 -29.74
C LYS A 786 22.86 -29.55 -31.01
N GLN A 787 22.24 -30.72 -30.87
CA GLN A 787 22.17 -31.72 -31.92
C GLN A 787 20.80 -32.37 -31.90
N ILE A 788 20.08 -32.27 -33.01
CA ILE A 788 18.77 -32.89 -33.13
C ILE A 788 18.98 -34.35 -33.53
N TYR A 789 18.67 -35.26 -32.62
CA TYR A 789 18.79 -36.68 -32.87
C TYR A 789 17.48 -37.18 -33.51
N LYS A 790 17.52 -38.10 -34.54
CA LYS A 790 16.23 -38.76 -34.83
C LYS A 790 16.53 -40.25 -34.58
N THR A 791 15.49 -40.93 -34.14
CA THR A 791 15.42 -42.38 -34.07
C THR A 791 15.26 -42.94 -35.48
N PRO A 792 15.61 -44.20 -35.68
CA PRO A 792 15.38 -44.81 -36.99
C PRO A 792 13.93 -45.15 -37.28
N PRO A 793 13.59 -45.51 -38.51
CA PRO A 793 12.25 -46.04 -38.80
C PRO A 793 12.02 -47.41 -38.19
N ILE A 794 13.10 -48.02 -37.70
CA ILE A 794 13.23 -49.33 -37.08
C ILE A 794 13.24 -49.23 -35.55
N LYS A 795 12.07 -49.53 -34.96
CA LYS A 795 11.87 -49.62 -33.50
C LYS A 795 12.22 -51.02 -33.02
N ASP A 796 13.50 -51.26 -32.74
CA ASP A 796 13.99 -52.54 -32.23
C ASP A 796 14.89 -52.23 -31.02
N PHE A 797 14.23 -52.11 -29.86
CA PHE A 797 14.86 -51.91 -28.56
C PHE A 797 14.70 -53.14 -27.67
N GLY A 798 14.56 -54.30 -28.28
CA GLY A 798 14.46 -55.54 -27.55
C GLY A 798 13.06 -56.14 -27.49
N GLY A 799 12.22 -55.87 -28.48
CA GLY A 799 10.84 -56.31 -28.60
C GLY A 799 9.86 -55.48 -27.80
N PHE A 800 10.28 -54.32 -27.31
CA PHE A 800 9.43 -53.50 -26.46
C PHE A 800 8.38 -52.80 -27.30
N ASN A 801 7.27 -52.43 -26.67
CA ASN A 801 6.21 -51.71 -27.33
C ASN A 801 6.02 -50.39 -26.60
N PHE A 802 5.86 -49.33 -27.38
CA PHE A 802 6.15 -47.98 -26.96
C PHE A 802 5.13 -47.01 -27.54
N SER A 803 4.00 -47.55 -28.00
CA SER A 803 3.06 -46.77 -28.79
C SER A 803 2.51 -45.58 -28.01
N GLN A 804 2.38 -45.71 -26.70
CA GLN A 804 1.68 -44.70 -25.90
C GLN A 804 2.58 -43.61 -25.33
N ILE A 805 3.90 -43.83 -25.37
CA ILE A 805 4.85 -42.93 -24.72
C ILE A 805 5.74 -42.17 -25.69
N LEU A 806 5.82 -42.58 -26.94
CA LEU A 806 6.69 -41.95 -27.93
C LEU A 806 5.91 -40.98 -28.80
N PRO A 807 6.61 -40.14 -29.58
CA PRO A 807 5.90 -39.35 -30.60
C PRO A 807 5.16 -40.23 -31.59
N ASP A 808 3.88 -39.92 -31.76
CA ASP A 808 2.90 -40.70 -32.51
C ASP A 808 3.03 -40.39 -34.00
N PRO A 809 3.40 -41.37 -34.84
CA PRO A 809 3.58 -41.08 -36.27
C PRO A 809 2.36 -40.50 -36.98
N SER A 810 1.17 -40.65 -36.40
CA SER A 810 0.00 -39.99 -36.94
C SER A 810 0.09 -38.48 -36.83
N LYS A 811 1.13 -37.93 -36.12
CA LYS A 811 1.08 -36.49 -35.93
C LYS A 811 -0.08 -35.91 -35.18
N PRO A 812 -0.46 -36.41 -34.07
CA PRO A 812 -1.31 -35.62 -33.15
C PRO A 812 -0.45 -34.67 -32.31
N SER A 813 0.32 -33.83 -32.99
CA SER A 813 1.40 -33.01 -32.43
C SER A 813 2.61 -33.85 -32.05
N LYS A 814 2.68 -35.09 -32.53
CA LYS A 814 3.83 -35.97 -32.28
C LYS A 814 4.13 -36.05 -30.78
N ARG A 815 3.08 -36.02 -29.98
CA ARG A 815 3.18 -36.22 -28.54
C ARG A 815 2.72 -37.63 -28.19
N SER A 816 3.29 -38.17 -27.12
CA SER A 816 2.83 -39.45 -26.62
C SER A 816 1.38 -39.35 -26.17
N PHE A 817 0.74 -40.51 -26.04
CA PHE A 817 -0.60 -40.50 -25.48
C PHE A 817 -0.55 -40.12 -24.02
N ILE A 818 0.58 -40.38 -23.36
CA ILE A 818 0.78 -39.87 -22.00
C ILE A 818 0.83 -38.35 -21.98
N GLU A 819 1.66 -37.74 -22.83
CA GLU A 819 1.63 -36.30 -22.94
C GLU A 819 0.29 -35.80 -23.45
N ASP A 820 -0.46 -36.63 -24.18
CA ASP A 820 -1.83 -36.25 -24.51
C ASP A 820 -2.67 -36.10 -23.25
N LEU A 821 -2.53 -37.03 -22.30
CA LEU A 821 -3.20 -36.84 -21.00
C LEU A 821 -2.67 -35.62 -20.26
N LEU A 822 -1.35 -35.46 -20.17
CA LEU A 822 -0.81 -34.29 -19.49
C LEU A 822 -1.33 -32.99 -20.08
N PHE A 823 -1.57 -32.95 -21.40
CA PHE A 823 -2.17 -31.77 -21.99
C PHE A 823 -3.65 -31.66 -21.67
N ASN A 824 -4.37 -32.79 -21.74
CA ASN A 824 -5.76 -32.82 -21.34
C ASN A 824 -5.90 -32.46 -19.86
N LYS A 825 -4.80 -32.51 -19.08
CA LYS A 825 -5.01 -32.71 -17.67
C LYS A 825 -4.90 -31.29 -17.05
N VAL A 826 -4.79 -30.28 -17.93
CA VAL A 826 -4.69 -28.85 -17.61
C VAL A 826 -5.90 -28.16 -18.23
N THR A 827 -6.80 -27.66 -17.39
CA THR A 827 -8.02 -27.01 -17.86
C THR A 827 -7.98 -25.54 -17.47
N LEU A 828 -7.63 -24.69 -18.43
CA LEU A 828 -7.82 -23.24 -18.29
C LEU A 828 -9.18 -22.86 -17.70
N PHE A 855 -7.20 -9.59 -21.71
CA PHE A 855 -8.61 -9.46 -21.37
C PHE A 855 -9.16 -8.04 -21.40
N ASN A 856 -8.52 -7.17 -20.61
CA ASN A 856 -9.06 -5.88 -20.22
C ASN A 856 -8.17 -4.71 -20.64
N GLY A 857 -7.22 -4.95 -21.52
CA GLY A 857 -6.01 -4.19 -21.72
C GLY A 857 -4.82 -4.82 -21.04
N LEU A 858 -5.07 -5.75 -20.13
CA LEU A 858 -4.09 -6.70 -19.65
C LEU A 858 -4.20 -8.00 -20.44
N THR A 859 -3.05 -8.49 -20.88
CA THR A 859 -2.95 -9.71 -21.66
C THR A 859 -1.81 -10.56 -21.13
N VAL A 860 -1.77 -11.81 -21.55
CA VAL A 860 -0.64 -12.69 -21.28
C VAL A 860 -0.08 -13.16 -22.62
N LEU A 861 1.21 -12.92 -22.81
CA LEU A 861 1.98 -13.48 -23.91
C LEU A 861 1.91 -15.00 -24.01
N PRO A 862 2.05 -15.52 -25.24
CA PRO A 862 2.02 -16.97 -25.42
C PRO A 862 3.41 -17.56 -25.21
N PRO A 863 3.51 -18.78 -24.70
CA PRO A 863 4.82 -19.33 -24.33
C PRO A 863 5.79 -19.29 -25.50
N LEU A 864 7.03 -18.90 -25.21
CA LEU A 864 8.04 -18.75 -26.25
C LEU A 864 8.24 -20.06 -26.99
N LEU A 865 8.39 -21.15 -26.26
CA LEU A 865 8.59 -22.47 -26.84
C LEU A 865 7.26 -23.21 -26.85
N THR A 866 6.64 -23.27 -28.02
CA THR A 866 5.39 -24.00 -28.20
C THR A 866 5.60 -25.51 -28.07
N ASP A 867 4.56 -26.17 -27.57
CA ASP A 867 4.66 -27.59 -27.24
C ASP A 867 5.31 -28.40 -28.35
N GLU A 868 5.28 -27.92 -29.58
CA GLU A 868 5.90 -28.65 -30.68
C GLU A 868 7.44 -28.70 -30.54
N MET A 869 8.12 -27.54 -30.46
CA MET A 869 9.41 -27.51 -29.75
C MET A 869 9.63 -28.34 -28.52
N ILE A 870 8.89 -28.17 -27.47
CA ILE A 870 9.32 -28.95 -26.33
C ILE A 870 9.22 -30.42 -26.66
N ALA A 871 8.29 -30.78 -27.55
CA ALA A 871 8.10 -32.17 -27.92
C ALA A 871 9.31 -32.74 -28.64
N GLN A 872 9.83 -32.08 -29.68
CA GLN A 872 10.98 -32.72 -30.36
C GLN A 872 12.33 -32.35 -29.75
N TYR A 873 12.39 -31.35 -28.87
CA TYR A 873 13.52 -31.33 -27.94
C TYR A 873 13.52 -32.57 -27.08
N THR A 874 12.36 -32.93 -26.52
CA THR A 874 12.28 -34.14 -25.71
C THR A 874 12.56 -35.39 -26.56
N SER A 875 12.13 -35.38 -27.82
CA SER A 875 12.37 -36.53 -28.68
C SER A 875 13.84 -36.71 -28.98
N ALA A 876 14.54 -35.62 -29.31
CA ALA A 876 15.99 -35.70 -29.48
C ALA A 876 16.66 -36.14 -28.19
N LEU A 877 16.22 -35.58 -27.06
CA LEU A 877 16.73 -36.01 -25.76
C LEU A 877 16.56 -37.51 -25.59
N LEU A 878 15.39 -38.04 -25.95
CA LEU A 878 15.06 -39.40 -25.55
C LEU A 878 15.77 -40.39 -26.47
N ALA A 879 15.90 -40.03 -27.76
CA ALA A 879 16.77 -40.79 -28.66
C ALA A 879 18.19 -40.84 -28.12
N GLY A 880 18.74 -39.67 -27.76
CA GLY A 880 20.08 -39.65 -27.21
C GLY A 880 20.21 -40.56 -26.01
N THR A 881 19.22 -40.52 -25.12
CA THR A 881 19.25 -41.42 -23.96
C THR A 881 19.27 -42.87 -24.39
N ILE A 882 18.32 -43.29 -25.25
CA ILE A 882 18.13 -44.73 -25.39
C ILE A 882 19.30 -45.32 -26.15
N THR A 883 19.92 -44.52 -27.03
CA THR A 883 21.09 -44.98 -27.76
C THR A 883 22.38 -44.83 -26.95
N SER A 884 22.43 -43.90 -26.00
CA SER A 884 23.66 -43.61 -25.28
C SER A 884 23.53 -43.77 -23.77
N GLY A 885 22.42 -43.35 -23.18
CA GLY A 885 22.26 -43.41 -21.74
C GLY A 885 22.94 -42.26 -21.04
N TRP A 886 24.27 -42.22 -21.09
CA TRP A 886 25.03 -41.20 -20.39
C TRP A 886 26.11 -40.53 -21.25
N THR A 887 26.38 -41.07 -22.45
CA THR A 887 27.51 -40.57 -23.24
C THR A 887 27.19 -39.22 -23.89
N PHE A 888 25.95 -39.04 -24.38
CA PHE A 888 25.60 -37.77 -25.01
C PHE A 888 25.58 -36.61 -24.06
N GLY A 889 25.36 -36.84 -22.77
CA GLY A 889 25.64 -35.80 -21.79
C GLY A 889 27.12 -35.54 -21.62
N ALA A 890 27.95 -36.53 -21.96
CA ALA A 890 29.40 -36.37 -22.00
C ALA A 890 29.92 -36.12 -23.41
N GLY A 891 29.03 -35.93 -24.37
CA GLY A 891 29.45 -35.75 -25.76
C GLY A 891 28.35 -36.10 -26.74
N ALA A 892 28.66 -36.96 -27.70
CA ALA A 892 27.70 -37.35 -28.73
C ALA A 892 26.89 -38.56 -28.28
N ALA A 893 25.71 -38.71 -28.89
CA ALA A 893 24.96 -39.95 -28.74
C ALA A 893 25.64 -41.05 -29.55
N LEU A 894 26.08 -42.10 -28.87
CA LEU A 894 26.83 -43.19 -29.46
C LEU A 894 25.97 -44.45 -29.47
N GLN A 895 25.96 -45.16 -30.59
CA GLN A 895 25.09 -46.32 -30.71
C GLN A 895 25.40 -47.35 -29.62
N ILE A 896 24.40 -48.15 -29.28
CA ILE A 896 24.50 -49.20 -28.28
C ILE A 896 23.21 -50.00 -28.39
N PRO A 897 23.24 -51.33 -28.21
CA PRO A 897 22.00 -52.11 -28.37
C PRO A 897 20.99 -51.84 -27.28
N PHE A 898 21.39 -51.13 -26.22
CA PHE A 898 20.74 -51.01 -24.93
C PHE A 898 20.76 -52.25 -24.04
N ALA A 899 21.17 -53.41 -24.53
CA ALA A 899 21.52 -54.48 -23.61
C ALA A 899 22.89 -54.26 -22.99
N MET A 900 23.89 -53.95 -23.79
CA MET A 900 25.17 -53.54 -23.22
C MET A 900 25.16 -52.19 -22.55
N GLN A 901 24.18 -51.32 -22.78
CA GLN A 901 24.30 -50.14 -21.98
C GLN A 901 23.82 -50.42 -20.54
N MET A 902 22.74 -51.19 -20.37
CA MET A 902 22.44 -51.60 -18.99
C MET A 902 23.55 -52.48 -18.45
N ALA A 903 24.29 -53.16 -19.34
CA ALA A 903 25.49 -53.84 -18.90
C ALA A 903 26.45 -52.88 -18.20
N TYR A 904 26.77 -51.77 -18.87
CA TYR A 904 27.66 -50.78 -18.27
C TYR A 904 27.04 -50.15 -17.01
N ARG A 905 25.71 -50.11 -16.95
CA ARG A 905 25.06 -49.54 -15.80
C ARG A 905 25.27 -50.46 -14.56
N PHE A 906 25.00 -51.71 -14.72
CA PHE A 906 25.28 -52.68 -13.68
C PHE A 906 26.75 -52.71 -13.31
N ASN A 907 27.63 -52.50 -14.28
CA ASN A 907 29.03 -52.29 -13.95
C ASN A 907 29.23 -51.06 -13.08
N GLY A 908 28.47 -49.99 -13.34
CA GLY A 908 28.52 -48.82 -12.49
C GLY A 908 28.11 -49.15 -11.06
N ILE A 909 27.08 -49.98 -10.90
CA ILE A 909 26.75 -50.47 -9.57
C ILE A 909 27.67 -51.61 -9.15
N GLY A 910 28.38 -52.21 -10.10
CA GLY A 910 29.29 -53.29 -9.82
C GLY A 910 28.72 -54.68 -10.03
N VAL A 911 27.82 -54.85 -11.00
CA VAL A 911 27.13 -56.11 -11.22
C VAL A 911 27.21 -56.45 -12.70
N THR A 912 27.04 -57.73 -13.01
CA THR A 912 27.36 -58.25 -14.32
C THR A 912 26.36 -57.77 -15.37
N GLN A 913 26.62 -58.15 -16.62
CA GLN A 913 25.62 -58.04 -17.67
C GLN A 913 24.71 -59.26 -17.66
N ASN A 914 25.29 -60.43 -17.40
CA ASN A 914 24.55 -61.68 -17.51
C ASN A 914 23.28 -61.69 -16.68
N VAL A 915 23.23 -61.02 -15.53
CA VAL A 915 21.96 -60.96 -14.81
C VAL A 915 20.85 -60.39 -15.69
N LEU A 916 21.11 -59.30 -16.40
CA LEU A 916 20.08 -58.82 -17.32
C LEU A 916 19.89 -59.81 -18.46
N TYR A 917 20.98 -60.22 -19.11
CA TYR A 917 20.88 -61.23 -20.17
C TYR A 917 20.29 -62.57 -19.74
N GLU A 918 20.29 -62.88 -18.46
CA GLU A 918 19.70 -64.12 -17.99
C GLU A 918 18.18 -64.05 -17.95
N ASN A 919 17.63 -62.87 -17.70
CA ASN A 919 16.18 -62.69 -17.65
C ASN A 919 15.73 -61.53 -18.53
N GLN A 920 16.57 -61.07 -19.46
CA GLN A 920 16.39 -59.75 -20.07
C GLN A 920 14.99 -59.76 -20.70
N LYS A 921 14.48 -60.96 -21.00
CA LYS A 921 13.11 -61.09 -21.51
C LYS A 921 12.08 -60.85 -20.40
N LEU A 922 12.15 -61.56 -19.27
CA LEU A 922 11.56 -60.95 -18.08
C LEU A 922 11.70 -59.49 -17.75
N ILE A 923 12.86 -59.09 -17.54
CA ILE A 923 13.14 -57.69 -17.38
C ILE A 923 12.55 -56.73 -18.36
N ALA A 924 12.49 -57.06 -19.64
CA ALA A 924 11.65 -56.28 -20.53
C ALA A 924 10.17 -56.41 -20.18
N ASN A 925 9.73 -57.61 -19.77
CA ASN A 925 8.31 -57.85 -19.45
C ASN A 925 7.82 -56.95 -18.32
N GLN A 926 8.49 -57.00 -17.20
CA GLN A 926 8.34 -56.00 -16.15
C GLN A 926 8.63 -54.55 -16.52
N PHE A 927 9.51 -54.27 -17.48
CA PHE A 927 9.67 -52.87 -17.84
C PHE A 927 8.36 -52.36 -18.45
N ASN A 928 7.82 -53.10 -19.43
CA ASN A 928 6.64 -52.63 -20.15
C ASN A 928 5.36 -52.83 -19.36
N SER A 929 5.32 -53.82 -18.46
CA SER A 929 4.19 -53.88 -17.54
C SER A 929 4.15 -52.65 -16.67
N ALA A 930 5.31 -52.18 -16.21
CA ALA A 930 5.35 -50.97 -15.40
C ALA A 930 4.93 -49.75 -16.20
N ILE A 931 5.41 -49.63 -17.45
CA ILE A 931 4.88 -48.56 -18.31
C ILE A 931 3.38 -48.62 -18.49
N GLY A 932 2.83 -49.81 -18.73
CA GLY A 932 1.38 -49.91 -18.79
C GLY A 932 0.74 -49.56 -17.46
N LYS A 933 1.48 -49.73 -16.38
CA LYS A 933 0.85 -49.57 -15.09
C LYS A 933 0.77 -48.01 -14.88
N ILE A 934 1.85 -47.27 -15.26
CA ILE A 934 1.84 -45.78 -15.24
C ILE A 934 0.77 -45.26 -16.20
N GLN A 935 0.69 -45.84 -17.39
CA GLN A 935 -0.48 -45.66 -18.25
C GLN A 935 -1.78 -45.64 -17.46
N ASP A 936 -2.12 -46.79 -16.87
CA ASP A 936 -3.47 -46.98 -16.35
C ASP A 936 -3.71 -46.10 -15.13
N SER A 937 -2.67 -45.90 -14.31
CA SER A 937 -2.79 -45.00 -13.17
C SER A 937 -3.04 -43.57 -13.62
N LEU A 938 -2.21 -43.06 -14.53
CA LEU A 938 -2.24 -41.67 -14.98
C LEU A 938 -3.50 -41.34 -15.76
N SER A 939 -4.06 -42.30 -16.49
CA SER A 939 -5.40 -42.09 -17.06
C SER A 939 -6.46 -42.05 -15.97
N SER A 940 -6.21 -42.72 -14.85
CA SER A 940 -7.15 -42.80 -13.74
C SER A 940 -6.75 -41.90 -12.57
N THR A 941 -5.46 -41.62 -12.42
CA THR A 941 -4.97 -41.01 -11.20
C THR A 941 -5.37 -39.54 -11.13
N PRO A 942 -5.86 -39.13 -9.96
CA PRO A 942 -6.15 -37.75 -9.65
C PRO A 942 -5.21 -37.27 -8.55
N SER A 943 -5.03 -35.95 -8.47
CA SER A 943 -4.19 -35.33 -7.45
C SER A 943 -2.71 -35.65 -7.68
N ALA A 944 -2.38 -36.30 -8.80
CA ALA A 944 -0.98 -36.58 -9.12
C ALA A 944 -0.21 -35.34 -9.56
N LEU A 945 -0.84 -34.48 -10.35
CA LEU A 945 -0.16 -33.34 -10.97
C LEU A 945 -0.41 -32.06 -10.18
N GLY A 946 -1.18 -32.16 -9.09
CA GLY A 946 -2.04 -31.06 -8.60
C GLY A 946 -1.49 -29.62 -8.37
N LYS A 947 -0.26 -29.58 -8.32
CA LYS A 947 0.79 -28.68 -8.11
C LYS A 947 1.08 -27.61 -9.19
N LEU A 948 0.87 -27.96 -10.50
CA LEU A 948 1.00 -27.13 -11.66
C LEU A 948 -0.44 -26.56 -11.75
N GLN A 949 -1.49 -27.40 -11.38
CA GLN A 949 -2.84 -26.86 -11.36
C GLN A 949 -2.95 -25.82 -10.27
N ASP A 950 -2.30 -26.05 -9.14
CA ASP A 950 -2.23 -25.05 -8.10
C ASP A 950 -1.56 -23.80 -8.61
N VAL A 951 -0.45 -23.94 -9.33
CA VAL A 951 0.31 -22.77 -9.77
C VAL A 951 -0.50 -21.90 -10.72
N VAL A 952 -1.20 -22.52 -11.68
CA VAL A 952 -2.18 -21.75 -12.49
C VAL A 952 -3.36 -21.21 -11.67
N ASN A 953 -3.93 -22.00 -10.76
CA ASN A 953 -4.92 -21.37 -9.89
C ASN A 953 -4.31 -20.21 -9.15
N GLN A 954 -3.03 -20.27 -8.94
CA GLN A 954 -2.39 -19.40 -8.01
C GLN A 954 -1.99 -18.04 -8.60
N ASN A 955 -1.41 -18.06 -9.80
CA ASN A 955 -1.37 -16.88 -10.65
C ASN A 955 -2.76 -16.31 -10.91
N ALA A 956 -3.75 -17.19 -11.14
CA ALA A 956 -5.08 -16.72 -11.48
C ALA A 956 -5.73 -15.95 -10.33
N GLN A 957 -5.66 -16.49 -9.11
CA GLN A 957 -5.99 -15.65 -7.95
C GLN A 957 -5.25 -14.35 -7.92
N ALA A 958 -3.95 -14.38 -8.18
CA ALA A 958 -3.21 -13.13 -8.15
C ALA A 958 -3.87 -12.08 -9.05
N LEU A 959 -4.13 -12.42 -10.31
CA LEU A 959 -4.58 -11.33 -11.19
C LEU A 959 -6.05 -11.04 -10.94
N ASN A 960 -6.84 -12.04 -10.54
CA ASN A 960 -8.24 -11.77 -10.23
C ASN A 960 -8.35 -10.81 -9.06
N THR A 961 -7.52 -10.98 -8.03
CA THR A 961 -7.44 -9.99 -6.98
C THR A 961 -6.98 -8.65 -7.52
N LEU A 962 -6.04 -8.65 -8.46
CA LEU A 962 -5.59 -7.37 -9.02
C LEU A 962 -6.74 -6.62 -9.69
N VAL A 963 -7.52 -7.33 -10.51
CA VAL A 963 -8.73 -6.75 -11.09
C VAL A 963 -9.67 -6.24 -10.01
N LYS A 964 -9.99 -7.10 -9.06
CA LYS A 964 -11.01 -6.74 -8.09
C LYS A 964 -10.50 -5.64 -7.18
N GLN A 965 -9.19 -5.40 -7.19
CA GLN A 965 -8.66 -4.11 -6.74
C GLN A 965 -9.03 -2.98 -7.68
N LEU A 966 -8.79 -3.13 -9.00
CA LEU A 966 -8.94 -1.92 -9.81
C LEU A 966 -10.38 -1.41 -9.74
N SER A 967 -11.32 -2.27 -9.40
CA SER A 967 -12.69 -1.85 -9.13
C SER A 967 -12.91 -1.64 -7.64
N SER A 968 -11.88 -1.20 -6.94
CA SER A 968 -11.92 -1.02 -5.49
C SER A 968 -11.47 0.38 -5.11
N ASN A 969 -12.05 0.89 -4.02
CA ASN A 969 -11.81 2.27 -3.60
C ASN A 969 -10.37 2.51 -3.17
N PHE A 970 -9.79 1.58 -2.41
CA PHE A 970 -8.52 1.81 -1.70
C PHE A 970 -8.64 2.93 -0.69
N GLY A 971 -9.82 3.12 -0.12
CA GLY A 971 -10.08 4.23 0.76
C GLY A 971 -10.62 5.45 0.05
N ALA A 972 -10.88 5.36 -1.25
CA ALA A 972 -11.45 6.45 -2.02
C ALA A 972 -12.96 6.45 -1.90
N ILE A 973 -13.63 7.46 -2.49
CA ILE A 973 -15.07 7.56 -2.29
C ILE A 973 -15.77 6.57 -3.19
N SER A 974 -15.24 6.38 -4.40
CA SER A 974 -15.76 5.48 -5.41
C SER A 974 -14.61 4.63 -5.93
N SER A 975 -14.95 3.63 -6.73
CA SER A 975 -13.94 2.88 -7.46
C SER A 975 -13.72 3.41 -8.86
N VAL A 976 -14.50 4.40 -9.29
CA VAL A 976 -14.48 4.92 -10.65
C VAL A 976 -14.21 6.41 -10.62
N LEU A 977 -13.16 6.82 -11.33
CA LEU A 977 -12.82 8.23 -11.43
C LEU A 977 -13.66 8.92 -12.50
N ASN A 978 -14.18 8.15 -13.46
CA ASN A 978 -14.94 8.75 -14.56
C ASN A 978 -16.17 9.49 -14.06
N ASP A 979 -16.92 8.90 -13.12
CA ASP A 979 -18.06 9.60 -12.53
C ASP A 979 -17.60 10.85 -11.79
N ILE A 980 -16.53 10.75 -11.00
CA ILE A 980 -15.91 11.97 -10.47
C ILE A 980 -15.75 13.03 -11.55
N LEU A 981 -15.06 12.69 -12.64
CA LEU A 981 -14.76 13.69 -13.65
C LEU A 981 -16.02 14.31 -14.20
N SER A 982 -16.98 13.47 -14.59
CA SER A 982 -18.24 13.97 -15.09
C SER A 982 -19.04 14.76 -14.04
N ARG A 983 -18.81 14.57 -12.73
CA ARG A 983 -19.43 15.47 -11.58
C ARG A 983 -18.73 16.16 -10.68
N LEU A 984 -17.45 16.13 -10.69
CA LEU A 984 -16.74 17.02 -9.77
C LEU A 984 -15.70 17.88 -10.49
N ASP A 985 -15.09 18.81 -9.73
CA ASP A 985 -14.12 19.86 -10.03
C ASP A 985 -12.70 19.32 -10.03
N PRO A 986 -11.74 20.08 -10.57
CA PRO A 986 -10.36 19.60 -10.66
C PRO A 986 -9.76 19.29 -9.30
N PRO A 987 -9.79 20.21 -8.34
CA PRO A 987 -9.04 19.97 -7.09
C PRO A 987 -9.52 18.76 -6.29
N GLU A 988 -10.80 18.69 -5.94
CA GLU A 988 -11.26 17.54 -5.16
C GLU A 988 -11.15 16.25 -5.96
N ALA A 989 -11.49 16.29 -7.25
CA ALA A 989 -11.36 15.10 -8.07
C ALA A 989 -9.92 14.61 -8.09
N GLU A 990 -8.96 15.53 -8.15
CA GLU A 990 -7.57 15.13 -8.28
C GLU A 990 -7.00 14.64 -6.96
N VAL A 991 -7.46 15.18 -5.82
CA VAL A 991 -7.04 14.60 -4.53
C VAL A 991 -7.61 13.20 -4.36
N GLN A 992 -8.89 13.02 -4.72
CA GLN A 992 -9.47 11.68 -4.65
C GLN A 992 -8.71 10.74 -5.57
N ILE A 993 -8.33 11.23 -6.76
CA ILE A 993 -7.51 10.42 -7.66
C ILE A 993 -6.13 10.18 -7.07
N ASP A 994 -5.62 11.10 -6.26
CA ASP A 994 -4.30 10.90 -5.66
C ASP A 994 -4.32 9.70 -4.72
N ARG A 995 -5.29 9.67 -3.83
CA ARG A 995 -5.49 8.51 -2.98
C ARG A 995 -5.86 7.26 -3.81
N LEU A 996 -6.63 7.43 -4.91
CA LEU A 996 -6.98 6.27 -5.74
C LEU A 996 -5.71 5.68 -6.37
N ILE A 997 -4.81 6.56 -6.81
CA ILE A 997 -3.65 6.18 -7.61
C ILE A 997 -2.58 5.62 -6.69
N THR A 998 -2.51 6.12 -5.45
CA THR A 998 -1.64 5.53 -4.44
C THR A 998 -2.05 4.09 -4.16
N GLY A 999 -3.37 3.88 -4.01
CA GLY A 999 -3.84 2.52 -3.80
C GLY A 999 -3.46 1.59 -4.93
N ARG A 1000 -3.67 2.01 -6.18
CA ARG A 1000 -3.26 1.14 -7.28
C ARG A 1000 -1.74 1.00 -7.39
N LEU A 1001 -0.96 2.03 -7.01
CA LEU A 1001 0.49 1.86 -7.09
C LEU A 1001 1.00 0.84 -6.08
N GLN A 1002 0.49 0.83 -4.85
CA GLN A 1002 0.70 -0.48 -4.15
C GLN A 1002 0.18 -1.67 -4.90
N SER A 1003 -1.08 -1.72 -5.18
CA SER A 1003 -1.59 -3.00 -5.62
C SER A 1003 -0.73 -3.60 -6.73
N LEU A 1004 -0.31 -2.76 -7.69
CA LEU A 1004 0.69 -3.19 -8.66
C LEU A 1004 2.02 -3.60 -8.07
N GLN A 1005 2.67 -2.80 -7.24
CA GLN A 1005 4.03 -3.24 -7.00
C GLN A 1005 3.96 -4.42 -6.01
N THR A 1006 2.89 -4.51 -5.20
CA THR A 1006 2.65 -5.71 -4.41
C THR A 1006 2.52 -6.93 -5.32
N TYR A 1007 1.72 -6.82 -6.39
CA TYR A 1007 1.57 -7.92 -7.33
C TYR A 1007 2.91 -8.31 -7.93
N VAL A 1008 3.72 -7.31 -8.27
CA VAL A 1008 5.05 -7.58 -8.84
C VAL A 1008 5.92 -8.31 -7.82
N THR A 1009 5.88 -7.85 -6.56
CA THR A 1009 6.60 -8.57 -5.51
C THR A 1009 6.08 -10.00 -5.38
N GLN A 1010 4.75 -10.18 -5.40
CA GLN A 1010 4.19 -11.53 -5.37
C GLN A 1010 4.83 -12.37 -6.46
N GLN A 1011 4.80 -11.84 -7.68
CA GLN A 1011 5.20 -12.60 -8.85
C GLN A 1011 6.68 -12.95 -8.80
N LEU A 1012 7.54 -12.07 -8.27
CA LEU A 1012 8.97 -12.36 -8.31
C LEU A 1012 9.47 -13.15 -7.11
N ILE A 1013 8.67 -13.25 -6.05
CA ILE A 1013 8.85 -14.37 -5.14
C ILE A 1013 8.30 -15.73 -5.66
N ARG A 1014 7.24 -15.74 -6.47
CA ARG A 1014 6.89 -16.97 -7.27
C ARG A 1014 8.08 -17.30 -8.14
N ALA A 1015 8.55 -16.34 -8.88
CA ALA A 1015 9.60 -16.60 -9.86
C ALA A 1015 10.90 -17.03 -9.19
N ALA A 1016 11.16 -16.58 -7.97
CA ALA A 1016 12.31 -17.10 -7.26
C ALA A 1016 12.11 -18.58 -6.91
N GLU A 1017 10.92 -18.94 -6.45
CA GLU A 1017 10.68 -20.36 -6.16
C GLU A 1017 10.80 -21.19 -7.43
N ILE A 1018 10.21 -20.71 -8.53
CA ILE A 1018 10.45 -21.30 -9.86
C ILE A 1018 11.90 -21.39 -10.25
N ARG A 1019 12.71 -20.37 -9.98
CA ARG A 1019 14.05 -20.44 -10.53
C ARG A 1019 14.83 -21.48 -9.75
N ALA A 1020 14.60 -21.56 -8.43
CA ALA A 1020 15.19 -22.63 -7.64
C ALA A 1020 14.75 -24.00 -8.16
N SER A 1021 13.45 -24.20 -8.35
CA SER A 1021 12.96 -25.49 -8.84
C SER A 1021 13.52 -25.79 -10.22
N ALA A 1022 13.79 -24.75 -11.01
CA ALA A 1022 14.30 -24.97 -12.36
C ALA A 1022 15.77 -25.39 -12.33
N ASN A 1023 16.57 -24.77 -11.47
CA ASN A 1023 17.93 -25.29 -11.32
C ASN A 1023 17.88 -26.74 -10.87
N LEU A 1024 16.95 -27.05 -9.97
CA LEU A 1024 16.90 -28.39 -9.41
C LEU A 1024 16.50 -29.37 -10.52
N ALA A 1025 15.55 -28.98 -11.38
CA ALA A 1025 15.11 -29.86 -12.47
C ALA A 1025 16.20 -30.04 -13.53
N ALA A 1026 16.94 -28.97 -13.84
CA ALA A 1026 18.04 -29.09 -14.77
C ALA A 1026 19.10 -30.06 -14.22
N THR A 1027 19.41 -29.95 -12.93
CA THR A 1027 20.33 -30.90 -12.32
C THR A 1027 19.75 -32.31 -12.35
N LYS A 1028 18.43 -32.41 -12.10
CA LYS A 1028 17.78 -33.71 -12.12
C LYS A 1028 17.95 -34.38 -13.46
N MET A 1029 17.74 -33.65 -14.55
CA MET A 1029 17.89 -34.28 -15.85
C MET A 1029 19.36 -34.56 -16.13
N SER A 1030 20.25 -33.63 -15.76
CA SER A 1030 21.67 -33.86 -15.99
C SER A 1030 22.11 -35.17 -15.38
N GLU A 1031 21.60 -35.49 -14.19
CA GLU A 1031 22.11 -36.63 -13.43
C GLU A 1031 21.31 -37.91 -13.64
N CYS A 1032 20.02 -37.82 -13.94
CA CYS A 1032 19.20 -39.01 -14.08
C CYS A 1032 18.96 -39.35 -15.55
N VAL A 1033 18.72 -38.34 -16.38
CA VAL A 1033 18.47 -38.57 -17.79
C VAL A 1033 19.76 -38.62 -18.58
N LEU A 1034 20.66 -37.65 -18.36
CA LEU A 1034 21.88 -37.58 -19.14
C LEU A 1034 23.02 -38.37 -18.50
N GLY A 1035 22.76 -39.05 -17.39
CA GLY A 1035 23.79 -39.85 -16.74
C GLY A 1035 23.18 -40.80 -15.74
N GLN A 1036 24.04 -41.63 -15.15
CA GLN A 1036 23.64 -42.55 -14.10
C GLN A 1036 24.16 -42.00 -12.77
N SER A 1037 23.26 -41.78 -11.82
CA SER A 1037 23.56 -41.11 -10.57
C SER A 1037 23.51 -42.13 -9.43
N LYS A 1038 24.52 -42.09 -8.58
CA LYS A 1038 24.46 -42.69 -7.25
C LYS A 1038 23.73 -41.93 -6.19
N ARG A 1039 23.32 -40.72 -6.45
CA ARG A 1039 22.61 -39.95 -5.44
C ARG A 1039 21.37 -40.71 -5.00
N VAL A 1040 21.14 -40.75 -3.69
CA VAL A 1040 20.03 -41.50 -3.13
C VAL A 1040 18.76 -40.68 -3.23
N ASP A 1041 17.76 -41.21 -3.92
CA ASP A 1041 16.44 -40.59 -4.01
C ASP A 1041 16.46 -39.27 -4.77
N PHE A 1042 17.63 -38.87 -5.27
CA PHE A 1042 17.67 -37.74 -6.19
C PHE A 1042 17.09 -38.05 -7.56
N CYS A 1043 17.05 -39.29 -7.94
CA CYS A 1043 16.31 -39.73 -9.10
C CYS A 1043 15.23 -40.70 -8.68
N GLY A 1044 14.45 -40.34 -7.67
CA GLY A 1044 13.41 -41.21 -7.18
C GLY A 1044 13.98 -42.28 -6.27
N LYS A 1045 13.09 -42.90 -5.49
CA LYS A 1045 13.55 -43.78 -4.43
C LYS A 1045 13.65 -45.21 -4.94
N GLY A 1046 14.72 -45.89 -4.54
CA GLY A 1046 15.09 -47.18 -5.06
C GLY A 1046 16.46 -47.14 -5.72
N TYR A 1047 16.94 -48.33 -6.07
CA TYR A 1047 18.22 -48.44 -6.76
C TYR A 1047 18.08 -47.84 -8.17
N HIS A 1048 18.92 -46.86 -8.47
CA HIS A 1048 18.77 -46.11 -9.71
C HIS A 1048 18.96 -47.01 -10.93
N LEU A 1049 18.02 -46.93 -11.85
CA LEU A 1049 18.24 -47.33 -13.24
C LEU A 1049 18.33 -46.19 -14.22
N MET A 1050 17.28 -45.41 -14.33
CA MET A 1050 16.94 -44.63 -15.48
C MET A 1050 15.74 -43.69 -15.31
N SER A 1051 15.66 -42.68 -16.21
CA SER A 1051 14.60 -41.67 -16.15
C SER A 1051 14.28 -41.16 -17.55
N PHE A 1052 12.99 -41.18 -17.89
CA PHE A 1052 12.49 -40.66 -19.17
C PHE A 1052 11.77 -39.33 -18.97
N PRO A 1053 12.30 -38.23 -19.48
CA PRO A 1053 11.61 -36.94 -19.36
C PRO A 1053 10.36 -36.92 -20.22
N GLN A 1054 9.40 -36.08 -19.83
CA GLN A 1054 8.14 -36.09 -20.55
C GLN A 1054 7.44 -34.75 -20.28
N SER A 1055 7.26 -33.98 -21.34
CA SER A 1055 7.00 -32.55 -21.18
C SER A 1055 5.55 -32.33 -20.73
N ALA A 1056 5.26 -31.10 -20.31
CA ALA A 1056 3.92 -30.69 -19.88
C ALA A 1056 3.61 -29.36 -20.55
N PRO A 1057 2.35 -28.90 -20.51
CA PRO A 1057 2.07 -27.58 -21.09
C PRO A 1057 2.96 -26.49 -20.52
N HIS A 1058 3.28 -26.59 -19.22
CA HIS A 1058 4.05 -25.53 -18.57
C HIS A 1058 5.14 -26.17 -17.74
N GLY A 1059 5.47 -27.43 -18.05
CA GLY A 1059 6.35 -28.22 -17.21
C GLY A 1059 6.89 -29.42 -17.98
N VAL A 1060 7.67 -30.23 -17.27
CA VAL A 1060 8.18 -31.49 -17.80
C VAL A 1060 8.29 -32.44 -16.63
N VAL A 1061 8.05 -33.72 -16.90
CA VAL A 1061 8.11 -34.76 -15.89
C VAL A 1061 9.05 -35.85 -16.35
N PHE A 1062 9.85 -36.35 -15.42
CA PHE A 1062 10.78 -37.44 -15.67
C PHE A 1062 10.15 -38.74 -15.15
N LEU A 1063 10.10 -39.75 -16.02
CA LEU A 1063 9.57 -41.06 -15.67
C LEU A 1063 10.72 -41.91 -15.16
N HIS A 1064 10.90 -41.95 -13.85
CA HIS A 1064 12.15 -42.43 -13.27
C HIS A 1064 12.07 -43.95 -13.18
N VAL A 1065 13.10 -44.63 -13.66
CA VAL A 1065 13.12 -46.09 -13.68
C VAL A 1065 14.14 -46.48 -12.61
N THR A 1066 13.73 -47.32 -11.66
CA THR A 1066 14.60 -47.66 -10.54
C THR A 1066 14.37 -49.11 -10.13
N TYR A 1067 15.44 -49.71 -9.58
CA TYR A 1067 15.54 -51.14 -9.32
C TYR A 1067 15.18 -51.42 -7.87
N VAL A 1068 14.33 -52.44 -7.67
CA VAL A 1068 13.98 -52.96 -6.35
C VAL A 1068 14.32 -54.44 -6.30
N PRO A 1069 15.32 -54.83 -5.51
CA PRO A 1069 15.55 -56.25 -5.26
C PRO A 1069 14.43 -56.86 -4.44
N ALA A 1070 14.34 -58.20 -4.50
CA ALA A 1070 13.24 -58.92 -3.85
C ALA A 1070 13.64 -60.36 -3.56
N GLN A 1071 12.82 -61.03 -2.70
CA GLN A 1071 13.20 -62.34 -2.11
C GLN A 1071 14.48 -62.34 -1.34
N GLU A 1072 14.54 -61.52 -0.29
CA GLU A 1072 15.64 -61.63 0.66
C GLU A 1072 15.63 -63.00 1.31
N LYS A 1073 16.81 -63.50 1.82
CA LYS A 1073 16.57 -64.84 2.26
C LYS A 1073 17.86 -64.93 3.16
N ASN A 1074 17.76 -65.37 4.41
CA ASN A 1074 18.83 -65.21 5.40
C ASN A 1074 19.78 -66.41 5.45
N PHE A 1075 21.07 -66.08 5.40
CA PHE A 1075 22.24 -66.97 5.49
C PHE A 1075 23.22 -66.37 6.50
N THR A 1076 24.35 -67.06 6.75
CA THR A 1076 25.33 -66.53 7.71
C THR A 1076 26.56 -66.17 6.89
N THR A 1077 27.29 -65.13 7.30
CA THR A 1077 28.47 -64.67 6.58
C THR A 1077 29.74 -64.98 7.37
N ALA A 1078 30.88 -64.74 6.70
CA ALA A 1078 32.20 -64.84 7.32
C ALA A 1078 33.16 -63.90 6.58
N PRO A 1079 33.82 -62.98 7.27
CA PRO A 1079 34.71 -62.05 6.57
C PRO A 1079 35.80 -62.73 5.76
N ALA A 1080 36.37 -63.80 6.30
CA ALA A 1080 37.39 -64.60 5.64
C ALA A 1080 37.33 -65.98 6.28
N ILE A 1081 38.34 -66.82 6.04
CA ILE A 1081 38.32 -68.19 6.56
C ILE A 1081 39.77 -68.57 6.90
N CYS A 1082 39.96 -69.23 8.04
CA CYS A 1082 41.30 -69.70 8.44
C CYS A 1082 41.75 -70.85 7.55
N HIS A 1083 42.73 -70.59 6.65
CA HIS A 1083 43.16 -71.68 5.79
C HIS A 1083 44.64 -71.41 5.45
N ASP A 1084 45.47 -72.46 5.41
CA ASP A 1084 46.95 -72.41 5.37
C ASP A 1084 47.52 -71.58 6.51
N GLY A 1085 46.73 -71.37 7.57
CA GLY A 1085 47.12 -70.43 8.61
C GLY A 1085 47.10 -68.95 8.22
N LYS A 1086 46.11 -68.53 7.49
CA LYS A 1086 45.85 -67.38 6.58
C LYS A 1086 44.39 -67.04 6.66
N ALA A 1087 44.09 -65.76 6.61
CA ALA A 1087 42.72 -65.35 6.37
C ALA A 1087 42.63 -64.81 4.95
N HIS A 1088 41.97 -65.56 4.08
CA HIS A 1088 41.85 -65.22 2.68
C HIS A 1088 40.59 -64.41 2.47
N PHE A 1089 40.79 -63.18 2.00
CA PHE A 1089 39.71 -62.24 2.14
C PHE A 1089 39.08 -62.04 0.78
N PRO A 1090 37.81 -61.63 0.68
CA PRO A 1090 37.21 -61.49 -0.67
C PRO A 1090 37.84 -60.34 -1.45
N ARG A 1091 38.37 -60.67 -2.63
CA ARG A 1091 38.84 -59.61 -3.54
C ARG A 1091 37.70 -58.69 -3.94
N GLU A 1092 36.60 -59.26 -4.43
CA GLU A 1092 35.33 -58.54 -4.54
C GLU A 1092 34.19 -59.54 -4.44
N GLY A 1093 33.69 -59.74 -3.22
CA GLY A 1093 32.63 -60.70 -2.98
C GLY A 1093 32.44 -60.94 -1.50
N VAL A 1094 31.57 -61.89 -1.18
CA VAL A 1094 31.23 -62.23 0.19
C VAL A 1094 31.10 -63.74 0.29
N PHE A 1095 31.37 -64.29 1.47
CA PHE A 1095 31.20 -65.71 1.69
C PHE A 1095 30.01 -65.97 2.60
N VAL A 1096 29.08 -66.79 2.09
CA VAL A 1096 27.87 -67.17 2.81
C VAL A 1096 27.87 -68.69 2.88
N SER A 1097 27.16 -69.23 3.88
CA SER A 1097 26.85 -70.65 3.92
C SER A 1097 25.36 -70.84 3.90
N ASN A 1098 24.91 -71.83 3.13
CA ASN A 1098 23.48 -72.14 3.13
C ASN A 1098 23.07 -72.79 4.45
N GLY A 1099 23.61 -73.97 4.77
CA GLY A 1099 23.67 -74.53 6.11
C GLY A 1099 25.01 -75.12 6.50
N THR A 1100 25.81 -75.54 5.50
CA THR A 1100 26.90 -76.48 5.75
C THR A 1100 28.21 -76.13 5.02
N HIS A 1101 28.12 -75.34 4.01
CA HIS A 1101 29.06 -74.88 2.97
C HIS A 1101 28.69 -73.63 2.18
N TRP A 1102 29.69 -73.19 1.39
CA TRP A 1102 30.28 -71.85 1.55
C TRP A 1102 30.47 -71.31 0.13
N PHE A 1103 29.55 -70.47 -0.29
CA PHE A 1103 29.50 -70.03 -1.67
C PHE A 1103 29.83 -68.54 -1.71
N VAL A 1104 30.35 -68.09 -2.85
CA VAL A 1104 30.68 -66.69 -3.04
C VAL A 1104 29.64 -66.09 -3.98
N THR A 1105 28.76 -65.28 -3.41
CA THR A 1105 27.79 -64.49 -4.16
C THR A 1105 28.19 -63.02 -4.02
N GLN A 1106 27.50 -62.14 -4.73
CA GLN A 1106 27.78 -60.72 -4.55
C GLN A 1106 26.84 -60.10 -3.52
N ARG A 1107 27.08 -58.83 -3.22
CA ARG A 1107 26.60 -58.26 -1.98
C ARG A 1107 25.10 -58.03 -2.00
N ASN A 1108 24.54 -57.75 -3.18
CA ASN A 1108 23.19 -57.20 -3.30
C ASN A 1108 22.28 -58.01 -4.24
N PHE A 1109 22.66 -59.25 -4.55
CA PHE A 1109 21.84 -60.29 -5.18
C PHE A 1109 22.31 -61.57 -4.57
N TYR A 1110 21.52 -62.60 -4.74
CA TYR A 1110 22.07 -63.93 -4.60
C TYR A 1110 22.61 -64.32 -5.99
N GLU A 1111 23.88 -63.99 -6.31
CA GLU A 1111 24.56 -64.49 -7.51
C GLU A 1111 25.76 -65.35 -7.12
N PRO A 1112 25.54 -66.62 -6.79
CA PRO A 1112 26.64 -67.42 -6.20
C PRO A 1112 27.58 -68.02 -7.26
N GLN A 1113 28.86 -68.04 -6.97
CA GLN A 1113 29.80 -69.18 -7.37
C GLN A 1113 30.61 -69.63 -6.25
N ILE A 1114 31.61 -70.47 -6.54
CA ILE A 1114 31.95 -71.43 -5.49
C ILE A 1114 33.13 -70.66 -4.90
N ILE A 1115 33.38 -70.78 -3.61
CA ILE A 1115 34.52 -70.04 -3.05
C ILE A 1115 35.82 -70.70 -3.49
N THR A 1116 36.69 -69.94 -4.11
CA THR A 1116 37.87 -70.46 -4.78
C THR A 1116 39.04 -69.51 -4.52
N THR A 1117 40.25 -69.99 -4.80
CA THR A 1117 41.43 -69.17 -4.59
C THR A 1117 41.51 -68.00 -5.58
N ASP A 1118 40.93 -68.15 -6.76
CA ASP A 1118 41.03 -67.18 -7.83
C ASP A 1118 40.01 -66.04 -7.71
N ASN A 1119 39.11 -66.12 -6.74
CA ASN A 1119 38.06 -65.13 -6.52
C ASN A 1119 38.03 -64.64 -5.08
N THR A 1120 39.17 -64.73 -4.37
CA THR A 1120 39.35 -64.14 -3.05
C THR A 1120 40.85 -63.97 -2.81
N PHE A 1121 41.22 -62.95 -2.02
CA PHE A 1121 42.61 -62.58 -1.82
C PHE A 1121 43.03 -62.73 -0.35
N VAL A 1122 44.24 -63.22 -0.15
CA VAL A 1122 45.01 -63.20 1.09
C VAL A 1122 45.83 -61.95 1.41
N SER A 1123 45.65 -61.51 2.67
CA SER A 1123 46.48 -60.49 3.30
C SER A 1123 46.66 -60.86 4.78
N GLY A 1124 47.71 -61.62 5.10
CA GLY A 1124 48.04 -61.90 6.48
C GLY A 1124 47.44 -63.21 6.97
N ASN A 1125 47.63 -63.45 8.27
CA ASN A 1125 47.14 -64.66 8.93
C ASN A 1125 45.68 -64.48 9.34
N CYS A 1126 45.18 -65.41 10.16
CA CYS A 1126 43.84 -65.37 10.70
C CYS A 1126 43.81 -65.32 12.23
N ASP A 1127 44.89 -64.84 12.85
CA ASP A 1127 45.01 -64.89 14.30
C ASP A 1127 44.56 -63.61 14.98
N VAL A 1128 43.94 -62.67 14.25
CA VAL A 1128 43.44 -61.47 14.90
C VAL A 1128 41.93 -61.33 14.69
N VAL A 1129 41.41 -61.75 13.54
CA VAL A 1129 40.02 -61.43 13.21
C VAL A 1129 39.09 -61.95 14.18
N ILE A 1130 37.98 -61.25 14.32
CA ILE A 1130 36.79 -61.75 14.97
C ILE A 1130 35.75 -62.16 13.94
N GLY A 1131 35.31 -63.42 14.02
CA GLY A 1131 34.29 -63.93 13.11
C GLY A 1131 34.81 -64.80 11.98
N ILE A 1132 36.11 -65.03 11.92
CA ILE A 1132 36.68 -65.97 10.95
C ILE A 1132 36.45 -67.41 11.39
N VAL A 1133 36.48 -68.32 10.39
CA VAL A 1133 36.21 -69.73 10.62
C VAL A 1133 37.28 -70.52 9.82
N ASN A 1134 37.51 -71.77 10.24
CA ASN A 1134 38.37 -72.69 9.49
C ASN A 1134 37.57 -73.33 8.35
N ASN A 1135 38.18 -73.39 7.16
CA ASN A 1135 37.63 -74.13 6.03
C ASN A 1135 38.61 -73.92 4.87
N THR A 1136 38.40 -74.70 3.80
CA THR A 1136 39.27 -74.67 2.64
C THR A 1136 38.81 -73.67 1.58
N VAL A 1137 39.78 -73.30 0.73
CA VAL A 1137 39.61 -72.46 -0.45
C VAL A 1137 40.11 -73.27 -1.63
N TYR A 1138 39.24 -73.49 -2.62
CA TYR A 1138 39.60 -74.39 -3.71
C TYR A 1138 40.63 -73.68 -4.57
N ASP A 1139 41.56 -74.45 -5.13
CA ASP A 1139 42.60 -73.88 -5.98
C ASP A 1139 42.84 -74.75 -7.21
N PRO A 1140 42.44 -74.30 -8.43
CA PRO A 1140 42.46 -75.14 -9.63
C PRO A 1140 43.86 -75.35 -10.21
N LEU A 1141 44.78 -75.83 -9.39
CA LEU A 1141 46.20 -75.74 -9.72
C LEU A 1141 46.95 -77.06 -9.62
N GLN A 1142 46.54 -77.97 -8.74
CA GLN A 1142 47.00 -79.35 -8.85
C GLN A 1142 46.53 -80.01 -10.15
N PRO A 1143 45.27 -79.89 -10.57
CA PRO A 1143 44.83 -80.66 -11.74
C PRO A 1143 45.63 -80.30 -12.99
N GLU A 1144 46.37 -79.20 -12.97
CA GLU A 1144 47.33 -78.93 -14.03
C GLU A 1144 48.38 -80.03 -14.14
N LEU A 1145 48.95 -80.45 -13.00
CA LEU A 1145 49.64 -81.75 -12.94
C LEU A 1145 49.11 -82.86 -13.83
N ASP A 1146 47.84 -83.23 -13.74
CA ASP A 1146 47.35 -84.27 -14.66
C ASP A 1146 46.13 -83.92 -15.51
N GLN B 14 12.11 45.18 58.26
CA GLN B 14 11.66 43.78 58.24
C GLN B 14 12.71 42.71 57.93
N CYS B 15 13.38 42.85 56.78
CA CYS B 15 14.55 42.06 56.45
C CYS B 15 15.81 42.80 56.86
N VAL B 16 16.82 42.07 57.29
CA VAL B 16 18.16 42.59 57.46
C VAL B 16 19.12 41.48 57.06
N ASN B 17 19.80 41.67 55.93
CA ASN B 17 20.81 40.71 55.49
C ASN B 17 22.19 41.02 56.08
N LEU B 18 22.56 40.19 57.04
CA LEU B 18 23.70 40.26 57.94
C LEU B 18 25.02 40.13 57.19
N THR B 19 26.06 40.77 57.72
CA THR B 19 27.43 40.56 57.29
C THR B 19 28.07 39.46 58.16
N THR B 20 29.38 39.22 58.03
CA THR B 20 30.01 37.92 58.33
C THR B 20 29.47 36.79 57.46
N ARG B 21 29.68 36.93 56.15
CA ARG B 21 29.53 35.83 55.22
C ARG B 21 30.68 35.84 54.22
N THR B 22 31.51 34.81 54.23
CA THR B 22 32.61 34.63 53.30
C THR B 22 32.13 34.76 51.86
N GLN B 23 33.00 35.25 50.99
CA GLN B 23 32.84 35.13 49.56
C GLN B 23 33.80 34.07 49.05
N LEU B 24 33.26 33.08 48.33
CA LEU B 24 34.02 31.92 47.91
C LEU B 24 33.79 31.68 46.43
N PRO B 25 34.81 31.25 45.68
CA PRO B 25 34.56 30.78 44.32
C PRO B 25 33.78 29.48 44.32
N PRO B 26 32.94 29.26 43.33
CA PRO B 26 32.12 28.04 43.33
C PRO B 26 32.97 26.78 43.31
N ALA B 27 32.60 25.83 44.16
CA ALA B 27 33.16 24.49 44.12
C ALA B 27 32.22 23.55 43.37
N TYR B 28 32.79 22.48 42.83
CA TYR B 28 32.16 21.60 41.85
C TYR B 28 32.40 20.13 42.19
N THR B 29 31.54 19.29 41.61
CA THR B 29 31.54 17.85 41.81
C THR B 29 31.53 17.19 40.44
N ASN B 30 31.32 15.88 40.41
CA ASN B 30 30.94 15.18 39.18
C ASN B 30 29.71 14.31 39.41
N SER B 31 28.75 14.42 38.50
CA SER B 31 27.53 13.63 38.56
C SER B 31 27.79 12.25 37.97
N PHE B 32 28.14 11.29 38.82
CA PHE B 32 28.27 9.90 38.36
C PHE B 32 27.04 9.13 38.80
N THR B 33 26.29 8.68 37.79
CA THR B 33 25.10 7.85 37.92
C THR B 33 24.08 8.38 38.94
N ARG B 34 23.68 9.66 38.79
CA ARG B 34 22.44 10.16 39.39
C ARG B 34 21.64 11.00 38.40
N GLY B 35 20.45 11.41 38.85
CA GLY B 35 19.50 12.06 37.98
C GLY B 35 18.60 11.04 37.33
N VAL B 36 17.87 10.27 38.12
CA VAL B 36 16.92 9.28 37.63
C VAL B 36 15.60 9.46 38.38
N TYR B 37 14.46 9.21 37.69
CA TYR B 37 13.19 9.57 38.32
C TYR B 37 12.15 8.63 37.69
N TYR B 38 10.98 8.47 38.31
CA TYR B 38 9.94 7.60 37.77
C TYR B 38 8.89 8.42 37.01
N PRO B 39 8.81 8.30 35.67
CA PRO B 39 8.01 9.28 34.89
C PRO B 39 6.49 9.15 34.93
N ASP B 40 5.95 7.93 35.06
CA ASP B 40 4.60 7.48 34.94
C ASP B 40 4.30 6.87 36.25
N LYS B 41 3.18 5.96 35.99
CA LYS B 41 3.03 5.48 37.37
C LYS B 41 3.03 3.75 36.98
N VAL B 42 3.32 3.34 35.72
CA VAL B 42 2.87 2.09 35.09
C VAL B 42 3.55 1.04 35.93
N PHE B 43 3.05 -0.18 36.01
CA PHE B 43 4.09 -1.21 36.01
C PHE B 43 4.97 -1.13 34.80
N ARG B 44 6.20 -1.49 35.07
CA ARG B 44 7.21 -2.01 34.18
C ARG B 44 8.18 -2.91 34.90
N SER B 45 8.06 -4.23 34.69
CA SER B 45 8.82 -5.18 35.47
C SER B 45 9.81 -5.96 34.60
N SER B 46 11.10 -5.84 34.93
CA SER B 46 12.19 -6.55 34.26
C SER B 46 12.18 -6.31 32.75
N VAL B 47 12.30 -5.03 32.38
CA VAL B 47 12.13 -4.58 31.01
C VAL B 47 13.20 -3.57 30.66
N LEU B 48 13.66 -3.62 29.40
CA LEU B 48 14.46 -2.57 28.80
C LEU B 48 13.54 -1.76 27.91
N HIS B 49 13.32 -0.50 28.28
CA HIS B 49 12.46 0.41 27.56
C HIS B 49 13.17 1.70 27.24
N SER B 50 13.04 2.13 25.99
CA SER B 50 13.81 3.25 25.45
C SER B 50 12.93 4.49 25.42
N THR B 51 13.50 5.64 25.80
CA THR B 51 12.69 6.81 26.10
C THR B 51 13.50 8.06 26.39
N GLN B 52 12.93 9.24 26.06
CA GLN B 52 13.69 10.39 26.53
C GLN B 52 12.86 11.26 27.50
N ASP B 53 13.61 12.05 28.26
CA ASP B 53 13.04 13.02 29.16
C ASP B 53 14.13 13.98 29.58
N LEU B 54 13.72 15.16 30.09
CA LEU B 54 14.65 16.18 30.52
C LEU B 54 15.30 15.73 31.82
N PHE B 55 16.62 15.49 31.77
CA PHE B 55 17.40 14.85 32.82
C PHE B 55 18.73 15.58 32.95
N LEU B 56 19.55 15.26 33.99
CA LEU B 56 20.96 15.53 33.73
C LEU B 56 21.52 14.34 33.00
N PRO B 57 22.67 14.48 32.36
CA PRO B 57 23.51 13.32 32.07
C PRO B 57 24.14 12.80 33.36
N PHE B 58 24.41 11.51 33.39
CA PHE B 58 25.39 11.00 34.34
C PHE B 58 26.81 11.29 33.86
N PHE B 59 27.76 11.11 34.78
CA PHE B 59 29.18 11.33 34.55
C PHE B 59 29.40 12.76 34.05
N SER B 60 28.46 13.66 34.38
CA SER B 60 28.60 15.08 34.15
C SER B 60 29.34 15.70 35.33
N ASN B 61 29.34 17.02 35.39
CA ASN B 61 30.25 17.73 36.26
C ASN B 61 29.53 18.94 36.87
N VAL B 62 29.35 18.91 38.19
CA VAL B 62 28.29 19.66 38.89
C VAL B 62 28.91 20.62 39.89
N THR B 63 28.23 21.73 40.14
CA THR B 63 28.61 22.51 41.29
C THR B 63 28.26 21.87 42.63
N TRP B 64 29.03 22.28 43.64
CA TRP B 64 29.04 21.95 45.05
C TRP B 64 28.66 23.25 45.77
N PHE B 65 27.76 23.20 46.75
CA PHE B 65 27.61 24.30 47.70
C PHE B 65 27.77 23.80 49.13
N HIS B 66 28.33 24.65 49.99
CA HIS B 66 28.69 24.36 51.37
C HIS B 66 28.07 25.43 52.25
N ALA B 67 27.52 25.01 53.40
CA ALA B 67 27.11 25.95 54.45
C ALA B 67 27.74 25.43 55.73
N ILE B 68 28.96 25.89 56.02
CA ILE B 68 29.80 25.35 57.07
C ILE B 68 29.88 26.38 58.18
N HIS B 69 29.95 25.91 59.44
CA HIS B 69 30.03 26.76 60.63
C HIS B 69 31.35 27.53 60.69
N VAL B 70 32.48 26.83 60.66
CA VAL B 70 33.85 27.38 60.74
C VAL B 70 34.18 27.94 62.11
N THR B 76 32.35 33.77 59.72
CA THR B 76 31.87 33.57 58.36
C THR B 76 30.61 32.70 58.28
N LYS B 77 30.83 31.41 58.50
CA LYS B 77 29.81 30.35 58.45
C LYS B 77 29.38 29.99 57.03
N ARG B 78 30.10 30.57 56.04
CA ARG B 78 29.90 30.38 54.59
C ARG B 78 28.36 30.15 54.44
N PHE B 79 27.56 31.07 55.02
CA PHE B 79 26.10 31.02 54.93
C PHE B 79 25.65 31.51 53.55
N ASP B 80 25.37 30.58 52.66
CA ASP B 80 25.13 30.87 51.26
C ASP B 80 23.65 30.90 50.97
N ASN B 81 23.19 32.04 50.52
CA ASN B 81 21.79 32.15 50.17
C ASN B 81 21.59 32.89 48.86
N PRO B 82 22.33 32.58 47.80
CA PRO B 82 22.02 33.17 46.49
C PRO B 82 20.72 32.60 45.96
N VAL B 83 20.06 33.39 45.12
CA VAL B 83 18.81 33.07 44.44
C VAL B 83 19.14 32.50 43.07
N LEU B 84 18.77 31.23 42.86
CA LEU B 84 19.08 30.15 41.91
C LEU B 84 17.92 29.84 40.95
N PRO B 85 18.21 29.70 39.65
CA PRO B 85 17.16 29.82 38.65
C PRO B 85 16.22 28.62 38.61
N PHE B 86 15.24 28.73 37.73
CA PHE B 86 14.23 27.70 37.50
C PHE B 86 14.20 27.48 35.99
N ASN B 87 15.39 27.41 35.40
CA ASN B 87 15.55 27.38 33.95
C ASN B 87 14.64 26.34 33.31
N ASP B 88 14.80 25.09 33.70
CA ASP B 88 14.22 23.94 33.04
C ASP B 88 13.80 22.86 34.03
N GLY B 89 13.82 23.17 35.31
CA GLY B 89 13.88 22.19 36.37
C GLY B 89 15.20 22.30 37.10
N VAL B 90 15.34 21.45 38.12
CA VAL B 90 16.46 21.38 39.05
C VAL B 90 16.63 19.95 39.55
N TYR B 91 17.86 19.44 39.46
CA TYR B 91 18.20 18.18 40.10
C TYR B 91 18.94 18.61 41.36
N PHE B 92 18.34 18.36 42.51
CA PHE B 92 18.81 18.90 43.77
C PHE B 92 19.27 17.75 44.66
N ALA B 93 20.54 17.77 45.04
CA ALA B 93 21.09 16.85 46.02
C ALA B 93 21.40 17.63 47.29
N SER B 94 20.87 17.16 48.43
CA SER B 94 21.01 17.89 49.68
C SER B 94 21.49 16.97 50.77
N THR B 95 22.58 17.36 51.44
CA THR B 95 23.08 16.67 52.62
C THR B 95 22.78 17.52 53.85
N GLU B 96 22.14 16.90 54.83
CA GLU B 96 21.73 17.58 56.05
C GLU B 96 22.27 16.87 57.28
N LYS B 97 22.24 17.56 58.41
CA LYS B 97 22.68 16.98 59.67
C LYS B 97 21.71 17.19 60.82
N SER B 98 20.94 18.28 60.79
CA SER B 98 20.07 18.63 61.90
C SER B 98 18.70 19.13 61.44
N ASN B 99 18.25 18.72 60.32
CA ASN B 99 17.03 19.17 59.69
C ASN B 99 17.10 20.71 59.56
N ILE B 100 18.05 21.15 58.72
CA ILE B 100 18.43 22.55 58.70
C ILE B 100 17.71 23.27 57.57
N ILE B 101 17.79 22.75 56.36
CA ILE B 101 16.87 23.15 55.30
C ILE B 101 15.51 22.56 55.58
N ARG B 102 14.47 23.38 55.46
CA ARG B 102 13.11 22.95 55.69
C ARG B 102 12.24 23.05 54.45
N GLY B 103 12.70 23.76 53.42
CA GLY B 103 11.99 23.78 52.17
C GLY B 103 12.56 24.85 51.26
N TRP B 104 11.86 25.12 50.16
CA TRP B 104 12.39 26.02 49.15
C TRP B 104 11.27 26.90 48.60
N ILE B 105 11.69 27.95 47.90
CA ILE B 105 10.87 29.13 47.64
C ILE B 105 11.07 29.58 46.20
N PHE B 106 10.03 29.45 45.37
CA PHE B 106 10.18 29.57 43.92
C PHE B 106 9.38 30.77 43.41
N GLY B 107 9.96 31.48 42.45
CA GLY B 107 9.36 32.68 41.90
C GLY B 107 10.33 33.35 40.96
N THR B 108 9.92 34.53 40.46
CA THR B 108 10.76 35.35 39.59
C THR B 108 11.18 36.65 40.23
N THR B 109 10.25 37.36 40.85
CA THR B 109 10.41 38.66 41.50
C THR B 109 10.62 38.54 42.99
N LEU B 110 10.13 37.46 43.61
CA LEU B 110 10.17 37.30 45.07
C LEU B 110 9.85 38.63 45.74
N ASP B 111 9.04 39.43 45.08
CA ASP B 111 8.56 40.69 45.59
C ASP B 111 7.06 40.86 45.38
N SER B 112 6.32 39.76 45.43
CA SER B 112 4.87 39.76 45.38
C SER B 112 4.34 40.18 44.01
N LYS B 113 5.19 40.55 43.07
CA LYS B 113 4.73 41.09 41.78
C LYS B 113 4.26 39.92 40.92
N THR B 114 4.78 38.72 41.19
CA THR B 114 4.40 37.49 40.52
C THR B 114 4.12 36.44 41.59
N GLN B 115 3.06 35.66 41.40
CA GLN B 115 2.85 34.51 42.28
C GLN B 115 4.15 33.75 42.50
N SER B 116 4.47 33.52 43.77
CA SER B 116 5.58 32.71 44.18
C SER B 116 5.11 31.78 45.28
N LEU B 117 5.77 30.64 45.38
CA LEU B 117 5.44 29.67 46.41
C LEU B 117 6.62 29.50 47.35
N LEU B 118 6.32 29.11 48.59
CA LEU B 118 7.26 28.56 49.55
C LEU B 118 6.83 27.16 49.91
N ILE B 119 7.72 26.21 49.67
CA ILE B 119 7.63 24.87 50.22
C ILE B 119 8.58 24.89 51.40
N VAL B 120 8.09 24.59 52.61
CA VAL B 120 8.98 24.79 53.74
C VAL B 120 8.49 23.85 54.84
N ASN B 121 9.38 23.52 55.78
CA ASN B 121 9.09 22.58 56.87
C ASN B 121 9.43 23.27 58.20
N ASN B 122 8.51 24.09 58.68
CA ASN B 122 8.68 24.79 59.94
C ASN B 122 8.49 23.81 61.09
N ALA B 123 8.87 24.23 62.31
CA ALA B 123 9.30 23.39 63.43
C ALA B 123 8.25 22.42 63.97
N THR B 124 7.08 22.33 63.35
CA THR B 124 6.04 21.38 63.73
C THR B 124 5.47 20.64 62.53
N ASN B 125 5.62 21.22 61.34
CA ASN B 125 4.80 20.85 60.20
C ASN B 125 5.55 21.09 58.90
N VAL B 126 5.06 20.45 57.85
CA VAL B 126 5.36 20.85 56.47
C VAL B 126 4.36 21.93 56.07
N VAL B 127 4.85 23.14 55.90
CA VAL B 127 4.07 24.29 55.42
C VAL B 127 4.34 24.56 53.94
N ILE B 128 3.27 24.89 53.22
CA ILE B 128 3.28 25.47 51.89
C ILE B 128 2.12 26.45 51.83
N LYS B 129 2.43 27.73 51.67
CA LYS B 129 1.42 28.76 51.44
C LYS B 129 1.83 29.47 50.17
N VAL B 130 0.94 29.54 49.18
CA VAL B 130 1.29 30.30 47.98
C VAL B 130 0.50 31.59 48.16
N CYS B 131 1.21 32.70 48.12
CA CYS B 131 0.59 34.01 47.96
C CYS B 131 1.66 34.90 47.36
N GLU B 132 1.29 36.08 46.89
CA GLU B 132 2.31 36.95 46.32
C GLU B 132 3.03 37.65 47.46
N PHE B 133 4.08 37.00 48.01
CA PHE B 133 4.70 37.55 49.20
C PHE B 133 5.98 38.27 48.78
N GLN B 134 6.04 39.55 49.12
CA GLN B 134 7.24 40.30 48.81
C GLN B 134 8.32 39.80 49.76
N PHE B 135 8.78 38.61 49.44
CA PHE B 135 9.88 38.00 50.16
C PHE B 135 11.12 38.88 50.04
N CYS B 136 12.03 38.73 50.99
CA CYS B 136 13.29 39.46 50.93
C CYS B 136 14.31 38.79 50.00
N ASN B 137 15.47 39.43 49.86
CA ASN B 137 16.50 38.94 48.95
C ASN B 137 17.14 37.63 49.42
N ASP B 138 17.66 37.61 50.65
CA ASP B 138 18.30 36.43 51.22
C ASP B 138 17.73 36.20 52.61
N PRO B 139 16.42 35.96 52.70
CA PRO B 139 15.78 35.98 54.02
C PRO B 139 15.83 34.65 54.74
N PHE B 140 15.44 34.71 56.00
CA PHE B 140 15.45 33.59 56.92
C PHE B 140 14.96 34.00 58.29
N LEU B 141 14.70 32.98 59.10
CA LEU B 141 14.33 33.12 60.50
C LEU B 141 15.25 32.30 61.38
N GLY B 142 15.43 32.75 62.62
CA GLY B 142 16.43 32.19 63.50
C GLY B 142 15.88 31.76 64.84
N VAL B 143 16.01 30.48 65.14
CA VAL B 143 15.66 29.94 66.46
C VAL B 143 16.54 30.57 67.53
N TYR B 144 15.94 30.84 68.69
CA TYR B 144 16.67 31.35 69.84
C TYR B 144 17.01 30.23 70.83
N TYR B 145 18.30 29.90 70.91
CA TYR B 145 18.95 29.03 71.88
C TYR B 145 19.14 29.58 73.29
N HIS B 146 19.17 28.64 74.23
CA HIS B 146 19.36 28.89 75.65
C HIS B 146 20.58 28.12 76.14
N LYS B 147 21.52 28.81 76.77
CA LYS B 147 22.68 28.11 77.32
C LYS B 147 22.54 27.78 78.80
N ASN B 148 21.90 28.67 79.57
CA ASN B 148 21.54 28.40 80.97
C ASN B 148 20.89 27.02 81.12
N ASN B 149 19.87 26.74 80.31
CA ASN B 149 19.23 25.43 80.14
C ASN B 149 19.08 25.16 78.65
N LYS B 150 19.81 24.16 78.14
CA LYS B 150 19.80 23.87 76.71
C LYS B 150 18.40 23.66 76.16
N SER B 151 17.98 24.49 75.22
CA SER B 151 16.69 24.43 74.54
C SER B 151 16.66 25.45 73.40
N TRP B 152 15.99 25.08 72.33
CA TRP B 152 15.79 25.92 71.16
C TRP B 152 14.32 25.90 70.77
N MET B 153 13.75 27.08 70.45
CA MET B 153 12.50 27.10 69.71
C MET B 153 12.62 28.31 68.72
N GLU B 154 11.92 28.20 67.59
CA GLU B 154 11.83 29.29 66.63
C GLU B 154 11.37 30.57 67.32
N SER B 155 12.14 31.64 67.11
CA SER B 155 11.81 32.94 67.69
C SER B 155 11.56 34.06 66.69
N GLU B 156 12.11 33.96 65.48
CA GLU B 156 11.97 35.00 64.46
C GLU B 156 11.18 34.45 63.29
N PHE B 157 10.64 35.36 62.48
CA PHE B 157 9.99 34.96 61.24
C PHE B 157 10.14 36.16 60.29
N ARG B 158 11.26 36.19 59.55
CA ARG B 158 11.63 37.30 58.66
C ARG B 158 11.89 36.77 57.26
N VAL B 159 10.84 36.58 56.46
CA VAL B 159 10.97 36.35 55.02
C VAL B 159 10.05 37.25 54.22
N TYR B 160 8.79 37.41 54.66
CA TYR B 160 7.76 37.83 53.73
C TYR B 160 7.21 39.21 54.15
N SER B 161 6.31 39.77 53.32
CA SER B 161 5.56 40.97 53.71
C SER B 161 4.05 41.02 53.46
N SER B 162 3.54 40.53 52.32
CA SER B 162 2.18 40.72 51.80
C SER B 162 1.58 39.44 51.22
N ALA B 163 0.27 39.28 51.41
CA ALA B 163 -0.45 38.09 50.93
C ALA B 163 -1.83 38.50 50.41
N ASN B 164 -1.93 38.71 49.10
CA ASN B 164 -3.10 39.35 48.49
C ASN B 164 -3.76 38.45 47.46
N ASN B 165 -2.99 37.95 46.48
CA ASN B 165 -3.32 36.80 45.65
C ASN B 165 -2.76 35.53 46.28
N CYS B 166 -3.62 34.55 46.57
CA CYS B 166 -3.28 33.20 47.03
C CYS B 166 -4.18 32.18 46.33
N THR B 167 -3.58 31.07 45.87
CA THR B 167 -4.20 30.00 45.07
C THR B 167 -4.21 28.66 45.79
N PHE B 168 -3.02 28.14 46.11
CA PHE B 168 -2.78 26.82 46.68
C PHE B 168 -2.74 26.88 48.20
N GLU B 169 -2.90 25.71 48.84
CA GLU B 169 -2.76 25.50 50.27
C GLU B 169 -2.59 24.01 50.57
N TYR B 170 -1.89 23.73 51.65
CA TYR B 170 -1.52 22.40 52.08
C TYR B 170 -0.94 22.49 53.47
N VAL B 171 -1.36 21.55 54.29
CA VAL B 171 -1.05 21.55 55.68
C VAL B 171 -0.38 20.23 55.97
N SER B 172 0.46 20.20 57.00
CA SER B 172 0.92 18.87 57.31
C SER B 172 0.45 18.46 58.69
N GLN B 173 0.52 17.17 58.93
CA GLN B 173 0.17 16.67 60.23
C GLN B 173 1.16 17.22 61.25
N PRO B 174 0.69 17.93 62.29
CA PRO B 174 1.64 18.56 63.22
C PRO B 174 2.49 17.56 64.00
N PHE B 175 3.80 17.75 63.91
CA PHE B 175 4.78 16.90 64.57
C PHE B 175 5.72 17.80 65.37
N LEU B 176 6.82 17.21 65.85
CA LEU B 176 7.75 17.90 66.74
C LEU B 176 9.20 17.68 66.28
N MET B 177 10.01 18.76 66.06
CA MET B 177 11.36 18.33 65.77
C MET B 177 12.38 18.84 66.75
N ASP B 178 13.44 18.03 66.87
CA ASP B 178 14.40 18.13 67.94
C ASP B 178 15.08 19.48 67.92
N LEU B 179 15.50 19.92 66.73
CA LEU B 179 16.21 21.17 66.51
C LEU B 179 17.57 21.15 67.19
N GLU B 180 18.03 19.99 67.65
CA GLU B 180 19.38 19.81 68.17
C GLU B 180 20.40 19.65 67.05
N GLY B 181 21.57 20.26 67.21
CA GLY B 181 22.65 20.12 66.26
C GLY B 181 23.63 19.05 66.65
N LYS B 182 23.63 17.95 65.89
CA LYS B 182 24.55 16.84 66.14
C LYS B 182 25.94 17.15 65.62
N GLN B 183 26.94 16.55 66.26
CA GLN B 183 28.30 16.52 65.77
C GLN B 183 28.54 15.27 64.94
N GLY B 184 29.63 15.26 64.17
CA GLY B 184 30.23 14.18 63.41
C GLY B 184 30.04 14.33 61.93
N ASN B 185 29.95 13.19 61.25
CA ASN B 185 29.83 13.13 59.81
C ASN B 185 28.40 13.39 59.36
N PHE B 186 28.26 13.65 58.05
CA PHE B 186 26.93 13.69 57.45
C PHE B 186 26.36 12.30 57.28
N LYS B 187 25.06 12.12 57.50
CA LYS B 187 24.88 10.70 57.23
C LYS B 187 23.31 10.81 56.71
N ASN B 188 23.00 11.81 55.89
CA ASN B 188 21.69 12.23 55.40
C ASN B 188 21.75 12.62 53.93
N LEU B 189 21.32 11.72 53.04
CA LEU B 189 21.29 12.03 51.61
C LEU B 189 19.86 12.37 51.24
N ARG B 190 19.68 13.60 50.76
CA ARG B 190 18.37 14.10 50.36
C ARG B 190 18.47 14.57 48.91
N GLU B 191 17.97 13.75 47.99
CA GLU B 191 18.00 14.04 46.57
C GLU B 191 16.63 14.55 46.15
N PHE B 192 16.59 15.73 45.52
CA PHE B 192 15.34 16.29 45.05
C PHE B 192 15.45 16.71 43.58
N VAL B 193 14.37 16.55 42.84
CA VAL B 193 14.24 17.16 41.51
C VAL B 193 12.92 17.90 41.45
N PHE B 194 12.99 19.20 41.17
CA PHE B 194 11.84 20.08 41.02
C PHE B 194 11.80 20.63 39.60
N LYS B 195 10.64 20.59 38.94
CA LYS B 195 10.30 21.46 37.82
C LYS B 195 8.93 22.10 37.99
N ASN B 196 8.65 23.10 37.14
CA ASN B 196 7.28 23.45 36.76
C ASN B 196 7.19 23.66 35.25
N ILE B 197 7.03 22.57 34.50
CA ILE B 197 7.15 22.53 33.05
C ILE B 197 5.71 22.23 32.63
N ASP B 198 5.33 22.54 31.37
CA ASP B 198 3.98 22.29 30.78
C ASP B 198 2.87 22.52 31.80
N GLY B 199 3.05 23.51 32.65
CA GLY B 199 2.20 23.75 33.78
C GLY B 199 2.25 22.70 34.87
N TYR B 200 2.92 21.58 34.64
CA TYR B 200 3.03 20.51 35.62
C TYR B 200 4.12 20.85 36.60
N PHE B 201 3.74 21.11 37.85
CA PHE B 201 4.67 21.41 38.93
C PHE B 201 5.17 20.07 39.42
N LYS B 202 6.37 19.71 39.04
CA LYS B 202 6.64 18.31 38.78
C LYS B 202 7.90 17.93 39.56
N ILE B 203 7.65 17.27 40.70
CA ILE B 203 8.33 17.45 41.98
C ILE B 203 8.81 16.08 42.43
N TYR B 204 10.10 15.80 42.30
CA TYR B 204 10.58 14.45 42.52
C TYR B 204 11.58 14.43 43.69
N SER B 205 11.34 13.58 44.70
CA SER B 205 12.18 13.61 45.89
C SER B 205 12.11 12.32 46.71
N LYS B 206 13.24 11.99 47.28
CA LYS B 206 13.40 11.10 48.43
C LYS B 206 14.77 11.24 49.10
N HIS B 207 14.91 10.47 50.17
CA HIS B 207 15.96 10.62 51.16
C HIS B 207 16.23 9.24 51.74
N THR B 208 17.42 9.15 52.28
CA THR B 208 18.28 7.98 52.41
C THR B 208 19.47 8.13 53.34
N PRO B 209 19.63 7.17 54.28
CA PRO B 209 20.60 7.35 55.36
C PRO B 209 22.01 6.93 54.96
N ILE B 210 23.00 7.67 55.44
CA ILE B 210 24.38 7.51 54.99
C ILE B 210 25.29 7.40 56.21
N ASN B 211 26.55 6.99 55.96
CA ASN B 211 27.60 7.03 56.99
C ASN B 211 28.91 7.62 56.46
N LEU B 212 28.81 8.49 55.45
CA LEU B 212 29.92 9.26 54.95
C LEU B 212 30.06 10.53 55.77
N VAL B 213 30.93 11.42 55.31
CA VAL B 213 31.04 12.79 55.81
C VAL B 213 30.78 13.79 54.69
N ARG B 214 31.60 13.74 53.63
CA ARG B 214 31.42 14.67 52.51
C ARG B 214 32.16 14.13 51.28
N ASP B 215 31.38 13.60 50.34
CA ASP B 215 31.82 12.90 49.14
C ASP B 215 30.57 12.64 48.32
N LEU B 216 30.75 12.26 47.05
CA LEU B 216 29.59 11.79 46.31
C LEU B 216 29.54 10.28 46.20
N PRO B 217 28.47 9.66 46.69
CA PRO B 217 28.34 8.20 46.60
C PRO B 217 28.01 7.75 45.18
N GLN B 218 28.45 6.54 44.87
CA GLN B 218 27.96 5.82 43.68
C GLN B 218 26.73 4.99 44.06
N GLY B 219 26.22 4.16 43.15
CA GLY B 219 24.99 3.42 43.36
C GLY B 219 23.86 3.95 42.47
N PHE B 220 22.66 3.37 42.64
CA PHE B 220 21.42 4.05 42.27
C PHE B 220 20.71 4.80 43.38
N SER B 221 19.86 5.72 42.93
CA SER B 221 18.43 5.68 43.22
C SER B 221 17.68 6.67 42.35
N ALA B 222 16.58 6.24 41.72
CA ALA B 222 15.69 7.15 41.03
C ALA B 222 14.83 7.91 42.04
N LEU B 223 14.59 9.18 41.76
CA LEU B 223 13.72 9.98 42.62
C LEU B 223 12.25 9.65 42.39
N GLU B 224 11.45 9.52 43.53
CA GLU B 224 9.99 9.41 43.37
C GLU B 224 9.35 10.76 43.05
N PRO B 225 8.13 10.75 42.52
CA PRO B 225 7.34 11.97 42.54
C PRO B 225 6.83 12.31 43.92
N LEU B 226 6.57 13.60 44.12
CA LEU B 226 5.73 14.09 45.20
C LEU B 226 4.38 14.63 44.73
N VAL B 227 4.36 15.50 43.72
CA VAL B 227 3.14 16.13 43.25
C VAL B 227 3.35 16.57 41.82
N ASP B 228 2.26 16.58 41.03
CA ASP B 228 2.28 17.02 39.64
C ASP B 228 1.10 17.97 39.44
N LEU B 229 1.32 19.26 39.70
CA LEU B 229 0.27 20.26 39.56
C LEU B 229 0.29 20.83 38.15
N PRO B 230 -0.76 20.63 37.34
CA PRO B 230 -0.84 21.31 36.03
C PRO B 230 -1.30 22.77 36.13
N ILE B 231 -0.41 23.66 36.45
CA ILE B 231 -0.68 24.89 37.04
C ILE B 231 -0.57 25.93 35.92
N GLY B 232 0.68 25.87 35.25
CA GLY B 232 1.09 26.70 34.10
C GLY B 232 1.48 28.13 34.40
N ILE B 233 2.67 28.37 34.95
CA ILE B 233 2.85 29.57 35.71
C ILE B 233 4.16 30.01 34.99
N ASN B 234 4.69 31.24 35.16
CA ASN B 234 6.13 31.41 34.87
C ASN B 234 6.85 31.71 36.18
N ILE B 235 7.75 30.81 36.56
CA ILE B 235 8.78 31.00 37.58
C ILE B 235 10.13 30.77 36.92
N THR B 236 11.10 31.62 37.24
CA THR B 236 12.40 31.56 36.62
C THR B 236 13.54 31.31 37.60
N ARG B 237 13.35 31.55 38.89
CA ARG B 237 14.37 31.37 39.91
C ARG B 237 13.75 30.51 40.98
N PHE B 238 14.56 30.12 41.96
CA PHE B 238 14.06 29.58 43.21
C PHE B 238 15.21 29.57 44.21
N GLN B 239 14.90 29.33 45.48
CA GLN B 239 15.84 29.31 46.59
C GLN B 239 15.25 28.52 47.76
N THR B 240 16.10 28.25 48.75
CA THR B 240 15.76 27.43 49.90
C THR B 240 15.20 28.30 51.03
N LEU B 241 14.57 27.63 51.99
CA LEU B 241 14.10 28.24 53.22
C LEU B 241 14.44 27.35 54.41
N LEU B 242 15.32 27.82 55.29
CA LEU B 242 15.95 27.07 56.37
C LEU B 242 16.01 27.88 57.65
N ALA B 243 15.79 27.19 58.77
CA ALA B 243 15.82 27.77 60.11
C ALA B 243 17.10 27.40 60.84
N LEU B 244 17.48 28.23 61.83
CA LEU B 244 18.79 28.21 62.50
C LEU B 244 18.72 28.86 63.88
N HIS B 245 19.83 28.72 64.64
CA HIS B 245 19.76 28.63 66.09
C HIS B 245 20.58 29.79 66.66
N ARG B 246 20.17 30.34 67.80
CA ARG B 246 20.70 31.61 68.33
C ARG B 246 20.60 31.90 69.78
N SER B 247 21.79 32.34 70.23
CA SER B 247 22.22 32.63 71.58
C SER B 247 21.78 33.96 72.18
N GLY B 252 27.49 36.94 71.17
CA GLY B 252 26.39 36.30 70.48
C GLY B 252 25.17 37.19 70.39
N ASP B 253 24.96 37.78 69.21
CA ASP B 253 23.88 38.73 68.98
C ASP B 253 23.05 38.30 67.77
N SER B 254 22.09 39.15 67.41
CA SER B 254 21.34 38.92 66.17
C SER B 254 22.25 38.81 64.96
N SER B 255 23.36 39.57 64.93
CA SER B 255 24.30 39.52 63.81
C SER B 255 25.57 38.75 64.13
N SER B 256 25.67 38.13 65.31
CA SER B 256 26.85 37.30 65.60
C SER B 256 26.55 35.94 66.22
N GLY B 257 25.44 35.79 66.94
CA GLY B 257 25.30 34.66 67.84
C GLY B 257 24.52 33.48 67.31
N TRP B 258 24.62 33.20 66.02
CA TRP B 258 23.86 32.24 65.23
C TRP B 258 24.82 31.38 64.42
N THR B 259 24.27 30.34 63.80
CA THR B 259 25.05 29.41 62.99
C THR B 259 24.41 29.13 61.64
N ALA B 260 25.27 28.79 60.67
CA ALA B 260 24.81 28.32 59.37
C ALA B 260 24.24 26.92 59.46
N GLY B 261 24.82 26.07 60.31
CA GLY B 261 24.39 24.70 60.44
C GLY B 261 25.09 23.80 59.45
N ALA B 262 25.71 22.72 59.95
CA ALA B 262 26.40 21.79 59.07
C ALA B 262 25.44 21.12 58.11
N ALA B 263 25.51 21.51 56.84
CA ALA B 263 24.70 21.08 55.70
C ALA B 263 25.40 21.45 54.40
N ALA B 264 25.22 20.60 53.41
CA ALA B 264 25.59 20.91 52.04
C ALA B 264 24.53 20.33 51.10
N TYR B 265 24.36 21.02 49.98
CA TYR B 265 23.25 20.88 49.04
C TYR B 265 23.73 21.21 47.64
N TYR B 266 23.52 20.29 46.67
CA TYR B 266 24.18 20.55 45.40
C TYR B 266 23.11 20.30 44.34
N VAL B 267 23.15 21.05 43.24
CA VAL B 267 21.99 21.26 42.37
C VAL B 267 22.41 21.20 40.91
N GLY B 268 21.48 20.74 40.05
CA GLY B 268 21.75 20.58 38.64
C GLY B 268 20.61 21.07 37.77
N TYR B 269 20.93 21.29 36.49
CA TYR B 269 19.97 21.77 35.49
C TYR B 269 19.83 20.73 34.39
N LEU B 270 18.58 20.36 34.10
CA LEU B 270 18.27 19.13 33.40
C LEU B 270 18.36 19.32 31.88
N GLN B 271 18.62 18.23 31.17
CA GLN B 271 18.87 18.23 29.74
C GLN B 271 18.05 17.15 29.07
N PRO B 272 17.72 17.32 27.79
CA PRO B 272 16.96 16.27 27.09
C PRO B 272 17.83 15.07 26.73
N ARG B 273 17.68 14.00 27.50
CA ARG B 273 18.51 12.81 27.34
C ARG B 273 17.60 11.60 27.18
N THR B 274 18.02 10.70 26.30
CA THR B 274 17.29 9.47 26.00
C THR B 274 17.99 8.33 26.71
N PHE B 275 17.28 7.63 27.58
CA PHE B 275 17.87 6.58 28.39
C PHE B 275 17.23 5.23 28.09
N LEU B 276 18.01 4.17 28.32
CA LEU B 276 17.49 2.81 28.36
C LEU B 276 17.01 2.53 29.77
N LEU B 277 15.80 1.99 29.88
CA LEU B 277 15.10 1.88 31.14
C LEU B 277 15.00 0.43 31.63
N LYS B 278 15.87 0.08 32.58
CA LYS B 278 15.61 -0.84 33.69
C LYS B 278 14.63 -0.46 34.76
N TYR B 279 13.92 -1.50 35.07
CA TYR B 279 13.10 -1.82 36.20
C TYR B 279 13.48 -3.23 36.64
N ASN B 280 12.98 -3.68 37.79
CA ASN B 280 13.31 -4.99 38.35
C ASN B 280 12.39 -6.13 37.93
N GLU B 281 12.57 -7.25 38.65
CA GLU B 281 11.55 -8.28 38.84
C GLU B 281 10.27 -7.69 39.45
N ASN B 282 10.37 -6.54 40.16
CA ASN B 282 9.27 -5.57 40.30
C ASN B 282 9.42 -4.43 39.29
N GLY B 283 8.62 -3.39 39.43
CA GLY B 283 8.63 -2.21 38.60
C GLY B 283 9.51 -1.10 39.14
N THR B 284 10.66 -1.44 39.74
CA THR B 284 11.57 -0.44 40.28
C THR B 284 12.81 -0.34 39.40
N ILE B 285 13.24 0.90 39.14
CA ILE B 285 14.30 1.16 38.16
C ILE B 285 15.61 0.59 38.70
N THR B 286 16.25 -0.27 37.90
CA THR B 286 17.41 -1.04 38.33
C THR B 286 18.68 -0.69 37.59
N ASP B 287 18.58 0.07 36.53
CA ASP B 287 19.69 0.49 35.71
C ASP B 287 19.18 1.52 34.70
N ALA B 288 20.10 2.37 34.23
CA ALA B 288 19.89 3.39 33.22
C ALA B 288 21.23 3.88 32.71
N VAL B 289 21.18 4.53 31.54
CA VAL B 289 22.37 4.99 30.85
C VAL B 289 22.13 6.38 30.31
N ASP B 290 23.09 6.93 29.58
CA ASP B 290 23.19 8.25 28.99
C ASP B 290 23.48 8.15 27.50
N CYS B 291 22.42 8.13 26.69
CA CYS B 291 22.56 8.03 25.25
C CYS B 291 23.17 9.28 24.63
N ALA B 292 22.94 10.45 25.22
CA ALA B 292 23.47 11.71 24.72
C ALA B 292 24.88 11.99 25.23
N LEU B 293 25.45 11.07 26.00
CA LEU B 293 26.82 11.21 26.52
C LEU B 293 27.84 10.57 25.61
N ASP B 294 27.69 9.15 25.37
CA ASP B 294 28.77 8.19 25.16
C ASP B 294 28.41 7.36 23.94
N PRO B 295 29.38 7.04 23.08
CA PRO B 295 29.05 6.12 21.99
C PRO B 295 28.55 4.77 22.47
N LEU B 296 29.06 4.28 23.60
CA LEU B 296 28.64 2.95 24.04
C LEU B 296 27.26 2.96 24.70
N SER B 297 26.90 4.01 25.44
CA SER B 297 25.52 4.10 25.88
C SER B 297 24.58 4.13 24.68
N GLU B 298 25.02 4.75 23.57
CA GLU B 298 24.13 4.86 22.43
C GLU B 298 24.03 3.50 21.75
N THR B 299 25.12 2.70 21.77
CA THR B 299 24.99 1.40 21.11
C THR B 299 24.04 0.58 21.95
N LYS B 300 24.11 0.76 23.28
CA LYS B 300 23.22 0.04 24.19
C LYS B 300 21.78 0.40 23.90
N CYS B 301 21.52 1.67 23.60
CA CYS B 301 20.23 2.06 23.08
C CYS B 301 19.88 1.25 21.83
N THR B 302 20.82 1.14 20.89
CA THR B 302 20.55 0.42 19.65
C THR B 302 20.27 -1.07 19.91
N LEU B 303 21.09 -1.72 20.75
CA LEU B 303 20.84 -3.08 21.24
C LEU B 303 19.49 -3.22 21.94
N LYS B 304 18.98 -2.05 22.67
CA LYS B 304 18.01 -2.45 23.69
C LYS B 304 18.24 -3.30 24.66
N SER B 305 19.51 -3.59 24.91
CA SER B 305 19.88 -4.68 25.82
C SER B 305 20.87 -3.94 26.78
N PHE B 306 20.99 -4.35 28.08
CA PHE B 306 22.13 -3.77 28.79
C PHE B 306 23.38 -4.14 28.05
N THR B 307 23.37 -5.39 27.61
CA THR B 307 24.47 -6.31 27.62
C THR B 307 25.00 -6.43 26.21
N VAL B 308 26.31 -6.45 26.08
CA VAL B 308 26.95 -6.24 24.79
C VAL B 308 27.73 -7.49 24.40
N GLU B 309 27.47 -7.98 23.19
CA GLU B 309 28.26 -9.05 22.62
C GLU B 309 29.48 -8.49 21.92
N LYS B 310 30.50 -9.32 21.77
CA LYS B 310 31.61 -8.97 20.91
C LYS B 310 31.11 -8.79 19.47
N GLY B 311 31.67 -7.81 18.78
CA GLY B 311 31.30 -7.53 17.40
C GLY B 311 31.62 -6.10 17.07
N ILE B 312 31.01 -5.56 15.99
CA ILE B 312 31.08 -4.10 15.93
C ILE B 312 29.58 -3.83 15.61
N TYR B 313 29.08 -2.66 16.01
CA TYR B 313 27.64 -2.36 15.90
C TYR B 313 27.43 -0.96 15.34
N GLN B 314 26.67 -0.87 14.26
CA GLN B 314 26.37 0.40 13.60
C GLN B 314 25.23 1.10 14.34
N THR B 315 25.53 2.26 14.92
CA THR B 315 24.56 3.00 15.71
C THR B 315 23.88 4.11 14.91
N SER B 316 24.65 5.05 14.37
CA SER B 316 24.12 6.23 13.72
C SER B 316 25.08 6.62 12.59
N ASN B 317 24.84 7.76 11.96
CA ASN B 317 25.64 8.21 10.83
C ASN B 317 26.18 9.57 11.12
N PHE B 318 27.53 9.78 11.06
CA PHE B 318 27.81 11.15 11.46
C PHE B 318 27.66 12.17 10.33
N ARG B 319 27.83 13.44 10.73
CA ARG B 319 26.92 14.55 10.50
C ARG B 319 27.63 15.84 10.85
N VAL B 320 27.62 16.91 10.07
CA VAL B 320 28.54 18.00 10.42
C VAL B 320 27.80 19.18 11.04
N GLN B 321 28.31 19.63 12.19
CA GLN B 321 27.88 20.82 12.91
C GLN B 321 28.31 22.05 12.12
N PRO B 322 27.37 22.90 11.71
CA PRO B 322 27.74 24.07 10.90
C PRO B 322 28.27 25.24 11.72
N THR B 323 28.64 26.33 11.05
CA THR B 323 29.25 27.48 11.71
C THR B 323 28.36 28.71 11.63
N GLU B 324 27.99 29.15 10.42
CA GLU B 324 27.33 30.44 10.23
C GLU B 324 26.21 30.37 9.20
N SER B 325 25.75 31.53 8.74
CA SER B 325 24.89 31.66 7.57
C SER B 325 25.25 32.96 6.86
N ILE B 326 25.21 32.92 5.53
CA ILE B 326 25.77 33.99 4.70
C ILE B 326 24.73 34.47 3.69
N VAL B 327 24.62 35.80 3.58
CA VAL B 327 24.03 36.45 2.42
C VAL B 327 25.14 37.20 1.70
N ARG B 328 25.18 37.08 0.38
CA ARG B 328 26.11 37.85 -0.45
C ARG B 328 25.31 38.47 -1.59
N PHE B 329 25.08 39.77 -1.50
CA PHE B 329 24.16 40.46 -2.38
C PHE B 329 24.85 41.61 -3.11
N PRO B 330 24.37 41.97 -4.31
CA PRO B 330 24.83 43.21 -4.93
C PRO B 330 24.48 44.46 -4.13
N ASN B 331 24.83 45.62 -4.66
CA ASN B 331 24.62 46.91 -4.01
C ASN B 331 23.33 47.49 -4.59
N ILE B 332 22.21 47.23 -3.91
CA ILE B 332 20.88 47.54 -4.44
C ILE B 332 20.09 48.29 -3.37
N THR B 333 19.29 49.27 -3.83
CA THR B 333 18.55 50.14 -2.93
C THR B 333 17.10 50.37 -3.33
N ASN B 334 16.64 49.88 -4.49
CA ASN B 334 15.31 50.20 -4.97
C ASN B 334 14.24 49.72 -4.00
N LEU B 335 13.28 50.59 -3.70
CA LEU B 335 12.18 50.28 -2.79
C LEU B 335 10.88 50.13 -3.56
N CYS B 336 10.06 49.19 -3.12
CA CYS B 336 8.85 48.83 -3.86
C CYS B 336 7.78 49.90 -3.66
N PRO B 337 7.28 50.52 -4.73
CA PRO B 337 6.12 51.41 -4.57
C PRO B 337 4.82 50.64 -4.43
N PHE B 338 4.67 49.96 -3.29
CA PHE B 338 3.39 49.36 -2.92
C PHE B 338 2.59 50.26 -1.99
N GLY B 339 3.28 51.03 -1.15
CA GLY B 339 2.59 52.01 -0.33
C GLY B 339 1.81 53.00 -1.17
N GLU B 340 2.39 53.43 -2.30
CA GLU B 340 1.62 54.22 -3.25
C GLU B 340 0.33 53.52 -3.66
N VAL B 341 0.26 52.20 -3.48
CA VAL B 341 -0.91 51.42 -3.84
C VAL B 341 -1.70 51.07 -2.58
N PHE B 342 -1.00 50.92 -1.45
CA PHE B 342 -1.70 50.94 -0.17
C PHE B 342 -2.28 52.34 0.07
N ASN B 343 -1.53 53.37 -0.32
CA ASN B 343 -2.04 54.73 -0.48
C ASN B 343 -2.58 54.97 -1.88
N ALA B 344 -3.07 53.91 -2.52
CA ALA B 344 -3.54 53.98 -3.91
C ALA B 344 -4.44 55.18 -4.13
N THR B 345 -4.18 55.91 -5.20
CA THR B 345 -5.02 57.05 -5.56
C THR B 345 -6.31 56.58 -6.20
N ARG B 346 -6.22 55.73 -7.22
CA ARG B 346 -7.41 55.17 -7.85
C ARG B 346 -7.12 53.77 -8.39
N PHE B 347 -8.15 52.94 -8.37
CA PHE B 347 -8.12 51.58 -8.90
C PHE B 347 -9.15 51.46 -10.01
N ALA B 348 -8.76 50.83 -11.11
CA ALA B 348 -9.72 50.57 -12.18
C ALA B 348 -10.69 49.47 -11.78
N SER B 349 -11.85 49.47 -12.41
CA SER B 349 -12.90 48.52 -12.05
C SER B 349 -12.48 47.09 -12.40
N VAL B 350 -13.05 46.14 -11.66
CA VAL B 350 -12.62 44.75 -11.81
C VAL B 350 -12.98 44.20 -13.18
N TYR B 351 -14.18 44.55 -13.69
CA TYR B 351 -14.59 44.03 -14.99
C TYR B 351 -13.52 44.27 -16.05
N ALA B 352 -12.64 45.24 -15.82
CA ALA B 352 -11.41 45.39 -16.58
C ALA B 352 -10.27 45.65 -15.60
N TRP B 353 -10.19 44.81 -14.56
CA TRP B 353 -9.25 45.03 -13.46
C TRP B 353 -7.89 45.47 -13.98
N ASN B 354 -7.34 46.50 -13.36
CA ASN B 354 -6.06 47.04 -13.79
C ASN B 354 -4.92 46.12 -13.36
N ARG B 355 -3.97 45.89 -14.25
CA ARG B 355 -2.81 45.06 -13.97
C ARG B 355 -1.56 45.93 -13.94
N LYS B 356 -0.69 45.66 -12.98
CA LYS B 356 0.55 46.40 -12.78
C LYS B 356 1.72 45.44 -12.79
N ARG B 357 2.90 45.95 -13.13
CA ARG B 357 4.14 45.20 -13.06
C ARG B 357 4.79 45.38 -11.70
N ILE B 358 5.24 44.28 -11.11
CA ILE B 358 5.84 44.27 -9.78
C ILE B 358 7.19 43.57 -9.90
N SER B 359 8.27 44.31 -9.70
CA SER B 359 9.61 43.75 -9.81
C SER B 359 10.63 44.83 -9.50
N ASN B 360 11.88 44.41 -9.29
CA ASN B 360 13.04 45.29 -9.20
C ASN B 360 12.84 46.37 -8.13
N CYS B 361 12.77 45.90 -6.89
CA CYS B 361 12.63 46.78 -5.74
C CYS B 361 12.92 45.96 -4.49
N VAL B 362 12.77 46.58 -3.32
CA VAL B 362 12.88 45.90 -2.04
C VAL B 362 11.63 46.21 -1.23
N ALA B 363 10.90 45.16 -0.84
CA ALA B 363 9.68 45.28 -0.06
C ALA B 363 9.76 44.39 1.17
N ASP B 364 9.42 44.94 2.33
CA ASP B 364 9.20 44.15 3.54
C ASP B 364 7.71 43.85 3.61
N TYR B 365 7.33 42.62 3.25
CA TYR B 365 5.92 42.24 3.28
C TYR B 365 5.45 41.87 4.68
N SER B 366 6.38 41.64 5.62
CA SER B 366 5.99 41.39 7.00
C SER B 366 5.36 42.63 7.62
N VAL B 367 5.67 43.81 7.10
CA VAL B 367 5.06 45.03 7.61
C VAL B 367 3.55 44.93 7.55
N LEU B 368 3.03 44.39 6.44
CA LEU B 368 1.59 44.22 6.31
C LEU B 368 1.03 43.32 7.40
N TYR B 369 1.72 42.20 7.67
CA TYR B 369 1.26 41.31 8.71
C TYR B 369 1.22 42.03 10.05
N ASN B 370 2.22 42.86 10.33
CA ASN B 370 2.16 43.71 11.52
C ASN B 370 1.46 45.04 11.26
N SER B 371 1.14 45.37 10.00
CA SER B 371 0.36 46.56 9.73
C SER B 371 -1.08 46.38 10.19
N ALA B 372 -1.71 45.27 9.83
CA ALA B 372 -3.10 44.98 10.17
C ALA B 372 -4.05 46.06 9.66
N SER B 373 -3.63 46.83 8.66
CA SER B 373 -4.42 47.93 8.14
C SER B 373 -5.40 47.48 7.06
N PHE B 374 -5.48 46.19 6.77
CA PHE B 374 -6.25 45.67 5.64
C PHE B 374 -7.33 44.73 6.15
N SER B 375 -8.48 44.74 5.47
CA SER B 375 -9.59 43.87 5.87
C SER B 375 -9.16 42.41 5.86
N THR B 376 -8.52 41.98 4.78
CA THR B 376 -8.02 40.62 4.68
C THR B 376 -6.61 40.66 4.08
N PHE B 377 -5.74 39.78 4.58
CA PHE B 377 -4.34 39.72 4.18
C PHE B 377 -3.96 38.28 3.86
N LYS B 378 -4.78 37.62 3.05
CA LYS B 378 -4.58 36.23 2.70
C LYS B 378 -3.28 36.06 1.93
N CYS B 379 -2.33 35.31 2.49
CA CYS B 379 -1.10 34.90 1.81
C CYS B 379 -1.20 33.40 1.56
N TYR B 380 -1.65 33.03 0.37
CA TYR B 380 -1.91 31.64 0.01
C TYR B 380 -0.90 31.18 -1.02
N GLY B 381 -0.31 30.01 -0.79
CA GLY B 381 0.86 29.61 -1.51
C GLY B 381 2.10 30.34 -1.09
N VAL B 382 2.04 31.12 -0.01
CA VAL B 382 3.17 31.86 0.53
C VAL B 382 2.86 32.19 1.98
N SER B 383 3.83 31.98 2.86
CA SER B 383 3.69 32.44 4.23
C SER B 383 4.08 33.92 4.31
N PRO B 384 3.25 34.76 4.93
CA PRO B 384 3.64 36.18 5.05
C PRO B 384 4.91 36.37 5.84
N THR B 385 5.14 35.54 6.87
CA THR B 385 6.23 35.75 7.81
C THR B 385 7.51 35.06 7.39
N LYS B 386 7.87 35.16 6.11
CA LYS B 386 9.21 34.81 5.68
C LYS B 386 9.70 35.65 4.52
N LEU B 387 8.93 36.65 4.07
CA LEU B 387 9.11 37.23 2.75
C LEU B 387 9.88 38.54 2.76
N ASN B 388 9.98 39.22 3.89
CA ASN B 388 10.76 40.44 3.94
C ASN B 388 12.24 40.15 3.77
N ASP B 389 12.71 38.99 4.23
CA ASP B 389 14.09 38.57 4.00
C ASP B 389 14.25 37.69 2.78
N LEU B 390 13.15 37.25 2.17
CA LEU B 390 13.23 36.42 0.98
C LEU B 390 13.00 37.26 -0.28
N CYS B 391 13.08 36.61 -1.44
CA CYS B 391 12.87 37.29 -2.70
C CYS B 391 12.04 36.43 -3.63
N PHE B 392 11.42 37.10 -4.60
CA PHE B 392 10.77 36.45 -5.72
C PHE B 392 11.12 37.22 -6.99
N THR B 393 11.07 36.52 -8.13
CA THR B 393 11.50 37.13 -9.37
C THR B 393 10.66 38.36 -9.71
N ASN B 394 9.34 38.23 -9.67
CA ASN B 394 8.48 39.33 -10.05
C ASN B 394 7.03 38.97 -9.73
N VAL B 395 6.18 39.99 -9.71
CA VAL B 395 4.74 39.82 -9.71
C VAL B 395 4.16 40.83 -10.69
N TYR B 396 2.94 40.55 -11.14
CA TYR B 396 2.13 41.53 -11.84
C TYR B 396 0.85 41.74 -11.03
N ALA B 397 0.64 42.97 -10.57
CA ALA B 397 -0.44 43.27 -9.64
C ALA B 397 -1.72 43.55 -10.41
N ASP B 398 -2.67 42.61 -10.33
CA ASP B 398 -4.01 42.81 -10.89
C ASP B 398 -4.86 43.51 -9.83
N SER B 399 -5.20 44.76 -10.08
CA SER B 399 -5.83 45.63 -9.10
C SER B 399 -7.26 45.95 -9.51
N PHE B 400 -8.14 46.03 -8.52
CA PHE B 400 -9.54 46.41 -8.73
C PHE B 400 -10.18 46.63 -7.36
N VAL B 401 -11.47 46.94 -7.36
CA VAL B 401 -12.24 47.14 -6.14
C VAL B 401 -13.58 46.45 -6.30
N ILE B 402 -13.98 45.68 -5.28
CA ILE B 402 -15.24 44.95 -5.27
C ILE B 402 -15.80 44.97 -3.85
N ARG B 403 -16.96 44.36 -3.69
CA ARG B 403 -17.63 44.38 -2.39
C ARG B 403 -16.91 43.48 -1.39
N GLY B 404 -17.11 43.76 -0.10
CA GLY B 404 -16.58 42.89 0.93
C GLY B 404 -17.17 41.50 0.87
N ASP B 405 -18.44 41.39 0.48
CA ASP B 405 -19.10 40.10 0.43
C ASP B 405 -18.48 39.21 -0.65
N GLU B 406 -18.11 39.82 -1.78
CA GLU B 406 -17.73 39.06 -2.96
C GLU B 406 -16.27 38.63 -2.95
N VAL B 407 -15.51 39.00 -1.92
CA VAL B 407 -14.17 38.41 -1.76
C VAL B 407 -14.29 36.91 -1.53
N ARG B 408 -15.48 36.42 -1.18
CA ARG B 408 -15.70 34.98 -1.08
C ARG B 408 -15.29 34.29 -2.37
N GLN B 409 -15.67 34.85 -3.52
CA GLN B 409 -15.26 34.29 -4.79
C GLN B 409 -13.75 34.43 -5.00
N ILE B 410 -13.09 35.29 -4.23
CA ILE B 410 -11.63 35.47 -4.34
C ILE B 410 -11.01 34.52 -3.32
N ALA B 411 -10.82 33.26 -3.75
CA ALA B 411 -10.11 32.28 -2.96
C ALA B 411 -9.56 31.21 -3.89
N PRO B 412 -8.44 30.57 -3.54
CA PRO B 412 -7.83 29.59 -4.45
C PRO B 412 -8.78 28.44 -4.73
N GLY B 413 -8.85 28.04 -5.99
CA GLY B 413 -9.78 27.01 -6.39
C GLY B 413 -11.22 27.32 -6.04
N GLN B 414 -11.54 28.60 -5.87
CA GLN B 414 -12.86 28.99 -5.41
C GLN B 414 -13.87 28.87 -6.55
N THR B 415 -15.01 28.25 -6.24
CA THR B 415 -16.07 28.05 -7.21
C THR B 415 -17.21 29.03 -6.93
N GLY B 416 -17.68 29.69 -7.98
CA GLY B 416 -18.75 30.65 -7.84
C GLY B 416 -19.16 31.15 -9.21
N LYS B 417 -20.27 31.89 -9.22
CA LYS B 417 -20.71 32.50 -10.47
C LYS B 417 -19.60 33.33 -11.09
N ILE B 418 -18.81 34.00 -10.26
CA ILE B 418 -17.65 34.75 -10.75
C ILE B 418 -16.65 33.78 -11.38
N ALA B 419 -16.37 32.68 -10.70
CA ALA B 419 -15.34 31.75 -11.16
C ALA B 419 -15.63 31.21 -12.55
N ASP B 420 -16.89 31.17 -12.96
CA ASP B 420 -17.28 30.65 -14.27
C ASP B 420 -17.57 31.74 -15.29
N TYR B 421 -18.09 32.89 -14.85
CA TYR B 421 -18.52 33.93 -15.78
C TYR B 421 -17.89 35.30 -15.53
N ASN B 422 -17.19 35.51 -14.41
CA ASN B 422 -16.52 36.78 -14.17
C ASN B 422 -15.01 36.63 -13.99
N TYR B 423 -14.56 35.75 -13.09
CA TYR B 423 -13.14 35.65 -12.79
C TYR B 423 -12.88 34.30 -12.11
N LYS B 424 -12.21 33.40 -12.83
CA LYS B 424 -11.77 32.14 -12.26
C LYS B 424 -10.46 32.33 -11.51
N LEU B 425 -10.17 31.41 -10.60
CA LEU B 425 -8.88 31.44 -9.93
C LEU B 425 -8.11 30.15 -10.19
N PRO B 426 -6.79 30.23 -10.33
CA PRO B 426 -6.02 29.05 -10.73
C PRO B 426 -5.95 28.01 -9.62
N ASP B 427 -5.92 26.74 -10.03
CA ASP B 427 -5.71 25.67 -9.07
C ASP B 427 -4.35 25.77 -8.39
N ASP B 428 -3.33 26.20 -9.14
CA ASP B 428 -2.00 26.42 -8.61
C ASP B 428 -1.80 27.86 -8.13
N PHE B 429 -2.87 28.54 -7.73
CA PHE B 429 -2.75 29.92 -7.25
C PHE B 429 -1.79 29.99 -6.08
N THR B 430 -0.79 30.85 -6.20
CA THR B 430 0.15 31.14 -5.11
C THR B 430 0.35 32.64 -5.04
N GLY B 431 0.39 33.16 -3.83
CA GLY B 431 0.62 34.57 -3.64
C GLY B 431 -0.14 35.07 -2.43
N CYS B 432 -0.33 36.40 -2.38
CA CYS B 432 -0.97 37.02 -1.24
C CYS B 432 -1.84 38.17 -1.73
N VAL B 433 -3.00 38.33 -1.10
CA VAL B 433 -3.96 39.37 -1.46
C VAL B 433 -4.17 40.30 -0.28
N ILE B 434 -4.47 41.56 -0.60
CA ILE B 434 -4.78 42.58 0.39
C ILE B 434 -6.20 43.08 0.12
N ALA B 435 -6.98 43.25 1.18
CA ALA B 435 -8.35 43.72 1.04
C ALA B 435 -8.66 44.73 2.13
N TRP B 436 -9.42 45.77 1.78
CA TRP B 436 -9.88 46.76 2.74
C TRP B 436 -10.97 47.61 2.10
N ASN B 437 -11.91 48.03 2.94
CA ASN B 437 -13.11 48.70 2.43
C ASN B 437 -12.79 50.07 1.87
N SER B 438 -13.62 50.51 0.92
CA SER B 438 -13.52 51.85 0.34
C SER B 438 -14.90 52.49 0.20
N ASN B 439 -15.88 52.04 1.00
CA ASN B 439 -17.22 52.60 0.90
C ASN B 439 -17.20 54.10 1.15
N ASN B 440 -16.45 54.54 2.15
CA ASN B 440 -16.34 55.97 2.42
C ASN B 440 -15.80 56.72 1.20
N LEU B 441 -15.06 56.03 0.33
CA LEU B 441 -14.52 56.63 -0.88
C LEU B 441 -15.19 56.13 -2.15
N ASP B 442 -15.91 55.01 -2.11
CA ASP B 442 -16.48 54.41 -3.31
C ASP B 442 -17.98 54.16 -3.23
N SER B 443 -18.61 54.33 -2.07
CA SER B 443 -20.05 54.16 -1.92
C SER B 443 -20.73 55.51 -2.05
N LYS B 444 -21.79 55.57 -2.87
CA LYS B 444 -22.44 56.81 -3.23
C LYS B 444 -23.95 56.70 -3.00
N VAL B 445 -24.58 57.85 -2.78
CA VAL B 445 -26.02 57.88 -2.53
C VAL B 445 -26.77 57.47 -3.79
N GLY B 446 -27.60 56.43 -3.67
CA GLY B 446 -28.31 55.87 -4.79
C GLY B 446 -27.67 54.63 -5.39
N GLY B 447 -26.43 54.33 -5.00
CA GLY B 447 -25.74 53.16 -5.52
C GLY B 447 -24.72 53.56 -6.57
N ASN B 448 -23.46 53.16 -6.39
CA ASN B 448 -22.45 53.53 -7.37
C ASN B 448 -22.65 52.68 -8.62
N TYR B 449 -23.60 53.08 -9.46
CA TYR B 449 -23.74 52.53 -10.79
C TYR B 449 -22.71 53.11 -11.75
N ASN B 450 -21.87 54.04 -11.27
CA ASN B 450 -20.73 54.49 -12.05
C ASN B 450 -19.83 53.32 -12.43
N TYR B 451 -19.80 52.27 -11.59
CA TYR B 451 -19.04 51.06 -11.86
C TYR B 451 -19.96 50.04 -12.51
N LEU B 452 -19.47 49.40 -13.57
CA LEU B 452 -20.29 48.47 -14.34
C LEU B 452 -19.42 47.32 -14.84
N TYR B 453 -20.02 46.13 -14.93
CA TYR B 453 -19.27 44.91 -15.22
C TYR B 453 -20.11 43.97 -16.07
N ARG B 454 -19.46 43.33 -17.05
CA ARG B 454 -20.08 42.22 -17.75
C ARG B 454 -20.15 41.02 -16.81
N LEU B 455 -21.22 40.24 -16.93
CA LEU B 455 -21.55 39.23 -15.94
C LEU B 455 -21.67 37.82 -16.52
N PHE B 456 -22.06 37.69 -17.78
CA PHE B 456 -22.33 36.42 -18.41
C PHE B 456 -21.18 36.08 -19.35
N ARG B 457 -20.96 34.80 -19.61
CA ARG B 457 -19.94 34.41 -20.58
C ARG B 457 -20.40 33.17 -21.34
N LYS B 458 -19.92 33.06 -22.57
CA LYS B 458 -20.16 31.91 -23.44
C LYS B 458 -19.33 30.70 -23.05
N SER B 459 -18.56 30.79 -21.97
N SER B 459 -18.57 30.77 -21.97
CA SER B 459 -17.61 29.74 -21.59
CA SER B 459 -17.68 29.68 -21.56
C SER B 459 -17.16 30.01 -20.16
C SER B 459 -17.18 29.99 -20.15
N ASN B 460 -16.29 29.15 -19.66
CA ASN B 460 -15.65 29.34 -18.36
C ASN B 460 -14.36 30.13 -18.57
N LEU B 461 -14.20 31.22 -17.83
CA LEU B 461 -13.11 32.15 -18.06
C LEU B 461 -11.86 31.71 -17.30
N LYS B 462 -10.70 31.94 -17.90
CA LYS B 462 -9.45 31.59 -17.25
C LYS B 462 -9.08 32.67 -16.23
N PRO B 463 -8.38 32.29 -15.15
CA PRO B 463 -7.98 33.28 -14.15
C PRO B 463 -7.05 34.35 -14.72
N PHE B 464 -7.12 35.54 -14.12
CA PHE B 464 -6.18 36.62 -14.42
C PHE B 464 -6.22 37.00 -15.90
N GLU B 465 -7.35 36.75 -16.56
CA GLU B 465 -7.56 37.14 -17.95
C GLU B 465 -8.65 38.21 -17.97
N ARG B 466 -8.24 39.45 -18.23
CA ARG B 466 -9.16 40.57 -18.28
C ARG B 466 -9.79 40.65 -19.66
N ASP B 467 -11.12 40.61 -19.70
CA ASP B 467 -11.85 40.58 -20.97
C ASP B 467 -13.09 41.45 -20.81
N ILE B 468 -13.08 42.62 -21.45
CA ILE B 468 -14.10 43.65 -21.28
C ILE B 468 -14.95 43.82 -22.53
N SER B 469 -14.86 42.89 -23.48
CA SER B 469 -15.57 43.06 -24.75
C SER B 469 -17.06 43.28 -24.50
N THR B 470 -17.62 44.26 -25.21
CA THR B 470 -19.01 44.67 -25.01
C THR B 470 -19.98 43.97 -25.95
N GLU B 471 -19.57 42.89 -26.60
CA GLU B 471 -20.49 42.17 -27.48
C GLU B 471 -21.76 41.83 -26.73
N ILE B 472 -22.90 42.16 -27.34
CA ILE B 472 -24.20 42.06 -26.67
C ILE B 472 -24.53 40.58 -26.50
N TYR B 473 -24.65 40.13 -25.25
CA TYR B 473 -24.84 38.71 -24.99
C TYR B 473 -26.10 38.21 -25.66
N GLN B 474 -26.01 37.00 -26.21
CA GLN B 474 -27.08 36.41 -27.00
C GLN B 474 -27.60 35.18 -26.27
N ALA B 475 -28.77 35.32 -25.62
CA ALA B 475 -29.47 34.20 -25.03
C ALA B 475 -30.49 33.59 -25.98
N GLY B 476 -30.56 34.08 -27.22
CA GLY B 476 -31.31 33.38 -28.24
C GLY B 476 -30.64 32.06 -28.55
N SER B 477 -30.95 31.36 -29.65
CA SER B 477 -31.93 31.75 -30.68
CA SER B 477 -31.93 31.76 -30.67
C SER B 477 -31.53 33.03 -31.41
N THR B 478 -32.47 33.58 -32.18
CA THR B 478 -32.25 34.63 -33.18
C THR B 478 -31.23 35.67 -32.73
N PRO B 479 -30.13 35.86 -33.49
CA PRO B 479 -29.25 36.98 -33.21
C PRO B 479 -29.94 38.30 -33.47
N CYS B 480 -29.60 39.31 -32.67
CA CYS B 480 -30.17 40.64 -32.83
C CYS B 480 -29.31 41.56 -33.68
N ASN B 481 -28.06 41.17 -33.97
CA ASN B 481 -27.14 42.02 -34.71
C ASN B 481 -26.74 43.23 -33.87
N GLY B 482 -29.60 44.54 -33.44
CA GLY B 482 -28.76 45.20 -32.45
C GLY B 482 -29.57 46.05 -31.50
N VAL B 483 -30.89 45.93 -31.57
CA VAL B 483 -31.81 46.66 -30.70
C VAL B 483 -31.90 45.85 -29.41
N GLU B 484 -31.24 46.34 -28.35
CA GLU B 484 -31.37 45.70 -27.05
C GLU B 484 -32.84 45.59 -26.70
N GLY B 485 -33.18 44.67 -25.81
CA GLY B 485 -34.55 44.52 -25.39
C GLY B 485 -34.72 43.28 -24.55
N PHE B 486 -35.75 42.51 -24.85
CA PHE B 486 -36.04 41.33 -24.07
C PHE B 486 -35.22 40.14 -24.58
N ASN B 487 -34.43 39.55 -23.69
CA ASN B 487 -33.62 38.37 -24.00
C ASN B 487 -32.58 38.68 -25.08
N CYS B 488 -31.96 39.86 -24.97
CA CYS B 488 -30.79 40.24 -25.75
C CYS B 488 -30.15 41.40 -25.02
N TYR B 489 -28.89 41.27 -24.64
CA TYR B 489 -28.39 41.93 -23.44
C TYR B 489 -27.20 42.84 -23.68
N PHE B 490 -27.35 44.07 -23.25
CA PHE B 490 -26.26 44.72 -22.55
C PHE B 490 -25.70 43.72 -21.55
N PRO B 491 -24.53 43.11 -21.80
CA PRO B 491 -24.11 42.00 -20.93
C PRO B 491 -23.49 42.46 -19.63
N LEU B 492 -23.74 43.71 -19.29
CA LEU B 492 -23.05 44.39 -18.21
C LEU B 492 -24.06 45.13 -17.36
N GLN B 493 -23.86 45.05 -16.05
CA GLN B 493 -24.77 45.63 -15.07
C GLN B 493 -23.93 46.38 -14.06
N SER B 494 -24.54 47.36 -13.41
CA SER B 494 -23.78 48.29 -12.58
C SER B 494 -23.52 47.70 -11.20
N TYR B 495 -22.38 48.08 -10.62
CA TYR B 495 -22.04 47.61 -9.29
C TYR B 495 -23.06 48.10 -8.27
N GLY B 496 -23.40 49.39 -8.33
CA GLY B 496 -24.39 49.97 -7.44
C GLY B 496 -24.00 49.93 -5.99
N PHE B 497 -22.74 50.28 -5.69
CA PHE B 497 -22.30 50.32 -4.29
C PHE B 497 -23.05 51.41 -3.53
N GLN B 498 -23.62 51.03 -2.38
CA GLN B 498 -24.37 51.95 -1.55
C GLN B 498 -23.70 52.11 -0.19
N PRO B 499 -23.61 53.33 0.35
CA PRO B 499 -23.12 53.46 1.72
C PRO B 499 -24.00 52.75 2.73
N THR B 500 -25.30 52.71 2.49
CA THR B 500 -26.22 51.96 3.33
C THR B 500 -26.30 50.49 2.96
N ASN B 501 -25.68 50.10 1.83
CA ASN B 501 -25.55 48.68 1.52
C ASN B 501 -24.76 47.99 2.62
N GLY B 502 -25.07 46.71 2.85
CA GLY B 502 -24.31 45.95 3.81
C GLY B 502 -22.83 45.98 3.48
N VAL B 503 -22.00 46.08 4.52
CA VAL B 503 -20.56 46.23 4.31
C VAL B 503 -20.04 45.11 3.42
N GLY B 504 -20.68 43.95 3.46
CA GLY B 504 -20.42 42.94 2.44
C GLY B 504 -20.75 43.45 1.04
N TYR B 505 -21.84 44.20 0.92
CA TYR B 505 -22.18 44.84 -0.34
C TYR B 505 -21.38 46.10 -0.60
N GLN B 506 -20.63 46.60 0.41
CA GLN B 506 -19.84 47.80 0.24
C GLN B 506 -18.43 47.46 -0.22
N PRO B 507 -17.78 48.36 -0.95
CA PRO B 507 -16.57 48.00 -1.69
C PRO B 507 -15.36 47.79 -0.80
N TYR B 508 -14.46 46.94 -1.27
CA TYR B 508 -13.15 46.75 -0.70
C TYR B 508 -12.11 46.80 -1.82
N ARG B 509 -11.04 47.55 -1.59
CA ARG B 509 -9.96 47.69 -2.55
C ARG B 509 -9.00 46.53 -2.40
N VAL B 510 -8.76 45.80 -3.48
CA VAL B 510 -8.03 44.55 -3.43
C VAL B 510 -6.88 44.56 -4.43
N VAL B 511 -5.72 44.10 -3.99
CA VAL B 511 -4.56 43.89 -4.85
C VAL B 511 -4.10 42.45 -4.68
N VAL B 512 -3.99 41.73 -5.79
CA VAL B 512 -3.65 40.31 -5.78
C VAL B 512 -2.28 40.15 -6.41
N LEU B 513 -1.33 39.64 -5.63
CA LEU B 513 0.04 39.45 -6.08
C LEU B 513 0.41 37.98 -6.01
N SER B 514 0.96 37.44 -7.10
CA SER B 514 1.49 36.09 -7.16
C SER B 514 2.95 36.14 -7.55
N PHE B 515 3.77 35.34 -6.86
CA PHE B 515 5.22 35.51 -6.86
C PHE B 515 5.89 34.23 -7.35
N GLU B 516 7.13 34.38 -7.82
CA GLU B 516 7.95 33.26 -8.27
C GLU B 516 9.34 33.38 -7.69
N LEU B 517 9.84 32.29 -7.11
CA LEU B 517 11.18 32.22 -6.53
C LEU B 517 11.97 31.18 -7.33
N LEU B 518 12.66 31.63 -8.36
CA LEU B 518 13.44 30.73 -9.21
C LEU B 518 14.45 31.51 -10.05
N PRO B 521 17.53 35.43 -11.74
CA PRO B 521 16.07 35.48 -11.88
C PRO B 521 15.39 36.16 -10.68
N ALA B 522 15.80 35.80 -9.47
CA ALA B 522 15.24 36.44 -8.29
C ALA B 522 15.61 37.92 -8.27
N THR B 523 14.62 38.77 -8.01
CA THR B 523 14.78 40.21 -8.17
C THR B 523 14.58 40.99 -6.88
N VAL B 524 13.45 40.80 -6.20
CA VAL B 524 12.96 41.75 -5.20
C VAL B 524 12.98 41.09 -3.83
N CYS B 525 13.75 41.66 -2.91
CA CYS B 525 13.76 41.24 -1.52
C CYS B 525 13.65 42.46 -0.62
N GLY B 526 12.99 42.28 0.52
CA GLY B 526 13.03 43.28 1.57
C GLY B 526 14.39 43.30 2.23
N PRO B 527 14.47 43.75 3.48
CA PRO B 527 15.76 43.72 4.18
C PRO B 527 16.33 42.32 4.25
N LYS B 528 17.59 42.18 3.84
CA LYS B 528 18.29 40.90 3.87
C LYS B 528 19.64 40.95 4.54
N LYS B 529 20.16 42.15 4.88
CA LYS B 529 21.41 42.31 5.63
C LYS B 529 22.58 41.47 5.15
N SER B 530 23.05 41.72 3.93
CA SER B 530 24.06 40.88 3.31
C SER B 530 25.29 40.77 4.20
N THR B 531 26.07 39.73 3.96
CA THR B 531 27.15 39.34 4.85
C THR B 531 28.39 39.00 4.03
N ASN B 532 29.54 39.06 4.70
CA ASN B 532 30.79 38.66 4.06
C ASN B 532 30.77 37.18 3.75
N LEU B 533 31.17 36.83 2.54
CA LEU B 533 31.18 35.43 2.11
C LEU B 533 32.15 34.63 2.97
N VAL B 534 31.76 33.41 3.31
CA VAL B 534 32.56 32.52 4.15
C VAL B 534 32.78 31.21 3.39
N LYS B 535 34.01 30.73 3.40
CA LYS B 535 34.43 29.60 2.57
C LYS B 535 35.14 28.56 3.42
N ASN B 536 35.19 27.33 2.88
CA ASN B 536 35.93 26.21 3.42
C ASN B 536 35.39 25.75 4.78
N LYS B 537 34.22 26.23 5.18
CA LYS B 537 33.56 25.78 6.40
C LYS B 537 32.10 25.53 6.08
N CYS B 538 31.61 24.33 6.38
CA CYS B 538 30.25 23.97 6.00
C CYS B 538 29.26 24.62 6.96
N VAL B 539 28.28 25.33 6.42
CA VAL B 539 27.29 26.02 7.23
C VAL B 539 25.93 25.97 6.54
N ASN B 540 24.89 26.25 7.34
CA ASN B 540 23.57 26.52 6.79
C ASN B 540 23.47 28.01 6.48
N PHE B 541 23.16 28.34 5.24
CA PHE B 541 23.26 29.71 4.76
C PHE B 541 22.00 30.10 4.00
N ASN B 542 21.75 31.40 3.96
CA ASN B 542 20.69 31.99 3.14
C ASN B 542 21.40 32.96 2.19
N PHE B 543 21.81 32.45 1.03
CA PHE B 543 22.74 33.16 0.15
C PHE B 543 21.95 34.03 -0.82
N ASN B 544 22.08 35.35 -0.69
CA ASN B 544 21.61 36.30 -1.70
C ASN B 544 20.12 36.09 -1.99
N GLY B 545 19.37 35.60 -1.00
CA GLY B 545 18.02 35.17 -1.21
C GLY B 545 17.91 33.71 -1.63
N LEU B 546 19.01 33.12 -2.07
CA LEU B 546 19.09 31.70 -2.39
C LEU B 546 19.63 30.98 -1.16
N THR B 547 18.82 30.09 -0.59
CA THR B 547 19.14 29.45 0.67
C THR B 547 19.69 28.04 0.45
N GLY B 548 20.62 27.65 1.30
CA GLY B 548 21.21 26.33 1.24
C GLY B 548 22.13 26.12 2.43
N THR B 549 22.74 24.93 2.47
CA THR B 549 23.70 24.60 3.51
C THR B 549 24.85 23.83 2.89
N GLY B 550 26.07 24.21 3.26
CA GLY B 550 27.25 23.59 2.71
C GLY B 550 28.45 24.52 2.82
N VAL B 551 29.43 24.27 1.96
CA VAL B 551 30.65 25.07 1.89
C VAL B 551 30.71 25.69 0.50
N LEU B 552 31.11 26.95 0.44
CA LEU B 552 31.31 27.66 -0.83
C LEU B 552 32.78 28.06 -0.93
N THR B 553 33.49 27.47 -1.90
CA THR B 553 34.91 27.75 -2.09
C THR B 553 35.18 27.95 -3.58
N GLU B 554 36.28 28.67 -3.86
CA GLU B 554 36.55 29.15 -5.22
C GLU B 554 36.30 28.06 -6.26
N SER B 555 35.63 28.44 -7.34
CA SER B 555 35.21 27.53 -8.40
C SER B 555 35.91 27.86 -9.70
N ASN B 556 36.38 26.81 -10.38
CA ASN B 556 36.99 26.93 -11.70
C ASN B 556 36.00 26.64 -12.82
N LYS B 557 34.95 25.90 -12.53
CA LYS B 557 33.89 25.60 -13.47
C LYS B 557 33.43 26.86 -14.21
N LYS B 558 32.94 26.64 -15.44
CA LYS B 558 32.48 27.73 -16.30
C LYS B 558 30.99 27.93 -16.09
N PHE B 559 30.61 29.15 -15.74
CA PHE B 559 29.23 29.58 -15.70
C PHE B 559 29.09 30.78 -16.62
N LEU B 560 28.33 30.61 -17.71
CA LEU B 560 28.17 31.65 -18.70
C LEU B 560 27.79 32.97 -18.03
N PRO B 561 28.00 34.10 -18.70
CA PRO B 561 27.58 35.38 -18.11
C PRO B 561 26.12 35.39 -17.76
N PHE B 562 25.31 34.64 -18.50
CA PHE B 562 23.90 34.65 -18.23
C PHE B 562 23.59 33.81 -16.98
N GLN B 563 24.50 32.90 -16.56
CA GLN B 563 24.39 32.19 -15.27
C GLN B 563 25.25 32.81 -14.21
N GLN B 564 24.85 32.59 -12.97
CA GLN B 564 25.72 32.67 -11.80
C GLN B 564 25.63 31.45 -10.90
N PHE B 565 24.42 30.92 -10.68
CA PHE B 565 24.21 29.69 -9.93
C PHE B 565 23.35 28.75 -10.77
N GLY B 566 23.72 27.47 -10.80
CA GLY B 566 23.00 26.48 -11.56
C GLY B 566 22.86 25.19 -10.80
N ARG B 567 21.72 24.53 -11.00
CA ARG B 567 21.32 23.37 -10.22
C ARG B 567 21.87 22.07 -10.80
N ASP B 568 22.78 21.44 -10.07
CA ASP B 568 23.19 20.07 -10.36
C ASP B 568 22.16 19.13 -9.71
N ILE B 569 22.48 17.83 -9.67
CA ILE B 569 21.53 16.87 -9.12
C ILE B 569 21.19 17.26 -7.69
N ALA B 570 19.92 17.10 -7.33
CA ALA B 570 19.36 17.53 -6.05
C ALA B 570 19.16 19.04 -5.99
N ASP B 571 19.06 19.70 -7.14
CA ASP B 571 18.94 21.16 -7.19
C ASP B 571 20.13 21.84 -6.50
N THR B 572 21.28 21.17 -6.49
CA THR B 572 22.46 21.68 -5.82
C THR B 572 23.24 22.58 -6.76
N THR B 573 23.79 23.66 -6.21
CA THR B 573 24.67 24.51 -6.98
C THR B 573 26.05 23.87 -7.13
N ASP B 574 26.75 24.25 -8.20
CA ASP B 574 28.16 23.95 -8.36
C ASP B 574 29.03 25.19 -8.22
N ALA B 575 28.56 26.33 -8.73
CA ALA B 575 29.18 27.62 -8.47
C ALA B 575 28.10 28.69 -8.56
N VAL B 576 28.20 29.69 -7.68
CA VAL B 576 27.13 30.65 -7.46
C VAL B 576 27.68 32.07 -7.41
N ARG B 577 26.92 32.99 -8.01
CA ARG B 577 27.09 34.42 -7.75
C ARG B 577 25.71 35.07 -7.75
N ILE B 584 31.46 32.62 -7.63
CA ILE B 584 31.22 31.27 -8.13
C ILE B 584 32.10 30.34 -7.32
N LEU B 585 31.47 29.46 -6.52
CA LEU B 585 32.17 28.72 -5.49
C LEU B 585 31.67 27.30 -5.42
N ASP B 586 32.53 26.39 -4.94
CA ASP B 586 32.23 24.97 -4.90
C ASP B 586 31.36 24.63 -3.69
N ILE B 587 30.36 23.80 -3.91
CA ILE B 587 29.40 23.42 -2.89
C ILE B 587 29.90 22.18 -2.16
N THR B 588 29.50 22.03 -0.91
CA THR B 588 29.86 20.87 -0.11
C THR B 588 28.63 20.34 0.60
N PRO B 589 28.36 19.04 0.53
CA PRO B 589 27.50 18.43 1.55
C PRO B 589 28.30 18.25 2.82
N CYS B 590 27.71 18.65 3.94
CA CYS B 590 28.44 18.67 5.20
C CYS B 590 29.04 17.29 5.43
N SER B 591 30.38 17.20 5.41
CA SER B 591 31.05 15.91 5.31
C SER B 591 30.57 14.94 6.39
N PHE B 592 29.86 13.92 5.94
CA PHE B 592 29.06 13.02 6.73
C PHE B 592 29.89 11.79 7.06
N GLY B 593 29.24 10.80 7.65
CA GLY B 593 29.84 9.50 7.83
C GLY B 593 28.92 8.61 8.62
N GLY B 594 29.32 7.34 8.69
CA GLY B 594 28.65 6.39 9.57
C GLY B 594 29.14 6.50 11.00
N VAL B 595 28.38 5.90 11.90
CA VAL B 595 28.74 5.79 13.31
C VAL B 595 28.54 4.34 13.73
N SER B 596 29.63 3.61 13.89
CA SER B 596 29.63 2.24 14.38
C SER B 596 30.51 2.17 15.61
N VAL B 597 30.05 1.42 16.61
CA VAL B 597 30.76 1.27 17.87
C VAL B 597 31.21 -0.17 18.00
N ILE B 598 32.46 -0.36 18.43
CA ILE B 598 33.15 -1.64 18.34
C ILE B 598 33.47 -2.11 19.76
N THR B 599 33.10 -3.34 20.10
CA THR B 599 33.19 -3.89 21.44
C THR B 599 33.87 -5.34 21.45
N PRO B 600 34.62 -5.72 22.40
CA PRO B 600 34.63 -7.14 22.73
C PRO B 600 33.51 -7.77 23.57
N GLY B 601 32.41 -7.11 23.71
CA GLY B 601 31.36 -7.51 24.60
C GLY B 601 31.62 -6.91 25.96
N THR B 602 30.57 -6.59 26.72
CA THR B 602 30.81 -6.33 28.12
C THR B 602 31.78 -7.31 28.76
N ASN B 603 31.46 -8.59 28.83
CA ASN B 603 31.84 -9.14 30.10
C ASN B 603 33.36 -9.33 30.12
N THR B 604 33.99 -9.28 28.94
CA THR B 604 35.43 -9.12 28.78
C THR B 604 35.90 -7.79 29.35
N SER B 605 35.18 -6.71 29.03
CA SER B 605 35.58 -5.37 29.41
C SER B 605 34.47 -4.38 29.10
N ASN B 606 34.55 -3.22 29.73
CA ASN B 606 33.85 -1.99 29.44
C ASN B 606 34.62 -1.13 28.45
N GLN B 607 35.70 -1.68 27.90
CA GLN B 607 36.52 -1.00 26.91
C GLN B 607 35.89 -1.14 25.52
N VAL B 608 36.18 -0.16 24.68
CA VAL B 608 35.66 0.12 23.35
C VAL B 608 36.51 1.00 22.46
N ALA B 609 36.62 0.51 21.22
CA ALA B 609 37.21 1.16 20.08
C ALA B 609 36.11 1.90 19.31
N VAL B 610 36.48 3.00 18.67
CA VAL B 610 35.51 3.85 17.98
C VAL B 610 36.05 4.23 16.61
N LEU B 611 35.15 4.19 15.61
CA LEU B 611 35.44 4.46 14.22
C LEU B 611 34.71 5.67 13.64
N TYR B 612 35.51 6.61 13.13
CA TYR B 612 35.01 7.64 12.23
C TYR B 612 35.09 7.07 10.83
N GLN B 613 34.01 7.23 10.07
CA GLN B 613 33.57 6.30 9.03
C GLN B 613 33.78 6.91 7.66
N ASP B 614 34.81 6.46 6.94
CA ASP B 614 35.14 7.07 5.65
C ASP B 614 35.39 8.57 5.80
N VAL B 615 35.76 9.00 7.00
CA VAL B 615 35.86 10.38 7.44
C VAL B 615 37.26 10.63 7.97
N ASN B 616 37.77 11.83 7.69
CA ASN B 616 38.99 12.26 8.34
C ASN B 616 38.71 12.53 9.82
N CYS B 617 39.55 11.99 10.69
CA CYS B 617 39.45 12.29 12.12
C CYS B 617 40.01 13.66 12.46
N THR B 618 40.38 14.44 11.45
CA THR B 618 40.60 15.87 11.64
C THR B 618 39.30 16.59 12.01
N GLU B 619 38.15 16.00 11.69
CA GLU B 619 36.85 16.63 11.84
C GLU B 619 36.19 16.14 13.13
N VAL B 620 36.83 16.41 14.26
CA VAL B 620 36.29 15.98 15.56
C VAL B 620 36.21 17.17 16.50
N ASN B 641 48.74 4.34 17.75
CA ASN B 641 47.51 4.71 18.43
C ASN B 641 46.39 5.16 17.49
N VAL B 642 46.56 6.32 16.85
CA VAL B 642 45.59 6.82 15.89
C VAL B 642 45.95 6.30 14.51
N PHE B 643 44.94 5.93 13.73
CA PHE B 643 45.14 5.48 12.35
C PHE B 643 43.93 5.88 11.52
N GLN B 644 44.19 6.30 10.29
CA GLN B 644 43.14 6.49 9.30
C GLN B 644 43.24 5.43 8.21
N THR B 645 42.11 4.82 7.88
CA THR B 645 42.07 3.60 7.11
C THR B 645 41.15 3.78 5.90
N ARG B 646 40.87 2.68 5.20
CA ARG B 646 39.77 2.65 4.26
C ARG B 646 38.44 2.90 4.95
N ALA B 647 38.08 2.05 5.92
CA ALA B 647 36.79 2.11 6.57
C ALA B 647 36.61 3.37 7.42
N GLY B 648 37.61 4.24 7.45
CA GLY B 648 37.50 5.49 8.16
C GLY B 648 38.75 5.78 8.95
N CYS B 649 38.60 6.31 10.17
CA CYS B 649 39.75 6.59 11.01
C CYS B 649 39.54 5.95 12.39
N LEU B 650 40.35 4.95 12.67
CA LEU B 650 40.45 4.28 13.98
C LEU B 650 41.54 4.77 14.93
N ILE B 651 41.15 4.97 16.18
CA ILE B 651 41.98 5.65 17.16
C ILE B 651 42.06 4.76 18.38
N GLY B 652 43.17 4.85 19.08
CA GLY B 652 43.41 4.15 20.29
C GLY B 652 43.80 2.70 20.11
N ALA B 653 43.60 2.13 18.92
CA ALA B 653 43.99 0.76 18.63
C ALA B 653 45.16 0.77 17.65
N GLU B 654 46.22 0.06 18.00
CA GLU B 654 47.44 0.05 17.19
C GLU B 654 47.26 -0.73 15.89
N HIS B 655 47.45 -0.06 14.77
CA HIS B 655 47.70 -0.76 13.52
C HIS B 655 49.08 -1.37 13.64
N VAL B 656 49.22 -2.63 13.28
CA VAL B 656 50.37 -3.40 13.71
C VAL B 656 51.12 -3.77 12.43
N ASN B 657 52.23 -4.47 12.60
CA ASN B 657 52.84 -5.15 11.46
C ASN B 657 52.31 -6.56 11.26
N ASN B 658 51.83 -7.20 12.33
CA ASN B 658 51.56 -8.62 12.30
C ASN B 658 50.25 -8.89 11.56
N SER B 659 49.84 -10.16 11.55
CA SER B 659 48.59 -10.67 11.02
C SER B 659 48.29 -12.02 11.64
N TYR B 660 47.20 -12.09 12.39
CA TYR B 660 46.68 -13.32 13.01
C TYR B 660 45.25 -13.55 12.54
N GLU B 661 44.69 -14.68 12.96
CA GLU B 661 43.33 -15.04 12.55
C GLU B 661 42.34 -13.97 12.98
N CYS B 662 41.38 -13.68 12.12
CA CYS B 662 40.44 -12.61 12.38
C CYS B 662 39.65 -12.88 13.64
N ASP B 663 39.52 -11.86 14.49
CA ASP B 663 38.67 -11.91 15.66
C ASP B 663 37.57 -10.86 15.61
N ILE B 664 37.91 -9.60 15.34
CA ILE B 664 36.96 -8.51 15.30
C ILE B 664 36.95 -7.92 13.90
N PRO B 665 36.13 -8.44 12.98
CA PRO B 665 36.21 -7.99 11.58
C PRO B 665 35.93 -6.49 11.43
N ILE B 666 36.87 -5.79 10.80
CA ILE B 666 36.72 -4.36 10.52
C ILE B 666 36.37 -4.12 9.06
N GLY B 667 37.07 -4.77 8.14
CA GLY B 667 36.88 -4.56 6.72
C GLY B 667 38.21 -4.49 6.00
N ALA B 668 38.18 -4.76 4.70
CA ALA B 668 39.40 -4.84 3.89
C ALA B 668 40.37 -5.86 4.46
N GLY B 669 39.82 -6.87 5.15
CA GLY B 669 40.63 -7.91 5.77
C GLY B 669 41.16 -7.57 7.12
N ILE B 670 40.64 -6.60 7.74
CA ILE B 670 41.37 -5.95 8.82
C ILE B 670 40.54 -6.19 10.06
N CYS B 671 41.13 -6.81 11.07
CA CYS B 671 40.38 -7.29 12.24
C CYS B 671 41.06 -6.72 13.48
N ALA B 672 40.59 -7.13 14.67
CA ALA B 672 41.16 -6.65 15.91
C ALA B 672 41.06 -7.67 17.03
N SER B 673 41.99 -7.61 17.98
CA SER B 673 42.14 -8.47 19.14
C SER B 673 43.25 -7.94 20.04
N TYR B 674 43.40 -8.56 21.20
CA TYR B 674 44.44 -8.24 22.16
C TYR B 674 45.83 -8.44 21.55
N SER B 691 43.97 -2.25 25.39
CA SER B 691 44.62 -3.55 25.27
C SER B 691 44.38 -4.27 23.94
N ILE B 692 43.18 -4.12 23.41
CA ILE B 692 42.79 -4.74 22.14
C ILE B 692 43.02 -3.73 21.02
N ILE B 693 43.66 -4.19 19.95
CA ILE B 693 44.29 -3.39 18.92
C ILE B 693 43.93 -3.95 17.55
N ALA B 694 44.06 -3.10 16.54
CA ALA B 694 43.58 -3.38 15.19
C ALA B 694 44.72 -3.93 14.35
N TYR B 695 44.44 -5.00 13.61
CA TYR B 695 45.45 -5.75 12.89
C TYR B 695 44.79 -6.40 11.67
N THR B 696 45.60 -7.06 10.85
CA THR B 696 45.13 -7.66 9.62
C THR B 696 44.86 -9.15 9.81
N MET B 697 43.64 -9.56 9.45
CA MET B 697 43.27 -10.97 9.28
C MET B 697 44.45 -11.76 8.71
N SER B 698 44.77 -12.88 9.36
CA SER B 698 45.74 -13.84 8.82
C SER B 698 45.01 -14.93 8.06
N LEU B 699 45.45 -15.17 6.84
CA LEU B 699 44.74 -16.06 5.94
C LEU B 699 44.79 -17.52 6.38
N GLY B 700 45.79 -17.88 7.17
CA GLY B 700 45.95 -19.26 7.61
C GLY B 700 47.42 -19.54 7.91
N ALA B 701 47.88 -20.74 7.59
CA ALA B 701 49.30 -21.03 7.78
C ALA B 701 49.95 -21.48 6.49
N GLU B 702 51.14 -20.93 6.24
CA GLU B 702 51.82 -20.99 4.96
C GLU B 702 52.68 -22.27 4.88
N ASN B 703 52.33 -23.21 3.98
CA ASN B 703 53.05 -24.48 3.83
C ASN B 703 53.40 -24.78 2.38
N SER B 704 54.61 -25.33 2.16
CA SER B 704 55.11 -25.68 0.83
C SER B 704 55.02 -27.18 0.59
N VAL B 705 54.66 -27.56 -0.64
CA VAL B 705 54.57 -28.97 -0.99
C VAL B 705 55.96 -29.52 -1.25
N ALA B 706 56.22 -30.73 -0.75
CA ALA B 706 57.45 -31.44 -1.06
C ALA B 706 57.33 -31.99 -2.48
N TYR B 707 57.24 -31.05 -3.43
CA TYR B 707 57.01 -31.46 -4.80
C TYR B 707 58.21 -32.22 -5.34
N SER B 708 57.97 -33.48 -5.69
CA SER B 708 58.91 -34.25 -6.46
C SER B 708 58.15 -34.89 -7.61
N ASN B 709 58.79 -34.92 -8.77
CA ASN B 709 58.30 -35.71 -9.90
C ASN B 709 58.43 -37.21 -9.65
N ASN B 710 59.13 -37.62 -8.59
CA ASN B 710 59.56 -39.00 -8.44
C ASN B 710 59.34 -39.50 -7.01
N SER B 711 58.48 -38.83 -6.24
CA SER B 711 58.27 -39.24 -4.86
C SER B 711 56.83 -38.93 -4.45
N ILE B 712 56.36 -39.74 -3.55
CA ILE B 712 55.11 -39.81 -2.82
C ILE B 712 55.17 -40.11 -1.38
N ALA B 713 54.23 -39.50 -0.63
CA ALA B 713 54.08 -39.83 0.76
C ALA B 713 52.64 -40.25 1.03
N ILE B 714 52.47 -41.34 1.77
CA ILE B 714 51.16 -41.90 2.05
C ILE B 714 51.06 -42.13 3.55
N PRO B 715 49.93 -41.79 4.20
CA PRO B 715 49.82 -42.05 5.63
C PRO B 715 49.65 -43.48 6.08
N THR B 716 50.33 -43.77 7.20
CA THR B 716 50.29 -45.08 7.81
C THR B 716 49.26 -45.18 8.94
N ASN B 717 48.55 -44.08 9.22
CA ASN B 717 47.54 -44.10 10.27
C ASN B 717 46.34 -43.30 9.78
N PHE B 718 45.36 -43.16 10.66
CA PHE B 718 44.16 -42.39 10.36
C PHE B 718 43.47 -42.07 11.68
N THR B 719 42.31 -41.41 11.63
CA THR B 719 41.58 -41.25 12.88
C THR B 719 40.19 -41.72 12.47
N ILE B 720 39.24 -41.67 13.39
CA ILE B 720 37.82 -41.59 13.01
C ILE B 720 37.29 -40.25 13.47
N SER B 721 37.28 -39.27 12.56
CA SER B 721 36.79 -37.93 12.83
C SER B 721 35.27 -37.91 12.74
N VAL B 722 34.64 -37.20 13.67
CA VAL B 722 33.19 -37.01 13.67
C VAL B 722 32.87 -35.53 13.74
N THR B 723 31.86 -35.07 12.92
CA THR B 723 31.75 -33.65 12.85
C THR B 723 30.24 -33.43 12.88
N THR B 724 29.76 -32.23 13.20
CA THR B 724 28.34 -31.89 13.21
C THR B 724 28.09 -30.78 12.20
N GLU B 725 27.20 -31.03 11.25
CA GLU B 725 26.88 -30.09 10.17
C GLU B 725 25.44 -29.60 10.37
N ILE B 726 25.20 -28.29 10.47
CA ILE B 726 24.25 -27.90 11.50
C ILE B 726 23.25 -27.42 10.39
N LEU B 727 21.89 -27.75 10.38
CA LEU B 727 21.29 -27.03 9.24
C LEU B 727 19.89 -26.50 9.71
N PRO B 728 19.36 -25.39 9.12
CA PRO B 728 17.98 -24.91 9.46
C PRO B 728 16.93 -25.70 8.70
N VAL B 729 15.83 -26.00 9.41
CA VAL B 729 14.89 -27.01 8.96
C VAL B 729 13.46 -26.51 8.91
N SER B 730 13.14 -25.50 9.71
CA SER B 730 11.74 -25.15 9.94
C SER B 730 11.63 -23.71 10.44
N MET B 731 10.39 -23.21 10.48
CA MET B 731 10.14 -21.85 10.94
C MET B 731 8.83 -21.89 11.72
N THR B 732 8.64 -20.93 12.63
CA THR B 732 7.39 -20.86 13.38
C THR B 732 6.21 -20.69 12.43
N LYS B 733 5.20 -21.54 12.59
CA LYS B 733 3.95 -21.38 11.85
C LYS B 733 3.02 -20.50 12.66
N THR B 734 2.73 -19.31 12.13
CA THR B 734 1.94 -18.33 12.85
C THR B 734 0.45 -18.61 12.65
N SER B 735 -0.37 -17.96 13.48
CA SER B 735 -1.74 -17.68 13.15
C SER B 735 -2.03 -16.22 13.48
N VAL B 736 -2.78 -15.57 12.61
CA VAL B 736 -2.97 -14.12 12.67
C VAL B 736 -4.46 -13.82 12.64
N ASP B 737 -4.94 -13.07 13.63
CA ASP B 737 -6.25 -12.41 13.68
C ASP B 737 -6.04 -11.03 13.08
N CYS B 738 -5.97 -10.98 11.75
CA CYS B 738 -5.44 -9.81 11.08
C CYS B 738 -6.22 -8.57 11.48
N THR B 739 -7.52 -8.56 11.18
CA THR B 739 -8.31 -7.34 11.35
C THR B 739 -8.19 -6.71 12.68
N MET B 740 -8.38 -7.51 13.72
CA MET B 740 -8.45 -6.97 15.06
C MET B 740 -7.13 -6.33 15.44
N TYR B 741 -6.01 -6.90 14.96
CA TYR B 741 -4.77 -6.12 14.99
C TYR B 741 -4.91 -4.86 14.18
N ILE B 742 -5.45 -4.98 12.97
CA ILE B 742 -5.50 -3.84 12.05
C ILE B 742 -6.24 -2.68 12.67
N CYS B 743 -7.34 -2.94 13.39
CA CYS B 743 -7.84 -1.90 14.30
C CYS B 743 -8.26 -2.37 15.69
N GLY B 744 -8.84 -3.57 15.83
CA GLY B 744 -9.28 -3.99 17.16
C GLY B 744 -10.65 -3.58 17.66
N ASP B 745 -11.71 -4.24 17.16
CA ASP B 745 -13.06 -4.11 17.72
C ASP B 745 -13.72 -2.78 17.37
N SER B 746 -13.75 -2.48 16.08
CA SER B 746 -14.49 -1.34 15.54
C SER B 746 -15.20 -1.78 14.27
N THR B 747 -16.52 -1.93 14.34
CA THR B 747 -17.29 -2.25 13.14
C THR B 747 -17.14 -1.15 12.09
N GLU B 748 -17.10 0.11 12.53
CA GLU B 748 -16.80 1.26 11.70
C GLU B 748 -15.54 0.98 10.88
N CYS B 749 -14.48 0.54 11.56
CA CYS B 749 -13.31 0.09 10.83
C CYS B 749 -13.69 -0.88 9.73
N SER B 750 -14.38 -1.96 10.09
CA SER B 750 -14.59 -3.03 9.13
C SER B 750 -15.23 -2.48 7.88
N ASN B 751 -16.14 -1.51 8.03
CA ASN B 751 -16.59 -0.77 6.85
C ASN B 751 -15.40 -0.13 6.12
N LEU B 752 -14.54 0.57 6.85
CA LEU B 752 -13.43 1.26 6.17
C LEU B 752 -12.47 0.28 5.47
N LEU B 753 -12.33 -0.92 6.03
CA LEU B 753 -11.42 -1.91 5.46
C LEU B 753 -12.04 -2.63 4.26
N LEU B 754 -13.25 -3.15 4.37
CA LEU B 754 -13.89 -3.69 3.19
C LEU B 754 -14.09 -2.59 2.16
N GLN B 755 -13.95 -1.33 2.58
CA GLN B 755 -14.12 -0.18 1.70
C GLN B 755 -12.71 0.26 1.28
N TYR B 756 -11.68 -0.44 1.79
CA TYR B 756 -10.29 -0.39 1.36
C TYR B 756 -9.91 -1.58 0.49
N GLY B 757 -10.55 -2.72 0.70
CA GLY B 757 -10.26 -3.89 -0.10
C GLY B 757 -10.11 -5.13 0.76
N SER B 758 -9.26 -6.05 0.30
CA SER B 758 -9.04 -7.33 0.97
C SER B 758 -7.55 -7.65 1.06
N PHE B 759 -6.73 -6.65 1.38
CA PHE B 759 -5.30 -6.89 1.46
C PHE B 759 -4.96 -7.84 2.60
N CYS B 760 -5.61 -7.68 3.75
CA CYS B 760 -5.44 -8.64 4.82
C CYS B 760 -5.72 -10.05 4.34
N THR B 761 -6.67 -10.19 3.40
CA THR B 761 -6.97 -11.51 2.87
C THR B 761 -5.80 -12.08 2.08
N GLN B 762 -5.20 -11.28 1.19
CA GLN B 762 -4.01 -11.74 0.49
C GLN B 762 -2.92 -12.13 1.48
N LEU B 763 -2.80 -11.37 2.56
CA LEU B 763 -1.80 -11.70 3.56
C LEU B 763 -2.11 -13.03 4.23
N ASN B 764 -3.38 -13.30 4.51
CA ASN B 764 -3.69 -14.59 5.12
C ASN B 764 -3.34 -15.73 4.17
N ARG B 765 -3.54 -15.53 2.87
CA ARG B 765 -3.30 -16.62 1.93
C ARG B 765 -1.80 -16.85 1.92
N ALA B 766 -1.02 -15.74 2.00
CA ALA B 766 0.45 -15.82 2.06
C ALA B 766 0.90 -16.64 3.26
N LEU B 767 0.33 -16.37 4.41
CA LEU B 767 0.67 -17.10 5.64
C LEU B 767 0.10 -18.48 5.80
N THR B 768 -0.97 -18.78 5.11
CA THR B 768 -1.31 -20.17 4.96
C THR B 768 -0.34 -20.90 4.03
N GLY B 769 0.11 -20.22 2.96
CA GLY B 769 1.08 -20.83 2.06
C GLY B 769 2.40 -21.13 2.74
N ILE B 770 2.91 -20.16 3.49
CA ILE B 770 4.01 -20.46 4.42
C ILE B 770 3.72 -21.69 5.26
N ALA B 771 2.59 -21.72 5.96
CA ALA B 771 2.36 -22.80 6.90
C ALA B 771 2.37 -24.16 6.21
N VAL B 772 1.72 -24.26 5.05
CA VAL B 772 1.73 -25.54 4.33
C VAL B 772 3.12 -25.83 3.81
N GLU B 773 3.84 -24.80 3.38
CA GLU B 773 5.16 -25.05 2.82
C GLU B 773 6.04 -25.69 3.85
N GLN B 774 5.88 -25.34 5.10
CA GLN B 774 6.83 -25.88 6.11
C GLN B 774 6.24 -27.09 6.85
N ASP B 775 4.91 -27.28 6.84
CA ASP B 775 4.44 -28.65 7.06
C ASP B 775 5.07 -29.59 6.04
N LYS B 776 5.05 -29.19 4.76
CA LYS B 776 5.62 -30.00 3.69
C LYS B 776 7.14 -30.13 3.83
N ASN B 777 7.81 -29.03 4.16
CA ASN B 777 9.25 -29.10 4.43
C ASN B 777 9.60 -30.11 5.48
N THR B 778 8.94 -30.05 6.62
CA THR B 778 9.21 -31.02 7.66
C THR B 778 8.89 -32.43 7.15
N GLN B 779 7.84 -32.54 6.33
CA GLN B 779 7.33 -33.85 5.93
C GLN B 779 8.31 -34.54 5.00
N GLU B 780 8.85 -33.81 4.01
CA GLU B 780 9.94 -34.35 3.20
C GLU B 780 11.22 -34.49 4.00
N VAL B 781 11.40 -33.70 5.06
CA VAL B 781 12.61 -33.81 5.87
C VAL B 781 12.63 -35.14 6.62
N PHE B 782 11.47 -35.60 7.08
CA PHE B 782 11.46 -36.73 8.01
C PHE B 782 10.53 -37.87 7.62
N ALA B 783 9.46 -37.62 6.87
CA ALA B 783 8.69 -38.73 6.32
C ALA B 783 9.39 -39.34 5.12
N GLN B 784 10.64 -39.75 5.31
CA GLN B 784 11.46 -40.25 4.21
C GLN B 784 11.38 -41.77 4.14
N VAL B 785 10.87 -42.39 5.20
CA VAL B 785 10.72 -43.84 5.30
C VAL B 785 9.27 -44.14 5.59
N LYS B 786 8.74 -45.18 4.94
CA LYS B 786 7.35 -45.60 5.12
C LYS B 786 7.24 -46.69 6.17
N GLN B 787 8.31 -46.92 6.93
CA GLN B 787 8.49 -48.11 7.74
C GLN B 787 9.13 -47.73 9.05
N ILE B 788 8.45 -48.03 10.15
CA ILE B 788 8.98 -47.76 11.49
C ILE B 788 9.89 -48.94 11.86
N TYR B 789 11.18 -48.68 11.93
CA TYR B 789 12.16 -49.68 12.32
C TYR B 789 12.29 -49.67 13.86
N LYS B 790 12.40 -50.87 14.53
CA LYS B 790 12.86 -50.76 15.93
C LYS B 790 14.18 -51.56 15.94
N THR B 791 15.07 -51.10 16.79
CA THR B 791 16.27 -51.79 17.19
C THR B 791 15.89 -52.94 18.12
N PRO B 792 16.75 -53.95 18.25
CA PRO B 792 16.47 -55.02 19.22
C PRO B 792 16.69 -54.64 20.66
N PRO B 793 16.26 -55.47 21.60
CA PRO B 793 16.64 -55.24 23.01
C PRO B 793 18.12 -55.46 23.27
N ILE B 794 18.80 -56.05 22.29
CA ILE B 794 20.20 -56.42 22.24
C ILE B 794 21.03 -55.37 21.50
N LYS B 795 21.73 -54.54 22.29
CA LYS B 795 22.69 -53.53 21.81
C LYS B 795 24.06 -54.15 21.64
N ASP B 796 24.31 -54.78 20.50
CA ASP B 796 25.59 -55.39 20.17
C ASP B 796 26.00 -54.89 18.77
N PHE B 797 26.65 -53.72 18.76
CA PHE B 797 27.21 -53.09 17.57
C PHE B 797 28.73 -53.09 17.62
N GLY B 798 29.32 -54.06 18.32
CA GLY B 798 30.75 -54.20 18.39
C GLY B 798 31.38 -53.76 19.69
N GLY B 799 30.64 -53.83 20.80
CA GLY B 799 31.04 -53.41 22.13
C GLY B 799 30.93 -51.93 22.39
N PHE B 800 30.27 -51.19 21.50
CA PHE B 800 30.20 -49.74 21.62
C PHE B 800 29.22 -49.37 22.73
N ASN B 801 29.39 -48.18 23.27
CA ASN B 801 28.51 -47.66 24.30
C ASN B 801 27.92 -46.36 23.78
N PHE B 802 26.61 -46.22 24.00
CA PHE B 802 25.75 -45.35 23.21
C PHE B 802 24.72 -44.66 24.10
N SER B 803 24.97 -44.68 25.41
CA SER B 803 23.95 -44.27 26.38
C SER B 803 23.52 -42.83 26.17
N GLN B 804 24.42 -41.96 25.71
CA GLN B 804 24.14 -40.54 25.67
C GLN B 804 23.55 -40.04 24.36
N ILE B 805 23.58 -40.87 23.32
CA ILE B 805 23.18 -40.46 21.98
C ILE B 805 21.91 -41.15 21.48
N LEU B 806 21.48 -42.22 22.10
CA LEU B 806 20.32 -42.98 21.65
C LEU B 806 19.09 -42.62 22.47
N PRO B 807 17.90 -43.02 22.02
CA PRO B 807 16.72 -42.91 22.89
C PRO B 807 16.89 -43.64 24.20
N ASP B 808 16.66 -42.93 25.29
CA ASP B 808 16.91 -43.32 26.67
C ASP B 808 15.77 -44.19 27.17
N PRO B 809 16.01 -45.47 27.49
CA PRO B 809 14.91 -46.34 27.93
C PRO B 809 14.13 -45.86 29.14
N SER B 810 14.69 -44.95 29.92
CA SER B 810 13.94 -44.33 31.00
C SER B 810 12.79 -43.48 30.47
N LYS B 811 12.70 -43.25 29.13
CA LYS B 811 11.66 -42.32 28.72
C LYS B 811 11.73 -40.90 29.21
N PRO B 812 12.84 -40.24 29.13
CA PRO B 812 12.82 -38.78 29.23
C PRO B 812 12.50 -38.15 27.87
N SER B 813 11.35 -38.55 27.31
CA SER B 813 10.95 -38.29 25.93
C SER B 813 11.74 -39.14 24.94
N LYS B 814 12.44 -40.18 25.42
CA LYS B 814 13.19 -41.08 24.55
C LYS B 814 14.13 -40.30 23.64
N ARG B 815 14.68 -39.20 24.15
CA ARG B 815 15.68 -38.43 23.45
C ARG B 815 17.05 -38.72 24.03
N SER B 816 18.07 -38.62 23.20
CA SER B 816 19.44 -38.73 23.68
C SER B 816 19.75 -37.63 24.67
N PHE B 817 20.80 -37.85 25.46
CA PHE B 817 21.24 -36.77 26.33
C PHE B 817 21.81 -35.63 25.51
N ILE B 818 22.31 -35.94 24.32
CA ILE B 818 22.70 -34.87 23.40
C ILE B 818 21.49 -34.06 22.95
N GLU B 819 20.44 -34.72 22.48
CA GLU B 819 19.21 -33.98 22.18
C GLU B 819 18.63 -33.35 23.43
N ASP B 820 18.91 -33.90 24.61
CA ASP B 820 18.52 -33.19 25.83
C ASP B 820 19.23 -31.83 25.92
N LEU B 821 20.53 -31.79 25.61
CA LEU B 821 21.20 -30.48 25.53
C LEU B 821 20.64 -29.61 24.42
N LEU B 822 20.45 -30.16 23.22
CA LEU B 822 19.87 -29.36 22.14
C LEU B 822 18.53 -28.76 22.53
N PHE B 823 17.73 -29.47 23.32
CA PHE B 823 16.48 -28.91 23.80
C PHE B 823 16.72 -27.87 24.89
N ASN B 824 17.62 -28.16 25.82
CA ASN B 824 18.01 -27.17 26.81
C ASN B 824 18.62 -25.94 26.17
N LYS B 825 19.02 -26.02 24.88
CA LYS B 825 20.04 -25.11 24.47
C LYS B 825 19.28 -23.98 23.71
N VAL B 826 17.94 -24.07 23.76
CA VAL B 826 16.99 -23.14 23.17
C VAL B 826 16.16 -22.53 24.30
N THR B 827 16.34 -21.23 24.55
CA THR B 827 15.64 -20.54 25.63
C THR B 827 14.70 -19.51 25.05
N LEU B 828 13.41 -19.86 24.97
CA LEU B 828 12.36 -18.89 24.70
C LEU B 828 12.52 -17.58 25.48
N PHE B 855 -0.64 -14.00 22.25
CA PHE B 855 -0.40 -12.97 23.26
C PHE B 855 -1.51 -11.93 23.37
N ASN B 856 -1.79 -11.28 22.23
CA ASN B 856 -2.54 -10.04 22.18
C ASN B 856 -3.80 -10.14 21.32
N GLY B 857 -4.21 -11.34 20.98
CA GLY B 857 -5.05 -11.70 19.85
C GLY B 857 -4.23 -12.21 18.69
N LEU B 858 -2.92 -11.99 18.72
CA LEU B 858 -1.95 -12.71 17.90
C LEU B 858 -1.39 -13.87 18.69
N THR B 859 -1.36 -15.03 18.06
CA THR B 859 -0.86 -16.26 18.64
C THR B 859 0.04 -16.97 17.64
N VAL B 860 0.79 -17.96 18.13
CA VAL B 860 1.55 -18.84 17.28
C VAL B 860 1.08 -20.27 17.54
N LEU B 861 0.67 -20.94 16.47
CA LEU B 861 0.39 -22.37 16.47
C LEU B 861 1.56 -23.23 16.97
N PRO B 862 1.23 -24.39 17.56
CA PRO B 862 2.28 -25.28 18.03
C PRO B 862 2.76 -26.19 16.91
N PRO B 863 4.03 -26.57 16.91
CA PRO B 863 4.57 -27.32 15.77
C PRO B 863 3.76 -28.57 15.47
N LEU B 864 3.53 -28.81 14.18
CA LEU B 864 2.69 -29.94 13.77
C LEU B 864 3.29 -31.25 14.28
N LEU B 865 4.58 -31.44 14.08
CA LEU B 865 5.27 -32.64 14.53
C LEU B 865 5.97 -32.36 15.85
N THR B 866 5.37 -32.83 16.94
CA THR B 866 5.94 -32.70 18.27
C THR B 866 7.21 -33.54 18.42
N ASP B 867 8.13 -33.03 19.23
CA ASP B 867 9.45 -33.64 19.38
C ASP B 867 9.38 -35.15 19.53
N GLU B 868 8.25 -35.68 20.01
CA GLU B 868 8.13 -37.13 20.17
C GLU B 868 8.14 -37.87 18.82
N MET B 869 7.20 -37.53 17.91
CA MET B 869 7.49 -37.73 16.47
C MET B 869 8.86 -37.49 15.93
N ILE B 870 9.42 -36.32 16.03
CA ILE B 870 10.68 -36.22 15.34
C ILE B 870 11.67 -37.19 15.96
N ALA B 871 11.51 -37.47 17.24
CA ALA B 871 12.41 -38.38 17.93
C ALA B 871 12.33 -39.80 17.40
N GLN B 872 11.13 -40.39 17.26
CA GLN B 872 11.15 -41.78 16.76
C GLN B 872 11.10 -41.89 15.25
N TYR B 873 10.82 -40.80 14.53
CA TYR B 873 11.26 -40.77 13.14
C TYR B 873 12.78 -40.88 13.06
N THR B 874 13.50 -40.11 13.88
CA THR B 874 14.95 -40.19 13.88
C THR B 874 15.42 -41.57 14.35
N SER B 875 14.69 -42.17 15.29
CA SER B 875 15.08 -43.49 15.79
C SER B 875 14.92 -44.56 14.72
N ALA B 876 13.79 -44.54 14.00
CA ALA B 876 13.63 -45.45 12.88
C ALA B 876 14.70 -45.20 11.82
N LEU B 877 14.96 -43.92 11.53
CA LEU B 877 16.04 -43.56 10.61
C LEU B 877 17.36 -44.19 11.05
N LEU B 878 17.66 -44.10 12.34
CA LEU B 878 19.01 -44.41 12.79
C LEU B 878 19.18 -45.92 12.88
N ALA B 879 18.13 -46.64 13.26
CA ALA B 879 18.11 -48.10 13.14
C ALA B 879 18.37 -48.51 11.69
N GLY B 880 17.60 -47.93 10.76
CA GLY B 880 17.80 -48.25 9.37
C GLY B 880 19.23 -48.03 8.94
N THR B 881 19.82 -46.91 9.36
CA THR B 881 21.21 -46.66 9.03
C THR B 881 22.12 -47.75 9.59
N ILE B 882 22.02 -48.04 10.88
CA ILE B 882 23.10 -48.80 11.49
C ILE B 882 23.02 -50.25 10.99
N THR B 883 21.81 -50.71 10.67
CA THR B 883 21.64 -52.04 10.13
C THR B 883 21.89 -52.12 8.63
N SER B 884 21.71 -51.01 7.91
CA SER B 884 21.80 -51.02 6.46
C SER B 884 22.84 -50.05 5.90
N GLY B 885 22.96 -48.86 6.48
CA GLY B 885 23.88 -47.86 5.96
C GLY B 885 23.33 -47.12 4.76
N TRP B 886 23.16 -47.83 3.64
CA TRP B 886 22.68 -47.22 2.41
C TRP B 886 21.55 -47.98 1.73
N THR B 887 21.24 -49.20 2.18
CA THR B 887 20.27 -50.03 1.47
C THR B 887 18.85 -49.56 1.69
N PHE B 888 18.51 -49.13 2.91
CA PHE B 888 17.15 -48.68 3.19
C PHE B 888 16.79 -47.40 2.46
N GLY B 889 17.76 -46.57 2.11
CA GLY B 889 17.49 -45.51 1.16
C GLY B 889 17.27 -46.03 -0.25
N ALA B 890 17.78 -47.22 -0.55
CA ALA B 890 17.52 -47.92 -1.80
C ALA B 890 16.43 -48.98 -1.65
N GLY B 891 15.77 -49.04 -0.49
CA GLY B 891 14.78 -50.06 -0.25
C GLY B 891 14.54 -50.33 1.23
N ALA B 892 14.63 -51.59 1.63
CA ALA B 892 14.42 -51.98 3.01
C ALA B 892 15.72 -51.91 3.81
N ALA B 893 15.58 -51.78 5.12
CA ALA B 893 16.71 -51.98 6.01
C ALA B 893 17.04 -53.46 6.10
N LEU B 894 18.26 -53.82 5.68
CA LEU B 894 18.72 -55.20 5.60
C LEU B 894 19.79 -55.43 6.65
N GLN B 895 19.69 -56.55 7.36
CA GLN B 895 20.62 -56.80 8.45
C GLN B 895 22.05 -56.81 7.94
N ILE B 896 22.98 -56.51 8.84
CA ILE B 896 24.41 -56.47 8.57
C ILE B 896 25.10 -56.30 9.92
N PRO B 897 26.25 -56.92 10.15
CA PRO B 897 26.88 -56.81 11.47
C PRO B 897 27.41 -55.42 11.76
N PHE B 898 27.44 -54.55 10.75
CA PHE B 898 28.17 -53.29 10.67
C PHE B 898 29.69 -53.40 10.57
N ALA B 899 30.28 -54.56 10.75
CA ALA B 899 31.66 -54.73 10.29
C ALA B 899 31.75 -54.91 8.79
N MET B 900 30.92 -55.81 8.22
CA MET B 900 30.84 -55.86 6.78
C MET B 900 30.16 -54.69 6.13
N GLN B 901 29.41 -53.85 6.84
CA GLN B 901 28.94 -52.74 6.06
C GLN B 901 30.07 -51.71 5.88
N MET B 902 30.87 -51.45 6.92
CA MET B 902 32.04 -50.61 6.63
C MET B 902 32.97 -51.33 5.67
N ALA B 903 32.92 -52.66 5.62
CA ALA B 903 33.63 -53.37 4.57
C ALA B 903 33.19 -52.88 3.20
N TYR B 904 31.88 -52.90 2.95
CA TYR B 904 31.37 -52.42 1.67
C TYR B 904 31.69 -50.94 1.45
N ARG B 905 31.79 -50.17 2.53
CA ARG B 905 32.08 -48.75 2.41
C ARG B 905 33.54 -48.56 1.89
N PHE B 906 34.47 -49.22 2.52
CA PHE B 906 35.84 -49.21 2.05
C PHE B 906 35.96 -49.75 0.63
N ASN B 907 35.13 -50.72 0.28
CA ASN B 907 35.05 -51.13 -1.11
C ASN B 907 34.57 -49.99 -2.00
N GLY B 908 33.62 -49.19 -1.50
CA GLY B 908 33.20 -48.01 -2.24
C GLY B 908 34.34 -47.03 -2.47
N ILE B 909 35.19 -46.85 -1.46
CA ILE B 909 36.41 -46.07 -1.67
C ILE B 909 37.48 -46.90 -2.35
N GLY B 910 37.34 -48.22 -2.36
CA GLY B 910 38.30 -49.10 -2.98
C GLY B 910 39.32 -49.69 -2.04
N VAL B 911 38.96 -49.95 -0.80
CA VAL B 911 39.88 -50.42 0.22
C VAL B 911 39.27 -51.62 0.92
N THR B 912 40.12 -52.43 1.55
CA THR B 912 39.73 -53.75 2.02
C THR B 912 38.79 -53.64 3.22
N GLN B 913 38.33 -54.81 3.67
CA GLN B 913 37.71 -54.91 4.98
C GLN B 913 38.76 -55.10 6.06
N ASN B 914 39.80 -55.87 5.74
CA ASN B 914 40.79 -56.23 6.75
C ASN B 914 41.41 -55.04 7.45
N VAL B 915 41.56 -53.89 6.78
CA VAL B 915 42.04 -52.72 7.51
C VAL B 915 41.16 -52.40 8.72
N LEU B 916 39.84 -52.41 8.55
CA LEU B 916 39.00 -52.22 9.72
C LEU B 916 39.12 -53.41 10.67
N TYR B 917 38.97 -54.62 10.15
CA TYR B 917 39.16 -55.81 10.98
C TYR B 917 40.53 -55.96 11.62
N GLU B 918 41.54 -55.30 11.11
CA GLU B 918 42.87 -55.35 11.71
C GLU B 918 42.95 -54.50 12.97
N ASN B 919 42.21 -53.41 13.02
CA ASN B 919 42.21 -52.51 14.17
C ASN B 919 40.80 -52.21 14.66
N GLN B 920 39.80 -53.02 14.26
CA GLN B 920 38.40 -52.60 14.36
C GLN B 920 38.16 -52.28 15.83
N LYS B 921 38.98 -52.88 16.73
CA LYS B 921 38.89 -52.56 18.16
C LYS B 921 39.45 -51.16 18.46
N LEU B 922 40.68 -50.85 18.05
CA LEU B 922 40.96 -49.42 17.85
C LEU B 922 39.98 -48.48 17.20
N ILE B 923 39.68 -48.73 16.02
CA ILE B 923 38.65 -48.01 15.34
C ILE B 923 37.33 -47.83 16.05
N ALA B 924 36.84 -48.81 16.78
CA ALA B 924 35.76 -48.52 17.70
C ALA B 924 36.20 -47.60 18.84
N ASN B 925 37.43 -47.76 19.33
CA ASN B 925 37.94 -46.94 20.44
C ASN B 925 37.94 -45.45 20.10
N GLN B 926 38.58 -45.09 19.02
CA GLN B 926 38.43 -43.77 18.42
C GLN B 926 37.03 -43.38 17.97
N PHE B 927 36.16 -44.32 17.59
CA PHE B 927 34.81 -43.88 17.26
C PHE B 927 34.15 -43.32 18.53
N ASN B 928 34.20 -44.08 19.63
CA ASN B 928 33.48 -43.67 20.84
C ASN B 928 34.25 -42.60 21.62
N SER B 929 35.57 -42.52 21.48
CA SER B 929 36.26 -41.38 22.04
C SER B 929 35.80 -40.10 21.35
N ALA B 930 35.60 -40.15 20.03
CA ALA B 930 35.11 -38.99 19.32
C ALA B 930 33.69 -38.62 19.72
N ILE B 931 32.81 -39.62 19.88
CA ILE B 931 31.49 -39.34 20.44
C ILE B 931 31.56 -38.70 21.81
N GLY B 932 32.40 -39.22 22.70
CA GLY B 932 32.57 -38.56 23.98
C GLY B 932 33.13 -37.16 23.82
N LYS B 933 33.86 -36.92 22.74
CA LYS B 933 34.55 -35.67 22.63
C LYS B 933 33.44 -34.64 22.20
N ILE B 934 32.53 -35.05 21.26
CA ILE B 934 31.36 -34.22 20.89
C ILE B 934 30.46 -34.00 22.10
N GLN B 935 30.22 -35.06 22.87
CA GLN B 935 29.66 -34.90 24.21
C GLN B 935 30.23 -33.70 24.95
N ASP B 936 31.52 -33.76 25.26
CA ASP B 936 32.09 -32.82 26.21
C ASP B 936 32.14 -31.42 25.61
N SER B 937 32.38 -31.31 24.31
CA SER B 937 32.36 -30.01 23.66
C SER B 937 30.96 -29.39 23.71
N LEU B 938 29.95 -30.15 23.28
CA LEU B 938 28.58 -29.67 23.17
C LEU B 938 27.95 -29.34 24.52
N SER B 939 28.33 -30.06 25.58
CA SER B 939 27.93 -29.61 26.91
C SER B 939 28.64 -28.32 27.31
N SER B 940 29.82 -28.08 26.75
CA SER B 940 30.63 -26.91 27.05
C SER B 940 30.57 -25.85 25.94
N THR B 941 30.33 -26.28 24.71
CA THR B 941 30.54 -25.40 23.56
C THR B 941 29.44 -24.35 23.49
N PRO B 942 29.85 -23.11 23.26
CA PRO B 942 28.95 -22.00 23.01
C PRO B 942 29.14 -21.51 21.59
N SER B 943 28.13 -20.83 21.06
CA SER B 943 28.17 -20.27 19.71
C SER B 943 28.17 -21.36 18.64
N ALA B 944 27.99 -22.62 19.05
CA ALA B 944 27.90 -23.71 18.07
C ALA B 944 26.58 -23.73 17.32
N LEU B 945 25.47 -23.45 17.99
CA LEU B 945 24.15 -23.58 17.41
C LEU B 945 23.61 -22.24 16.93
N GLY B 946 24.41 -21.18 17.10
CA GLY B 946 23.90 -19.82 17.33
C GLY B 946 22.84 -19.17 16.38
N LYS B 947 22.73 -19.76 15.30
CA LYS B 947 22.06 -19.67 14.07
C LYS B 947 20.54 -19.95 14.07
N LEU B 948 20.05 -20.88 14.94
CA LEU B 948 18.68 -21.27 15.15
C LEU B 948 18.29 -20.27 16.26
N GLN B 949 19.28 -19.93 17.20
CA GLN B 949 18.97 -18.91 18.19
C GLN B 949 18.80 -17.57 17.53
N ASP B 950 19.60 -17.31 16.50
CA ASP B 950 19.42 -16.10 15.70
C ASP B 950 18.06 -16.11 15.05
N VAL B 951 17.65 -17.24 14.48
CA VAL B 951 16.39 -17.28 13.73
C VAL B 951 15.19 -17.01 14.64
N VAL B 952 15.17 -17.61 15.83
CA VAL B 952 14.16 -17.22 16.84
C VAL B 952 14.32 -15.77 17.32
N ASN B 953 15.53 -15.30 17.60
CA ASN B 953 15.64 -13.86 17.87
C ASN B 953 15.10 -13.06 16.71
N GLN B 954 15.16 -13.64 15.54
CA GLN B 954 14.97 -12.89 14.35
C GLN B 954 13.51 -12.75 13.92
N ASN B 955 12.76 -13.85 13.99
CA ASN B 955 11.29 -13.79 14.05
C ASN B 955 10.81 -12.91 15.21
N ALA B 956 11.46 -13.02 16.38
CA ALA B 956 10.99 -12.29 17.55
C ALA B 956 11.12 -10.79 17.36
N GLN B 957 12.26 -10.31 16.88
CA GLN B 957 12.31 -8.92 16.42
C GLN B 957 11.24 -8.58 15.43
N ALA B 958 10.99 -9.45 14.46
CA ALA B 958 9.95 -9.14 13.50
C ALA B 958 8.64 -8.80 14.21
N LEU B 959 8.18 -9.68 15.10
CA LEU B 959 6.83 -9.44 15.61
C LEU B 959 6.86 -8.34 16.66
N ASN B 960 7.96 -8.21 17.41
CA ASN B 960 8.04 -7.12 18.38
C ASN B 960 7.99 -5.78 17.68
N THR B 961 8.67 -5.64 16.55
CA THR B 961 8.51 -4.44 15.74
C THR B 961 7.07 -4.31 15.25
N LEU B 962 6.42 -5.42 14.89
CA LEU B 962 5.04 -5.33 14.43
C LEU B 962 4.13 -4.76 15.52
N VAL B 963 4.28 -5.26 16.75
CA VAL B 963 3.57 -4.70 17.89
C VAL B 963 3.89 -3.22 18.07
N LYS B 964 5.17 -2.89 18.12
CA LYS B 964 5.55 -1.53 18.44
C LYS B 964 5.17 -0.59 17.30
N GLN B 965 4.85 -1.16 16.13
CA GLN B 965 4.06 -0.45 15.14
C GLN B 965 2.62 -0.25 15.60
N LEU B 966 1.93 -1.32 16.05
CA LEU B 966 0.50 -1.11 16.25
C LEU B 966 0.26 -0.05 17.30
N SER B 967 1.23 0.21 18.17
CA SER B 967 1.16 1.33 19.09
C SER B 967 1.90 2.53 18.54
N SER B 968 1.88 2.70 17.22
CA SER B 968 2.61 3.77 16.54
C SER B 968 1.68 4.55 15.62
N ASN B 969 1.96 5.84 15.48
CA ASN B 969 1.09 6.74 14.73
C ASN B 969 1.05 6.40 13.24
N PHE B 970 2.20 6.09 12.64
CA PHE B 970 2.32 6.00 11.18
C PHE B 970 2.04 7.35 10.52
N GLY B 971 2.35 8.44 11.21
CA GLY B 971 1.99 9.77 10.74
C GLY B 971 0.63 10.24 11.20
N ALA B 972 -0.04 9.47 12.05
CA ALA B 972 -1.33 9.86 12.61
C ALA B 972 -1.12 10.74 13.85
N ILE B 973 -2.22 11.24 14.42
CA ILE B 973 -2.07 12.18 15.53
C ILE B 973 -1.75 11.41 16.80
N SER B 974 -2.37 10.25 16.95
CA SER B 974 -2.22 9.37 18.09
C SER B 974 -1.94 7.97 17.58
N SER B 975 -1.60 7.07 18.49
CA SER B 975 -1.51 5.65 18.17
C SER B 975 -2.79 4.90 18.49
N VAL B 976 -3.77 5.57 19.09
CA VAL B 976 -4.99 4.95 19.57
C VAL B 976 -6.19 5.66 18.94
N LEU B 977 -7.03 4.85 18.28
CA LEU B 977 -8.25 5.38 17.67
C LEU B 977 -9.36 5.50 18.71
N ASN B 978 -9.28 4.72 19.78
CA ASN B 978 -10.35 4.72 20.79
C ASN B 978 -10.54 6.10 21.41
N ASP B 979 -9.44 6.78 21.76
CA ASP B 979 -9.55 8.14 22.27
C ASP B 979 -10.14 9.07 21.23
N ILE B 980 -9.69 8.98 19.98
CA ILE B 980 -10.40 9.66 18.89
C ILE B 980 -11.91 9.45 18.98
N LEU B 981 -12.34 8.19 18.99
CA LEU B 981 -13.77 7.91 18.94
C LEU B 981 -14.48 8.54 20.12
N SER B 982 -13.96 8.34 21.32
CA SER B 982 -14.56 8.94 22.49
C SER B 982 -14.49 10.47 22.48
N ARG B 983 -13.57 11.12 21.72
CA ARG B 983 -13.56 12.67 21.48
C ARG B 983 -13.62 13.29 20.30
N LEU B 984 -13.71 12.59 19.23
CA LEU B 984 -13.94 13.31 17.98
C LEU B 984 -15.15 12.76 17.20
N ASP B 985 -15.48 13.45 16.09
CA ASP B 985 -16.58 13.32 15.14
C ASP B 985 -16.27 12.28 14.07
N PRO B 986 -17.28 11.84 13.32
CA PRO B 986 -17.06 10.79 12.31
C PRO B 986 -16.05 11.21 11.25
N PRO B 987 -16.22 12.36 10.59
CA PRO B 987 -15.34 12.65 9.44
C PRO B 987 -13.86 12.76 9.79
N GLU B 988 -13.48 13.64 10.73
CA GLU B 988 -12.06 13.75 11.05
C GLU B 988 -11.52 12.46 11.66
N ALA B 989 -12.29 11.82 12.54
CA ALA B 989 -11.84 10.57 13.12
C ALA B 989 -11.59 9.53 12.03
N GLU B 990 -12.44 9.49 11.01
CA GLU B 990 -12.31 8.46 9.98
C GLU B 990 -11.17 8.77 9.02
N VAL B 991 -10.88 10.05 8.75
CA VAL B 991 -9.70 10.35 7.94
C VAL B 991 -8.43 10.00 8.71
N GLN B 992 -8.39 10.35 10.00
CA GLN B 992 -7.23 9.95 10.81
C GLN B 992 -7.09 8.44 10.84
N ILE B 993 -8.22 7.73 10.93
CA ILE B 993 -8.19 6.27 10.86
C ILE B 993 -7.76 5.80 9.48
N ASP B 994 -8.05 6.57 8.44
CA ASP B 994 -7.65 6.17 7.09
C ASP B 994 -6.13 6.14 6.98
N ARG B 995 -5.49 7.21 7.40
CA ARG B 995 -4.04 7.24 7.47
C ARG B 995 -3.50 6.21 8.50
N LEU B 996 -4.23 5.99 9.61
CA LEU B 996 -3.77 4.99 10.59
C LEU B 996 -3.78 3.60 9.96
N ILE B 997 -4.82 3.31 9.17
CA ILE B 997 -5.08 1.98 8.66
C ILE B 997 -4.18 1.72 7.47
N THR B 998 -3.86 2.76 6.71
CA THR B 998 -2.85 2.64 5.65
C THR B 998 -1.51 2.27 6.25
N GLY B 999 -1.13 2.93 7.34
CA GLY B 999 0.11 2.58 8.00
C GLY B 999 0.15 1.13 8.43
N ARG B 1000 -0.91 0.66 9.09
CA ARG B 1000 -0.91 -0.76 9.47
C ARG B 1000 -1.00 -1.70 8.26
N LEU B 1001 -1.64 -1.29 7.17
CA LEU B 1001 -1.68 -2.20 6.01
C LEU B 1001 -0.31 -2.36 5.37
N GLN B 1002 0.48 -1.29 5.23
CA GLN B 1002 1.92 -1.67 5.08
C GLN B 1002 2.47 -2.53 6.17
N SER B 1003 2.43 -2.08 7.38
CA SER B 1003 3.26 -2.79 8.35
C SER B 1003 2.98 -4.30 8.29
N LEU B 1004 1.72 -4.70 8.16
CA LEU B 1004 1.40 -6.09 7.87
C LEU B 1004 1.97 -6.62 6.58
N GLN B 1005 1.76 -5.98 5.43
CA GLN B 1005 2.15 -6.77 4.28
C GLN B 1005 3.69 -6.74 4.19
N THR B 1006 4.32 -5.69 4.73
CA THR B 1006 5.78 -5.71 4.89
C THR B 1006 6.21 -6.90 5.73
N TYR B 1007 5.56 -7.10 6.87
CA TYR B 1007 5.89 -8.25 7.72
C TYR B 1007 5.73 -9.56 6.96
N VAL B 1008 4.66 -9.67 6.18
CA VAL B 1008 4.42 -10.87 5.39
C VAL B 1008 5.54 -11.06 4.36
N THR B 1009 5.94 -9.97 3.69
CA THR B 1009 7.08 -10.04 2.78
C THR B 1009 8.34 -10.47 3.53
N GLN B 1010 8.58 -9.88 4.71
CA GLN B 1010 9.72 -10.31 5.52
C GLN B 1010 9.69 -11.81 5.69
N GLN B 1011 8.54 -12.31 6.16
CA GLN B 1011 8.41 -13.70 6.54
C GLN B 1011 8.61 -14.63 5.36
N LEU B 1012 8.13 -14.25 4.17
CA LEU B 1012 8.23 -15.18 3.04
C LEU B 1012 9.54 -15.08 2.26
N ILE B 1013 10.31 -14.03 2.48
CA ILE B 1013 11.74 -14.13 2.18
C ILE B 1013 12.55 -14.93 3.24
N ARG B 1014 12.17 -14.91 4.53
CA ARG B 1014 12.70 -15.93 5.50
C ARG B 1014 12.36 -17.30 4.99
N ALA B 1015 11.09 -17.50 4.68
CA ALA B 1015 10.64 -18.84 4.31
C ALA B 1015 11.26 -19.31 3.01
N ALA B 1016 11.61 -18.40 2.11
CA ALA B 1016 12.37 -18.83 0.93
C ALA B 1016 13.76 -19.30 1.32
N GLU B 1017 14.43 -18.57 2.21
CA GLU B 1017 15.76 -19.02 2.64
C GLU B 1017 15.65 -20.38 3.35
N ILE B 1018 14.66 -20.53 4.23
CA ILE B 1018 14.32 -21.84 4.79
C ILE B 1018 14.04 -22.90 3.76
N ARG B 1019 13.31 -22.60 2.69
CA ARG B 1019 12.92 -23.70 1.82
C ARG B 1019 14.16 -24.16 1.07
N ALA B 1020 15.03 -23.21 0.68
CA ALA B 1020 16.31 -23.58 0.09
C ALA B 1020 17.12 -24.46 1.05
N SER B 1021 17.28 -24.00 2.29
CA SER B 1021 18.05 -24.77 3.27
C SER B 1021 17.43 -26.14 3.51
N ALA B 1022 16.11 -26.23 3.38
CA ALA B 1022 15.43 -27.50 3.62
C ALA B 1022 15.65 -28.47 2.48
N ASN B 1023 15.61 -27.99 1.23
CA ASN B 1023 16.00 -28.89 0.16
C ASN B 1023 17.42 -29.36 0.36
N LEU B 1024 18.29 -28.45 0.81
CA LEU B 1024 19.71 -28.79 0.94
C LEU B 1024 19.86 -29.84 2.04
N ALA B 1025 19.11 -29.70 3.15
CA ALA B 1025 19.19 -30.66 4.25
C ALA B 1025 18.62 -32.01 3.86
N ALA B 1026 17.52 -32.01 3.10
CA ALA B 1026 16.97 -33.28 2.63
C ALA B 1026 17.98 -34.00 1.74
N THR B 1027 18.62 -33.26 0.83
CA THR B 1027 19.68 -33.85 0.02
C THR B 1027 20.84 -34.33 0.90
N LYS B 1028 21.18 -33.55 1.91
CA LYS B 1028 22.26 -33.92 2.81
C LYS B 1028 21.98 -35.27 3.46
N MET B 1029 20.76 -35.46 3.95
CA MET B 1029 20.48 -36.73 4.60
C MET B 1029 20.41 -37.84 3.55
N SER B 1030 19.80 -37.56 2.39
CA SER B 1030 19.73 -38.58 1.35
C SER B 1030 21.12 -39.11 1.01
N GLU B 1031 22.12 -38.24 0.99
CA GLU B 1031 23.44 -38.63 0.49
C GLU B 1031 24.40 -39.05 1.60
N CYS B 1032 24.26 -38.51 2.81
CA CYS B 1032 25.20 -38.84 3.88
C CYS B 1032 24.62 -39.86 4.84
N VAL B 1033 23.33 -39.73 5.17
CA VAL B 1033 22.69 -40.65 6.11
C VAL B 1033 22.15 -41.87 5.38
N LEU B 1034 21.43 -41.67 4.28
CA LEU B 1034 20.81 -42.78 3.57
C LEU B 1034 21.73 -43.38 2.52
N GLY B 1035 22.96 -42.90 2.40
CA GLY B 1035 23.89 -43.44 1.42
C GLY B 1035 25.30 -42.98 1.73
N GLN B 1036 26.24 -43.49 0.94
CA GLN B 1036 27.64 -43.10 1.02
C GLN B 1036 27.94 -42.20 -0.17
N SER B 1037 28.42 -40.99 0.11
CA SER B 1037 28.61 -39.96 -0.90
C SER B 1037 30.09 -39.74 -1.13
N LYS B 1038 30.49 -39.69 -2.38
CA LYS B 1038 31.76 -39.12 -2.80
C LYS B 1038 31.86 -37.62 -2.87
N ARG B 1039 30.77 -36.92 -2.71
CA ARG B 1039 30.81 -35.47 -2.77
C ARG B 1039 31.80 -34.95 -1.73
N VAL B 1040 32.62 -33.98 -2.13
CA VAL B 1040 33.64 -33.46 -1.25
C VAL B 1040 33.04 -32.40 -0.34
N ASP B 1041 33.13 -32.62 0.97
CA ASP B 1041 32.70 -31.65 1.96
C ASP B 1041 31.19 -31.44 1.96
N PHE B 1042 30.48 -32.16 1.10
CA PHE B 1042 29.02 -32.17 1.20
C PHE B 1042 28.50 -32.93 2.40
N CYS B 1043 29.27 -33.84 2.93
CA CYS B 1043 28.99 -34.45 4.20
C CYS B 1043 30.10 -34.15 5.19
N GLY B 1044 30.47 -32.88 5.29
CA GLY B 1044 31.55 -32.49 6.17
C GLY B 1044 32.90 -32.77 5.54
N LYS B 1045 33.93 -32.13 6.08
CA LYS B 1045 35.23 -32.15 5.44
C LYS B 1045 36.06 -33.32 5.95
N GLY B 1046 36.75 -33.98 5.04
CA GLY B 1046 37.44 -35.23 5.29
C GLY B 1046 36.90 -36.35 4.43
N TYR B 1047 37.60 -37.49 4.48
CA TYR B 1047 37.17 -38.67 3.75
C TYR B 1047 35.87 -39.19 4.36
N HIS B 1048 34.83 -39.29 3.55
CA HIS B 1048 33.50 -39.62 4.05
C HIS B 1048 33.48 -41.00 4.67
N LEU B 1049 32.95 -41.08 5.88
CA LEU B 1049 32.42 -42.33 6.43
C LEU B 1049 30.91 -42.38 6.52
N MET B 1050 30.32 -41.49 7.27
CA MET B 1050 29.05 -41.65 7.87
C MET B 1050 28.48 -40.40 8.58
N SER B 1051 27.15 -40.38 8.82
CA SER B 1051 26.47 -39.25 9.42
C SER B 1051 25.25 -39.72 10.21
N PHE B 1052 25.17 -39.28 11.47
CA PHE B 1052 24.04 -39.56 12.34
C PHE B 1052 23.16 -38.34 12.52
N PRO B 1053 21.92 -38.35 12.03
CA PRO B 1053 21.02 -37.20 12.23
C PRO B 1053 20.61 -37.11 13.69
N GLN B 1054 20.24 -35.89 14.10
CA GLN B 1054 19.93 -35.71 15.51
C GLN B 1054 19.08 -34.44 15.63
N SER B 1055 17.84 -34.61 16.07
CA SER B 1055 16.82 -33.60 15.85
C SER B 1055 17.04 -32.43 16.81
N ALA B 1056 16.33 -31.33 16.55
CA ALA B 1056 16.37 -30.12 17.38
C ALA B 1056 14.94 -29.67 17.62
N PRO B 1057 14.70 -28.73 18.54
CA PRO B 1057 13.32 -28.25 18.72
C PRO B 1057 12.73 -27.75 17.41
N HIS B 1058 13.55 -27.11 16.56
CA HIS B 1058 13.03 -26.51 15.35
C HIS B 1058 13.94 -26.90 14.20
N GLY B 1059 14.74 -27.95 14.39
CA GLY B 1059 15.79 -28.30 13.45
C GLY B 1059 16.24 -29.73 13.66
N VAL B 1060 17.25 -30.12 12.88
CA VAL B 1060 17.90 -31.42 13.03
C VAL B 1060 19.35 -31.23 12.62
N VAL B 1061 20.23 -31.97 13.29
CA VAL B 1061 21.65 -31.91 13.02
C VAL B 1061 22.17 -33.30 12.73
N PHE B 1062 23.05 -33.38 11.75
CA PHE B 1062 23.71 -34.61 11.36
C PHE B 1062 25.10 -34.66 11.98
N LEU B 1063 25.40 -35.76 12.68
CA LEU B 1063 26.69 -35.96 13.32
C LEU B 1063 27.57 -36.70 12.32
N HIS B 1064 28.37 -35.94 11.57
CA HIS B 1064 29.00 -36.48 10.36
C HIS B 1064 30.27 -37.21 10.78
N VAL B 1065 30.45 -38.44 10.30
CA VAL B 1065 31.59 -39.26 10.67
C VAL B 1065 32.46 -39.30 9.42
N THR B 1066 33.73 -38.93 9.54
CA THR B 1066 34.60 -38.83 8.37
C THR B 1066 36.02 -39.23 8.74
N TYR B 1067 36.73 -39.76 7.74
CA TYR B 1067 38.02 -40.41 7.91
C TYR B 1067 39.14 -39.43 7.61
N VAL B 1068 40.14 -39.41 8.49
CA VAL B 1068 41.37 -38.65 8.31
C VAL B 1068 42.56 -39.59 8.39
N PRO B 1069 43.27 -39.81 7.27
CA PRO B 1069 44.53 -40.55 7.32
C PRO B 1069 45.61 -39.75 8.06
N ALA B 1070 46.64 -40.47 8.50
CA ALA B 1070 47.68 -39.86 9.32
C ALA B 1070 48.97 -40.68 9.21
N GLN B 1071 50.10 -40.04 9.69
CA GLN B 1071 51.46 -40.58 9.43
C GLN B 1071 51.81 -40.74 7.98
N GLU B 1072 51.78 -39.63 7.24
CA GLU B 1072 52.33 -39.64 5.89
C GLU B 1072 53.83 -39.95 5.96
N LYS B 1073 54.42 -40.51 4.85
CA LYS B 1073 55.78 -40.82 5.19
C LYS B 1073 56.29 -40.95 3.70
N ASN B 1074 57.39 -40.32 3.33
CA ASN B 1074 57.76 -40.14 1.92
C ASN B 1074 58.67 -41.26 1.39
N PHE B 1075 58.27 -41.79 0.23
CA PHE B 1075 58.93 -42.83 -0.57
C PHE B 1075 58.97 -42.36 -2.02
N THR B 1076 59.59 -43.16 -2.92
CA THR B 1076 59.65 -42.75 -4.33
C THR B 1076 58.77 -43.74 -5.09
N THR B 1077 58.12 -43.28 -6.16
CA THR B 1077 57.23 -44.12 -6.95
C THR B 1077 57.83 -44.44 -8.32
N ALA B 1078 57.16 -45.34 -9.04
CA ALA B 1078 57.49 -45.68 -10.42
C ALA B 1078 56.23 -46.16 -11.12
N PRO B 1079 55.84 -45.54 -12.25
CA PRO B 1079 54.60 -45.97 -12.92
C PRO B 1079 54.57 -47.43 -13.29
N ALA B 1080 55.71 -47.96 -13.75
CA ALA B 1080 55.86 -49.37 -14.11
C ALA B 1080 57.36 -49.67 -14.00
N ILE B 1081 57.80 -50.81 -14.52
CA ILE B 1081 59.21 -51.19 -14.40
C ILE B 1081 59.59 -51.94 -15.67
N CYS B 1082 60.78 -51.66 -16.20
CA CYS B 1082 61.27 -52.34 -17.41
C CYS B 1082 61.62 -53.80 -17.09
N HIS B 1083 60.81 -54.75 -17.56
CA HIS B 1083 61.13 -56.14 -17.24
C HIS B 1083 60.57 -56.99 -18.41
N ASP B 1084 61.33 -58.02 -18.83
CA ASP B 1084 61.12 -58.79 -20.08
C ASP B 1084 61.12 -57.89 -21.31
N GLY B 1085 61.64 -56.67 -21.18
CA GLY B 1085 61.47 -55.69 -22.23
C GLY B 1085 60.07 -55.12 -22.42
N LYS B 1086 59.38 -54.84 -21.35
CA LYS B 1086 57.94 -54.68 -21.01
C LYS B 1086 57.84 -53.68 -19.89
N ALA B 1087 56.81 -52.86 -19.94
CA ALA B 1087 56.46 -52.08 -18.77
C ALA B 1087 55.18 -52.67 -18.17
N HIS B 1088 55.33 -53.31 -17.02
CA HIS B 1088 54.22 -53.97 -16.35
C HIS B 1088 53.55 -53.01 -15.40
N PHE B 1089 52.27 -52.75 -15.67
CA PHE B 1089 51.70 -51.59 -15.06
C PHE B 1089 50.78 -52.04 -13.95
N PRO B 1090 50.50 -51.22 -12.93
CA PRO B 1090 49.63 -51.70 -11.83
C PRO B 1090 48.20 -51.93 -12.29
N ARG B 1091 47.70 -53.15 -12.11
CA ARG B 1091 46.29 -53.42 -12.37
C ARG B 1091 45.41 -52.59 -11.45
N GLU B 1092 45.66 -52.64 -10.15
CA GLU B 1092 45.12 -51.66 -9.21
C GLU B 1092 46.07 -51.54 -8.03
N GLY B 1093 47.00 -50.59 -8.11
CA GLY B 1093 48.01 -50.41 -7.09
C GLY B 1093 49.10 -49.46 -7.55
N VAL B 1094 50.12 -49.32 -6.71
CA VAL B 1094 51.24 -48.42 -6.96
C VAL B 1094 52.51 -49.11 -6.51
N PHE B 1095 53.63 -48.78 -7.16
CA PHE B 1095 54.92 -49.32 -6.74
C PHE B 1095 55.76 -48.24 -6.08
N VAL B 1096 56.20 -48.53 -4.85
CA VAL B 1096 57.03 -47.65 -4.06
C VAL B 1096 58.28 -48.42 -3.70
N SER B 1097 59.36 -47.69 -3.41
CA SER B 1097 60.55 -48.29 -2.81
C SER B 1097 60.82 -47.62 -1.48
N ASN B 1098 61.18 -48.42 -0.49
CA ASN B 1098 61.54 -47.84 0.80
C ASN B 1098 62.89 -47.12 0.70
N GLY B 1099 63.97 -47.84 0.40
CA GLY B 1099 65.21 -47.30 -0.13
C GLY B 1099 65.81 -48.07 -1.29
N THR B 1100 65.48 -49.35 -1.40
CA THR B 1100 66.29 -50.28 -2.19
C THR B 1100 65.47 -51.26 -3.06
N HIS B 1101 64.24 -51.44 -2.72
CA HIS B 1101 63.17 -52.36 -3.16
C HIS B 1101 61.73 -52.00 -2.80
N TRP B 1102 60.82 -52.80 -3.40
CA TRP B 1102 59.81 -52.29 -4.32
C TRP B 1102 58.51 -53.00 -3.96
N PHE B 1103 57.66 -52.35 -3.19
CA PHE B 1103 56.49 -52.99 -2.62
C PHE B 1103 55.26 -52.39 -3.27
N VAL B 1104 54.17 -53.16 -3.31
CA VAL B 1104 52.91 -52.70 -3.86
C VAL B 1104 51.96 -52.43 -2.70
N THR B 1105 51.73 -51.16 -2.42
CA THR B 1105 50.73 -50.70 -1.46
C THR B 1105 49.61 -50.04 -2.23
N GLN B 1106 48.53 -49.65 -1.55
CA GLN B 1106 47.49 -48.90 -2.23
C GLN B 1106 47.69 -47.40 -2.06
N ARG B 1107 46.83 -46.64 -2.73
CA ARG B 1107 47.16 -45.26 -3.06
C ARG B 1107 47.09 -44.36 -1.83
N ASN B 1108 46.21 -44.70 -0.88
CA ASN B 1108 45.82 -43.77 0.18
C ASN B 1108 45.97 -44.35 1.60
N PHE B 1109 46.75 -45.44 1.75
CA PHE B 1109 47.26 -45.99 3.00
C PHE B 1109 48.62 -46.53 2.64
N TYR B 1110 49.40 -46.79 3.65
CA TYR B 1110 50.50 -47.70 3.46
C TYR B 1110 49.94 -49.11 3.75
N GLU B 1111 49.38 -49.80 2.75
CA GLU B 1111 49.00 -51.23 2.84
C GLU B 1111 49.82 -52.06 1.86
N PRO B 1112 51.06 -52.42 2.22
CA PRO B 1112 51.95 -53.05 1.23
C PRO B 1112 51.72 -54.55 1.06
N GLN B 1113 51.80 -55.05 -0.15
CA GLN B 1113 52.39 -56.42 -0.47
C GLN B 1113 53.35 -56.35 -1.56
N ILE B 1114 53.77 -57.52 -2.05
CA ILE B 1114 55.14 -57.54 -2.58
C ILE B 1114 54.76 -57.35 -4.05
N ILE B 1115 55.62 -56.70 -4.84
CA ILE B 1115 55.26 -56.53 -6.26
C ILE B 1115 55.42 -57.85 -6.97
N THR B 1116 54.35 -58.30 -7.63
CA THR B 1116 54.28 -59.64 -8.18
C THR B 1116 53.59 -59.56 -9.53
N THR B 1117 53.69 -60.63 -10.31
CA THR B 1117 53.07 -60.67 -11.63
C THR B 1117 51.55 -60.72 -11.54
N ASP B 1118 51.01 -61.28 -10.45
CA ASP B 1118 49.58 -61.50 -10.30
C ASP B 1118 48.83 -60.28 -9.77
N ASN B 1119 49.55 -59.21 -9.44
CA ASN B 1119 48.98 -57.98 -8.91
C ASN B 1119 49.44 -56.75 -9.69
N THR B 1120 49.85 -56.93 -10.94
CA THR B 1120 50.16 -55.84 -11.86
C THR B 1120 50.03 -56.36 -13.29
N PHE B 1121 49.66 -55.48 -14.23
CA PHE B 1121 49.36 -55.87 -15.60
C PHE B 1121 50.32 -55.21 -16.60
N VAL B 1122 50.73 -55.98 -17.60
CA VAL B 1122 51.40 -55.56 -18.83
C VAL B 1122 50.52 -55.10 -19.98
N SER B 1123 50.94 -53.95 -20.53
CA SER B 1123 50.44 -53.40 -21.79
C SER B 1123 51.59 -52.73 -22.53
N GLY B 1124 52.30 -53.48 -23.36
CA GLY B 1124 53.33 -52.89 -24.22
C GLY B 1124 54.72 -52.99 -23.60
N ASN B 1125 55.67 -52.36 -24.30
CA ASN B 1125 57.06 -52.33 -23.87
C ASN B 1125 57.28 -51.20 -22.88
N CYS B 1126 58.56 -50.92 -22.60
CA CYS B 1126 58.96 -49.83 -21.71
C CYS B 1126 59.83 -48.79 -22.41
N ASP B 1127 59.72 -48.69 -23.74
CA ASP B 1127 60.62 -47.82 -24.49
C ASP B 1127 60.04 -46.45 -24.76
N VAL B 1128 58.92 -46.09 -24.14
CA VAL B 1128 58.39 -44.75 -24.32
C VAL B 1128 58.28 -44.02 -22.98
N VAL B 1129 57.96 -44.73 -21.90
CA VAL B 1129 57.64 -44.05 -20.64
C VAL B 1129 58.71 -43.21 -20.17
N ILE B 1130 58.32 -42.16 -19.48
CA ILE B 1130 59.21 -41.38 -18.64
C ILE B 1130 59.01 -41.73 -17.18
N GLY B 1131 60.09 -42.14 -16.52
CA GLY B 1131 60.05 -42.49 -15.10
C GLY B 1131 60.02 -43.96 -14.80
N ILE B 1132 60.06 -44.82 -15.82
CA ILE B 1132 60.18 -46.26 -15.61
C ILE B 1132 61.61 -46.63 -15.24
N VAL B 1133 61.75 -47.80 -14.57
CA VAL B 1133 63.03 -48.28 -14.09
C VAL B 1133 63.10 -49.79 -14.41
N ASN B 1134 64.32 -50.32 -14.49
CA ASN B 1134 64.53 -51.75 -14.62
C ASN B 1134 64.42 -52.44 -13.27
N ASN B 1135 63.73 -53.57 -13.22
CA ASN B 1135 63.68 -54.42 -12.04
C ASN B 1135 62.75 -55.58 -12.38
N THR B 1136 62.75 -56.60 -11.51
CA THR B 1136 61.95 -57.80 -11.72
C THR B 1136 60.56 -57.72 -11.10
N VAL B 1137 59.68 -58.58 -11.63
CA VAL B 1137 58.33 -58.80 -11.14
C VAL B 1137 58.21 -60.27 -10.81
N TYR B 1138 57.88 -60.59 -9.56
CA TYR B 1138 57.91 -61.97 -9.13
C TYR B 1138 56.75 -62.70 -9.79
N ASP B 1139 56.95 -63.98 -10.14
CA ASP B 1139 55.89 -64.76 -10.77
C ASP B 1139 55.85 -66.17 -10.17
N PRO B 1140 54.78 -66.51 -9.39
CA PRO B 1140 54.74 -67.77 -8.63
C PRO B 1140 54.44 -69.00 -9.49
N LEU B 1141 55.23 -69.20 -10.53
CA LEU B 1141 54.85 -70.11 -11.60
C LEU B 1141 55.90 -71.16 -11.94
N GLN B 1142 57.19 -70.86 -11.78
CA GLN B 1142 58.18 -71.92 -11.76
C GLN B 1142 57.98 -72.89 -10.59
N PRO B 1143 57.74 -72.44 -9.36
CA PRO B 1143 57.68 -73.41 -8.25
C PRO B 1143 56.59 -74.45 -8.44
N GLU B 1144 55.66 -74.22 -9.36
CA GLU B 1144 54.72 -75.26 -9.75
C GLU B 1144 55.46 -76.48 -10.31
N LEU B 1145 56.43 -76.26 -11.21
CA LEU B 1145 57.44 -77.28 -11.49
C LEU B 1145 57.84 -78.20 -10.34
N ASP B 1146 58.29 -77.68 -9.22
CA ASP B 1146 58.61 -78.60 -8.11
C ASP B 1146 57.93 -78.32 -6.77
N GLN C 14 2.43 58.75 -45.09
CA GLN C 14 3.56 58.21 -44.32
C GLN C 14 4.15 56.86 -44.79
N CYS C 15 3.30 55.84 -44.90
CA CYS C 15 3.65 54.58 -45.53
C CYS C 15 3.22 54.61 -46.99
N VAL C 16 4.01 53.97 -47.84
CA VAL C 16 3.61 53.68 -49.21
C VAL C 16 4.19 52.31 -49.56
N ASN C 17 3.31 51.31 -49.68
CA ASN C 17 3.74 49.98 -50.09
C ASN C 17 3.75 49.82 -51.60
N LEU C 18 4.97 49.82 -52.13
CA LEU C 18 5.39 49.85 -53.53
C LEU C 18 4.95 48.62 -54.29
N THR C 19 4.68 48.78 -55.58
CA THR C 19 4.51 47.66 -56.50
C THR C 19 5.88 47.31 -57.14
N THR C 20 5.89 46.41 -58.13
CA THR C 20 7.08 45.58 -58.45
C THR C 20 7.46 44.67 -57.30
N ARG C 21 6.56 43.78 -56.93
CA ARG C 21 6.87 42.63 -56.10
C ARG C 21 6.17 41.39 -56.63
N THR C 22 6.95 40.40 -57.07
CA THR C 22 6.45 39.13 -57.55
C THR C 22 5.52 38.49 -56.53
N GLN C 23 4.54 37.74 -57.03
CA GLN C 23 3.78 36.81 -56.21
C GLN C 23 4.25 35.40 -56.53
N LEU C 24 4.62 34.67 -55.48
CA LEU C 24 5.23 33.36 -55.63
C LEU C 24 4.55 32.37 -54.70
N PRO C 25 4.36 31.12 -55.13
CA PRO C 25 3.93 30.10 -54.18
C PRO C 25 5.01 29.79 -53.17
N PRO C 26 4.64 29.44 -51.94
CA PRO C 26 5.65 29.20 -50.91
C PRO C 26 6.58 28.05 -51.29
N ALA C 27 7.88 28.29 -51.10
CA ALA C 27 8.88 27.24 -51.19
C ALA C 27 9.22 26.71 -49.81
N TYR C 28 9.72 25.48 -49.76
CA TYR C 28 9.85 24.68 -48.55
C TYR C 28 11.20 23.97 -48.51
N THR C 29 11.58 23.57 -47.29
CA THR C 29 12.85 22.93 -46.99
C THR C 29 12.54 21.66 -46.19
N ASN C 30 13.57 21.02 -45.64
CA ASN C 30 13.39 20.04 -44.59
C ASN C 30 14.30 20.35 -43.40
N SER C 31 13.72 20.30 -42.20
CA SER C 31 14.47 20.54 -40.97
C SER C 31 15.19 19.26 -40.56
N PHE C 32 16.44 19.11 -40.99
CA PHE C 32 17.25 18.00 -40.52
C PHE C 32 18.21 18.49 -39.45
N THR C 33 18.00 17.97 -38.24
CA THR C 33 18.81 18.21 -37.05
C THR C 33 19.08 19.70 -36.78
N ARG C 34 18.00 20.51 -36.72
CA ARG C 34 18.04 21.81 -36.06
C ARG C 34 16.84 22.04 -35.17
N GLY C 35 16.86 23.17 -34.47
CA GLY C 35 15.88 23.44 -33.44
C GLY C 35 16.35 22.92 -32.10
N VAL C 36 17.49 23.41 -31.63
CA VAL C 36 18.04 23.02 -30.32
C VAL C 36 18.43 24.29 -29.57
N TYR C 37 18.29 24.30 -28.23
CA TYR C 37 18.47 25.56 -27.53
C TYR C 37 18.89 25.15 -26.10
N TYR C 38 19.48 26.09 -25.34
CA TYR C 38 19.91 25.79 -23.97
C TYR C 38 18.87 26.29 -22.96
N PRO C 39 18.14 25.39 -22.26
CA PRO C 39 16.95 25.81 -21.50
C PRO C 39 17.18 26.56 -20.18
N ASP C 40 18.24 26.25 -19.46
CA ASP C 40 18.63 26.62 -18.12
C ASP C 40 19.93 27.30 -18.28
N LYS C 41 20.57 27.21 -16.97
CA LYS C 41 21.79 27.94 -17.32
C LYS C 41 22.91 26.73 -16.68
N VAL C 42 22.46 25.53 -16.26
CA VAL C 42 23.10 24.66 -15.26
C VAL C 42 24.39 24.30 -15.91
N PHE C 43 25.44 23.93 -15.20
CA PHE C 43 26.20 22.85 -15.80
C PHE C 43 25.34 21.62 -16.05
N ARG C 44 25.71 20.98 -17.12
CA ARG C 44 25.51 19.59 -17.45
C ARG C 44 26.60 19.06 -18.36
N SER C 45 27.51 18.28 -17.80
CA SER C 45 28.71 17.87 -18.54
C SER C 45 28.72 16.36 -18.78
N SER C 46 28.76 15.97 -20.07
CA SER C 46 28.84 14.58 -20.50
C SER C 46 27.72 13.72 -19.89
N VAL C 47 26.49 14.12 -20.16
CA VAL C 47 25.31 13.55 -19.54
C VAL C 47 24.22 13.32 -20.58
N LEU C 48 23.47 12.22 -20.40
CA LEU C 48 22.22 11.99 -21.10
C LEU C 48 21.10 12.32 -20.13
N HIS C 49 20.35 13.36 -20.45
CA HIS C 49 19.24 13.83 -19.64
C HIS C 49 17.97 13.96 -20.46
N SER C 50 16.88 13.45 -19.91
CA SER C 50 15.62 13.31 -20.63
C SER C 50 14.67 14.41 -20.21
N THR C 51 13.97 15.01 -21.18
CA THR C 51 13.25 16.25 -20.93
C THR C 51 12.40 16.71 -22.09
N GLN C 52 11.30 17.43 -21.76
CA GLN C 52 10.63 17.98 -22.94
C GLN C 52 10.58 19.52 -22.89
N ASP C 53 10.37 20.07 -24.08
CA ASP C 53 10.18 21.49 -24.26
C ASP C 53 9.59 21.73 -25.65
N LEU C 54 9.01 22.92 -25.83
CA LEU C 54 8.40 23.29 -27.10
C LEU C 54 9.51 23.56 -28.11
N PHE C 55 9.58 22.70 -29.14
CA PHE C 55 10.67 22.65 -30.11
C PHE C 55 10.10 22.46 -31.50
N LEU C 56 10.91 22.54 -32.57
CA LEU C 56 10.46 21.79 -33.73
C LEU C 56 10.93 20.37 -33.57
N PRO C 57 10.34 19.43 -34.31
CA PRO C 57 11.04 18.17 -34.58
C PRO C 57 12.19 18.41 -35.55
N PHE C 58 13.22 17.58 -35.45
CA PHE C 58 14.13 17.43 -36.57
C PHE C 58 13.53 16.53 -37.64
N PHE C 59 14.16 16.55 -38.80
CA PHE C 59 13.76 15.79 -39.99
C PHE C 59 12.30 16.13 -40.34
N SER C 60 11.86 17.31 -39.92
CA SER C 60 10.57 17.88 -40.33
C SER C 60 10.75 18.61 -41.65
N ASN C 61 9.74 19.37 -42.03
CA ASN C 61 9.65 19.87 -43.40
C ASN C 61 9.11 21.30 -43.38
N VAL C 62 9.95 22.25 -43.79
CA VAL C 62 9.85 23.66 -43.41
C VAL C 62 9.65 24.53 -44.63
N THR C 63 8.97 25.65 -44.46
CA THR C 63 9.02 26.64 -45.53
C THR C 63 10.37 27.36 -45.64
N TRP C 64 10.61 27.85 -46.86
CA TRP C 64 11.72 28.59 -47.41
C TRP C 64 11.16 29.97 -47.75
N PHE C 65 11.85 31.05 -47.40
CA PHE C 65 11.56 32.35 -47.99
C PHE C 65 12.80 32.94 -48.63
N HIS C 66 12.63 33.69 -49.73
CA HIS C 66 13.67 34.26 -50.57
C HIS C 66 13.39 35.74 -50.71
N ALA C 67 14.45 36.54 -50.64
CA ALA C 67 14.38 37.96 -51.01
C ALA C 67 15.55 38.20 -51.98
N ILE C 68 15.26 38.01 -53.27
CA ILE C 68 16.27 37.98 -54.31
C ILE C 68 16.13 39.24 -55.16
N HIS C 69 17.25 39.77 -55.65
CA HIS C 69 17.31 40.97 -56.48
C HIS C 69 16.64 40.76 -57.83
N VAL C 70 17.10 39.77 -58.60
CA VAL C 70 16.64 39.41 -59.94
C VAL C 70 17.00 40.45 -61.00
N THR C 76 11.05 43.02 -59.95
CA THR C 76 10.41 42.25 -58.88
C THR C 76 11.13 42.39 -57.53
N LYS C 77 12.28 41.71 -57.46
CA LYS C 77 13.16 41.62 -56.29
C LYS C 77 12.60 40.71 -55.19
N ARG C 78 11.49 40.00 -55.53
CA ARG C 78 10.78 39.05 -54.66
C ARG C 78 10.97 39.62 -53.22
N PHE C 79 10.64 40.90 -53.04
CA PHE C 79 10.73 41.58 -51.74
C PHE C 79 9.53 41.18 -50.87
N ASP C 80 9.74 40.22 -49.99
CA ASP C 80 8.68 39.59 -49.24
C ASP C 80 8.57 40.17 -47.86
N ASN C 81 7.42 40.72 -47.57
CA ASN C 81 7.23 41.29 -46.25
C ASN C 81 5.85 40.93 -45.70
N PRO C 82 5.40 39.68 -45.77
CA PRO C 82 4.17 39.31 -45.09
C PRO C 82 4.38 39.32 -43.58
N VAL C 83 3.28 39.53 -42.87
CA VAL C 83 3.20 39.55 -41.41
C VAL C 83 2.81 38.16 -40.93
N LEU C 84 3.70 37.52 -40.17
CA LEU C 84 3.96 36.14 -39.72
C LEU C 84 3.70 35.95 -38.22
N PRO C 85 3.02 34.86 -37.86
CA PRO C 85 2.36 34.80 -36.54
C PRO C 85 3.35 34.62 -35.41
N PHE C 86 2.80 34.60 -34.19
CA PHE C 86 3.54 34.40 -32.95
C PHE C 86 2.79 33.31 -32.19
N ASN C 87 2.42 32.26 -32.94
CA ASN C 87 1.56 31.20 -32.41
C ASN C 87 2.05 30.69 -31.07
N ASP C 88 3.28 30.18 -31.05
CA ASP C 88 3.81 29.41 -29.94
C ASP C 88 5.30 29.69 -29.74
N GLY C 89 5.83 30.70 -30.40
CA GLY C 89 7.25 30.82 -30.66
C GLY C 89 7.52 30.69 -32.15
N VAL C 90 8.79 30.82 -32.49
CA VAL C 90 9.35 30.82 -33.84
C VAL C 90 10.77 30.27 -33.81
N TYR C 91 11.04 29.30 -34.69
CA TYR C 91 12.40 28.87 -34.92
C TYR C 91 12.79 29.55 -36.23
N PHE C 92 13.72 30.48 -36.17
CA PHE C 92 14.03 31.36 -37.28
C PHE C 92 15.44 31.06 -37.75
N ALA C 93 15.58 30.67 -39.01
CA ALA C 93 16.86 30.55 -39.67
C ALA C 93 17.01 31.65 -40.71
N SER C 94 18.09 32.40 -40.63
CA SER C 94 18.26 33.56 -41.51
C SER C 94 19.63 33.53 -42.15
N THR C 95 19.65 33.63 -43.47
CA THR C 95 20.88 33.77 -44.24
C THR C 95 20.98 35.20 -44.77
N GLU C 96 22.10 35.84 -44.48
CA GLU C 96 22.33 37.23 -44.86
C GLU C 96 23.60 37.36 -45.69
N LYS C 97 23.74 38.51 -46.34
CA LYS C 97 24.95 38.78 -47.13
C LYS C 97 25.53 40.17 -46.86
N SER C 98 24.70 41.14 -46.48
CA SER C 98 25.15 42.51 -46.32
C SER C 98 24.57 43.18 -45.10
N ASN C 99 24.24 42.44 -44.09
CA ASN C 99 23.59 42.92 -42.90
C ASN C 99 22.29 43.64 -43.32
N ILE C 100 21.36 42.84 -43.87
CA ILE C 100 20.21 43.39 -44.57
C ILE C 100 19.01 43.41 -43.65
N ILE C 101 18.67 42.28 -43.04
CA ILE C 101 17.78 42.29 -41.89
C ILE C 101 18.51 42.85 -40.68
N ARG C 102 17.85 43.76 -39.97
CA ARG C 102 18.41 44.38 -38.79
C ARG C 102 17.63 44.06 -37.53
N GLY C 103 16.43 43.54 -37.66
CA GLY C 103 15.70 43.08 -36.50
C GLY C 103 14.26 42.79 -36.88
N TRP C 104 13.43 42.57 -35.85
CA TRP C 104 12.07 42.12 -36.11
C TRP C 104 11.10 42.80 -35.15
N ILE C 105 9.81 42.72 -35.48
CA ILE C 105 8.78 43.61 -34.98
C ILE C 105 7.54 42.79 -34.62
N PHE C 106 7.19 42.71 -33.34
CA PHE C 106 6.22 41.75 -32.85
C PHE C 106 5.02 42.48 -32.27
N GLY C 107 3.83 41.93 -32.54
CA GLY C 107 2.59 42.54 -32.10
C GLY C 107 1.41 41.79 -32.70
N THR C 108 0.21 42.31 -32.44
CA THR C 108 -1.01 41.76 -32.99
C THR C 108 -1.69 42.67 -33.99
N THR C 109 -1.82 43.95 -33.67
CA THR C 109 -2.46 45.00 -34.43
C THR C 109 -1.48 45.81 -35.25
N LEU C 110 -0.21 45.89 -34.81
CA LEU C 110 0.79 46.75 -35.44
C LEU C 110 0.18 48.07 -35.83
N ASP C 111 -0.81 48.50 -35.06
CA ASP C 111 -1.48 49.77 -35.22
C ASP C 111 -1.64 50.50 -33.90
N SER C 112 -0.69 50.31 -33.00
CA SER C 112 -0.63 51.03 -31.73
C SER C 112 -1.75 50.63 -30.77
N LYS C 113 -2.68 49.77 -31.19
CA LYS C 113 -3.84 49.45 -30.36
C LYS C 113 -3.42 48.48 -29.27
N THR C 114 -2.33 47.74 -29.50
CA THR C 114 -1.74 46.82 -28.55
C THR C 114 -0.25 47.10 -28.51
N GLN C 115 0.34 47.09 -27.30
CA GLN C 115 1.79 47.15 -27.20
C GLN C 115 2.43 46.21 -28.21
N SER C 116 3.36 46.76 -28.98
CA SER C 116 4.18 46.01 -29.90
C SER C 116 5.62 46.46 -29.73
N LEU C 117 6.55 45.57 -30.03
CA LEU C 117 7.96 45.88 -29.94
C LEU C 117 8.59 45.81 -31.32
N LEU C 118 9.67 46.57 -31.51
CA LEU C 118 10.62 46.41 -32.59
C LEU C 118 11.99 46.11 -32.01
N ILE C 119 12.53 44.97 -32.39
CA ILE C 119 13.93 44.64 -32.20
C ILE C 119 14.57 44.95 -33.55
N VAL C 120 15.57 45.82 -33.58
CA VAL C 120 16.04 46.22 -34.90
C VAL C 120 17.49 46.68 -34.71
N ASN C 121 18.26 46.65 -35.80
CA ASN C 121 19.69 47.02 -35.78
C ASN C 121 19.93 48.09 -36.85
N ASN C 122 19.63 49.33 -36.51
CA ASN C 122 19.82 50.46 -37.40
C ASN C 122 21.31 50.78 -37.48
N ALA C 123 21.70 51.62 -38.46
CA ALA C 123 23.01 51.69 -39.10
C ALA C 123 24.18 52.04 -38.18
N THR C 124 23.95 52.20 -36.87
CA THR C 124 25.01 52.46 -35.89
C THR C 124 24.88 51.56 -34.68
N ASN C 125 23.69 51.01 -34.44
CA ASN C 125 23.35 50.48 -33.13
C ASN C 125 22.33 49.37 -33.26
N VAL C 126 22.22 48.58 -32.20
CA VAL C 126 21.05 47.75 -31.96
C VAL C 126 20.03 48.58 -31.21
N VAL C 127 18.92 48.88 -31.88
CA VAL C 127 17.78 49.59 -31.30
C VAL C 127 16.65 48.63 -30.97
N ILE C 128 16.03 48.89 -29.81
CA ILE C 128 14.75 48.32 -29.39
C ILE C 128 14.01 49.41 -28.65
N LYS C 129 12.88 49.85 -29.18
CA LYS C 129 11.99 50.78 -28.49
C LYS C 129 10.63 50.13 -28.48
N VAL C 130 10.02 49.96 -27.29
CA VAL C 130 8.68 49.41 -27.26
C VAL C 130 7.81 50.63 -27.01
N CYS C 131 6.87 50.86 -27.91
CA CYS C 131 5.78 51.79 -27.66
C CYS C 131 4.64 51.32 -28.55
N GLU C 132 3.44 51.85 -28.34
CA GLU C 132 2.34 51.42 -29.19
C GLU C 132 2.43 52.20 -30.51
N PHE C 133 3.21 51.65 -31.47
CA PHE C 133 3.46 52.41 -32.69
C PHE C 133 2.55 51.88 -33.78
N GLN C 134 1.74 52.77 -34.33
CA GLN C 134 0.88 52.36 -35.42
C GLN C 134 1.78 52.15 -36.62
N PHE C 135 2.50 51.04 -36.56
CA PHE C 135 3.35 50.62 -37.65
C PHE C 135 2.50 50.39 -38.89
N CYS C 136 3.13 50.46 -40.06
CA CYS C 136 2.44 50.18 -41.30
C CYS C 136 2.34 48.67 -41.58
N ASN C 137 1.67 48.33 -42.68
CA ASN C 137 1.44 46.92 -43.02
C ASN C 137 2.72 46.19 -43.42
N ASP C 138 3.45 46.72 -44.40
CA ASP C 138 4.69 46.11 -44.88
C ASP C 138 5.75 47.20 -44.95
N PRO C 139 6.08 47.81 -43.81
CA PRO C 139 6.91 49.02 -43.86
C PRO C 139 8.40 48.74 -43.86
N PHE C 140 9.14 49.80 -44.11
CA PHE C 140 10.59 49.79 -44.21
C PHE C 140 11.13 51.17 -44.52
N LEU C 141 12.45 51.29 -44.38
CA LEU C 141 13.21 52.49 -44.72
C LEU C 141 14.33 52.13 -45.68
N GLY C 142 14.71 53.09 -46.51
CA GLY C 142 15.62 52.87 -47.60
C GLY C 142 16.81 53.80 -47.60
N VAL C 143 18.01 53.22 -47.51
CA VAL C 143 19.25 53.97 -47.65
C VAL C 143 19.34 54.57 -49.04
N TYR C 144 19.87 55.79 -49.12
CA TYR C 144 20.13 56.45 -50.39
C TYR C 144 21.59 56.32 -50.82
N TYR C 145 21.81 55.53 -51.86
CA TYR C 145 23.05 55.35 -52.62
C TYR C 145 23.46 56.49 -53.55
N HIS C 146 24.77 56.57 -53.75
CA HIS C 146 25.42 57.56 -54.60
C HIS C 146 26.25 56.81 -55.65
N LYS C 147 26.04 57.14 -56.93
CA LYS C 147 26.84 56.51 -57.97
C LYS C 147 28.01 57.38 -58.42
N ASN C 148 27.82 58.70 -58.46
CA ASN C 148 28.90 59.66 -58.69
C ASN C 148 30.13 59.34 -57.84
N ASN C 149 29.93 59.17 -56.53
CA ASN C 149 30.89 58.68 -55.55
C ASN C 149 30.22 57.63 -54.68
N LYS C 150 30.66 56.38 -54.81
CA LYS C 150 30.01 55.28 -54.09
C LYS C 150 29.94 55.53 -52.59
N SER C 151 28.73 55.56 -52.04
CA SER C 151 28.45 55.75 -50.62
C SER C 151 26.96 55.59 -50.37
N TRP C 152 26.65 55.02 -49.22
CA TRP C 152 25.27 54.81 -48.77
C TRP C 152 25.16 55.29 -47.32
N MET C 153 24.07 56.03 -47.02
CA MET C 153 23.69 56.21 -45.63
C MET C 153 22.12 56.15 -45.61
N GLU C 154 21.56 55.69 -44.49
CA GLU C 154 20.12 55.71 -44.26
C GLU C 154 19.55 57.09 -44.54
N SER C 155 18.53 57.16 -45.39
CA SER C 155 17.88 58.42 -45.72
C SER C 155 16.39 58.49 -45.36
N GLU C 156 15.70 57.36 -45.27
CA GLU C 156 14.28 57.33 -44.98
C GLU C 156 14.05 56.67 -43.63
N PHE C 157 12.88 56.91 -43.06
CA PHE C 157 12.47 56.21 -41.85
C PHE C 157 10.94 56.16 -41.88
N ARG C 158 10.40 55.12 -42.51
CA ARG C 158 8.95 54.94 -42.74
C ARG C 158 8.50 53.59 -42.18
N VAL C 159 8.23 53.50 -40.89
CA VAL C 159 7.54 52.37 -40.29
C VAL C 159 6.39 52.81 -39.39
N TYR C 160 6.62 53.83 -38.56
CA TYR C 160 5.78 53.98 -37.39
C TYR C 160 4.99 55.29 -37.48
N SER C 161 4.09 55.52 -36.49
CA SER C 161 3.43 56.82 -36.34
C SER C 161 3.33 57.47 -34.95
N SER C 162 3.07 56.70 -33.88
CA SER C 162 2.68 57.16 -32.54
C SER C 162 3.39 56.40 -31.43
N ALA C 163 3.71 57.11 -30.34
CA ALA C 163 4.40 56.51 -29.20
C ALA C 163 3.87 57.10 -27.89
N ASN C 164 2.91 56.41 -27.29
CA ASN C 164 2.11 56.96 -26.19
C ASN C 164 2.23 56.13 -24.91
N ASN C 165 1.98 54.82 -25.01
CA ASN C 165 2.43 53.81 -24.05
C ASN C 165 3.77 53.24 -24.46
N CYS C 166 4.78 53.34 -23.59
CA CYS C 166 6.10 52.73 -23.73
C CYS C 166 6.54 52.17 -22.37
N THR C 167 7.10 50.96 -22.37
CA THR C 167 7.51 50.17 -21.21
C THR C 167 9.01 49.91 -21.15
N PHE C 168 9.54 49.23 -22.16
CA PHE C 168 10.90 48.75 -22.26
C PHE C 168 11.79 49.76 -22.99
N GLU C 169 13.10 49.62 -22.83
CA GLU C 169 14.14 50.38 -23.51
C GLU C 169 15.48 49.68 -23.39
N TYR C 170 16.31 49.88 -24.41
CA TYR C 170 17.60 49.24 -24.55
C TYR C 170 18.35 49.91 -25.67
N VAL C 171 19.61 50.14 -25.43
CA VAL C 171 20.44 50.91 -26.31
C VAL C 171 21.62 50.03 -26.66
N SER C 172 22.21 50.25 -27.82
CA SER C 172 23.42 49.50 -28.00
C SER C 172 24.61 50.42 -28.09
N GLN C 173 25.77 49.84 -27.92
CA GLN C 173 26.98 50.60 -28.06
C GLN C 173 27.10 51.07 -29.51
N PRO C 174 27.20 52.37 -29.76
CA PRO C 174 27.21 52.85 -31.15
C PRO C 174 28.42 52.38 -31.95
N PHE C 175 28.13 51.74 -33.08
CA PHE C 175 29.14 51.21 -33.98
C PHE C 175 28.85 51.75 -35.39
N LEU C 176 29.53 51.18 -36.38
CA LEU C 176 29.47 51.65 -37.76
C LEU C 176 29.28 50.49 -38.72
N MET C 177 28.23 50.51 -39.62
CA MET C 177 28.30 49.38 -40.53
C MET C 177 28.44 49.78 -41.96
N ASP C 178 29.08 48.86 -42.70
CA ASP C 178 29.59 49.14 -44.04
C ASP C 178 28.46 49.51 -44.98
N LEU C 179 27.37 48.76 -44.92
CA LEU C 179 26.19 48.93 -45.76
C LEU C 179 26.53 48.66 -47.23
N GLU C 180 27.70 48.09 -47.50
CA GLU C 180 28.07 47.64 -48.84
C GLU C 180 27.46 46.28 -49.16
N GLY C 181 27.00 46.13 -50.41
CA GLY C 181 26.45 44.87 -50.87
C GLY C 181 27.48 44.02 -51.58
N LYS C 182 27.89 42.93 -50.96
CA LYS C 182 28.86 42.02 -51.55
C LYS C 182 28.21 41.12 -52.59
N GLN C 183 29.01 40.70 -53.57
CA GLN C 183 28.64 39.65 -54.50
C GLN C 183 29.12 38.29 -54.00
N GLY C 184 28.59 37.22 -54.58
CA GLY C 184 28.95 35.83 -54.48
C GLY C 184 27.94 35.03 -53.69
N ASN C 185 28.43 34.01 -53.01
CA ASN C 185 27.62 33.07 -52.24
C ASN C 185 27.22 33.66 -50.89
N PHE C 186 26.25 33.03 -50.26
CA PHE C 186 25.92 33.34 -48.87
C PHE C 186 26.97 32.74 -47.93
N LYS C 187 27.32 33.47 -46.87
CA LYS C 187 28.30 32.61 -46.22
C LYS C 187 28.00 33.13 -44.67
N ASN C 188 26.72 33.31 -44.31
CA ASN C 188 26.18 33.88 -43.08
C ASN C 188 24.98 33.10 -42.59
N LEU C 189 25.18 32.24 -41.59
CA LEU C 189 24.07 31.48 -41.02
C LEU C 189 23.66 32.16 -39.72
N ARG C 190 22.41 32.61 -39.68
CA ARG C 190 21.86 33.30 -38.52
C ARG C 190 20.59 32.56 -38.10
N GLU C 191 20.72 31.75 -37.03
CA GLU C 191 19.62 30.95 -36.50
C GLU C 191 19.05 31.67 -35.29
N PHE C 192 17.74 31.92 -35.30
CA PHE C 192 17.08 32.56 -34.17
C PHE C 192 15.86 31.77 -33.74
N VAL C 193 15.60 31.74 -32.43
CA VAL C 193 14.32 31.28 -31.90
C VAL C 193 13.78 32.32 -30.94
N PHE C 194 12.58 32.81 -31.22
CA PHE C 194 11.87 33.78 -30.42
C PHE C 194 10.58 33.17 -29.90
N LYS C 195 10.28 33.31 -28.60
CA LYS C 195 8.92 33.23 -28.05
C LYS C 195 8.62 34.40 -27.13
N ASN C 196 7.33 34.53 -26.79
CA ASN C 196 6.91 35.18 -25.55
C ASN C 196 5.83 34.34 -24.85
N ILE C 197 6.25 33.34 -24.08
CA ILE C 197 5.39 32.30 -23.54
C ILE C 197 5.47 32.60 -22.04
N ASP C 198 4.49 32.13 -21.23
CA ASP C 198 4.41 32.31 -19.76
C ASP C 198 4.93 33.67 -19.32
N GLY C 199 4.64 34.68 -20.13
CA GLY C 199 5.19 36.00 -19.96
C GLY C 199 6.68 36.12 -20.20
N TYR C 200 7.38 35.00 -20.37
CA TYR C 200 8.82 35.01 -20.60
C TYR C 200 9.08 35.28 -22.08
N PHE C 201 9.65 36.44 -22.37
CA PHE C 201 10.00 36.84 -23.73
C PHE C 201 11.34 36.18 -24.00
N LYS C 202 11.32 35.10 -24.77
CA LYS C 202 12.24 34.03 -24.50
C LYS C 202 12.94 33.68 -25.82
N ILE C 203 14.16 34.21 -25.94
CA ILE C 203 14.77 34.80 -27.14
C ILE C 203 16.09 34.10 -27.38
N TYR C 204 16.15 33.19 -28.35
CA TYR C 204 17.32 32.35 -28.50
C TYR C 204 17.98 32.60 -29.85
N SER C 205 19.29 32.91 -29.86
CA SER C 205 19.93 33.28 -31.12
C SER C 205 21.45 33.15 -31.06
N LYS C 206 21.99 32.75 -32.21
CA LYS C 206 23.39 32.95 -32.62
C LYS C 206 23.58 32.77 -34.12
N HIS C 207 24.83 32.98 -34.51
CA HIS C 207 25.25 33.18 -35.88
C HIS C 207 26.67 32.66 -36.00
N THR C 208 27.00 32.34 -37.22
CA THR C 208 27.94 31.35 -37.71
C THR C 208 28.32 31.42 -39.17
N PRO C 209 29.64 31.45 -39.47
CA PRO C 209 30.09 31.75 -40.83
C PRO C 209 30.09 30.54 -41.73
N ILE C 210 29.72 30.74 -42.99
CA ILE C 210 29.50 29.65 -43.93
C ILE C 210 30.26 29.92 -45.22
N ASN C 211 30.36 28.88 -46.07
CA ASN C 211 30.87 29.04 -47.43
C ASN C 211 30.01 28.33 -48.48
N LEU C 212 28.71 28.19 -48.18
CA LEU C 212 27.73 27.71 -49.12
C LEU C 212 27.20 28.88 -49.94
N VAL C 213 26.16 28.61 -50.74
CA VAL C 213 25.38 29.64 -51.41
C VAL C 213 23.92 29.58 -50.96
N ARG C 214 23.27 28.44 -51.18
CA ARG C 214 21.87 28.30 -50.77
C ARG C 214 21.51 26.81 -50.72
N ASP C 215 21.40 26.30 -49.49
CA ASP C 215 21.20 24.90 -49.15
C ASP C 215 20.98 24.86 -47.64
N LEU C 216 20.51 23.73 -47.14
CA LEU C 216 20.49 23.57 -45.69
C LEU C 216 21.63 22.70 -45.19
N PRO C 217 22.49 23.24 -44.32
CA PRO C 217 23.59 22.46 -43.77
C PRO C 217 23.11 21.44 -42.74
N GLN C 218 23.85 20.34 -42.64
CA GLN C 218 23.73 19.42 -41.51
C GLN C 218 24.70 19.86 -40.40
N GLY C 219 24.84 19.06 -39.34
CA GLY C 219 25.62 19.43 -38.17
C GLY C 219 24.76 19.72 -36.95
N PHE C 220 25.39 20.14 -35.85
CA PHE C 220 24.70 20.89 -34.81
C PHE C 220 24.83 22.41 -34.91
N SER C 221 23.88 23.05 -34.22
CA SER C 221 24.18 23.96 -33.12
C SER C 221 22.91 24.32 -32.36
N ALA C 222 22.95 24.23 -31.03
CA ALA C 222 21.87 24.73 -30.21
C ALA C 222 21.94 26.25 -30.12
N LEU C 223 20.77 26.89 -30.14
CA LEU C 223 20.71 28.35 -30.00
C LEU C 223 20.94 28.77 -28.56
N GLU C 224 21.78 29.86 -28.33
CA GLU C 224 21.86 30.46 -26.99
C GLU C 224 20.66 31.31 -26.67
N PRO C 225 20.41 31.59 -25.39
CA PRO C 225 19.51 32.67 -25.05
C PRO C 225 20.11 34.04 -25.32
N LEU C 226 19.23 35.00 -25.54
CA LEU C 226 19.54 36.42 -25.43
C LEU C 226 18.92 37.10 -24.22
N VAL C 227 17.61 36.91 -23.99
CA VAL C 227 16.91 37.60 -22.91
C VAL C 227 15.67 36.77 -22.57
N ASP C 228 15.27 36.82 -21.29
CA ASP C 228 14.07 36.13 -20.82
C ASP C 228 13.28 37.13 -19.97
N LEU C 229 12.41 37.90 -20.63
CA LEU C 229 11.59 38.89 -19.94
C LEU C 229 10.28 38.27 -19.48
N PRO C 230 10.02 38.16 -18.16
CA PRO C 230 8.68 37.71 -17.71
C PRO C 230 7.62 38.82 -17.76
N ILE C 231 7.04 39.06 -18.88
CA ILE C 231 6.45 40.25 -19.26
C ILE C 231 4.95 40.03 -19.14
N GLY C 232 4.50 38.91 -19.89
CA GLY C 232 3.11 38.39 -19.95
C GLY C 232 2.14 39.17 -20.81
N ILE C 233 2.22 39.05 -22.13
CA ILE C 233 1.70 40.11 -22.95
C ILE C 233 0.85 39.21 -23.86
N ASN C 234 -0.06 39.71 -24.73
CA ASN C 234 -0.47 38.88 -25.88
C ASN C 234 0.04 39.53 -27.15
N ILE C 235 0.92 38.83 -27.85
CA ILE C 235 1.33 39.07 -29.23
C ILE C 235 1.02 37.81 -30.03
N THR C 236 0.48 37.99 -31.23
CA THR C 236 0.07 36.87 -32.05
C THR C 236 0.79 36.80 -33.39
N ARG C 237 1.39 37.87 -33.87
CA ARG C 237 2.09 37.93 -35.14
C ARG C 237 3.45 38.49 -34.85
N PHE C 238 4.32 38.49 -35.87
CA PHE C 238 5.53 39.29 -35.85
C PHE C 238 6.07 39.34 -37.28
N GLN C 239 7.05 40.21 -37.51
CA GLN C 239 7.68 40.44 -38.80
C GLN C 239 9.05 41.09 -38.61
N THR C 240 9.81 41.15 -39.69
CA THR C 240 11.17 41.64 -39.70
C THR C 240 11.22 43.14 -39.96
N LEU C 241 12.37 43.74 -39.66
CA LEU C 241 12.67 45.13 -39.97
C LEU C 241 14.08 45.25 -40.55
N LEU C 242 14.18 45.63 -41.82
CA LEU C 242 15.38 45.60 -42.63
C LEU C 242 15.52 46.87 -43.48
N ALA C 243 16.76 47.33 -43.60
CA ALA C 243 17.10 48.52 -44.38
C ALA C 243 17.76 48.14 -45.70
N LEU C 244 17.68 49.04 -46.69
CA LEU C 244 18.02 48.81 -48.09
C LEU C 244 18.35 50.10 -48.82
N HIS C 245 18.84 49.96 -50.07
CA HIS C 245 19.81 50.90 -50.62
C HIS C 245 19.19 51.49 -51.90
N ARG C 246 19.46 52.74 -52.20
CA ARG C 246 18.74 53.52 -53.24
C ARG C 246 19.39 54.69 -53.87
N SER C 247 19.25 54.61 -55.21
CA SER C 247 19.81 55.44 -56.26
C SER C 247 19.15 56.79 -56.50
N GLY C 252 15.80 54.81 -61.74
CA GLY C 252 15.97 54.57 -60.32
C GLY C 252 15.28 55.62 -59.47
N ASP C 253 14.11 55.28 -58.94
CA ASP C 253 13.30 56.20 -58.17
C ASP C 253 12.96 55.61 -56.80
N SER C 254 12.12 56.32 -56.05
CA SER C 254 11.60 55.77 -54.80
C SER C 254 10.89 54.44 -55.01
N SER C 255 10.20 54.26 -56.15
CA SER C 255 9.50 53.01 -56.43
C SER C 255 10.22 52.14 -57.46
N SER C 256 11.42 52.53 -57.90
CA SER C 256 12.17 51.67 -58.81
C SER C 256 13.66 51.48 -58.47
N GLY C 257 14.28 52.44 -57.80
CA GLY C 257 15.73 52.50 -57.77
C GLY C 257 16.39 51.90 -56.55
N TRP C 258 15.82 50.85 -55.98
CA TRP C 258 16.16 50.19 -54.73
C TRP C 258 16.28 48.69 -54.95
N THR C 259 16.76 47.99 -53.93
CA THR C 259 16.96 46.56 -53.98
C THR C 259 16.41 45.84 -52.77
N ALA C 260 16.03 44.57 -52.98
CA ALA C 260 15.64 43.70 -51.88
C ALA C 260 16.84 43.28 -51.05
N GLY C 261 17.99 43.08 -51.70
CA GLY C 261 19.18 42.64 -51.01
C GLY C 261 19.26 41.13 -50.94
N ALA C 262 20.37 40.55 -51.38
CA ALA C 262 20.53 39.10 -51.34
C ALA C 262 20.53 38.60 -49.90
N ALA C 263 19.46 37.94 -49.50
CA ALA C 263 19.15 37.37 -48.19
C ALA C 263 18.03 36.36 -48.32
N ALA C 264 18.11 35.33 -47.49
CA ALA C 264 17.02 34.40 -47.28
C ALA C 264 16.97 34.03 -45.80
N TYR C 265 15.76 33.74 -45.34
CA TYR C 265 15.36 33.61 -43.94
C TYR C 265 14.22 32.63 -43.82
N TYR C 266 14.38 31.60 -42.96
CA TYR C 266 13.37 30.56 -43.03
C TYR C 266 12.99 30.27 -41.58
N VAL C 267 11.72 29.94 -41.33
CA VAL C 267 11.09 30.09 -40.01
C VAL C 267 10.23 28.88 -39.69
N GLY C 268 10.14 28.54 -38.40
CA GLY C 268 9.38 27.38 -37.96
C GLY C 268 8.55 27.66 -36.74
N TYR C 269 7.58 26.77 -36.49
CA TYR C 269 6.65 26.88 -35.36
C TYR C 269 6.81 25.66 -34.47
N LEU C 270 7.02 25.90 -33.18
CA LEU C 270 7.58 24.93 -32.27
C LEU C 270 6.50 23.98 -31.72
N GLN C 271 6.92 22.79 -31.34
CA GLN C 271 6.02 21.72 -30.92
C GLN C 271 6.54 21.10 -29.63
N PRO C 272 5.65 20.52 -28.81
CA PRO C 272 6.10 19.88 -27.56
C PRO C 272 6.78 18.54 -27.83
N ARG C 273 8.10 18.54 -27.76
CA ARG C 273 8.89 17.35 -28.07
C ARG C 273 9.81 17.05 -26.90
N THR C 274 9.97 15.76 -26.61
CA THR C 274 10.80 15.28 -25.52
C THR C 274 12.09 14.75 -26.13
N PHE C 275 13.22 15.30 -25.72
CA PHE C 275 14.50 14.95 -26.30
C PHE C 275 15.44 14.35 -25.27
N LEU C 276 16.36 13.53 -25.74
CA LEU C 276 17.49 13.08 -24.94
C LEU C 276 18.62 14.10 -25.08
N LEU C 277 19.18 14.50 -23.95
CA LEU C 277 20.08 15.64 -23.88
C LEU C 277 21.53 15.21 -23.63
N LYS C 278 22.33 15.21 -24.70
CA LYS C 278 23.75 15.57 -24.72
C LYS C 278 24.16 16.99 -24.47
N TYR C 279 25.22 17.00 -23.71
CA TYR C 279 26.21 17.98 -23.41
C TYR C 279 27.58 17.30 -23.56
N ASN C 280 28.65 18.07 -23.53
CA ASN C 280 30.02 17.56 -23.70
C ASN C 280 30.72 17.13 -22.43
N GLU C 281 32.03 16.89 -22.59
CA GLU C 281 33.03 16.98 -21.53
C GLU C 281 33.01 18.38 -20.86
N ASN C 282 32.53 19.41 -21.57
CA ASN C 282 31.92 20.61 -20.97
C ASN C 282 30.39 20.49 -20.95
N GLY C 283 29.70 21.56 -20.60
CA GLY C 283 28.26 21.65 -20.57
C GLY C 283 27.65 22.16 -21.86
N THR C 284 28.21 21.78 -23.01
CA THR C 284 27.68 22.21 -24.30
C THR C 284 26.99 21.04 -25.00
N ILE C 285 25.83 21.32 -25.58
CA ILE C 285 24.97 20.29 -26.13
C ILE C 285 25.65 19.65 -27.33
N THR C 286 25.81 18.32 -27.28
CA THR C 286 26.61 17.59 -28.27
C THR C 286 25.80 16.63 -29.13
N ASP C 287 24.55 16.41 -28.76
CA ASP C 287 23.64 15.52 -29.46
C ASP C 287 22.26 15.68 -28.85
N ALA C 288 21.24 15.36 -29.66
CA ALA C 288 19.83 15.36 -29.31
C ALA C 288 19.05 14.60 -30.36
N VAL C 289 17.84 14.21 -29.98
CA VAL C 289 16.97 13.39 -30.81
C VAL C 289 15.55 13.93 -30.74
N ASP C 290 14.62 13.25 -31.39
CA ASP C 290 13.21 13.53 -31.57
C ASP C 290 12.36 12.34 -31.12
N CYS C 291 11.95 12.34 -29.85
CA CYS C 291 11.15 11.26 -29.32
C CYS C 291 9.74 11.23 -29.88
N ALA C 292 9.19 12.38 -30.27
CA ALA C 292 7.85 12.46 -30.84
C ALA C 292 7.85 12.22 -32.35
N LEU C 293 9.02 11.94 -32.94
CA LEU C 293 9.12 11.66 -34.37
C LEU C 293 9.01 10.17 -34.67
N ASP C 294 10.00 9.31 -34.04
CA ASP C 294 10.56 8.10 -34.61
C ASP C 294 10.52 7.03 -33.54
N PRO C 295 10.18 5.78 -33.90
CA PRO C 295 10.26 4.72 -32.89
C PRO C 295 11.65 4.57 -32.31
N LEU C 296 12.70 4.77 -33.11
CA LEU C 296 14.04 4.55 -32.59
C LEU C 296 14.53 5.70 -31.71
N SER C 297 14.16 6.96 -32.02
CA SER C 297 14.45 8.00 -31.04
C SER C 297 13.75 7.71 -29.73
N GLU C 298 12.58 7.09 -29.78
CA GLU C 298 11.85 6.86 -28.53
C GLU C 298 12.52 5.72 -27.78
N THR C 299 13.09 4.74 -28.50
CA THR C 299 13.73 3.66 -27.75
C THR C 299 14.95 4.26 -27.09
N LYS C 300 15.62 5.19 -27.79
CA LYS C 300 16.79 5.86 -27.24
C LYS C 300 16.42 6.61 -25.97
N CYS C 301 15.24 7.24 -25.97
CA CYS C 301 14.71 7.78 -24.73
C CYS C 301 14.62 6.69 -23.67
N THR C 302 14.07 5.53 -24.02
CA THR C 302 13.91 4.46 -23.04
C THR C 302 15.26 3.95 -22.51
N LEU C 303 16.23 3.73 -23.41
CA LEU C 303 17.62 3.43 -23.05
C LEU C 303 18.25 4.51 -22.17
N LYS C 304 17.80 5.91 -22.38
CA LYS C 304 18.79 6.85 -21.89
C LYS C 304 20.05 6.92 -22.29
N SER C 305 20.33 6.26 -23.41
CA SER C 305 21.73 6.08 -23.84
C SER C 305 21.67 6.60 -25.30
N PHE C 306 22.77 7.18 -25.87
CA PHE C 306 22.68 7.38 -27.32
C PHE C 306 22.43 6.03 -27.96
N THR C 307 23.17 5.07 -27.41
CA THR C 307 23.82 4.00 -28.12
C THR C 307 23.03 2.73 -27.89
N VAL C 308 22.88 1.96 -28.96
CA VAL C 308 21.89 0.89 -29.00
C VAL C 308 22.59 -0.46 -29.15
N GLU C 309 22.26 -1.38 -28.26
CA GLU C 309 22.72 -2.75 -28.38
C GLU C 309 21.76 -3.54 -29.27
N LYS C 310 22.26 -4.62 -29.84
CA LYS C 310 21.39 -5.57 -30.50
C LYS C 310 20.41 -6.15 -29.48
N GLY C 311 19.18 -6.36 -29.93
CA GLY C 311 18.14 -6.92 -29.08
C GLY C 311 16.79 -6.52 -29.59
N ILE C 312 15.75 -6.63 -28.74
CA ILE C 312 14.55 -5.92 -29.15
C ILE C 312 14.24 -5.20 -27.82
N TYR C 313 13.59 -4.03 -27.88
CA TYR C 313 13.37 -3.20 -26.68
C TYR C 313 11.94 -2.69 -26.64
N GLN C 314 11.26 -2.96 -25.53
CA GLN C 314 9.88 -2.55 -25.32
C GLN C 314 9.85 -1.10 -24.87
N THR C 315 9.25 -0.23 -25.70
CA THR C 315 9.20 1.20 -25.41
C THR C 315 7.89 1.63 -24.78
N SER C 316 6.77 1.38 -25.46
CA SER C 316 5.47 1.88 -25.03
C SER C 316 4.42 0.85 -25.46
N ASN C 317 3.15 1.19 -25.28
CA ASN C 317 2.05 0.27 -25.59
C ASN C 317 1.11 0.94 -26.54
N PHE C 318 0.83 0.31 -27.73
CA PHE C 318 -0.04 1.18 -28.52
C PHE C 318 -1.52 1.08 -28.15
N ARG C 319 -2.28 1.94 -28.83
CA ARG C 319 -3.25 2.87 -28.24
C ARG C 319 -4.11 3.44 -29.36
N VAL C 320 -5.39 3.65 -29.07
CA VAL C 320 -6.20 4.51 -29.93
C VAL C 320 -6.99 5.50 -29.08
N GLN C 321 -7.60 6.47 -29.75
CA GLN C 321 -8.51 7.43 -29.12
C GLN C 321 -9.93 7.15 -29.59
N PRO C 322 -10.83 6.71 -28.73
CA PRO C 322 -12.22 6.49 -29.17
C PRO C 322 -12.90 7.79 -29.56
N THR C 323 -13.84 7.68 -30.48
CA THR C 323 -14.48 8.84 -31.09
C THR C 323 -15.96 8.55 -31.32
N GLU C 324 -16.72 9.61 -31.58
CA GLU C 324 -18.15 9.53 -31.87
C GLU C 324 -18.92 8.96 -30.67
N SER C 325 -18.82 9.67 -29.54
CA SER C 325 -19.61 9.33 -28.37
C SER C 325 -21.11 9.47 -28.68
N ILE C 326 -21.91 8.55 -28.12
CA ILE C 326 -23.33 8.45 -28.46
C ILE C 326 -24.17 8.28 -27.19
N VAL C 327 -25.44 8.72 -27.27
CA VAL C 327 -26.34 8.91 -26.13
C VAL C 327 -27.77 8.59 -26.59
N ARG C 328 -28.57 7.89 -25.75
CA ARG C 328 -29.81 7.26 -26.23
C ARG C 328 -30.88 7.10 -25.12
N PHE C 329 -32.22 7.00 -25.55
CA PHE C 329 -33.45 6.95 -24.71
C PHE C 329 -34.73 6.41 -25.41
N PRO C 330 -35.93 6.06 -24.65
CA PRO C 330 -36.94 5.08 -25.14
C PRO C 330 -37.51 5.32 -26.53
N ASN C 331 -38.34 4.39 -27.05
CA ASN C 331 -39.03 4.74 -28.29
C ASN C 331 -39.54 6.16 -28.22
N ILE C 332 -39.89 6.57 -26.99
CA ILE C 332 -39.32 7.72 -26.28
C ILE C 332 -40.45 8.48 -25.65
N THR C 333 -40.21 8.91 -24.41
CA THR C 333 -40.93 10.05 -23.86
C THR C 333 -42.36 9.69 -23.50
N ASN C 334 -42.80 10.21 -22.36
CA ASN C 334 -44.20 10.21 -21.96
C ASN C 334 -44.50 11.69 -21.68
N LEU C 335 -44.84 12.41 -22.74
CA LEU C 335 -44.72 13.86 -22.75
C LEU C 335 -45.78 14.51 -21.86
N CYS C 336 -45.37 15.59 -21.19
CA CYS C 336 -46.30 16.33 -20.35
C CYS C 336 -47.24 17.17 -21.20
N PRO C 337 -48.45 17.47 -20.71
CA PRO C 337 -49.37 18.35 -21.42
C PRO C 337 -49.16 19.83 -21.07
N PHE C 338 -47.94 20.32 -21.30
CA PHE C 338 -47.64 21.71 -20.95
C PHE C 338 -48.50 22.67 -21.74
N GLY C 339 -48.75 22.37 -23.02
CA GLY C 339 -49.64 23.21 -23.80
C GLY C 339 -51.00 23.37 -23.15
N GLU C 340 -51.55 22.27 -22.62
CA GLU C 340 -52.78 22.34 -21.86
C GLU C 340 -52.64 23.25 -20.64
N VAL C 341 -51.43 23.66 -20.29
CA VAL C 341 -51.19 24.64 -19.23
C VAL C 341 -50.85 26.01 -19.80
N PHE C 342 -49.93 26.04 -20.77
CA PHE C 342 -49.51 27.30 -21.39
C PHE C 342 -50.36 27.63 -22.62
N ASN C 343 -50.43 26.72 -23.58
CA ASN C 343 -51.41 26.87 -24.66
C ASN C 343 -52.83 26.82 -24.14
N ALA C 344 -53.02 26.53 -22.84
CA ALA C 344 -54.33 26.55 -22.20
C ALA C 344 -55.14 27.77 -22.63
N THR C 345 -56.40 27.53 -22.96
CA THR C 345 -57.27 28.62 -23.40
C THR C 345 -57.73 29.47 -22.23
N ARG C 346 -58.09 28.84 -21.11
CA ARG C 346 -58.79 29.50 -20.02
C ARG C 346 -57.90 29.56 -18.79
N PHE C 347 -57.83 30.75 -18.17
CA PHE C 347 -57.20 30.94 -16.87
C PHE C 347 -58.28 31.35 -15.88
N ALA C 348 -57.91 31.36 -14.60
CA ALA C 348 -58.89 31.56 -13.54
C ALA C 348 -59.43 32.98 -13.59
N SER C 349 -60.35 33.27 -12.68
CA SER C 349 -60.89 34.61 -12.56
C SER C 349 -59.87 35.51 -11.89
N VAL C 350 -60.28 36.76 -11.66
CA VAL C 350 -59.34 37.76 -11.16
C VAL C 350 -58.94 37.45 -9.72
N TYR C 351 -59.91 37.16 -8.86
CA TYR C 351 -59.64 36.98 -7.44
C TYR C 351 -59.18 35.59 -7.10
N ALA C 352 -59.19 34.68 -8.05
CA ALA C 352 -59.07 33.26 -7.76
C ALA C 352 -57.86 32.65 -8.45
N TRP C 353 -56.69 33.28 -8.31
CA TRP C 353 -55.47 32.72 -8.88
C TRP C 353 -55.48 31.20 -8.69
N ASN C 354 -55.28 30.48 -9.78
CA ASN C 354 -55.46 29.04 -9.81
C ASN C 354 -54.12 28.33 -9.93
N ARG C 355 -53.90 27.35 -9.06
CA ARG C 355 -52.65 26.61 -9.02
C ARG C 355 -52.75 25.39 -9.92
N LYS C 356 -51.73 25.19 -10.76
CA LYS C 356 -51.66 24.04 -11.64
C LYS C 356 -50.28 23.41 -11.54
N ARG C 357 -50.24 22.08 -11.64
CA ARG C 357 -49.01 21.32 -11.58
C ARG C 357 -48.94 20.35 -12.76
N ILE C 358 -47.73 20.15 -13.26
CA ILE C 358 -47.46 19.10 -14.24
C ILE C 358 -46.28 18.29 -13.72
N SER C 359 -46.46 16.98 -13.62
CA SER C 359 -45.40 16.11 -13.12
C SER C 359 -45.69 14.69 -13.58
N ASN C 360 -44.72 13.80 -13.32
CA ASN C 360 -44.83 12.38 -13.67
C ASN C 360 -44.96 12.20 -15.18
N CYS C 361 -44.00 12.77 -15.89
CA CYS C 361 -43.94 12.74 -17.34
C CYS C 361 -42.58 13.26 -17.77
N VAL C 362 -42.39 13.50 -19.07
CA VAL C 362 -41.17 14.14 -19.58
C VAL C 362 -41.58 15.44 -20.26
N ALA C 363 -40.88 16.52 -19.93
CA ALA C 363 -41.17 17.84 -20.45
C ALA C 363 -39.95 18.39 -21.18
N ASP C 364 -40.18 18.98 -22.34
CA ASP C 364 -39.14 19.65 -23.12
C ASP C 364 -39.32 21.15 -22.88
N TYR C 365 -38.37 21.73 -22.15
CA TYR C 365 -38.55 23.08 -21.63
C TYR C 365 -38.07 24.17 -22.59
N SER C 366 -37.16 23.85 -23.51
CA SER C 366 -36.67 24.86 -24.43
C SER C 366 -37.75 25.28 -25.42
N VAL C 367 -38.54 24.32 -25.92
CA VAL C 367 -39.63 24.64 -26.83
C VAL C 367 -40.62 25.57 -26.14
N LEU C 368 -40.88 25.33 -24.86
CA LEU C 368 -41.67 26.27 -24.08
C LEU C 368 -40.98 27.63 -24.03
N TYR C 369 -39.66 27.62 -23.87
CA TYR C 369 -38.88 28.85 -24.03
C TYR C 369 -38.92 29.34 -25.46
N ASN C 370 -38.87 28.42 -26.43
CA ASN C 370 -38.80 28.77 -27.86
C ASN C 370 -40.22 28.91 -28.42
N SER C 371 -40.90 29.97 -27.98
CA SER C 371 -42.22 30.28 -28.54
C SER C 371 -42.28 31.74 -29.00
N ALA C 372 -41.65 32.64 -28.23
CA ALA C 372 -41.54 34.05 -28.57
C ALA C 372 -42.89 34.75 -28.69
N SER C 373 -43.98 34.08 -28.33
CA SER C 373 -45.31 34.66 -28.42
C SER C 373 -45.73 35.38 -27.15
N PHE C 374 -44.75 35.83 -26.36
CA PHE C 374 -45.01 36.30 -25.00
C PHE C 374 -44.56 37.75 -24.84
N SER C 375 -45.37 38.53 -24.14
CA SER C 375 -44.97 39.83 -23.65
C SER C 375 -44.30 39.76 -22.28
N THR C 376 -44.12 38.54 -21.75
CA THR C 376 -43.51 38.34 -20.44
C THR C 376 -42.84 36.97 -20.43
N PHE C 377 -41.52 36.95 -20.21
CA PHE C 377 -40.78 35.70 -20.05
C PHE C 377 -39.72 35.93 -18.97
N LYS C 378 -40.10 35.72 -17.70
CA LYS C 378 -39.24 36.06 -16.57
C LYS C 378 -39.00 34.80 -15.75
N CYS C 379 -37.79 34.24 -15.86
CA CYS C 379 -37.36 33.10 -15.05
C CYS C 379 -36.24 33.55 -14.13
N TYR C 380 -36.38 33.22 -12.85
CA TYR C 380 -35.45 33.65 -11.81
C TYR C 380 -34.76 32.43 -11.22
N GLY C 381 -33.43 32.50 -11.12
CA GLY C 381 -32.67 31.37 -10.63
C GLY C 381 -32.17 30.51 -11.77
N VAL C 382 -33.04 30.29 -12.76
CA VAL C 382 -32.70 29.55 -13.97
C VAL C 382 -33.23 30.31 -15.17
N SER C 383 -32.68 30.00 -16.33
CA SER C 383 -33.24 30.49 -17.58
C SER C 383 -34.48 29.70 -17.93
N PRO C 384 -35.32 30.22 -18.82
CA PRO C 384 -36.40 29.38 -19.37
C PRO C 384 -35.85 28.13 -20.04
N THR C 385 -34.60 28.16 -20.47
CA THR C 385 -33.91 27.03 -21.06
C THR C 385 -33.17 26.25 -19.97
N LYS C 386 -32.27 25.36 -20.39
CA LYS C 386 -31.33 24.67 -19.50
C LYS C 386 -32.02 23.96 -18.35
N LEU C 387 -33.31 23.66 -18.50
CA LEU C 387 -34.02 22.81 -17.57
C LEU C 387 -34.15 21.38 -18.07
N ASN C 388 -33.88 21.14 -19.35
CA ASN C 388 -34.01 19.80 -19.90
C ASN C 388 -33.03 18.81 -19.26
N ASP C 389 -31.86 19.27 -18.85
CA ASP C 389 -30.94 18.43 -18.09
C ASP C 389 -31.27 18.40 -16.60
N LEU C 390 -32.34 19.09 -16.19
CA LEU C 390 -32.75 19.18 -14.80
C LEU C 390 -34.09 18.47 -14.63
N CYS C 391 -34.19 17.65 -13.60
CA CYS C 391 -35.43 16.95 -13.26
C CYS C 391 -35.98 17.51 -11.96
N PHE C 392 -37.29 17.77 -11.93
CA PHE C 392 -37.94 18.35 -10.78
C PHE C 392 -39.17 17.53 -10.41
N THR C 393 -39.54 17.60 -9.12
CA THR C 393 -40.71 16.87 -8.65
C THR C 393 -41.99 17.50 -9.15
N ASN C 394 -42.15 18.81 -8.97
CA ASN C 394 -43.33 19.50 -9.46
C ASN C 394 -43.08 21.01 -9.44
N VAL C 395 -43.93 21.73 -10.17
CA VAL C 395 -43.96 23.18 -10.17
C VAL C 395 -45.43 23.61 -10.15
N TYR C 396 -45.70 24.69 -9.43
CA TYR C 396 -47.07 25.17 -9.24
C TYR C 396 -47.27 26.46 -10.00
N ALA C 397 -48.33 26.51 -10.81
CA ALA C 397 -48.59 27.60 -11.74
C ALA C 397 -49.85 28.36 -11.30
N ASP C 398 -49.70 29.64 -10.99
CA ASP C 398 -50.85 30.47 -10.65
C ASP C 398 -51.53 30.91 -11.93
N SER C 399 -52.81 30.54 -12.09
CA SER C 399 -53.57 30.82 -13.30
C SER C 399 -54.69 31.80 -12.97
N PHE C 400 -54.85 32.80 -13.84
CA PHE C 400 -55.85 33.84 -13.63
C PHE C 400 -55.89 34.79 -14.82
N VAL C 401 -56.79 35.77 -14.78
CA VAL C 401 -56.95 36.76 -15.85
C VAL C 401 -56.88 38.15 -15.22
N ILE C 402 -56.05 39.02 -15.81
CA ILE C 402 -55.66 40.29 -15.24
C ILE C 402 -55.81 41.38 -16.30
N ARG C 403 -55.37 42.60 -15.97
CA ARG C 403 -55.04 43.60 -16.99
C ARG C 403 -53.53 43.73 -17.10
N GLY C 404 -53.09 44.35 -18.19
CA GLY C 404 -51.66 44.45 -18.43
C GLY C 404 -50.91 45.20 -17.36
N ASP C 405 -51.58 46.13 -16.67
CA ASP C 405 -50.89 46.91 -15.65
C ASP C 405 -50.33 46.00 -14.55
N GLU C 406 -50.98 44.87 -14.28
CA GLU C 406 -50.55 43.95 -13.25
C GLU C 406 -49.81 42.75 -13.80
N VAL C 407 -49.40 42.77 -15.07
CA VAL C 407 -48.45 41.76 -15.54
C VAL C 407 -47.18 41.85 -14.72
N ARG C 408 -46.88 43.04 -14.19
CA ARG C 408 -45.79 43.19 -13.24
C ARG C 408 -46.24 42.83 -11.83
N GLN C 409 -47.45 43.27 -11.44
CA GLN C 409 -47.82 43.30 -10.03
C GLN C 409 -47.87 41.92 -9.39
N ILE C 410 -48.06 40.85 -10.16
CA ILE C 410 -48.08 39.49 -9.61
C ILE C 410 -46.69 38.92 -9.85
N ALA C 411 -45.84 38.99 -8.83
CA ALA C 411 -44.51 38.41 -8.90
C ALA C 411 -43.85 38.40 -7.53
N PRO C 412 -42.98 37.44 -7.25
CA PRO C 412 -42.27 37.42 -5.97
C PRO C 412 -41.27 38.55 -5.87
N GLY C 413 -41.03 38.99 -4.63
CA GLY C 413 -40.08 40.05 -4.37
C GLY C 413 -40.58 41.44 -4.69
N GLN C 414 -41.82 41.58 -5.11
CA GLN C 414 -42.42 42.87 -5.40
C GLN C 414 -43.19 43.38 -4.20
N THR C 415 -43.34 44.71 -4.14
CA THR C 415 -43.99 45.37 -3.02
C THR C 415 -45.06 46.32 -3.54
N GLY C 416 -46.12 46.45 -2.76
CA GLY C 416 -47.21 47.34 -3.13
C GLY C 416 -48.49 46.92 -2.41
N LYS C 417 -49.61 47.40 -2.98
CA LYS C 417 -50.91 47.06 -2.43
C LYS C 417 -51.09 45.54 -2.34
N ILE C 418 -50.46 44.79 -3.24
CA ILE C 418 -50.57 43.33 -3.20
C ILE C 418 -49.85 42.78 -1.97
N ALA C 419 -48.63 43.25 -1.72
CA ALA C 419 -47.82 42.68 -0.65
C ALA C 419 -48.44 42.95 0.72
N ASP C 420 -49.37 43.90 0.81
CA ASP C 420 -50.00 44.24 2.07
C ASP C 420 -51.43 43.72 2.17
N TYR C 421 -52.18 43.71 1.06
CA TYR C 421 -53.62 43.54 1.09
C TYR C 421 -54.15 42.45 0.18
N ASN C 422 -53.40 42.01 -0.83
CA ASN C 422 -53.92 41.06 -1.82
C ASN C 422 -53.18 39.74 -1.84
N TYR C 423 -51.85 39.75 -2.01
CA TYR C 423 -51.13 38.50 -2.27
C TYR C 423 -49.70 38.63 -1.78
N LYS C 424 -49.29 37.74 -0.89
CA LYS C 424 -47.90 37.63 -0.46
C LYS C 424 -47.31 36.35 -1.05
N LEU C 425 -46.05 36.43 -1.45
CA LEU C 425 -45.33 35.29 -1.99
C LEU C 425 -44.05 35.06 -1.21
N PRO C 426 -43.54 33.82 -1.21
CA PRO C 426 -42.37 33.53 -0.38
C PRO C 426 -41.18 34.41 -0.75
N ASP C 427 -40.45 34.85 0.28
CA ASP C 427 -39.24 35.64 0.05
C ASP C 427 -38.16 34.80 -0.63
N ASP C 428 -38.23 33.48 -0.49
CA ASP C 428 -37.24 32.56 -1.06
C ASP C 428 -37.78 31.86 -2.30
N PHE C 429 -38.51 32.61 -3.12
CA PHE C 429 -39.12 32.04 -4.32
C PHE C 429 -38.08 31.31 -5.16
N THR C 430 -38.44 30.12 -5.64
CA THR C 430 -37.59 29.29 -6.49
C THR C 430 -38.39 28.94 -7.74
N GLY C 431 -38.27 29.74 -8.78
CA GLY C 431 -38.96 29.44 -10.02
C GLY C 431 -38.94 30.53 -11.07
N CYS C 432 -40.05 30.66 -11.78
CA CYS C 432 -40.11 31.48 -12.97
C CYS C 432 -41.52 32.03 -13.16
N VAL C 433 -41.62 33.17 -13.83
CA VAL C 433 -42.90 33.77 -14.20
C VAL C 433 -42.88 34.08 -15.69
N ILE C 434 -43.76 33.42 -16.44
CA ILE C 434 -43.96 33.71 -17.85
C ILE C 434 -45.41 34.14 -18.04
N ALA C 435 -45.61 35.06 -18.98
CA ALA C 435 -46.96 35.52 -19.29
C ALA C 435 -46.99 36.04 -20.71
N TRP C 436 -48.18 36.05 -21.31
CA TRP C 436 -48.37 36.50 -22.67
C TRP C 436 -49.72 37.17 -22.79
N ASN C 437 -49.79 38.21 -23.62
CA ASN C 437 -50.96 39.08 -23.65
C ASN C 437 -52.20 38.35 -24.15
N SER C 438 -53.35 38.75 -23.61
CA SER C 438 -54.66 38.26 -24.02
C SER C 438 -55.63 39.44 -24.16
N ASN C 439 -55.13 40.55 -24.71
CA ASN C 439 -55.87 41.80 -24.69
C ASN C 439 -57.24 41.64 -25.34
N ASN C 440 -57.26 41.11 -26.57
CA ASN C 440 -58.51 40.88 -27.28
C ASN C 440 -59.17 39.56 -26.87
N LEU C 441 -58.58 38.82 -25.95
CA LEU C 441 -58.93 37.42 -25.72
C LEU C 441 -59.67 37.17 -24.42
N ASP C 442 -59.75 38.14 -23.53
CA ASP C 442 -60.41 37.96 -22.24
C ASP C 442 -61.67 38.80 -22.07
N SER C 443 -62.06 39.56 -23.09
CA SER C 443 -63.31 40.29 -23.10
C SER C 443 -64.25 39.69 -24.16
N LYS C 444 -65.52 39.56 -23.80
CA LYS C 444 -66.52 38.96 -24.67
C LYS C 444 -67.23 40.05 -25.47
N VAL C 445 -67.68 39.69 -26.67
CA VAL C 445 -68.26 40.66 -27.60
C VAL C 445 -69.49 41.30 -26.98
N GLY C 446 -69.56 42.63 -27.05
CA GLY C 446 -70.54 43.37 -26.31
C GLY C 446 -70.20 43.55 -24.85
N GLY C 447 -69.02 43.10 -24.42
CA GLY C 447 -68.65 43.10 -23.03
C GLY C 447 -69.09 41.81 -22.38
N ASN C 448 -68.15 41.02 -21.91
CA ASN C 448 -68.53 39.87 -21.09
C ASN C 448 -69.33 40.39 -19.93
N TYR C 449 -70.63 40.11 -19.93
CA TYR C 449 -71.46 40.47 -18.80
C TYR C 449 -71.19 39.45 -17.69
N ASN C 450 -69.93 39.30 -17.32
CA ASN C 450 -69.53 38.76 -16.02
C ASN C 450 -68.68 39.73 -15.23
N TYR C 451 -68.17 40.78 -15.89
CA TYR C 451 -66.97 41.46 -15.40
C TYR C 451 -67.13 41.89 -13.95
N LEU C 452 -66.37 41.26 -13.07
CA LEU C 452 -66.06 41.91 -11.81
C LEU C 452 -64.63 41.61 -11.45
N TYR C 453 -64.15 42.37 -10.48
CA TYR C 453 -62.72 42.57 -10.31
C TYR C 453 -62.38 42.71 -8.83
N ARG C 454 -61.33 42.03 -8.40
CA ARG C 454 -60.75 42.15 -7.07
C ARG C 454 -59.32 42.67 -7.16
N LEU C 455 -59.06 43.84 -6.57
CA LEU C 455 -57.69 44.27 -6.27
C LEU C 455 -57.36 44.09 -4.80
N PHE C 456 -58.11 44.78 -3.95
CA PHE C 456 -57.72 45.03 -2.58
C PHE C 456 -58.65 44.25 -1.69
N ARG C 457 -58.17 44.00 -0.47
CA ARG C 457 -59.01 43.39 0.54
C ARG C 457 -58.29 43.58 1.86
N LYS C 458 -59.07 43.88 2.90
CA LYS C 458 -58.47 44.29 4.16
C LYS C 458 -57.46 43.26 4.64
N SER C 459 -57.94 42.06 5.00
CA SER C 459 -57.20 40.90 5.47
C SER C 459 -55.68 41.04 5.62
N ASN C 460 -54.97 39.92 5.43
CA ASN C 460 -53.53 39.91 5.27
C ASN C 460 -53.20 38.67 4.45
N LEU C 461 -51.99 38.63 3.91
CA LEU C 461 -51.58 37.53 3.04
C LEU C 461 -50.31 36.90 3.58
N LYS C 462 -50.36 35.59 3.80
CA LYS C 462 -49.16 34.81 4.01
C LYS C 462 -48.55 34.47 2.66
N PRO C 463 -47.25 34.14 2.61
CA PRO C 463 -46.62 33.83 1.33
C PRO C 463 -47.36 32.72 0.60
N PHE C 464 -47.67 32.98 -0.67
CA PHE C 464 -48.36 32.03 -1.54
C PHE C 464 -49.69 31.60 -0.93
N GLU C 465 -50.57 32.58 -0.74
CA GLU C 465 -51.91 32.36 -0.20
C GLU C 465 -52.95 32.85 -1.19
N ARG C 466 -54.04 32.08 -1.30
CA ARG C 466 -55.10 32.35 -2.26
C ARG C 466 -56.30 32.94 -1.53
N ASP C 467 -56.67 34.17 -1.91
CA ASP C 467 -57.80 34.87 -1.30
C ASP C 467 -58.77 35.28 -2.40
N ILE C 468 -60.06 35.08 -2.15
CA ILE C 468 -61.10 35.38 -3.12
C ILE C 468 -62.15 36.33 -2.57
N SER C 469 -62.16 36.61 -1.28
CA SER C 469 -63.28 37.32 -0.66
C SER C 469 -63.45 38.70 -1.29
N THR C 470 -64.70 39.12 -1.43
CA THR C 470 -65.08 40.35 -2.09
C THR C 470 -65.84 41.27 -1.14
N GLU C 471 -65.66 41.08 0.16
CA GLU C 471 -66.47 41.75 1.17
C GLU C 471 -66.18 43.25 1.22
N ILE C 472 -67.20 44.01 1.63
CA ILE C 472 -67.04 45.44 1.82
C ILE C 472 -65.95 45.71 2.85
N TYR C 473 -65.08 46.66 2.53
CA TYR C 473 -63.92 46.97 3.35
C TYR C 473 -64.32 47.84 4.54
N GLN C 474 -63.85 47.45 5.72
CA GLN C 474 -64.13 48.17 6.95
C GLN C 474 -62.82 48.53 7.64
N ALA C 475 -62.69 49.80 8.02
CA ALA C 475 -61.55 50.27 8.80
C ALA C 475 -61.92 50.50 10.26
N GLY C 476 -63.19 50.30 10.62
CA GLY C 476 -63.62 50.26 12.00
C GLY C 476 -64.29 51.52 12.48
N SER C 477 -65.63 51.53 12.45
CA SER C 477 -66.41 52.54 13.15
C SER C 477 -67.57 51.90 13.89
N THR C 478 -68.10 50.81 13.34
CA THR C 478 -69.22 50.08 13.92
C THR C 478 -69.48 48.87 13.03
N PRO C 479 -70.05 47.80 13.57
CA PRO C 479 -70.31 46.62 12.74
C PRO C 479 -71.22 46.96 11.56
N CYS C 480 -70.83 46.47 10.38
CA CYS C 480 -71.65 46.66 9.19
C CYS C 480 -72.96 45.88 9.29
N ASN C 481 -72.99 44.82 10.11
CA ASN C 481 -74.17 43.98 10.25
C ASN C 481 -74.59 43.40 8.91
N GLY C 482 -73.61 43.00 8.11
CA GLY C 482 -73.89 42.49 6.78
C GLY C 482 -74.57 43.51 5.89
N VAL C 483 -74.17 44.78 6.00
CA VAL C 483 -74.78 45.87 5.25
C VAL C 483 -73.67 46.73 4.66
N GLU C 484 -73.80 47.06 3.37
CA GLU C 484 -72.92 48.00 2.72
C GLU C 484 -73.50 49.40 2.78
N GLY C 485 -72.65 50.40 2.51
CA GLY C 485 -73.05 51.78 2.58
C GLY C 485 -72.02 52.65 3.25
N PHE C 486 -72.41 53.34 4.33
CA PHE C 486 -71.48 54.21 5.03
C PHE C 486 -70.48 53.38 5.82
N ASN C 487 -69.20 53.62 5.58
CA ASN C 487 -68.11 52.90 6.25
C ASN C 487 -68.22 51.39 6.01
N CYS C 488 -68.88 51.02 4.91
CA CYS C 488 -68.96 49.61 4.50
C CYS C 488 -68.89 49.62 2.96
N TYR C 489 -67.67 49.52 2.45
CA TYR C 489 -67.39 49.81 1.04
C TYR C 489 -66.48 48.75 0.45
N PHE C 490 -66.79 48.34 -0.79
CA PHE C 490 -66.08 47.31 -1.54
C PHE C 490 -64.60 47.68 -1.71
N PRO C 491 -63.62 46.87 -1.22
CA PRO C 491 -62.20 47.15 -1.46
C PRO C 491 -61.68 46.58 -2.77
N LEU C 492 -62.48 46.69 -3.82
CA LEU C 492 -62.08 46.04 -5.06
C LEU C 492 -62.67 46.83 -6.23
N GLN C 493 -61.91 47.80 -6.70
CA GLN C 493 -62.25 48.54 -7.90
C GLN C 493 -62.38 47.56 -9.05
N SER C 494 -62.97 48.02 -10.15
CA SER C 494 -63.04 47.20 -11.35
C SER C 494 -61.98 47.59 -12.36
N TYR C 495 -61.35 46.58 -12.96
CA TYR C 495 -60.57 46.83 -14.15
C TYR C 495 -61.52 47.24 -15.27
N GLY C 496 -62.40 46.33 -15.67
CA GLY C 496 -63.44 46.62 -16.64
C GLY C 496 -63.01 46.39 -18.07
N PHE C 497 -62.63 45.15 -18.37
CA PHE C 497 -61.94 44.84 -19.62
C PHE C 497 -62.80 45.07 -20.85
N GLN C 498 -62.21 45.75 -21.83
CA GLN C 498 -62.78 45.98 -23.15
C GLN C 498 -61.87 45.37 -24.22
N PRO C 499 -62.40 45.03 -25.39
CA PRO C 499 -61.53 44.48 -26.44
C PRO C 499 -60.41 45.41 -26.84
N THR C 500 -60.62 46.73 -26.76
CA THR C 500 -59.58 47.72 -27.00
C THR C 500 -58.83 48.09 -25.73
N ASN C 501 -58.77 47.18 -24.76
CA ASN C 501 -58.18 47.49 -23.46
C ASN C 501 -56.88 48.27 -23.61
N GLY C 502 -56.70 49.26 -22.74
CA GLY C 502 -55.41 49.90 -22.62
C GLY C 502 -54.35 48.93 -22.15
N VAL C 503 -53.08 49.28 -22.42
CA VAL C 503 -52.00 48.37 -22.10
C VAL C 503 -51.99 48.05 -20.61
N GLY C 504 -52.15 49.07 -19.76
CA GLY C 504 -52.40 48.80 -18.37
C GLY C 504 -53.67 48.01 -18.18
N TYR C 505 -54.66 48.26 -19.05
CA TYR C 505 -55.95 47.60 -19.07
C TYR C 505 -55.93 46.25 -19.76
N GLN C 506 -54.87 45.96 -20.51
CA GLN C 506 -54.88 44.83 -21.43
C GLN C 506 -54.90 43.50 -20.67
N PRO C 507 -55.82 42.59 -20.97
CA PRO C 507 -55.73 41.25 -20.38
C PRO C 507 -54.47 40.53 -20.85
N TYR C 508 -53.93 39.73 -19.94
CA TYR C 508 -52.71 38.97 -20.20
C TYR C 508 -52.86 37.57 -19.64
N ARG C 509 -52.34 36.58 -20.39
CA ARG C 509 -52.27 35.21 -19.91
C ARG C 509 -51.03 35.06 -19.04
N VAL C 510 -51.22 34.77 -17.75
CA VAL C 510 -50.17 34.87 -16.75
C VAL C 510 -49.99 33.52 -16.07
N VAL C 511 -48.75 33.09 -15.94
CA VAL C 511 -48.39 31.84 -15.27
C VAL C 511 -47.25 32.13 -14.31
N VAL C 512 -47.45 31.80 -13.04
CA VAL C 512 -46.48 32.06 -11.98
C VAL C 512 -45.96 30.72 -11.49
N LEU C 513 -44.68 30.45 -11.73
CA LEU C 513 -44.09 29.14 -11.50
C LEU C 513 -43.04 29.22 -10.40
N SER C 514 -43.30 28.56 -9.27
CA SER C 514 -42.31 28.29 -8.25
C SER C 514 -42.03 26.79 -8.25
N PHE C 515 -40.76 26.43 -8.47
CA PHE C 515 -40.41 25.05 -8.78
C PHE C 515 -40.22 24.26 -7.50
N GLU C 516 -40.79 23.05 -7.46
CA GLU C 516 -40.73 22.16 -6.30
C GLU C 516 -39.89 20.94 -6.64
N LEU C 517 -38.82 20.71 -5.88
CA LEU C 517 -37.98 19.53 -6.04
C LEU C 517 -37.66 18.96 -4.67
N LEU C 518 -37.45 17.65 -4.65
CA LEU C 518 -37.09 16.95 -3.42
C LEU C 518 -36.06 15.86 -3.70
N PRO C 521 -36.89 12.63 -5.49
CA PRO C 521 -37.90 11.93 -6.28
C PRO C 521 -38.41 12.76 -7.46
N ALA C 522 -37.49 13.43 -8.14
CA ALA C 522 -37.85 14.25 -9.29
C ALA C 522 -38.49 13.38 -10.37
N THR C 523 -39.47 13.93 -11.07
CA THR C 523 -40.24 13.20 -12.05
C THR C 523 -39.95 13.62 -13.49
N VAL C 524 -39.96 14.91 -13.77
CA VAL C 524 -39.98 15.42 -15.14
C VAL C 524 -38.70 16.18 -15.41
N CYS C 525 -37.95 15.71 -16.41
CA CYS C 525 -36.77 16.41 -16.92
C CYS C 525 -36.90 16.50 -18.45
N GLY C 526 -35.84 16.90 -19.13
CA GLY C 526 -35.83 16.85 -20.57
C GLY C 526 -35.85 15.43 -21.08
N PRO C 527 -35.85 15.29 -22.40
CA PRO C 527 -36.01 13.95 -22.99
C PRO C 527 -34.81 13.04 -22.73
N LYS C 528 -33.60 13.51 -23.02
CA LYS C 528 -32.41 12.66 -23.10
C LYS C 528 -32.66 11.45 -23.98
N LYS C 529 -28.81 16.54 -26.02
CA LYS C 529 -29.11 15.24 -25.44
C LYS C 529 -29.28 14.17 -26.51
N SER C 530 -29.15 12.91 -26.09
CA SER C 530 -29.24 11.70 -26.91
C SER C 530 -28.84 11.84 -28.38
N THR C 531 -28.73 10.71 -29.08
CA THR C 531 -28.34 10.69 -30.48
C THR C 531 -28.96 9.45 -31.13
N ASN C 532 -28.48 9.11 -32.31
CA ASN C 532 -28.87 7.88 -32.97
C ASN C 532 -28.25 6.69 -32.26
N LEU C 533 -28.42 5.50 -32.85
CA LEU C 533 -27.73 4.30 -32.41
C LEU C 533 -26.73 3.91 -33.50
N VAL C 534 -25.46 3.80 -33.12
CA VAL C 534 -24.38 3.54 -34.07
C VAL C 534 -23.54 2.39 -33.52
N LYS C 535 -22.92 1.63 -34.42
CA LYS C 535 -22.22 0.41 -34.07
C LYS C 535 -20.87 0.36 -34.80
N ASN C 536 -20.02 -0.56 -34.36
CA ASN C 536 -18.76 -0.90 -35.03
C ASN C 536 -17.78 0.26 -35.01
N LYS C 537 -17.46 0.76 -33.81
CA LYS C 537 -16.40 1.75 -33.68
C LYS C 537 -16.03 1.91 -32.21
N CYS C 538 -14.73 2.01 -31.94
CA CYS C 538 -14.23 2.20 -30.58
C CYS C 538 -14.58 3.61 -30.11
N VAL C 539 -15.45 3.70 -29.10
CA VAL C 539 -16.12 4.94 -28.75
C VAL C 539 -16.12 5.12 -27.25
N ASN C 540 -15.96 6.37 -26.81
CA ASN C 540 -16.23 6.75 -25.42
C ASN C 540 -17.73 7.04 -25.31
N PHE C 541 -18.48 6.10 -24.74
CA PHE C 541 -19.92 6.05 -24.90
C PHE C 541 -20.64 6.57 -23.66
N ASN C 542 -21.94 6.83 -23.85
CA ASN C 542 -22.92 6.93 -22.76
C ASN C 542 -24.02 5.95 -23.11
N PHE C 543 -23.98 4.77 -22.50
CA PHE C 543 -24.88 3.67 -22.80
C PHE C 543 -26.07 3.76 -21.84
N ASN C 544 -27.18 4.29 -22.33
CA ASN C 544 -28.42 4.30 -21.57
C ASN C 544 -28.23 5.04 -20.25
N GLY C 545 -27.45 6.11 -20.29
CA GLY C 545 -27.02 6.80 -19.10
C GLY C 545 -25.75 6.23 -18.48
N LEU C 546 -25.31 5.06 -18.93
CA LEU C 546 -24.08 4.45 -18.45
C LEU C 546 -22.92 4.99 -19.26
N THR C 547 -22.13 5.88 -18.67
CA THR C 547 -21.01 6.49 -19.36
C THR C 547 -19.79 5.58 -19.31
N GLY C 548 -19.20 5.33 -20.47
CA GLY C 548 -18.03 4.49 -20.56
C GLY C 548 -17.43 4.57 -21.94
N THR C 549 -16.58 3.60 -22.27
CA THR C 549 -15.92 3.56 -23.57
C THR C 549 -15.84 2.13 -24.07
N GLY C 550 -15.73 2.00 -25.38
CA GLY C 550 -15.56 0.70 -26.01
C GLY C 550 -16.06 0.72 -27.43
N VAL C 551 -15.88 -0.42 -28.10
CA VAL C 551 -16.39 -0.65 -29.45
C VAL C 551 -17.77 -1.28 -29.33
N LEU C 552 -18.73 -0.77 -30.10
CA LEU C 552 -20.10 -1.23 -30.04
C LEU C 552 -20.38 -2.18 -31.20
N THR C 553 -20.92 -3.35 -30.88
CA THR C 553 -21.27 -4.34 -31.89
C THR C 553 -22.49 -5.12 -31.40
N GLU C 554 -23.17 -5.77 -32.36
CA GLU C 554 -24.37 -6.51 -32.03
C GLU C 554 -24.06 -7.62 -31.04
N SER C 555 -25.02 -7.92 -30.17
CA SER C 555 -24.87 -8.93 -29.14
C SER C 555 -25.72 -10.14 -29.48
N ASN C 556 -25.14 -11.33 -29.30
CA ASN C 556 -25.86 -12.58 -29.41
C ASN C 556 -26.43 -13.05 -28.08
N LYS C 557 -26.19 -12.29 -27.01
CA LYS C 557 -26.58 -12.75 -25.69
C LYS C 557 -28.09 -12.60 -25.49
N LYS C 558 -28.61 -13.43 -24.58
CA LYS C 558 -30.05 -13.49 -24.30
C LYS C 558 -30.31 -12.74 -23.00
N PHE C 559 -30.76 -11.50 -23.10
CA PHE C 559 -31.03 -10.67 -21.93
C PHE C 559 -32.45 -10.90 -21.44
N LEU C 560 -32.65 -10.68 -20.14
CA LEU C 560 -33.98 -10.73 -19.54
C LEU C 560 -34.75 -9.45 -19.91
N PRO C 561 -36.09 -9.50 -19.89
CA PRO C 561 -36.85 -8.39 -20.50
C PRO C 561 -36.51 -7.04 -19.92
N PHE C 562 -36.21 -6.97 -18.63
CA PHE C 562 -35.73 -5.74 -18.01
C PHE C 562 -34.21 -5.61 -18.12
N GLN C 563 -33.48 -6.68 -18.47
CA GLN C 563 -32.02 -6.75 -18.33
C GLN C 563 -31.38 -5.70 -19.22
N GLN C 564 -30.64 -4.75 -18.63
CA GLN C 564 -30.06 -3.64 -19.37
C GLN C 564 -28.65 -3.95 -19.88
N PHE C 565 -27.79 -4.42 -18.99
CA PHE C 565 -26.37 -4.55 -19.24
C PHE C 565 -25.88 -5.89 -18.70
N GLY C 566 -24.69 -6.28 -19.17
CA GLY C 566 -24.00 -7.44 -18.66
C GLY C 566 -22.55 -7.12 -18.41
N ARG C 567 -21.99 -7.60 -17.31
CA ARG C 567 -20.62 -7.27 -16.92
C ARG C 567 -19.82 -8.54 -16.78
N ASP C 568 -18.67 -8.59 -17.43
CA ASP C 568 -17.75 -9.69 -17.23
C ASP C 568 -17.28 -9.71 -15.77
N ILE C 569 -16.62 -10.82 -15.40
CA ILE C 569 -16.20 -10.99 -14.01
C ILE C 569 -15.40 -9.78 -13.57
N ALA C 570 -15.49 -9.46 -12.26
CA ALA C 570 -14.96 -8.24 -11.69
C ALA C 570 -15.91 -7.06 -11.90
N ASP C 571 -17.14 -7.33 -12.33
CA ASP C 571 -18.15 -6.30 -12.54
C ASP C 571 -17.70 -5.32 -13.62
N THR C 572 -17.39 -5.85 -14.80
CA THR C 572 -16.93 -5.05 -15.93
C THR C 572 -17.85 -5.31 -17.12
N THR C 573 -18.46 -4.23 -17.62
CA THR C 573 -19.53 -4.36 -18.61
C THR C 573 -19.12 -5.27 -19.75
N ASP C 574 -20.10 -6.00 -20.28
CA ASP C 574 -19.92 -7.01 -21.31
C ASP C 574 -20.80 -6.80 -22.52
N ALA C 575 -22.02 -6.28 -22.34
CA ALA C 575 -22.89 -5.93 -23.44
C ALA C 575 -23.88 -4.90 -22.95
N VAL C 576 -24.50 -4.21 -23.90
CA VAL C 576 -25.48 -3.18 -23.60
C VAL C 576 -26.77 -3.53 -24.33
N ARG C 577 -27.88 -3.43 -23.62
CA ARG C 577 -29.18 -3.48 -24.25
C ARG C 577 -29.49 -2.08 -24.75
N ASP C 578 -29.82 -1.97 -26.03
CA ASP C 578 -30.42 -0.74 -26.48
C ASP C 578 -31.45 -0.40 -25.42
N PRO C 579 -31.36 0.75 -24.76
CA PRO C 579 -32.25 0.97 -23.62
C PRO C 579 -33.72 0.83 -24.00
N GLN C 580 -33.98 0.81 -25.31
CA GLN C 580 -35.22 1.32 -25.89
C GLN C 580 -35.94 0.37 -26.81
N THR C 581 -35.28 0.05 -27.91
CA THR C 581 -35.67 -1.05 -28.76
C THR C 581 -35.27 -2.34 -28.09
N LEU C 582 -34.67 -2.24 -26.89
CA LEU C 582 -34.33 -3.35 -26.03
C LEU C 582 -33.48 -4.37 -26.76
N GLU C 583 -32.81 -3.89 -27.81
CA GLU C 583 -31.88 -4.68 -28.59
C GLU C 583 -30.49 -4.61 -27.99
N ILE C 584 -29.89 -5.75 -27.83
CA ILE C 584 -28.61 -5.86 -27.14
C ILE C 584 -27.47 -5.64 -28.14
N LEU C 585 -26.42 -4.97 -27.67
CA LEU C 585 -25.18 -4.78 -28.41
C LEU C 585 -24.03 -5.28 -27.56
N ASP C 586 -23.20 -6.14 -28.13
CA ASP C 586 -22.05 -6.66 -27.40
C ASP C 586 -21.04 -5.54 -27.17
N ILE C 587 -20.44 -5.51 -25.99
CA ILE C 587 -19.44 -4.51 -25.64
C ILE C 587 -18.08 -5.04 -26.07
N THR C 588 -17.26 -4.16 -26.64
CA THR C 588 -15.92 -4.53 -27.05
C THR C 588 -14.93 -3.44 -26.63
N PRO C 589 -13.76 -3.82 -26.12
CA PRO C 589 -12.78 -2.80 -25.73
C PRO C 589 -12.17 -2.12 -26.95
N CYS C 590 -11.67 -0.91 -26.75
CA CYS C 590 -11.24 -0.05 -27.84
C CYS C 590 -9.72 -0.17 -28.06
N SER C 591 -9.32 -1.32 -28.60
CA SER C 591 -8.02 -1.50 -29.25
C SER C 591 -6.83 -1.30 -28.32
N PHE C 592 -5.72 -2.00 -28.56
CA PHE C 592 -4.46 -1.56 -27.97
C PHE C 592 -3.34 -2.44 -28.50
N GLY C 593 -2.16 -2.27 -27.94
CA GLY C 593 -1.06 -3.17 -28.19
C GLY C 593 0.19 -2.66 -27.51
N GLY C 594 1.22 -3.51 -27.53
CA GLY C 594 2.53 -3.10 -27.10
C GLY C 594 3.28 -2.36 -28.19
N VAL C 595 4.36 -1.70 -27.77
CA VAL C 595 5.28 -1.02 -28.69
C VAL C 595 6.69 -1.43 -28.30
N SER C 596 7.30 -2.30 -29.11
CA SER C 596 8.68 -2.70 -28.95
C SER C 596 9.43 -2.39 -30.23
N VAL C 597 10.66 -1.90 -30.08
CA VAL C 597 11.49 -1.52 -31.21
C VAL C 597 12.68 -2.46 -31.26
N ILE C 598 13.01 -2.92 -32.46
CA ILE C 598 13.92 -4.04 -32.67
C ILE C 598 15.14 -3.53 -33.45
N THR C 599 16.35 -3.78 -32.95
CA THR C 599 17.59 -3.25 -33.48
C THR C 599 18.72 -4.39 -33.66
N PRO C 600 19.52 -4.37 -34.62
CA PRO C 600 20.85 -4.92 -34.39
C PRO C 600 21.94 -4.13 -33.64
N GLY C 601 21.57 -3.10 -32.93
CA GLY C 601 22.50 -2.21 -32.34
C GLY C 601 22.83 -1.11 -33.32
N THR C 602 23.10 0.10 -32.85
CA THR C 602 23.74 1.06 -33.74
C THR C 602 24.83 0.44 -34.60
N ASN C 603 25.92 -0.05 -34.00
CA ASN C 603 27.10 0.29 -34.74
C ASN C 603 27.16 -0.59 -35.99
N THR C 604 26.36 -1.67 -36.02
CA THR C 604 26.04 -2.43 -37.23
C THR C 604 25.30 -1.56 -38.24
N SER C 605 24.30 -0.82 -37.78
CA SER C 605 23.45 -0.04 -38.66
C SER C 605 22.55 0.87 -37.83
N ASN C 606 22.00 1.88 -38.49
CA ASN C 606 20.90 2.73 -38.09
C ASN C 606 19.57 2.14 -38.55
N GLN C 607 19.61 0.92 -39.08
CA GLN C 607 18.42 0.22 -39.52
C GLN C 607 17.72 -0.45 -38.32
N VAL C 608 16.41 -0.61 -38.47
CA VAL C 608 15.42 -1.07 -37.51
C VAL C 608 14.13 -1.61 -38.08
N ALA C 609 13.75 -2.76 -37.48
CA ALA C 609 12.50 -3.45 -37.65
C ALA C 609 11.53 -2.99 -36.58
N VAL C 610 10.24 -3.00 -36.91
CA VAL C 610 9.21 -2.49 -36.01
C VAL C 610 8.05 -3.47 -35.96
N LEU C 611 7.53 -3.68 -34.75
CA LEU C 611 6.45 -4.60 -34.44
C LEU C 611 5.19 -3.94 -33.89
N TYR C 612 4.07 -4.17 -34.60
CA TYR C 612 2.75 -3.94 -34.05
C TYR C 612 2.35 -5.23 -33.34
N GLN C 613 1.82 -5.08 -32.13
CA GLN C 613 1.96 -6.04 -31.05
C GLN C 613 0.63 -6.73 -30.77
N ASP C 614 0.49 -7.98 -31.21
CA ASP C 614 -0.80 -8.67 -31.09
C ASP C 614 -1.91 -7.88 -31.78
N VAL C 615 -1.54 -7.05 -32.73
CA VAL C 615 -2.38 -6.04 -33.39
C VAL C 615 -2.36 -6.28 -34.89
N ASN C 616 -3.49 -6.07 -35.52
CA ASN C 616 -3.53 -6.04 -36.97
C ASN C 616 -2.83 -4.77 -37.47
N CYS C 617 -1.93 -4.93 -38.42
CA CYS C 617 -1.29 -3.77 -39.05
C CYS C 617 -2.20 -3.09 -40.06
N THR C 618 -3.46 -3.52 -40.13
CA THR C 618 -4.49 -2.72 -40.79
C THR C 618 -4.75 -1.41 -40.04
N GLU C 619 -4.40 -1.35 -38.76
CA GLU C 619 -4.72 -0.23 -37.87
C GLU C 619 -3.51 0.69 -37.76
N VAL C 620 -3.08 1.25 -38.88
CA VAL C 620 -1.92 2.15 -38.89
C VAL C 620 -2.28 3.46 -39.56
N ASN C 641 7.83 -9.21 -47.34
CA ASN C 641 8.02 -7.91 -46.69
C ASN C 641 7.17 -7.71 -45.44
N VAL C 642 5.85 -7.58 -45.61
CA VAL C 642 4.94 -7.45 -44.50
C VAL C 642 4.50 -8.83 -44.05
N PHE C 643 4.37 -9.02 -42.73
CA PHE C 643 3.88 -10.28 -42.18
C PHE C 643 3.13 -9.99 -40.88
N GLN C 644 2.03 -10.70 -40.67
CA GLN C 644 1.35 -10.70 -39.37
C GLN C 644 1.52 -12.06 -38.70
N THR C 645 1.88 -12.02 -37.42
CA THR C 645 2.39 -13.19 -36.71
C THR C 645 1.57 -13.39 -35.44
N ARG C 646 2.04 -14.33 -34.60
CA ARG C 646 1.56 -14.39 -33.22
C ARG C 646 1.86 -13.12 -32.47
N ALA C 647 3.14 -12.76 -32.36
CA ALA C 647 3.58 -11.63 -31.56
C ALA C 647 3.11 -10.29 -32.13
N GLY C 648 2.38 -10.30 -33.24
CA GLY C 648 1.82 -9.10 -33.78
C GLY C 648 1.99 -9.05 -35.29
N CYS C 649 2.33 -7.89 -35.84
CA CYS C 649 2.54 -7.77 -37.28
C CYS C 649 3.89 -7.10 -37.54
N LEU C 650 4.81 -7.89 -38.07
CA LEU C 650 6.13 -7.44 -38.57
C LEU C 650 6.24 -7.12 -40.05
N ILE C 651 6.86 -5.98 -40.33
CA ILE C 651 6.88 -5.39 -41.66
C ILE C 651 8.31 -5.12 -42.03
N GLY C 652 8.59 -5.17 -43.32
CA GLY C 652 9.86 -4.89 -43.87
C GLY C 652 10.88 -5.99 -43.71
N ALA C 653 10.62 -6.99 -42.87
CA ALA C 653 11.51 -8.13 -42.70
C ALA C 653 10.83 -9.37 -43.27
N GLU C 654 11.53 -10.09 -44.14
CA GLU C 654 10.97 -11.25 -44.81
C GLU C 654 10.81 -12.43 -43.88
N HIS C 655 9.58 -12.92 -43.73
CA HIS C 655 9.36 -14.25 -43.18
C HIS C 655 9.83 -15.21 -44.26
N VAL C 656 10.61 -16.20 -43.88
CA VAL C 656 11.39 -16.95 -44.84
C VAL C 656 10.87 -18.37 -44.81
N ASN C 657 11.46 -19.23 -45.64
CA ASN C 657 11.26 -20.66 -45.47
C ASN C 657 12.30 -21.28 -44.56
N ASN C 658 13.48 -20.69 -44.44
CA ASN C 658 14.61 -21.34 -43.82
C ASN C 658 14.45 -21.31 -42.30
N SER C 659 15.48 -21.79 -41.60
CA SER C 659 15.63 -21.77 -40.15
C SER C 659 17.11 -21.95 -39.81
N TYR C 660 17.69 -20.93 -39.18
CA TYR C 660 19.06 -20.93 -38.69
C TYR C 660 19.06 -20.62 -37.20
N GLU C 661 20.25 -20.67 -36.60
CA GLU C 661 20.37 -20.44 -35.17
C GLU C 661 19.85 -19.06 -34.81
N CYS C 662 19.16 -18.98 -33.67
CA CYS C 662 18.53 -17.73 -33.27
C CYS C 662 19.57 -16.64 -33.08
N ASP C 663 19.27 -15.45 -33.63
CA ASP C 663 20.08 -14.27 -33.41
C ASP C 663 19.29 -13.16 -32.73
N ILE C 664 18.11 -12.85 -33.25
CA ILE C 664 17.28 -11.76 -32.70
C ILE C 664 15.95 -12.37 -32.24
N PRO C 665 15.87 -12.84 -31.00
CA PRO C 665 14.65 -13.55 -30.56
C PRO C 665 13.40 -12.68 -30.66
N ILE C 666 12.40 -13.19 -31.36
CA ILE C 666 11.10 -12.53 -31.51
C ILE C 666 10.05 -13.18 -30.63
N GLY C 667 9.96 -14.50 -30.64
CA GLY C 667 8.95 -15.22 -29.90
C GLY C 667 8.37 -16.34 -30.74
N ALA C 668 7.80 -17.33 -30.06
CA ALA C 668 7.28 -18.53 -30.72
C ALA C 668 8.39 -19.22 -31.52
N GLY C 669 9.64 -19.03 -31.10
CA GLY C 669 10.78 -19.61 -31.78
C GLY C 669 11.30 -18.81 -32.92
N ILE C 670 10.93 -17.60 -33.00
CA ILE C 670 11.02 -16.92 -34.29
C ILE C 670 12.03 -15.81 -34.06
N CYS C 671 13.10 -15.77 -34.85
CA CYS C 671 14.23 -14.88 -34.61
C CYS C 671 14.50 -14.10 -35.89
N ALA C 672 15.57 -13.31 -35.89
CA ALA C 672 15.91 -12.51 -37.07
C ALA C 672 17.41 -12.29 -37.20
N SER C 673 17.86 -12.10 -38.44
CA SER C 673 19.25 -11.89 -38.85
C SER C 673 19.29 -11.58 -40.34
N TYR C 674 20.48 -11.23 -40.82
CA TYR C 674 20.75 -10.96 -42.22
C TYR C 674 20.45 -12.18 -43.08
N SER C 691 17.99 -5.31 -44.87
CA SER C 691 18.91 -6.43 -45.02
C SER C 691 18.68 -7.58 -44.03
N ILE C 692 18.31 -7.23 -42.81
CA ILE C 692 18.06 -8.21 -41.75
C ILE C 692 16.58 -8.51 -41.72
N ILE C 693 16.26 -9.80 -41.67
CA ILE C 693 14.95 -10.37 -41.96
C ILE C 693 14.58 -11.38 -40.89
N ALA C 694 13.29 -11.65 -40.78
CA ALA C 694 12.72 -12.45 -39.71
C ALA C 694 12.57 -13.90 -40.16
N TYR C 695 12.99 -14.82 -39.30
CA TYR C 695 13.09 -16.23 -39.63
C TYR C 695 12.90 -17.05 -38.36
N THR C 696 12.87 -18.37 -38.51
CA THR C 696 12.63 -19.27 -37.39
C THR C 696 13.94 -19.81 -36.84
N MET C 697 14.12 -19.65 -35.53
CA MET C 697 15.16 -20.34 -34.77
C MET C 697 15.37 -21.76 -35.30
N SER C 698 16.63 -22.11 -35.56
CA SER C 698 16.99 -23.48 -35.89
C SER C 698 17.44 -24.21 -34.63
N LEU C 699 16.87 -25.37 -34.40
CA LEU C 699 17.07 -26.10 -33.15
C LEU C 699 18.49 -26.62 -33.01
N GLY C 700 19.20 -26.81 -34.11
CA GLY C 700 20.54 -27.35 -34.07
C GLY C 700 20.85 -28.07 -35.38
N ALA C 701 21.63 -29.15 -35.22
CA ALA C 701 22.02 -30.00 -36.34
C ALA C 701 21.03 -31.15 -36.48
N GLU C 702 20.26 -31.12 -37.57
CA GLU C 702 19.30 -32.18 -37.85
C GLU C 702 20.06 -33.46 -38.19
N ASN C 703 20.06 -34.42 -37.25
CA ASN C 703 20.92 -35.59 -37.34
C ASN C 703 20.14 -36.85 -36.99
N SER C 704 20.46 -37.93 -37.69
CA SER C 704 19.96 -39.26 -37.37
C SER C 704 21.05 -40.05 -36.66
N VAL C 705 20.66 -40.82 -35.65
CA VAL C 705 21.60 -41.65 -34.91
C VAL C 705 21.78 -42.97 -35.64
N ALA C 706 23.04 -43.34 -35.88
CA ALA C 706 23.36 -44.55 -36.65
C ALA C 706 23.41 -45.73 -35.69
N TYR C 707 22.39 -46.57 -35.75
CA TYR C 707 22.18 -47.62 -34.76
C TYR C 707 22.60 -48.98 -35.30
N SER C 708 22.78 -49.94 -34.38
CA SER C 708 22.97 -51.34 -34.69
C SER C 708 22.84 -52.19 -33.42
N ASN C 709 22.18 -53.35 -33.52
CA ASN C 709 22.16 -54.27 -32.38
C ASN C 709 23.49 -55.00 -32.19
N ASN C 710 24.40 -54.88 -33.16
CA ASN C 710 25.56 -55.75 -33.21
C ASN C 710 26.84 -54.98 -33.53
N SER C 711 26.84 -53.66 -33.32
CA SER C 711 28.01 -52.86 -33.64
C SER C 711 28.12 -51.69 -32.67
N ILE C 712 29.33 -51.30 -32.45
CA ILE C 712 29.90 -50.20 -31.69
C ILE C 712 31.01 -49.44 -32.30
N ALA C 713 31.04 -48.15 -32.00
CA ALA C 713 32.17 -47.32 -32.39
C ALA C 713 32.74 -46.63 -31.17
N ILE C 714 34.07 -46.65 -31.07
CA ILE C 714 34.76 -46.09 -29.91
C ILE C 714 35.87 -45.18 -30.43
N PRO C 715 36.06 -43.98 -29.86
CA PRO C 715 37.13 -43.12 -30.32
C PRO C 715 38.57 -43.52 -29.99
N THR C 716 39.43 -43.30 -30.98
CA THR C 716 40.85 -43.59 -30.87
C THR C 716 41.66 -42.37 -30.47
N ASN C 717 41.03 -41.21 -30.29
CA ASN C 717 41.73 -40.02 -29.88
C ASN C 717 40.88 -39.28 -28.86
N PHE C 718 41.37 -38.12 -28.44
CA PHE C 718 40.65 -37.28 -27.49
C PHE C 718 41.25 -35.88 -27.58
N THR C 719 40.77 -34.95 -26.75
CA THR C 719 41.45 -33.67 -26.72
C THR C 719 41.66 -33.46 -25.22
N ILE C 720 42.24 -32.34 -24.82
CA ILE C 720 42.04 -31.83 -23.47
C ILE C 720 41.29 -30.51 -23.59
N SER C 721 39.96 -30.57 -23.45
CA SER C 721 39.10 -29.40 -23.51
C SER C 721 39.13 -28.67 -22.18
N VAL C 722 39.17 -27.34 -22.24
CA VAL C 722 39.12 -26.49 -21.06
C VAL C 722 37.99 -25.46 -21.21
N THR C 723 37.20 -25.24 -20.11
CA THR C 723 36.05 -24.45 -20.38
C THR C 723 35.99 -23.53 -19.14
N THR C 724 35.26 -22.42 -19.21
CA THR C 724 35.08 -21.49 -18.10
C THR C 724 33.60 -21.41 -17.74
N GLU C 725 33.28 -21.72 -16.49
CA GLU C 725 31.91 -21.75 -15.98
C GLU C 725 31.73 -20.62 -14.97
N ILE C 726 30.77 -19.70 -15.17
CA ILE C 726 31.15 -18.33 -14.93
C ILE C 726 30.17 -18.26 -13.70
N LEU C 727 30.51 -17.77 -12.45
CA LEU C 727 29.29 -17.81 -11.61
C LEU C 727 29.25 -16.48 -10.78
N PRO C 728 28.05 -15.99 -10.36
CA PRO C 728 27.94 -14.80 -9.47
C PRO C 728 28.19 -15.18 -8.02
N VAL C 729 28.93 -14.32 -7.32
CA VAL C 729 29.51 -14.68 -6.04
C VAL C 729 29.18 -13.70 -4.93
N SER C 730 28.88 -12.45 -5.28
CA SER C 730 28.84 -11.40 -4.29
C SER C 730 28.01 -10.22 -4.80
N MET C 731 27.72 -9.28 -3.89
CA MET C 731 26.94 -8.10 -4.25
C MET C 731 27.54 -6.93 -3.47
N THR C 732 27.33 -5.71 -3.97
CA THR C 732 27.79 -4.53 -3.26
C THR C 732 27.17 -4.45 -1.88
N LYS C 733 28.00 -4.29 -0.86
CA LYS C 733 27.52 -4.05 0.50
C LYS C 733 27.37 -2.55 0.69
N THR C 734 26.13 -2.10 0.85
CA THR C 734 25.84 -0.68 0.95
C THR C 734 26.03 -0.20 2.38
N SER C 735 26.07 1.12 2.53
CA SER C 735 25.74 1.77 3.79
C SER C 735 24.80 2.93 3.48
N VAL C 736 23.80 3.10 4.34
CA VAL C 736 22.72 4.04 4.08
C VAL C 736 22.55 4.95 5.29
N ASP C 737 22.58 6.26 5.05
CA ASP C 737 22.17 7.33 5.96
C ASP C 737 20.71 7.59 5.68
N CYS C 738 19.86 6.70 6.20
CA CYS C 738 18.48 6.62 5.74
C CYS C 738 17.80 7.97 5.88
N THR C 739 17.70 8.45 7.12
CA THR C 739 16.88 9.63 7.39
C THR C 739 17.18 10.80 6.52
N MET C 740 18.46 11.13 6.44
CA MET C 740 18.85 12.35 5.77
C MET C 740 18.50 12.26 4.29
N TYR C 741 18.57 11.07 3.71
CA TYR C 741 17.90 10.86 2.42
C TYR C 741 16.41 11.10 2.57
N ILE C 742 15.80 10.52 3.59
CA ILE C 742 14.36 10.55 3.74
C ILE C 742 13.86 11.99 3.78
N CYS C 743 14.58 12.88 4.46
CA CYS C 743 14.33 14.31 4.21
C CYS C 743 15.58 15.18 4.07
N GLY C 744 16.66 14.92 4.83
CA GLY C 744 17.82 15.80 4.74
C GLY C 744 17.88 17.06 5.57
N ASP C 745 18.17 16.91 6.87
CA ASP C 745 18.50 18.05 7.75
C ASP C 745 17.27 18.88 8.11
N SER C 746 16.24 18.21 8.62
CA SER C 746 15.07 18.87 9.19
C SER C 746 14.70 18.15 10.48
N THR C 747 14.95 18.80 11.62
CA THR C 747 14.51 18.23 12.89
C THR C 747 13.00 18.07 12.93
N GLU C 748 12.28 19.03 12.36
CA GLU C 748 10.82 18.94 12.16
C GLU C 748 10.47 17.61 11.52
N CYS C 749 11.17 17.26 10.44
CA CYS C 749 11.01 15.93 9.88
C CYS C 749 11.13 14.88 10.96
N SER C 750 12.25 14.88 11.68
CA SER C 750 12.52 13.77 12.57
C SER C 750 11.37 13.57 13.54
N ASN C 751 10.75 14.68 13.98
CA ASN C 751 9.48 14.53 14.68
C ASN C 751 8.46 13.79 13.82
N LEU C 752 8.28 14.21 12.56
CA LEU C 752 7.26 13.57 11.73
C LEU C 752 7.55 12.08 11.50
N LEU C 753 8.82 11.71 11.45
CA LEU C 753 9.21 10.33 11.21
C LEU C 753 9.09 9.46 12.45
N LEU C 754 9.65 9.88 13.57
CA LEU C 754 9.39 9.13 14.80
C LEU C 754 7.92 9.15 15.12
N GLN C 755 7.16 10.06 14.48
CA GLN C 755 5.73 10.19 14.71
C GLN C 755 5.03 9.42 13.57
N TYR C 756 5.84 8.84 12.65
CA TYR C 756 5.43 7.87 11.64
C TYR C 756 5.83 6.45 12.02
N GLY C 757 6.91 6.29 12.78
CA GLY C 757 7.33 4.98 13.22
C GLY C 757 8.82 4.79 13.04
N SER C 758 9.21 3.54 12.76
CA SER C 758 10.61 3.18 12.62
C SER C 758 10.83 2.28 11.40
N PHE C 759 10.18 2.63 10.28
CA PHE C 759 10.33 1.81 9.09
C PHE C 759 11.74 1.85 8.55
N CYS C 760 12.35 3.04 8.56
CA CYS C 760 13.77 3.14 8.18
C CYS C 760 14.60 2.20 9.03
N THR C 761 14.21 1.99 10.29
CA THR C 761 14.96 1.07 11.15
C THR C 761 14.85 -0.37 10.64
N GLN C 762 13.64 -0.82 10.32
CA GLN C 762 13.50 -2.16 9.74
C GLN C 762 14.34 -2.28 8.48
N LEU C 763 14.37 -1.21 7.68
CA LEU C 763 15.19 -1.25 6.47
C LEU C 763 16.66 -1.37 6.80
N ASN C 764 17.14 -0.69 7.84
CA ASN C 764 18.54 -0.83 8.17
C ASN C 764 18.85 -2.25 8.60
N ARG C 765 17.91 -2.90 9.30
CA ARG C 765 18.19 -4.24 9.81
C ARG C 765 18.27 -5.15 8.59
N ALA C 766 17.39 -4.89 7.59
CA ALA C 766 17.39 -5.66 6.34
C ALA C 766 18.73 -5.53 5.64
N LEU C 767 19.26 -4.34 5.54
CA LEU C 767 20.57 -4.10 4.90
C LEU C 767 21.80 -4.46 5.68
N THR C 768 21.68 -4.53 6.99
CA THR C 768 22.73 -5.21 7.72
C THR C 768 22.66 -6.71 7.51
N GLY C 769 21.45 -7.29 7.41
CA GLY C 769 21.32 -8.72 7.16
C GLY C 769 21.88 -9.11 5.80
N ILE C 770 21.54 -8.35 4.77
CA ILE C 770 22.27 -8.46 3.50
C ILE C 770 23.78 -8.44 3.70
N ALA C 771 24.30 -7.42 4.37
CA ALA C 771 25.74 -7.26 4.45
C ALA C 771 26.39 -8.46 5.11
N VAL C 772 25.82 -8.95 6.21
CA VAL C 772 26.39 -10.13 6.87
C VAL C 772 26.21 -11.36 5.98
N GLU C 773 25.09 -11.45 5.28
CA GLU C 773 24.86 -12.63 4.47
C GLU C 773 25.93 -12.75 3.44
N GLN C 774 26.43 -11.67 2.92
CA GLN C 774 27.41 -11.78 1.81
C GLN C 774 28.86 -11.65 2.31
N ASP C 775 29.08 -11.07 3.50
CA ASP C 775 30.34 -11.44 4.18
C ASP C 775 30.42 -12.95 4.34
N LYS C 776 29.33 -13.56 4.82
CA LYS C 776 29.28 -15.00 5.03
C LYS C 776 29.38 -15.77 3.71
N ASN C 777 28.66 -15.30 2.68
CA ASN C 777 28.78 -15.90 1.37
C ASN C 777 30.20 -15.95 0.87
N THR C 778 30.88 -14.81 0.91
CA THR C 778 32.27 -14.81 0.48
C THR C 778 33.10 -15.74 1.37
N GLN C 779 32.75 -15.79 2.65
CA GLN C 779 33.58 -16.51 3.61
C GLN C 779 33.50 -18.01 3.39
N GLU C 780 32.29 -18.54 3.17
CA GLU C 780 32.15 -19.93 2.74
C GLU C 780 32.67 -20.15 1.32
N VAL C 781 32.67 -19.11 0.48
CA VAL C 781 33.17 -19.26 -0.87
C VAL C 781 34.67 -19.50 -0.88
N PHE C 782 35.40 -18.86 0.05
CA PHE C 782 36.86 -18.86 -0.05
C PHE C 782 37.59 -19.25 1.22
N ALA C 783 37.00 -19.06 2.40
CA ALA C 783 37.59 -19.63 3.60
C ALA C 783 37.30 -21.12 3.70
N GLN C 784 37.66 -21.87 2.66
CA GLN C 784 37.34 -23.28 2.59
C GLN C 784 38.50 -24.12 3.10
N VAL C 785 39.67 -23.51 3.22
CA VAL C 785 40.88 -24.15 3.70
C VAL C 785 41.40 -23.37 4.91
N LYS C 786 41.87 -24.09 5.92
CA LYS C 786 42.39 -23.48 7.13
C LYS C 786 43.90 -23.34 7.07
N GLN C 787 44.47 -23.50 5.88
CA GLN C 787 45.90 -23.73 5.69
C GLN C 787 46.36 -22.98 4.45
N ILE C 788 47.31 -22.07 4.63
CA ILE C 788 47.87 -21.32 3.50
C ILE C 788 48.97 -22.18 2.88
N TYR C 789 48.71 -22.66 1.68
CA TYR C 789 49.68 -23.45 0.93
C TYR C 789 50.60 -22.51 0.15
N LYS C 790 51.95 -22.78 0.07
CA LYS C 790 52.69 -22.04 -0.97
C LYS C 790 53.24 -23.14 -1.89
N THR C 791 53.33 -22.79 -3.15
CA THR C 791 54.05 -23.52 -4.16
C THR C 791 55.56 -23.34 -3.95
N PRO C 792 56.38 -24.26 -4.45
CA PRO C 792 57.82 -24.07 -4.36
C PRO C 792 58.37 -23.02 -5.30
N PRO C 793 59.65 -22.63 -5.13
CA PRO C 793 60.29 -21.77 -6.13
C PRO C 793 60.53 -22.49 -7.45
N ILE C 794 60.35 -23.79 -7.43
CA ILE C 794 60.52 -24.76 -8.51
C ILE C 794 59.19 -25.10 -9.18
N LYS C 795 58.96 -24.48 -10.35
CA LYS C 795 57.81 -24.74 -11.23
C LYS C 795 58.12 -25.90 -12.16
N ASP C 796 57.90 -27.13 -11.69
CA ASP C 796 58.11 -28.34 -12.48
C ASP C 796 56.84 -29.19 -12.34
N PHE C 797 55.86 -28.90 -13.20
CA PHE C 797 54.60 -29.63 -13.33
C PHE C 797 54.53 -30.39 -14.64
N GLY C 798 55.69 -30.76 -15.19
CA GLY C 798 55.75 -31.53 -16.41
C GLY C 798 56.15 -30.75 -17.65
N GLY C 799 56.92 -29.68 -17.49
CA GLY C 799 57.38 -28.78 -18.53
C GLY C 799 56.36 -27.75 -18.96
N PHE C 800 55.28 -27.58 -18.20
CA PHE C 800 54.21 -26.67 -18.57
C PHE C 800 54.65 -25.24 -18.34
N ASN C 801 54.02 -24.31 -19.06
CA ASN C 801 54.30 -22.89 -18.89
C ASN C 801 53.00 -22.21 -18.50
N PHE C 802 53.09 -21.32 -17.53
CA PHE C 802 51.99 -20.93 -16.68
C PHE C 802 52.05 -19.44 -16.37
N SER C 803 52.84 -18.70 -17.18
CA SER C 803 53.17 -17.33 -16.85
C SER C 803 51.93 -16.45 -16.76
N GLN C 804 50.91 -16.74 -17.57
CA GLN C 804 49.76 -15.84 -17.70
C GLN C 804 48.62 -16.13 -16.74
N ILE C 805 48.64 -17.28 -16.09
CA ILE C 805 47.53 -17.73 -15.26
C ILE C 805 47.85 -17.78 -13.76
N LEU C 806 49.10 -17.75 -13.39
CA LEU C 806 49.52 -17.85 -11.99
C LEU C 806 49.80 -16.48 -11.40
N PRO C 807 49.93 -16.39 -10.07
CA PRO C 807 50.44 -15.14 -9.48
C PRO C 807 51.81 -14.77 -10.02
N ASP C 808 51.92 -13.54 -10.50
CA ASP C 808 53.05 -12.97 -11.22
C ASP C 808 54.12 -12.53 -10.21
N PRO C 809 55.31 -13.14 -10.23
CA PRO C 809 56.34 -12.77 -9.25
C PRO C 809 56.74 -11.30 -9.25
N SER C 810 56.46 -10.57 -10.32
CA SER C 810 56.67 -9.14 -10.33
C SER C 810 55.75 -8.43 -9.35
N LYS C 811 54.76 -9.14 -8.72
CA LYS C 811 53.84 -8.37 -7.91
C LYS C 811 53.01 -7.32 -8.57
N PRO C 812 52.37 -7.56 -9.66
CA PRO C 812 51.27 -6.69 -10.08
C PRO C 812 49.98 -7.08 -9.38
N SER C 813 50.02 -7.07 -8.04
CA SER C 813 49.00 -7.64 -7.16
C SER C 813 49.02 -9.16 -7.16
N LYS C 814 50.09 -9.77 -7.69
CA LYS C 814 50.23 -11.22 -7.71
C LYS C 814 49.00 -11.89 -8.31
N ARG C 815 48.41 -11.22 -9.30
CA ARG C 815 47.30 -11.79 -10.06
C ARG C 815 47.80 -12.27 -11.40
N SER C 816 47.15 -13.29 -11.94
CA SER C 816 47.44 -13.74 -13.28
C SER C 816 47.15 -12.64 -14.28
N PHE C 817 47.72 -12.79 -15.48
CA PHE C 817 47.39 -11.84 -16.54
C PHE C 817 45.94 -12.05 -16.97
N ILE C 818 45.42 -13.27 -16.77
CA ILE C 818 44.00 -13.50 -16.99
C ILE C 818 43.16 -12.72 -15.99
N GLU C 819 43.46 -12.85 -14.69
CA GLU C 819 42.79 -12.01 -13.71
C GLU C 819 43.07 -10.53 -13.95
N ASP C 820 44.21 -10.20 -14.56
CA ASP C 820 44.40 -8.81 -14.97
C ASP C 820 43.35 -8.37 -15.97
N LEU C 821 43.04 -9.22 -16.95
CA LEU C 821 41.91 -8.92 -17.85
C LEU C 821 40.58 -8.88 -17.11
N LEU C 822 40.30 -9.87 -16.27
CA LEU C 822 39.05 -9.84 -15.52
C LEU C 822 38.90 -8.57 -14.70
N PHE C 823 40.00 -8.03 -14.18
CA PHE C 823 39.93 -6.75 -13.47
C PHE C 823 39.74 -5.60 -14.44
N ASN C 824 40.48 -5.60 -15.55
CA ASN C 824 40.28 -4.61 -16.58
C ASN C 824 38.86 -4.67 -17.15
N LYS C 825 38.13 -5.79 -16.90
CA LYS C 825 37.07 -6.07 -17.84
C LYS C 825 35.79 -5.57 -17.16
N VAL C 826 35.97 -4.88 -16.01
CA VAL C 826 34.93 -4.28 -15.18
C VAL C 826 35.20 -2.78 -15.15
N THR C 827 34.31 -1.99 -15.76
CA THR C 827 34.47 -0.54 -15.84
C THR C 827 33.35 0.13 -15.05
N LEU C 828 33.67 0.54 -13.82
CA LEU C 828 32.80 1.45 -13.07
C LEU C 828 32.22 2.59 -13.90
N PHE C 855 28.27 9.21 -2.20
CA PHE C 855 28.06 10.32 -3.13
C PHE C 855 27.37 11.52 -2.51
N ASN C 856 26.18 11.28 -1.94
CA ASN C 856 25.22 12.32 -1.61
C ASN C 856 24.86 12.34 -0.14
N GLY C 857 25.63 11.67 0.70
CA GLY C 857 25.28 11.17 2.01
C GLY C 857 24.93 9.70 1.97
N LEU C 858 24.69 9.16 0.77
CA LEU C 858 24.70 7.73 0.51
C LEU C 858 26.06 7.32 -0.01
N THR C 859 26.60 6.26 0.56
CA THR C 859 27.89 5.71 0.21
C THR C 859 27.79 4.19 0.07
N VAL C 860 28.82 3.59 -0.52
CA VAL C 860 28.96 2.15 -0.55
C VAL C 860 30.27 1.79 0.12
N LEU C 861 30.19 0.93 1.13
CA LEU C 861 31.33 0.29 1.75
C LEU C 861 32.24 -0.45 0.77
N PRO C 862 33.53 -0.53 1.10
CA PRO C 862 34.47 -1.25 0.24
C PRO C 862 34.48 -2.73 0.57
N PRO C 863 34.70 -3.60 -0.41
CA PRO C 863 34.55 -5.04 -0.16
C PRO C 863 35.42 -5.50 1.00
N LEU C 864 34.84 -6.36 1.84
CA LEU C 864 35.54 -6.82 3.03
C LEU C 864 36.84 -7.51 2.66
N LEU C 865 36.79 -8.40 1.69
CA LEU C 865 37.97 -9.13 1.23
C LEU C 865 38.51 -8.46 -0.04
N THR C 866 39.59 -7.69 0.13
CA THR C 866 40.24 -7.03 -0.98
C THR C 866 40.92 -8.05 -1.91
N ASP C 867 40.95 -7.71 -3.20
CA ASP C 867 41.44 -8.64 -4.22
C ASP C 867 42.74 -9.32 -3.82
N GLU C 868 43.51 -8.71 -2.92
CA GLU C 868 44.77 -9.33 -2.51
C GLU C 868 44.53 -10.63 -1.71
N MET C 869 43.78 -10.57 -0.60
CA MET C 869 43.04 -11.77 -0.15
C MET C 869 42.43 -12.71 -1.15
N ILE C 870 41.53 -12.29 -1.99
CA ILE C 870 40.95 -13.34 -2.78
C ILE C 870 42.02 -13.97 -3.64
N ALA C 871 43.05 -13.19 -3.99
CA ALA C 871 44.12 -13.70 -4.83
C ALA C 871 44.92 -14.80 -4.14
N GLN C 872 45.39 -14.59 -2.90
CA GLN C 872 46.19 -15.69 -2.32
C GLN C 872 45.35 -16.72 -1.57
N TYR C 873 44.08 -16.45 -1.30
CA TYR C 873 43.18 -17.58 -1.07
C TYR C 873 43.12 -18.48 -2.30
N THR C 874 42.96 -17.88 -3.48
CA THR C 874 42.94 -18.68 -4.71
C THR C 874 44.28 -19.36 -4.94
N SER C 875 45.38 -18.70 -4.58
CA SER C 875 46.70 -19.29 -4.78
C SER C 875 46.89 -20.50 -3.87
N ALA C 876 46.53 -20.38 -2.60
CA ALA C 876 46.58 -21.53 -1.71
C ALA C 876 45.67 -22.64 -2.23
N LEU C 877 44.46 -22.28 -2.67
CA LEU C 877 43.55 -23.24 -3.27
C LEU C 877 44.23 -23.97 -4.43
N LEU C 878 44.92 -23.23 -5.28
CA LEU C 878 45.35 -23.80 -6.55
C LEU C 878 46.59 -24.66 -6.33
N ALA C 879 47.46 -24.24 -5.39
CA ALA C 879 48.54 -25.12 -4.94
C ALA C 879 47.98 -26.43 -4.40
N GLY C 880 47.00 -26.33 -3.49
CA GLY C 880 46.40 -27.54 -2.95
C GLY C 880 45.86 -28.43 -4.04
N THR C 881 45.20 -27.85 -5.04
CA THR C 881 44.71 -28.64 -6.15
C THR C 881 45.85 -29.34 -6.88
N ILE C 882 46.88 -28.59 -7.29
CA ILE C 882 47.78 -29.18 -8.27
C ILE C 882 48.62 -30.25 -7.59
N THR C 883 48.88 -30.09 -6.30
CA THR C 883 49.62 -31.09 -5.54
C THR C 883 48.75 -32.24 -5.07
N SER C 884 47.45 -32.02 -4.90
CA SER C 884 46.56 -33.03 -4.33
C SER C 884 45.39 -33.40 -5.23
N GLY C 885 44.78 -32.43 -5.91
CA GLY C 885 43.63 -32.71 -6.74
C GLY C 885 42.35 -32.80 -5.93
N TRP C 886 42.23 -33.84 -5.10
CA TRP C 886 41.04 -34.07 -4.32
C TRP C 886 41.30 -34.36 -2.84
N THR C 887 42.57 -34.56 -2.45
CA THR C 887 42.85 -34.99 -1.08
C THR C 887 42.70 -33.85 -0.08
N PHE C 888 43.13 -32.64 -0.46
CA PHE C 888 43.03 -31.50 0.46
C PHE C 888 41.59 -31.10 0.75
N GLY C 889 40.66 -31.38 -0.15
CA GLY C 889 39.27 -31.29 0.21
C GLY C 889 38.83 -32.38 1.16
N ALA C 890 39.57 -33.49 1.19
CA ALA C 890 39.38 -34.56 2.16
C ALA C 890 40.38 -34.49 3.31
N GLY C 891 41.17 -33.42 3.37
CA GLY C 891 42.19 -33.31 4.39
C GLY C 891 43.31 -32.35 4.00
N ALA C 892 44.55 -32.83 4.09
CA ALA C 892 45.71 -32.01 3.76
C ALA C 892 46.06 -32.12 2.29
N ALA C 893 46.76 -31.11 1.78
CA ALA C 893 47.38 -31.22 0.47
C ALA C 893 48.58 -32.15 0.55
N LEU C 894 48.54 -33.25 -0.20
CA LEU C 894 49.54 -34.29 -0.19
C LEU C 894 50.29 -34.27 -1.50
N GLN C 895 51.63 -34.37 -1.43
CA GLN C 895 52.43 -34.26 -2.64
C GLN C 895 52.04 -35.35 -3.64
N ILE C 896 52.28 -35.06 -4.91
CA ILE C 896 52.00 -35.97 -6.02
C ILE C 896 52.64 -35.34 -7.25
N PRO C 897 53.19 -36.12 -8.18
CA PRO C 897 53.87 -35.51 -9.34
C PRO C 897 52.91 -34.83 -10.29
N PHE C 898 51.60 -35.04 -10.10
CA PHE C 898 50.51 -34.78 -11.02
C PHE C 898 50.43 -35.69 -12.25
N ALA C 899 51.43 -36.52 -12.52
CA ALA C 899 51.20 -37.62 -13.45
C ALA C 899 50.42 -38.76 -12.81
N MET C 900 50.83 -39.19 -11.62
CA MET C 900 50.02 -40.13 -10.89
C MET C 900 48.73 -39.57 -10.33
N GLN C 901 48.55 -38.25 -10.23
CA GLN C 901 47.22 -37.91 -9.78
C GLN C 901 46.23 -38.05 -10.94
N MET C 902 46.60 -37.64 -12.17
CA MET C 902 45.69 -37.98 -13.26
C MET C 902 45.61 -39.48 -13.44
N ALA C 903 46.63 -40.21 -13.01
CA ALA C 903 46.52 -41.67 -12.97
C ALA C 903 45.33 -42.08 -12.10
N TYR C 904 45.27 -41.57 -10.87
CA TYR C 904 44.15 -41.89 -10.00
C TYR C 904 42.82 -41.39 -10.57
N ARG C 905 42.87 -40.31 -11.35
CA ARG C 905 41.65 -39.77 -11.93
C ARG C 905 41.08 -40.75 -13.00
N PHE C 906 41.92 -41.18 -13.89
CA PHE C 906 41.54 -42.19 -14.86
C PHE C 906 41.11 -43.47 -14.18
N ASN C 907 41.72 -43.82 -13.06
CA ASN C 907 41.20 -44.92 -12.25
C ASN C 907 39.79 -44.63 -11.76
N GLY C 908 39.52 -43.37 -11.39
CA GLY C 908 38.16 -42.99 -11.02
C GLY C 908 37.19 -43.21 -12.15
N ILE C 909 37.59 -42.87 -13.38
CA ILE C 909 36.77 -43.21 -14.54
C ILE C 909 36.94 -44.68 -14.93
N GLY C 910 38.00 -45.33 -14.45
CA GLY C 910 38.25 -46.71 -14.74
C GLY C 910 39.22 -46.94 -15.88
N VAL C 911 40.21 -46.08 -16.05
CA VAL C 911 41.14 -46.15 -17.17
C VAL C 911 42.56 -46.02 -16.63
N THR C 912 43.52 -46.50 -17.41
CA THR C 912 44.88 -46.70 -16.92
C THR C 912 45.58 -45.37 -16.70
N GLN C 913 46.81 -45.47 -16.18
CA GLN C 913 47.72 -44.34 -16.21
C GLN C 913 48.46 -44.28 -17.53
N ASN C 914 48.82 -45.44 -18.07
CA ASN C 914 49.65 -45.49 -19.27
C ASN C 914 49.09 -44.69 -20.43
N VAL C 915 47.76 -44.59 -20.57
CA VAL C 915 47.24 -43.72 -21.63
C VAL C 915 47.78 -42.29 -21.50
N LEU C 916 47.76 -41.73 -20.29
CA LEU C 916 48.39 -40.42 -20.15
C LEU C 916 49.89 -40.50 -20.35
N TYR C 917 50.54 -41.43 -19.66
CA TYR C 917 51.98 -41.63 -19.87
C TYR C 917 52.40 -42.00 -21.28
N GLU C 918 51.50 -42.49 -22.10
CA GLU C 918 51.82 -42.80 -23.48
C GLU C 918 51.91 -41.56 -24.35
N ASN C 919 51.11 -40.54 -24.03
CA ASN C 919 51.11 -39.30 -24.78
C ASN C 919 51.26 -38.08 -23.88
N GLN C 920 51.71 -38.27 -22.64
CA GLN C 920 51.55 -37.25 -21.59
C GLN C 920 52.20 -35.99 -22.12
N LYS C 921 53.16 -36.14 -23.06
CA LYS C 921 53.79 -34.98 -23.71
C LYS C 921 52.82 -34.31 -24.69
N LEU C 922 52.24 -35.04 -25.65
CA LEU C 922 50.97 -34.53 -26.19
C LEU C 922 49.91 -33.95 -25.32
N ILE C 923 49.40 -34.71 -24.48
CA ILE C 923 48.49 -34.22 -23.48
C ILE C 923 48.86 -32.97 -22.72
N ALA C 924 50.11 -32.78 -22.36
CA ALA C 924 50.51 -31.46 -21.92
C ALA C 924 50.44 -30.42 -23.05
N ASN C 925 50.78 -30.83 -24.28
CA ASN C 925 50.78 -29.91 -25.43
C ASN C 925 49.39 -29.32 -25.68
N GLN C 926 48.41 -30.17 -25.85
CA GLN C 926 47.00 -29.76 -25.81
C GLN C 926 46.52 -29.12 -24.52
N PHE C 927 47.09 -29.44 -23.35
CA PHE C 927 46.63 -28.72 -22.17
C PHE C 927 46.99 -27.23 -22.32
N ASN C 928 48.27 -26.95 -22.65
CA ASN C 928 48.72 -25.56 -22.68
C ASN C 928 48.29 -24.85 -23.97
N SER C 929 48.07 -25.59 -25.06
CA SER C 929 47.44 -24.95 -26.21
C SER C 929 46.05 -24.47 -25.86
N ALA C 930 45.30 -25.27 -25.08
CA ALA C 930 43.97 -24.84 -24.67
C ALA C 930 44.03 -23.65 -23.73
N ILE C 931 44.97 -23.64 -22.77
CA ILE C 931 45.17 -22.42 -21.98
C ILE C 931 45.50 -21.21 -22.83
N GLY C 932 46.38 -21.34 -23.79
CA GLY C 932 46.62 -20.23 -24.68
C GLY C 932 45.39 -19.86 -25.47
N LYS C 933 44.50 -20.81 -25.67
CA LYS C 933 43.39 -20.56 -26.56
C LYS C 933 42.39 -19.70 -25.70
N ILE C 934 42.21 -20.07 -24.39
CA ILE C 934 41.40 -19.25 -23.46
C ILE C 934 42.02 -17.88 -23.28
N GLN C 935 43.34 -17.83 -23.13
CA GLN C 935 44.06 -16.57 -23.29
C GLN C 935 43.53 -15.73 -24.43
N ASP C 936 43.68 -16.21 -25.66
CA ASP C 936 43.47 -15.36 -26.82
C ASP C 936 42.00 -15.00 -26.97
N SER C 937 41.11 -15.95 -26.63
CA SER C 937 39.68 -15.65 -26.67
C SER C 937 39.31 -14.56 -25.66
N LEU C 938 39.72 -14.73 -24.42
CA LEU C 938 39.35 -13.83 -23.32
C LEU C 938 39.96 -12.44 -23.48
N SER C 939 41.14 -12.32 -24.07
CA SER C 939 41.63 -11.00 -24.44
C SER C 939 40.80 -10.40 -25.57
N SER C 940 40.20 -11.25 -26.40
CA SER C 940 39.39 -10.82 -27.54
C SER C 940 37.90 -10.95 -27.29
N THR C 941 37.49 -11.87 -26.41
CA THR C 941 36.10 -12.25 -26.32
C THR C 941 35.28 -11.15 -25.63
N PRO C 942 34.14 -10.83 -26.23
CA PRO C 942 33.16 -9.93 -25.64
C PRO C 942 31.89 -10.70 -25.31
N SER C 943 31.10 -10.16 -24.39
CA SER C 943 29.84 -10.76 -23.98
C SER C 943 30.06 -12.06 -23.21
N ALA C 944 31.30 -12.39 -22.89
CA ALA C 944 31.59 -13.58 -22.09
C ALA C 944 31.23 -13.42 -20.63
N LEU C 945 31.49 -12.24 -20.05
CA LEU C 945 31.33 -12.02 -18.62
C LEU C 945 30.00 -11.32 -18.31
N GLY C 946 29.22 -11.04 -19.36
CA GLY C 946 28.31 -9.88 -19.40
C GLY C 946 27.29 -9.61 -18.24
N LYS C 947 27.11 -10.57 -17.51
CA LYS C 947 26.34 -10.99 -16.42
C LYS C 947 26.65 -10.36 -15.03
N LEU C 948 27.96 -10.06 -14.76
CA LEU C 948 28.47 -9.42 -13.57
C LEU C 948 28.37 -7.93 -14.01
N GLN C 949 28.62 -7.64 -15.36
CA GLN C 949 28.45 -6.27 -15.81
C GLN C 949 26.98 -5.88 -15.73
N ASP C 950 26.10 -6.83 -16.04
CA ASP C 950 24.67 -6.61 -15.86
C ASP C 950 24.37 -6.33 -14.39
N VAL C 951 24.95 -7.12 -13.49
CA VAL C 951 24.61 -6.99 -12.06
C VAL C 951 25.03 -5.62 -11.52
N VAL C 952 26.23 -5.15 -11.87
CA VAL C 952 26.57 -3.75 -11.57
C VAL C 952 25.72 -2.73 -12.30
N ASN C 953 25.43 -2.91 -13.59
CA ASN C 953 24.47 -2.01 -14.19
C ASN C 953 23.16 -2.05 -13.44
N GLN C 954 22.90 -3.16 -12.81
CA GLN C 954 21.60 -3.45 -12.32
C GLN C 954 21.32 -2.89 -10.92
N ASN C 955 22.28 -3.06 -10.01
CA ASN C 955 22.36 -2.23 -8.81
C ASN C 955 22.40 -0.74 -9.15
N ALA C 956 23.16 -0.36 -10.19
CA ALA C 956 23.33 1.05 -10.49
C ALA C 956 22.01 1.69 -10.94
N GLN C 957 21.27 1.03 -11.83
CA GLN C 957 19.87 1.46 -12.04
C GLN C 957 19.07 1.55 -10.78
N ALA C 958 19.19 0.57 -9.90
CA ALA C 958 18.42 0.64 -8.67
C ALA C 958 18.67 1.96 -7.96
N LEU C 959 19.95 2.31 -7.72
CA LEU C 959 20.14 3.48 -6.86
C LEU C 959 19.92 4.76 -7.65
N ASN C 960 20.19 4.74 -8.96
CA ASN C 960 19.92 5.95 -9.76
C ASN C 960 18.43 6.26 -9.76
N THR C 961 17.59 5.22 -9.88
CA THR C 961 16.16 5.43 -9.70
C THR C 961 15.86 5.93 -8.29
N LEU C 962 16.55 5.41 -7.28
CA LEU C 962 16.30 5.87 -5.92
C LEU C 962 16.57 7.37 -5.79
N VAL C 963 17.70 7.82 -6.32
CA VAL C 963 18.00 9.26 -6.37
C VAL C 963 16.91 10.02 -7.12
N LYS C 964 16.60 9.57 -8.33
CA LYS C 964 15.69 10.34 -9.16
C LYS C 964 14.29 10.29 -8.59
N GLN C 965 14.04 9.37 -7.65
CA GLN C 965 12.92 9.52 -6.73
C GLN C 965 13.14 10.67 -5.75
N LEU C 966 14.30 10.74 -5.07
CA LEU C 966 14.35 11.72 -4.00
C LEU C 966 14.16 13.13 -4.53
N SER C 967 14.42 13.33 -5.83
CA SER C 967 14.11 14.59 -6.47
C SER C 967 12.76 14.50 -7.19
N SER C 968 11.83 13.73 -6.64
CA SER C 968 10.53 13.50 -7.24
C SER C 968 9.41 13.79 -6.25
N ASN C 969 8.29 14.26 -6.79
CA ASN C 969 7.18 14.71 -5.96
C ASN C 969 6.54 13.57 -5.17
N PHE C 970 6.35 12.40 -5.79
CA PHE C 970 5.52 11.33 -5.23
C PHE C 970 4.07 11.78 -5.06
N GLY C 971 3.61 12.68 -5.92
CA GLY C 971 2.30 13.27 -5.77
C GLY C 971 2.29 14.53 -4.94
N ALA C 972 3.46 15.02 -4.53
CA ALA C 972 3.58 16.27 -3.79
C ALA C 972 3.61 17.46 -4.75
N ILE C 973 3.64 18.68 -4.20
CA ILE C 973 3.55 19.84 -5.08
C ILE C 973 4.91 20.10 -5.70
N SER C 974 5.97 19.87 -4.92
CA SER C 974 7.34 20.07 -5.33
C SER C 974 8.12 18.82 -4.96
N SER C 975 9.37 18.76 -5.41
CA SER C 975 10.29 17.72 -4.96
C SER C 975 11.16 18.19 -3.81
N VAL C 976 11.06 19.46 -3.42
CA VAL C 976 11.91 20.06 -2.42
C VAL C 976 11.06 20.64 -1.30
N LEU C 977 11.34 20.21 -0.08
CA LEU C 977 10.64 20.72 1.09
C LEU C 977 11.24 22.04 1.54
N ASN C 978 12.51 22.29 1.21
CA ASN C 978 13.19 23.50 1.68
C ASN C 978 12.48 24.77 1.19
N ASP C 979 12.09 24.80 -0.09
CA ASP C 979 11.33 25.94 -0.59
C ASP C 979 9.99 26.07 0.12
N ILE C 980 9.28 24.96 0.32
CA ILE C 980 8.13 24.98 1.23
C ILE C 980 8.45 25.70 2.53
N LEU C 981 9.49 25.24 3.24
CA LEU C 981 9.76 25.79 4.55
C LEU C 981 10.02 27.28 4.47
N SER C 982 10.88 27.70 3.55
CA SER C 982 11.14 29.11 3.38
C SER C 982 9.92 29.90 2.91
N ARG C 983 8.89 29.29 2.28
CA ARG C 983 7.52 29.97 1.95
C ARG C 983 6.32 29.56 2.37
N LEU C 984 6.23 28.51 3.11
CA LEU C 984 4.92 28.20 3.67
C LEU C 984 4.95 28.02 5.19
N ASP C 985 3.76 27.83 5.78
CA ASP C 985 3.35 27.69 7.18
C ASP C 985 3.50 26.26 7.67
N PRO C 986 3.46 26.05 8.98
CA PRO C 986 3.67 24.70 9.53
C PRO C 986 2.63 23.71 9.03
N PRO C 987 1.33 23.99 9.15
CA PRO C 987 0.35 22.94 8.83
C PRO C 987 0.38 22.46 7.38
N GLU C 988 0.22 23.37 6.41
CA GLU C 988 0.24 22.92 5.02
C GLU C 988 1.59 22.33 4.64
N ALA C 989 2.68 22.96 5.08
CA ALA C 989 4.00 22.42 4.77
C ALA C 989 4.14 21.00 5.32
N GLU C 990 3.61 20.75 6.52
CA GLU C 990 3.79 19.44 7.14
C GLU C 990 2.89 18.38 6.52
N VAL C 991 1.70 18.76 6.04
CA VAL C 991 0.89 17.78 5.30
C VAL C 991 1.55 17.43 3.97
N GLN C 992 2.06 18.46 3.27
CA GLN C 992 2.78 18.18 2.04
C GLN C 992 3.99 17.30 2.31
N ILE C 993 4.69 17.55 3.42
CA ILE C 993 5.80 16.70 3.81
C ILE C 993 5.30 15.30 4.19
N ASP C 994 4.07 15.19 4.70
CA ASP C 994 3.55 13.87 5.06
C ASP C 994 3.41 13.00 3.81
N ARG C 995 2.76 13.53 2.79
CA ARG C 995 2.70 12.86 1.53
C ARG C 995 4.10 12.69 0.89
N LEU C 996 5.01 13.67 1.08
CA LEU C 996 6.36 13.53 0.52
C LEU C 996 7.08 12.36 1.18
N ILE C 997 6.89 12.22 2.50
CA ILE C 997 7.65 11.29 3.32
C ILE C 997 7.09 9.89 3.15
N THR C 998 5.77 9.80 2.93
CA THR C 998 5.16 8.52 2.56
C THR C 998 5.73 8.01 1.24
N GLY C 999 5.85 8.90 0.26
CA GLY C 999 6.44 8.50 -1.00
C GLY C 999 7.85 7.97 -0.82
N ARG C 1000 8.70 8.70 -0.09
CA ARG C 1000 10.05 8.18 0.13
C ARG C 1000 10.06 6.91 0.99
N LEU C 1001 9.12 6.74 1.93
CA LEU C 1001 9.14 5.50 2.71
C LEU C 1001 8.78 4.29 1.87
N GLN C 1002 7.81 4.37 0.96
CA GLN C 1002 7.92 3.31 -0.09
C GLN C 1002 9.23 3.30 -0.82
N SER C 1003 9.61 4.35 -1.45
CA SER C 1003 10.71 4.17 -2.38
C SER C 1003 11.89 3.44 -1.71
N LEU C 1004 12.20 3.80 -0.47
CA LEU C 1004 13.16 3.01 0.30
C LEU C 1004 12.75 1.57 0.54
N GLN C 1005 11.56 1.29 1.06
CA GLN C 1005 11.45 -0.11 1.44
C GLN C 1005 11.28 -0.95 0.16
N THR C 1006 10.74 -0.35 -0.91
CA THR C 1006 10.76 -1.00 -2.22
C THR C 1006 12.17 -1.32 -2.63
N TYR C 1007 13.08 -0.35 -2.53
CA TYR C 1007 14.49 -0.59 -2.88
C TYR C 1007 15.06 -1.73 -2.05
N VAL C 1008 14.75 -1.75 -0.76
CA VAL C 1008 15.24 -2.80 0.11
C VAL C 1008 14.69 -4.16 -0.32
N THR C 1009 13.40 -4.21 -0.66
CA THR C 1009 12.82 -5.43 -1.20
C THR C 1009 13.53 -5.83 -2.50
N GLN C 1010 13.77 -4.86 -3.40
CA GLN C 1010 14.53 -5.14 -4.61
C GLN C 1010 15.83 -5.83 -4.26
N GLN C 1011 16.57 -5.20 -3.35
CA GLN C 1011 17.92 -5.65 -3.04
C GLN C 1011 17.93 -7.04 -2.43
N LEU C 1012 16.94 -7.37 -1.59
CA LEU C 1012 16.98 -8.67 -0.92
C LEU C 1012 16.34 -9.81 -1.71
N ILE C 1013 15.59 -9.49 -2.77
CA ILE C 1013 15.40 -10.47 -3.82
C ILE C 1013 16.62 -10.64 -4.76
N ARG C 1014 17.41 -9.58 -5.02
CA ARG C 1014 18.78 -9.77 -5.63
C ARG C 1014 19.57 -10.67 -4.73
N ALA C 1015 19.63 -10.34 -3.47
CA ALA C 1015 20.48 -11.07 -2.55
C ALA C 1015 20.04 -12.52 -2.38
N ALA C 1016 18.74 -12.79 -2.53
CA ALA C 1016 18.32 -14.20 -2.53
C ALA C 1016 18.84 -14.91 -3.77
N GLU C 1017 18.75 -14.27 -4.93
CA GLU C 1017 19.30 -14.92 -6.14
C GLU C 1017 20.81 -15.14 -5.98
N ILE C 1018 21.52 -14.13 -5.50
CA ILE C 1018 22.92 -14.30 -5.10
C ILE C 1018 23.16 -15.42 -4.11
N ARG C 1019 22.31 -15.58 -3.10
CA ARG C 1019 22.68 -16.54 -2.08
C ARG C 1019 22.51 -17.94 -2.68
N ALA C 1020 21.47 -18.13 -3.50
CA ALA C 1020 21.32 -19.39 -4.24
C ALA C 1020 22.54 -19.65 -5.12
N SER C 1021 22.93 -18.66 -5.93
CA SER C 1021 24.07 -18.84 -6.82
C SER C 1021 25.35 -19.11 -6.02
N ALA C 1022 25.43 -18.55 -4.80
CA ALA C 1022 26.63 -18.74 -4.00
C ALA C 1022 26.69 -20.14 -3.42
N ASN C 1023 25.56 -20.68 -2.95
CA ASN C 1023 25.58 -22.09 -2.57
C ASN C 1023 25.98 -22.94 -3.75
N LEU C 1024 25.48 -22.59 -4.94
CA LEU C 1024 25.74 -23.42 -6.10
C LEU C 1024 27.24 -23.36 -6.45
N ALA C 1025 27.84 -22.16 -6.33
CA ALA C 1025 29.27 -22.01 -6.63
C ALA C 1025 30.14 -22.70 -5.60
N ALA C 1026 29.76 -22.64 -4.32
CA ALA C 1026 30.49 -23.36 -3.30
C ALA C 1026 30.46 -24.86 -3.57
N THR C 1027 29.29 -25.38 -3.93
CA THR C 1027 29.20 -26.79 -4.31
C THR C 1027 30.03 -27.07 -5.55
N LYS C 1028 30.01 -26.14 -6.51
CA LYS C 1028 30.78 -26.31 -7.73
C LYS C 1028 32.25 -26.48 -7.41
N MET C 1029 32.78 -25.62 -6.53
CA MET C 1029 34.20 -25.76 -6.24
C MET C 1029 34.45 -27.02 -5.42
N SER C 1030 33.56 -27.32 -4.47
CA SER C 1030 33.74 -28.52 -3.67
C SER C 1030 33.87 -29.75 -4.55
N GLU C 1031 33.10 -29.81 -5.63
CA GLU C 1031 33.02 -31.02 -6.44
C GLU C 1031 33.96 -31.03 -7.64
N CYS C 1032 34.28 -29.86 -8.20
CA CYS C 1032 35.13 -29.82 -9.39
C CYS C 1032 36.57 -29.44 -9.03
N VAL C 1033 36.74 -28.49 -8.11
CA VAL C 1033 38.08 -28.05 -7.74
C VAL C 1033 38.64 -28.92 -6.63
N LEU C 1034 37.86 -29.16 -5.58
CA LEU C 1034 38.34 -29.91 -4.43
C LEU C 1034 38.13 -31.41 -4.58
N GLY C 1035 37.59 -31.86 -5.71
CA GLY C 1035 37.37 -33.28 -5.93
C GLY C 1035 37.10 -33.56 -7.40
N GLN C 1036 36.97 -34.84 -7.71
CA GLN C 1036 36.61 -35.29 -9.05
C GLN C 1036 35.16 -35.75 -9.02
N SER C 1037 34.34 -35.15 -9.88
CA SER C 1037 32.90 -35.35 -9.87
C SER C 1037 32.49 -36.14 -11.10
N LYS C 1038 31.66 -37.15 -10.90
CA LYS C 1038 30.88 -37.76 -11.95
C LYS C 1038 29.64 -37.03 -12.41
N ARG C 1039 29.24 -35.98 -11.73
CA ARG C 1039 28.06 -35.26 -12.14
C ARG C 1039 28.21 -34.79 -13.58
N VAL C 1040 27.16 -34.95 -14.36
CA VAL C 1040 27.21 -34.61 -15.78
C VAL C 1040 26.97 -33.13 -15.95
N ASP C 1041 27.93 -32.43 -16.55
CA ASP C 1041 27.80 -31.02 -16.88
C ASP C 1041 27.72 -30.13 -15.65
N PHE C 1042 27.82 -30.72 -14.46
CA PHE C 1042 27.98 -29.92 -13.26
C PHE C 1042 29.34 -29.26 -13.15
N CYS C 1043 30.33 -29.81 -13.79
CA CYS C 1043 31.61 -29.15 -13.94
C CYS C 1043 31.89 -28.92 -15.42
N GLY C 1044 30.92 -28.36 -16.13
CA GLY C 1044 31.08 -28.12 -17.54
C GLY C 1044 30.84 -29.38 -18.34
N LYS C 1045 30.59 -29.21 -19.64
CA LYS C 1045 30.13 -30.31 -20.46
C LYS C 1045 31.32 -31.04 -21.08
N GLY C 1046 31.24 -32.37 -21.08
CA GLY C 1046 32.35 -33.23 -21.44
C GLY C 1046 32.74 -34.14 -20.30
N TYR C 1047 33.63 -35.08 -20.61
CA TYR C 1047 34.14 -35.99 -19.59
C TYR C 1047 35.01 -35.20 -18.62
N HIS C 1048 34.66 -35.26 -17.34
CA HIS C 1048 35.31 -34.43 -16.34
C HIS C 1048 36.79 -34.76 -16.23
N LEU C 1049 37.63 -33.72 -16.29
CA LEU C 1049 38.98 -33.77 -15.74
C LEU C 1049 39.18 -32.96 -14.48
N MET C 1050 38.95 -31.68 -14.55
CA MET C 1050 39.54 -30.70 -13.69
C MET C 1050 39.00 -29.26 -13.85
N SER C 1051 39.22 -28.42 -12.82
CA SER C 1051 38.74 -27.05 -12.82
C SER C 1051 39.67 -26.15 -12.00
N PHE C 1052 40.09 -25.04 -12.61
CA PHE C 1052 40.92 -24.04 -11.96
C PHE C 1052 40.11 -22.79 -11.62
N PRO C 1053 39.90 -22.49 -10.34
CA PRO C 1053 39.18 -21.27 -9.97
C PRO C 1053 40.01 -20.04 -10.28
N GLN C 1054 39.32 -18.91 -10.48
CA GLN C 1054 40.05 -17.72 -10.89
C GLN C 1054 39.17 -16.51 -10.58
N SER C 1055 39.66 -15.67 -9.66
CA SER C 1055 38.79 -14.75 -8.96
C SER C 1055 38.43 -13.57 -9.90
N ALA C 1056 37.45 -12.78 -9.48
CA ALA C 1056 36.99 -11.60 -10.20
C ALA C 1056 36.88 -10.46 -9.20
N PRO C 1057 36.70 -9.21 -9.66
CA PRO C 1057 36.51 -8.12 -8.68
C PRO C 1057 35.37 -8.39 -7.74
N HIS C 1058 34.30 -9.03 -8.24
CA HIS C 1058 33.11 -9.23 -7.41
C HIS C 1058 32.66 -10.67 -7.59
N GLY C 1059 33.56 -11.54 -8.07
CA GLY C 1059 33.20 -12.89 -8.45
C GLY C 1059 34.43 -13.76 -8.54
N VAL C 1060 34.20 -15.02 -8.95
CA VAL C 1060 35.27 -15.96 -9.21
C VAL C 1060 34.80 -16.87 -10.33
N VAL C 1061 35.73 -17.29 -11.18
CA VAL C 1061 35.42 -18.17 -12.29
C VAL C 1061 36.32 -19.40 -12.23
N PHE C 1062 35.72 -20.55 -12.53
CA PHE C 1062 36.42 -21.81 -12.58
C PHE C 1062 36.75 -22.14 -14.02
N LEU C 1063 38.02 -22.43 -14.29
CA LEU C 1063 38.48 -22.80 -15.63
C LEU C 1063 38.40 -24.31 -15.74
N HIS C 1064 37.30 -24.81 -16.30
CA HIS C 1064 36.95 -26.22 -16.15
C HIS C 1064 37.70 -27.00 -17.22
N VAL C 1065 38.37 -28.08 -16.82
CA VAL C 1065 39.17 -28.87 -17.75
C VAL C 1065 38.38 -30.16 -17.92
N THR C 1066 38.08 -30.54 -19.16
CA THR C 1066 37.25 -31.71 -19.41
C THR C 1066 37.69 -32.41 -20.68
N TYR C 1067 37.45 -33.73 -20.70
CA TYR C 1067 38.00 -34.64 -21.70
C TYR C 1067 36.97 -34.88 -22.79
N VAL C 1068 37.42 -34.80 -24.03
CA VAL C 1068 36.63 -35.14 -25.21
C VAL C 1068 37.33 -36.22 -26.02
N PRO C 1069 36.79 -37.44 -26.06
CA PRO C 1069 37.33 -38.45 -26.96
C PRO C 1069 37.07 -38.10 -28.41
N ALA C 1070 37.85 -38.73 -29.31
CA ALA C 1070 37.79 -38.40 -30.73
C ALA C 1070 38.28 -39.57 -31.56
N GLN C 1071 38.00 -39.50 -32.90
CA GLN C 1071 38.18 -40.67 -33.80
C GLN C 1071 37.40 -41.90 -33.42
N GLU C 1072 36.08 -41.75 -33.36
CA GLU C 1072 35.24 -42.93 -33.24
C GLU C 1072 35.43 -43.83 -34.46
N LYS C 1073 35.16 -45.18 -34.33
CA LYS C 1073 35.53 -45.83 -35.55
C LYS C 1073 34.69 -47.13 -35.29
N ASN C 1074 33.89 -47.61 -36.22
CA ASN C 1074 32.87 -48.64 -35.97
C ASN C 1074 33.38 -50.06 -36.21
N PHE C 1075 33.13 -50.91 -35.20
CA PHE C 1075 33.42 -52.35 -35.14
C PHE C 1075 32.15 -53.06 -34.66
N THR C 1076 32.21 -54.42 -34.56
CA THR C 1076 31.02 -55.15 -34.11
C THR C 1076 31.40 -55.74 -32.75
N THR C 1077 30.43 -55.86 -31.84
CA THR C 1077 30.67 -56.38 -30.50
C THR C 1077 30.06 -57.76 -30.33
N ALA C 1078 30.38 -58.38 -29.19
CA ALA C 1078 29.79 -59.65 -28.77
C ALA C 1078 29.82 -59.72 -27.24
N PRO C 1079 28.67 -59.93 -26.58
CA PRO C 1079 28.68 -59.96 -25.11
C PRO C 1079 29.62 -61.00 -24.52
N ALA C 1080 29.70 -62.17 -25.14
CA ALA C 1080 30.57 -63.26 -24.73
C ALA C 1080 30.78 -64.13 -25.98
N ILE C 1081 31.34 -65.32 -25.82
CA ILE C 1081 31.63 -66.17 -26.97
C ILE C 1081 31.42 -67.62 -26.53
N CYS C 1082 30.80 -68.43 -27.39
CA CYS C 1082 30.58 -69.85 -27.08
C CYS C 1082 31.90 -70.62 -27.13
N HIS C 1083 32.43 -71.03 -25.97
CA HIS C 1083 33.69 -71.74 -26.00
C HIS C 1083 33.69 -72.70 -24.78
N ASP C 1084 34.21 -73.92 -24.96
CA ASP C 1084 34.07 -75.07 -24.03
C ASP C 1084 32.61 -75.37 -23.71
N GLY C 1085 31.69 -74.90 -24.55
CA GLY C 1085 30.28 -74.96 -24.21
C GLY C 1085 29.82 -74.05 -23.09
N LYS C 1086 30.29 -72.84 -23.04
CA LYS C 1086 30.46 -71.78 -22.01
C LYS C 1086 30.35 -70.45 -22.68
N ALA C 1087 29.74 -69.51 -22.01
CA ALA C 1087 29.85 -68.12 -22.44
C ALA C 1087 30.76 -67.40 -21.46
N HIS C 1088 31.96 -67.06 -21.91
CA HIS C 1088 32.97 -66.41 -21.09
C HIS C 1088 32.82 -64.91 -21.20
N PHE C 1089 32.54 -64.29 -20.06
CA PHE C 1089 32.02 -62.95 -20.16
C PHE C 1089 33.11 -61.99 -19.75
N PRO C 1090 33.10 -60.72 -20.18
CA PRO C 1090 34.20 -59.82 -19.79
C PRO C 1090 34.20 -59.50 -18.31
N ARG C 1091 35.31 -59.81 -17.63
CA ARG C 1091 35.46 -59.38 -16.24
C ARG C 1091 35.41 -57.87 -16.11
N GLU C 1092 36.24 -57.17 -16.89
CA GLU C 1092 36.05 -55.74 -17.12
C GLU C 1092 36.62 -55.38 -18.48
N GLY C 1093 35.76 -55.40 -19.51
CA GLY C 1093 36.16 -55.15 -20.86
C GLY C 1093 35.06 -55.49 -21.85
N VAL C 1094 35.39 -55.38 -23.13
CA VAL C 1094 34.45 -55.64 -24.22
C VAL C 1094 35.19 -56.39 -25.31
N PHE C 1095 34.47 -57.21 -26.07
CA PHE C 1095 35.07 -57.88 -27.22
C PHE C 1095 34.56 -57.30 -28.51
N VAL C 1096 35.51 -56.87 -29.35
CA VAL C 1096 35.23 -56.29 -30.66
C VAL C 1096 35.99 -57.13 -31.68
N SER C 1097 35.51 -57.10 -32.93
CA SER C 1097 36.27 -57.64 -34.04
C SER C 1097 36.53 -56.54 -35.05
N ASN C 1098 37.74 -56.51 -35.59
CA ASN C 1098 38.04 -55.53 -36.62
C ASN C 1098 37.33 -55.90 -37.92
N GLY C 1099 37.64 -57.04 -38.52
CA GLY C 1099 36.81 -57.74 -39.49
C GLY C 1099 36.68 -59.24 -39.27
N THR C 1100 37.66 -59.84 -38.60
CA THR C 1100 37.85 -61.29 -38.69
C THR C 1100 38.15 -61.97 -37.33
N HIS C 1101 38.59 -61.22 -36.39
CA HIS C 1101 39.12 -61.45 -35.03
C HIS C 1101 39.15 -60.27 -34.06
N TRP C 1102 39.47 -60.64 -32.80
CA TRP C 1102 38.57 -60.43 -31.66
C TRP C 1102 39.44 -59.94 -30.52
N PHE C 1103 39.45 -58.63 -30.32
CA PHE C 1103 40.37 -58.00 -29.39
C PHE C 1103 39.58 -57.45 -28.21
N VAL C 1104 40.24 -57.34 -27.06
CA VAL C 1104 39.61 -56.80 -25.86
C VAL C 1104 40.17 -55.40 -25.64
N THR C 1105 39.35 -54.40 -25.91
CA THR C 1105 39.64 -53.01 -25.61
C THR C 1105 38.71 -52.57 -24.49
N GLN C 1106 38.89 -51.36 -23.98
CA GLN C 1106 37.96 -50.85 -22.98
C GLN C 1106 36.85 -50.03 -23.63
N ARG C 1107 35.90 -49.61 -22.81
CA ARG C 1107 34.59 -49.24 -23.31
C ARG C 1107 34.62 -47.90 -24.04
N ASN C 1108 35.52 -47.00 -23.63
CA ASN C 1108 35.46 -45.59 -24.01
C ASN C 1108 36.78 -45.06 -24.63
N PHE C 1109 37.67 -45.95 -25.06
CA PHE C 1109 38.83 -45.70 -25.90
C PHE C 1109 38.95 -46.93 -26.76
N TYR C 1110 39.73 -46.81 -27.80
CA TYR C 1110 40.27 -47.99 -28.40
C TYR C 1110 41.60 -48.30 -27.68
N GLU C 1111 41.57 -49.05 -26.56
CA GLU C 1111 42.78 -49.57 -25.89
C GLU C 1111 42.79 -51.09 -25.94
N PRO C 1112 43.21 -51.69 -27.05
CA PRO C 1112 43.05 -53.14 -27.20
C PRO C 1112 44.16 -53.96 -26.53
N GLN C 1113 43.81 -55.06 -25.93
CA GLN C 1113 44.67 -56.33 -25.93
C GLN C 1113 43.89 -57.51 -26.27
N ILE C 1114 44.48 -58.69 -26.09
CA ILE C 1114 44.09 -59.75 -27.02
C ILE C 1114 43.06 -60.44 -26.11
N ILE C 1115 42.02 -61.04 -26.66
CA ILE C 1115 41.05 -61.68 -25.77
C ILE C 1115 41.65 -62.98 -25.23
N THR C 1116 41.68 -63.10 -23.91
CA THR C 1116 42.41 -64.16 -23.23
C THR C 1116 41.58 -64.64 -22.06
N THR C 1117 41.95 -65.80 -21.52
CA THR C 1117 41.21 -66.36 -20.40
C THR C 1117 41.41 -65.54 -19.12
N ASP C 1118 42.54 -64.85 -18.99
CA ASP C 1118 42.89 -64.15 -17.76
C ASP C 1118 42.30 -62.74 -17.70
N ASN C 1119 41.61 -62.31 -18.75
CA ASN C 1119 40.99 -60.99 -18.83
C ASN C 1119 39.52 -61.07 -19.22
N THR C 1120 38.87 -62.20 -18.96
CA THR C 1120 37.42 -62.37 -19.11
C THR C 1120 36.99 -63.54 -18.22
N PHE C 1121 35.75 -63.48 -17.73
CA PHE C 1121 35.24 -64.45 -16.76
C PHE C 1121 34.05 -65.24 -17.32
N VAL C 1122 34.04 -66.53 -17.01
CA VAL C 1122 32.91 -67.45 -17.14
C VAL C 1122 31.90 -67.51 -16.02
N SER C 1123 30.62 -67.46 -16.44
CA SER C 1123 29.46 -67.72 -15.60
C SER C 1123 28.40 -68.44 -16.44
N GLY C 1124 28.44 -69.77 -16.46
CA GLY C 1124 27.40 -70.54 -17.12
C GLY C 1124 27.75 -70.90 -18.55
N ASN C 1125 26.77 -71.52 -19.23
CA ASN C 1125 26.92 -71.94 -20.62
C ASN C 1125 26.61 -70.77 -21.56
N CYS C 1126 26.48 -71.10 -22.85
CA CYS C 1126 26.12 -70.13 -23.87
C CYS C 1126 24.82 -70.47 -24.60
N ASP C 1127 23.94 -71.23 -23.95
CA ASP C 1127 22.74 -71.71 -24.60
C ASP C 1127 21.53 -70.84 -24.37
N VAL C 1128 21.69 -69.65 -23.78
CA VAL C 1128 20.56 -68.76 -23.60
C VAL C 1128 20.79 -67.42 -24.30
N VAL C 1129 22.04 -66.95 -24.33
CA VAL C 1129 22.28 -65.57 -24.79
C VAL C 1129 21.83 -65.35 -26.14
N ILE C 1130 21.43 -64.13 -26.40
CA ILE C 1130 21.27 -63.61 -27.75
C ILE C 1130 22.46 -62.73 -28.12
N GLY C 1131 23.12 -63.07 -29.24
CA GLY C 1131 24.25 -62.31 -29.74
C GLY C 1131 25.60 -62.90 -29.45
N ILE C 1132 25.66 -64.06 -28.79
CA ILE C 1132 26.91 -64.77 -28.60
C ILE C 1132 27.34 -65.48 -29.89
N VAL C 1133 28.67 -65.75 -29.98
CA VAL C 1133 29.26 -66.35 -31.16
C VAL C 1133 30.26 -67.43 -30.66
N ASN C 1134 30.55 -68.39 -31.53
CA ASN C 1134 31.59 -69.39 -31.26
C ASN C 1134 32.97 -68.81 -31.60
N ASN C 1135 33.93 -69.03 -30.70
CA ASN C 1135 35.33 -68.69 -30.96
C ASN C 1135 36.11 -69.07 -29.70
N THR C 1136 37.43 -69.06 -29.81
CA THR C 1136 38.31 -69.44 -28.71
C THR C 1136 38.71 -68.26 -27.82
N VAL C 1137 39.13 -68.63 -26.61
CA VAL C 1137 39.68 -67.74 -25.60
C VAL C 1137 41.06 -68.27 -25.25
N TYR C 1138 42.08 -67.44 -25.44
CA TYR C 1138 43.45 -67.93 -25.28
C TYR C 1138 43.69 -68.17 -23.79
N ASP C 1139 44.49 -69.19 -23.47
CA ASP C 1139 44.79 -69.49 -22.07
C ASP C 1139 46.27 -69.84 -21.92
N PRO C 1140 47.09 -68.97 -21.27
CA PRO C 1140 48.54 -69.14 -21.23
C PRO C 1140 49.01 -70.22 -20.26
N LEU C 1141 48.49 -71.43 -20.42
CA LEU C 1141 48.58 -72.43 -19.38
C LEU C 1141 49.14 -73.77 -19.83
N GLN C 1142 48.92 -74.16 -21.09
CA GLN C 1142 49.72 -75.25 -21.65
C GLN C 1142 51.20 -74.90 -21.74
N PRO C 1143 51.62 -73.72 -22.20
CA PRO C 1143 53.05 -73.49 -22.39
C PRO C 1143 53.83 -73.62 -21.09
N GLU C 1144 53.15 -73.62 -19.95
CA GLU C 1144 53.80 -73.97 -18.69
C GLU C 1144 54.38 -75.38 -18.74
N LEU C 1145 53.60 -76.35 -19.23
CA LEU C 1145 54.17 -77.62 -19.68
C LEU C 1145 55.57 -77.57 -20.30
N ASP C 1146 55.81 -76.78 -21.31
CA ASP C 1146 57.19 -76.72 -21.84
C ASP C 1146 57.84 -75.34 -21.92
N GLN D 1 -78.00 53.69 -16.14
CA GLN D 1 -78.32 52.89 -14.96
C GLN D 1 -78.94 51.56 -15.35
N VAL D 2 -79.07 50.66 -14.37
CA VAL D 2 -79.63 49.33 -14.58
C VAL D 2 -80.74 49.11 -13.56
N GLN D 3 -81.80 48.42 -14.01
CA GLN D 3 -82.96 48.15 -13.17
C GLN D 3 -83.16 46.65 -13.07
N LEU D 4 -83.31 46.16 -11.83
CA LEU D 4 -83.51 44.74 -11.57
C LEU D 4 -84.86 44.55 -10.87
N VAL D 5 -85.68 43.65 -11.40
CA VAL D 5 -86.98 43.34 -10.84
C VAL D 5 -87.08 41.84 -10.65
N GLU D 6 -87.41 41.40 -9.44
CA GLU D 6 -87.58 39.99 -9.14
C GLU D 6 -89.05 39.59 -9.23
N SER D 7 -89.28 38.31 -9.52
CA SER D 7 -90.61 37.77 -9.61
C SER D 7 -90.55 36.26 -9.46
N GLY D 8 -91.71 35.65 -9.25
CA GLY D 8 -91.81 34.22 -9.10
C GLY D 8 -91.78 33.71 -7.67
N GLY D 9 -91.66 34.59 -6.69
CA GLY D 9 -91.69 34.16 -5.31
C GLY D 9 -93.09 33.81 -4.84
N GLY D 10 -93.15 33.19 -3.67
CA GLY D 10 -94.43 32.79 -3.11
C GLY D 10 -94.24 31.69 -2.07
N SER D 11 -95.33 30.98 -1.82
CA SER D 11 -95.37 29.92 -0.83
C SER D 11 -95.38 28.56 -1.52
N VAL D 12 -94.52 27.65 -1.05
CA VAL D 12 -94.41 26.31 -1.60
C VAL D 12 -94.19 25.32 -0.46
N GLN D 13 -94.83 24.16 -0.55
CA GLN D 13 -94.63 23.11 0.43
C GLN D 13 -93.25 22.49 0.27
N ALA D 14 -92.73 21.95 1.37
CA ALA D 14 -91.41 21.34 1.36
C ALA D 14 -91.37 20.21 0.33
N GLY D 15 -90.28 20.16 -0.43
CA GLY D 15 -90.12 19.21 -1.51
C GLY D 15 -90.56 19.70 -2.87
N GLY D 16 -91.24 20.84 -2.94
CA GLY D 16 -91.65 21.42 -4.20
C GLY D 16 -90.53 22.19 -4.86
N SER D 17 -90.86 22.80 -6.00
CA SER D 17 -89.89 23.55 -6.79
C SER D 17 -90.42 24.95 -7.08
N LEU D 18 -89.50 25.90 -7.17
CA LEU D 18 -89.83 27.28 -7.53
C LEU D 18 -88.76 27.80 -8.47
N ARG D 19 -89.18 28.68 -9.39
CA ARG D 19 -88.27 29.34 -10.30
C ARG D 19 -88.43 30.85 -10.14
N LEU D 20 -87.36 31.53 -9.75
CA LEU D 20 -87.37 32.97 -9.60
C LEU D 20 -86.83 33.62 -10.86
N SER D 21 -87.42 34.75 -11.24
CA SER D 21 -87.04 35.47 -12.45
C SER D 21 -86.56 36.86 -12.09
N CYS D 22 -85.46 37.28 -12.71
CA CYS D 22 -84.92 38.62 -12.53
C CYS D 22 -84.74 39.25 -13.91
N ALA D 23 -85.57 40.24 -14.21
CA ALA D 23 -85.53 40.92 -15.50
C ALA D 23 -84.73 42.21 -15.36
N ALA D 24 -83.68 42.33 -16.17
CA ALA D 24 -82.85 43.53 -16.17
C ALA D 24 -83.33 44.52 -17.21
N SER D 25 -83.42 45.79 -16.81
CA SER D 25 -83.90 46.85 -17.67
C SER D 25 -82.90 48.00 -17.66
N GLY D 26 -83.04 48.88 -18.64
CA GLY D 26 -82.15 50.03 -18.75
C GLY D 26 -80.98 49.73 -19.65
N TYR D 27 -79.77 50.07 -19.20
CA TYR D 27 -78.56 49.87 -19.97
C TYR D 27 -78.01 48.48 -19.66
N THR D 28 -78.45 47.50 -20.45
CA THR D 28 -78.08 46.11 -20.19
C THR D 28 -76.59 45.87 -20.42
N TYR D 29 -75.98 46.61 -21.35
CA TYR D 29 -74.58 46.37 -21.67
C TYR D 29 -73.65 46.60 -20.48
N SER D 30 -74.09 47.35 -19.47
CA SER D 30 -73.25 47.63 -18.32
C SER D 30 -73.20 46.48 -17.32
N THR D 31 -74.24 45.66 -17.24
CA THR D 31 -74.29 44.58 -16.25
C THR D 31 -73.17 43.57 -16.48
N CYS D 32 -72.52 43.16 -15.39
CA CYS D 32 -71.48 42.13 -15.51
C CYS D 32 -71.82 40.85 -14.75
N ARG D 33 -71.84 40.83 -13.43
CA ARG D 33 -72.19 39.55 -12.82
C ARG D 33 -73.61 39.58 -12.28
N LYS D 34 -74.31 38.48 -12.49
CA LYS D 34 -75.66 38.31 -11.99
C LYS D 34 -75.67 37.09 -11.08
N GLY D 35 -76.25 37.26 -9.90
CA GLY D 35 -76.27 36.21 -8.92
C GLY D 35 -77.45 36.43 -7.99
N TRP D 36 -77.71 35.41 -7.18
CA TRP D 36 -78.86 35.41 -6.29
C TRP D 36 -78.39 35.42 -4.84
N TYR D 37 -78.86 36.41 -4.09
CA TYR D 37 -78.61 36.50 -2.66
C TYR D 37 -79.90 36.17 -1.90
N ARG D 38 -79.73 35.60 -0.73
CA ARG D 38 -80.85 35.29 0.14
C ARG D 38 -80.52 35.74 1.56
N GLN D 39 -81.55 36.22 2.27
CA GLN D 39 -81.43 36.69 3.64
C GLN D 39 -82.53 36.04 4.46
N ALA D 40 -82.23 34.90 5.08
CA ALA D 40 -83.20 34.24 5.94
C ALA D 40 -83.46 35.10 7.18
N PRO D 41 -84.64 34.98 7.77
CA PRO D 41 -84.95 35.77 8.97
C PRO D 41 -83.90 35.57 10.05
N GLY D 42 -83.34 36.69 10.53
CA GLY D 42 -82.35 36.65 11.59
C GLY D 42 -80.94 36.32 11.15
N LYS D 43 -80.69 36.20 9.84
CA LYS D 43 -79.37 35.86 9.33
C LYS D 43 -78.88 36.95 8.38
N GLU D 44 -77.60 36.85 8.02
CA GLU D 44 -76.95 37.81 7.15
C GLU D 44 -77.14 37.43 5.68
N ARG D 45 -76.98 38.41 4.80
CA ARG D 45 -77.04 38.16 3.37
C ARG D 45 -75.91 37.24 2.94
N GLU D 46 -76.22 36.29 2.07
CA GLU D 46 -75.24 35.35 1.56
C GLU D 46 -75.43 35.17 0.07
N LEU D 47 -74.34 34.80 -0.61
CA LEU D 47 -74.35 34.59 -2.05
C LEU D 47 -74.77 33.15 -2.32
N VAL D 48 -75.98 32.96 -2.85
CA VAL D 48 -76.46 31.62 -3.14
C VAL D 48 -75.85 31.10 -4.43
N ALA D 49 -75.97 31.87 -5.51
CA ALA D 49 -75.44 31.45 -6.80
C ALA D 49 -75.11 32.69 -7.63
N SER D 50 -74.10 32.56 -8.48
CA SER D 50 -73.74 33.60 -9.42
C SER D 50 -73.35 32.94 -10.74
N ILE D 51 -73.64 33.64 -11.84
CA ILE D 51 -73.33 33.13 -13.17
C ILE D 51 -72.55 34.19 -13.91
N THR D 52 -71.55 33.76 -14.68
CA THR D 52 -70.77 34.65 -15.51
C THR D 52 -71.46 34.85 -16.86
N ALA D 53 -71.05 35.91 -17.56
CA ALA D 53 -71.47 36.10 -18.94
C ALA D 53 -71.11 34.90 -19.81
N ASP D 54 -69.87 34.41 -19.68
CA ASP D 54 -69.47 33.24 -20.44
C ASP D 54 -70.35 32.05 -20.12
N GLY D 55 -71.02 32.08 -18.96
CA GLY D 55 -71.83 30.97 -18.49
C GLY D 55 -71.28 30.29 -17.25
N ALA D 56 -70.10 30.68 -16.77
CA ALA D 56 -69.55 30.06 -15.57
C ALA D 56 -70.44 30.36 -14.37
N THR D 57 -70.65 29.34 -13.55
CA THR D 57 -71.52 29.44 -12.39
C THR D 57 -70.86 28.81 -11.18
N TYR D 58 -71.24 29.30 -10.00
CA TYR D 58 -70.83 28.71 -8.73
C TYR D 58 -71.97 28.85 -7.75
N TYR D 59 -72.05 27.89 -6.82
CA TYR D 59 -73.16 27.83 -5.88
C TYR D 59 -72.62 27.56 -4.48
N LEU D 60 -73.37 27.98 -3.48
CA LEU D 60 -73.06 27.63 -2.10
C LEU D 60 -73.33 26.15 -1.87
N ASP D 61 -72.56 25.56 -0.94
CA ASP D 61 -72.69 24.14 -0.68
C ASP D 61 -74.11 23.77 -0.27
N SER D 62 -74.80 24.65 0.44
CA SER D 62 -76.16 24.34 0.88
C SER D 62 -77.11 24.15 -0.29
N VAL D 63 -76.99 25.00 -1.32
CA VAL D 63 -77.93 24.96 -2.44
C VAL D 63 -77.42 24.16 -3.63
N LYS D 64 -76.15 23.81 -3.67
CA LYS D 64 -75.60 23.11 -4.82
C LYS D 64 -76.34 21.81 -5.06
N GLY D 65 -76.65 21.55 -6.33
CA GLY D 65 -77.41 20.38 -6.74
C GLY D 65 -78.91 20.62 -6.79
N ARG D 66 -79.45 21.34 -5.81
CA ARG D 66 -80.87 21.64 -5.79
C ARG D 66 -81.21 22.85 -6.64
N LEU D 67 -80.33 23.84 -6.68
CA LEU D 67 -80.59 25.13 -7.32
C LEU D 67 -79.70 25.29 -8.55
N THR D 68 -80.27 25.87 -9.60
CA THR D 68 -79.56 26.15 -10.84
C THR D 68 -79.81 27.59 -11.26
N ILE D 69 -78.76 28.26 -11.72
CA ILE D 69 -78.83 29.64 -12.18
C ILE D 69 -78.51 29.66 -13.66
N SER D 70 -79.39 30.28 -14.45
CA SER D 70 -79.21 30.38 -15.89
C SER D 70 -79.63 31.77 -16.35
N GLN D 71 -79.41 32.04 -17.64
CA GLN D 71 -79.71 33.34 -18.22
C GLN D 71 -80.42 33.16 -19.55
N ASP D 72 -81.20 34.18 -19.92
CA ASP D 72 -81.83 34.27 -21.23
C ASP D 72 -81.46 35.64 -21.80
N ASN D 73 -80.47 35.65 -22.69
CA ASN D 73 -79.96 36.92 -23.20
C ASN D 73 -81.04 37.71 -23.93
N ALA D 74 -81.84 37.03 -24.75
CA ALA D 74 -82.91 37.71 -25.47
C ALA D 74 -83.93 38.30 -24.48
N LYS D 75 -84.28 37.55 -23.44
CA LYS D 75 -85.20 38.05 -22.43
C LYS D 75 -84.55 39.02 -21.47
N ASN D 76 -83.22 39.06 -21.43
CA ASN D 76 -82.49 39.90 -20.47
C ASN D 76 -82.88 39.54 -19.03
N THR D 77 -83.05 38.25 -18.77
CA THR D 77 -83.49 37.76 -17.48
C THR D 77 -82.58 36.64 -17.00
N VAL D 78 -82.41 36.57 -15.68
CA VAL D 78 -81.67 35.49 -15.02
C VAL D 78 -82.62 34.75 -14.11
N TYR D 79 -82.53 33.43 -14.13
CA TYR D 79 -83.46 32.57 -13.41
C TYR D 79 -82.74 31.80 -12.30
N LEU D 80 -83.48 31.51 -11.24
CA LEU D 80 -83.00 30.70 -10.13
C LEU D 80 -84.00 29.55 -9.94
N GLN D 81 -83.68 28.39 -10.51
CA GLN D 81 -84.54 27.22 -10.42
C GLN D 81 -84.25 26.52 -9.10
N MET D 82 -85.22 26.53 -8.18
CA MET D 82 -85.09 25.93 -6.87
C MET D 82 -85.89 24.63 -6.84
N ASN D 83 -85.19 23.51 -6.67
CA ASN D 83 -85.81 22.19 -6.61
C ASN D 83 -85.56 21.58 -5.23
N SER D 84 -86.49 20.71 -4.81
CA SER D 84 -86.39 20.05 -3.51
C SER D 84 -86.22 21.08 -2.39
N LEU D 85 -87.09 22.09 -2.40
CA LEU D 85 -86.99 23.16 -1.42
C LEU D 85 -87.13 22.63 0.00
N LYS D 86 -86.34 23.19 0.91
CA LYS D 86 -86.40 22.87 2.32
C LYS D 86 -86.83 24.10 3.11
N PRO D 87 -87.37 23.91 4.32
CA PRO D 87 -87.75 25.07 5.14
C PRO D 87 -86.59 26.02 5.38
N GLU D 88 -85.36 25.51 5.40
CA GLU D 88 -84.20 26.39 5.55
C GLU D 88 -84.10 27.39 4.40
N ASP D 89 -84.58 27.01 3.22
CA ASP D 89 -84.50 27.89 2.05
C ASP D 89 -85.37 29.13 2.19
N THR D 90 -86.30 29.16 3.15
CA THR D 90 -87.16 30.31 3.33
C THR D 90 -86.34 31.56 3.63
N ALA D 91 -86.46 32.57 2.79
CA ALA D 91 -85.75 33.83 2.96
C ALA D 91 -86.17 34.76 1.83
N VAL D 92 -85.72 36.01 1.93
CA VAL D 92 -85.92 36.99 0.86
C VAL D 92 -84.74 36.90 -0.10
N TYR D 93 -85.03 36.61 -1.35
CA TYR D 93 -84.00 36.42 -2.37
C TYR D 93 -83.86 37.68 -3.21
N TYR D 94 -82.62 38.13 -3.37
CA TYR D 94 -82.31 39.37 -4.07
C TYR D 94 -81.56 39.05 -5.36
N CYS D 95 -82.06 39.58 -6.47
CA CYS D 95 -81.28 39.57 -7.70
C CYS D 95 -80.26 40.71 -7.65
N ALA D 96 -79.01 40.37 -7.96
CA ALA D 96 -77.91 41.32 -7.87
C ALA D 96 -77.20 41.39 -9.21
N ALA D 97 -77.03 42.61 -9.71
CA ALA D 97 -76.37 42.85 -10.99
C ALA D 97 -75.20 43.80 -10.76
N SER D 98 -74.02 43.36 -11.16
CA SER D 98 -72.81 44.17 -11.01
C SER D 98 -72.75 45.22 -12.12
N VAL D 99 -72.14 46.36 -11.82
CA VAL D 99 -71.89 47.36 -12.86
C VAL D 99 -70.48 47.16 -13.41
N LYS D 100 -70.36 47.24 -14.73
CA LYS D 100 -69.11 46.97 -15.44
C LYS D 100 -68.03 48.00 -15.11
N ASP D 101 -68.36 49.28 -15.31
CA ASP D 101 -67.36 50.34 -15.16
C ASP D 101 -66.85 50.47 -13.72
N PHE D 102 -67.70 50.18 -12.74
CA PHE D 102 -67.50 50.62 -11.37
C PHE D 102 -66.73 49.59 -10.56
N THR D 103 -66.23 50.04 -9.40
CA THR D 103 -65.57 49.14 -8.48
C THR D 103 -66.42 47.90 -8.41
N CYS D 104 -65.94 46.79 -8.95
CA CYS D 104 -66.93 45.85 -9.45
C CYS D 104 -67.62 45.20 -8.27
N THR D 105 -68.62 45.92 -7.77
CA THR D 105 -69.52 45.51 -6.73
C THR D 105 -70.80 45.04 -7.39
N PHE D 106 -71.76 44.63 -6.58
CA PHE D 106 -73.11 44.40 -7.10
C PHE D 106 -73.80 45.75 -7.07
N ASN D 107 -73.47 46.58 -8.06
CA ASN D 107 -73.90 47.97 -8.10
C ASN D 107 -75.42 48.08 -8.11
N SER D 108 -76.11 47.11 -8.70
CA SER D 108 -77.56 47.12 -8.81
C SER D 108 -78.13 45.97 -7.99
N TRP D 109 -79.12 46.28 -7.16
CA TRP D 109 -79.84 45.29 -6.39
C TRP D 109 -81.32 45.36 -6.70
N GLY D 110 -81.98 44.21 -6.70
CA GLY D 110 -83.41 44.17 -6.89
C GLY D 110 -84.16 44.46 -5.59
N GLN D 111 -85.49 44.56 -5.73
CA GLN D 111 -86.32 44.78 -4.55
C GLN D 111 -86.21 43.60 -3.58
N GLY D 112 -86.11 42.39 -4.12
CA GLY D 112 -86.09 41.20 -3.30
C GLY D 112 -87.45 40.53 -3.25
N THR D 113 -87.47 39.20 -3.41
CA THR D 113 -88.71 38.44 -3.41
C THR D 113 -88.65 37.41 -2.29
N GLN D 114 -89.74 37.29 -1.55
CA GLN D 114 -89.81 36.38 -0.42
C GLN D 114 -90.31 35.02 -0.89
N VAL D 115 -89.54 33.97 -0.57
CA VAL D 115 -89.93 32.60 -0.85
C VAL D 115 -90.06 31.88 0.49
N THR D 116 -91.25 31.39 0.80
CA THR D 116 -91.52 30.69 2.04
C THR D 116 -91.83 29.24 1.72
N VAL D 117 -91.14 28.32 2.40
CA VAL D 117 -91.31 26.88 2.21
C VAL D 117 -91.95 26.34 3.48
N SER D 118 -93.19 25.88 3.35
CA SER D 118 -93.92 25.34 4.50
C SER D 118 -93.48 23.91 4.77
N SER D 119 -93.61 23.51 6.04
CA SER D 119 -93.26 22.15 6.45
C SER D 119 -94.52 21.35 6.76
#